data_9O2T
#
_entry.id   9O2T
#
_cell.length_a   1.00
_cell.length_b   1.00
_cell.length_c   1.00
_cell.angle_alpha   90.00
_cell.angle_beta   90.00
_cell.angle_gamma   90.00
#
_symmetry.space_group_name_H-M   'P 1'
#
loop_
_entity.id
_entity.type
_entity.pdbx_description
1 polymer 'Envelope glycoprotein gp120'
2 polymer 'Envelope glycoprotein gp41'
3 polymer '007 Fab Heavy Chain'
4 polymer '007 Light Chain'
5 branched beta-D-galactopyranose-(1-4)-2-acetamido-2-deoxy-beta-D-glucopyranose-(1-2)-alpha-D-mannopyranose-(1-6)-[alpha-D-mannopyranose-(1-2)-alpha-D-mannopyranose-(1-3)]beta-D-mannopyranose-(1-4)-2-acetamido-2-deoxy-beta-D-glucopyranose-(1-4)-2-acetamido-2-deoxy-beta-D-glucopyranose
6 branched alpha-D-mannopyranose-(1-3)-alpha-D-mannopyranose-(1-6)-[alpha-D-mannopyranose-(1-3)]beta-D-mannopyranose-(1-4)-2-acetamido-2-deoxy-beta-D-glucopyranose-(1-4)-2-acetamido-2-deoxy-beta-D-glucopyranose
7 branched 2-acetamido-2-deoxy-beta-D-glucopyranose-(1-4)-2-acetamido-2-deoxy-beta-D-glucopyranose
8 non-polymer 2-acetamido-2-deoxy-beta-D-glucopyranose
#
loop_
_entity_poly.entity_id
_entity_poly.type
_entity_poly.pdbx_seq_one_letter_code
_entity_poly.pdbx_strand_id
1 'polypeptide(L)'
;NLWVTVYYGVPVWKDAETTLFCASDAKAYETEKHNVWATHACVPTDPNPQEIHLENVTEEFNMWKNNMVEQMHTDIISLW
DQSLKPCVKLTPLCVTLQCTNVTNNITDDMRGELKNCSFNMTTELRDKKQKVYSLFYRLDVVQINENQGNRSNNSNKEYR
LINCNTSACTQACPKVSFEPIPIHYCAPAGFAILKCKDKKFNGTGPCPSVSTVQCTHGIKPVVSTQLLLNGSLAEEEVMI
RSENITNNAKNILVQFNTPVQINCTRPNNNTRKSIRIGPGQAFYATGDIIGDIRQAHCNVSKATWNETLGKVVKQLRKHF
GNNTIIRFANSSGGDLEVTTHSFNCGGEFFYCNTSGLFNSTWISNTSVQGSNSTGSNDSITLPCRIKQIINMWQRIGQCM
YAPPIQGVIRCVSNITGLILTRDGGSTNSTTETFRPGGGDMRDNWRSELYKYKVVKIEPLGVAPTRCKRRVVGRRR
;
A,C,E
2 'polypeptide(L)'
;RRRAVGIGAVFLGFLGAAGSTMGAASMTLTVQARNLLSGIVQQQSNLLRAPEAQQHLLKLTVWGIKQLQARVLAVERYLR
DQQLLGIWGCSGKLICCTNVPWNSSWSNRNLSEIWDNMTWLQWDKEISNYTQIIYGLLEESQNQQEKNEQDLLALD
;
B,D,F
3 'polypeptide(L)'
;QARLQQWEGRPLKPAETLSLTCGVHGVGLGGSGWGWIRQPPGQGLQWIGEIDHDGSHKHNPALRSRLSMSLDTSRNQVSL
RLTSVTAADTAIYYCVRVYREKFLIGEFLTDYRFMDMWGTGTTVIVSPASTKGPSVFPLAPSSKSTSGGTAALGCLVKDY
FPEPVTVSWNSGALTSGVHTFPAVLQSSGLYSLSSVVTVPSSSLGTQTYICNVNHKPSNTKVDKRVEPKSCDKTHHHHHH
;
H,J,M
4 'polypeptide(L)'
;AIQLTQAPLTVSASIGDTITLTCRASQDISIWLSWYRQMPGKAPELLIYAASTLRGGVPSRFSGARSGTDFSLKIKNLQP
EDFATYYCFQSDSYPRAFGQGTKVEITRTVAAPSVFIFPPSDEQLKSGTASVVCLLNNFYPREAKVQWKVDNALQSGNSQ
ESVTEQDSKDSTYSLSSTLTLSKADYEKHKVYACEVTHQGLSSPVTKSFNRGEC
;
K,L,N
#
loop_
_chem_comp.id
_chem_comp.type
_chem_comp.name
_chem_comp.formula
BMA D-saccharide, beta linking beta-D-mannopyranose 'C6 H12 O6'
GAL D-saccharide, beta linking beta-D-galactopyranose 'C6 H12 O6'
MAN D-saccharide, alpha linking alpha-D-mannopyranose 'C6 H12 O6'
NAG D-saccharide, beta linking 2-acetamido-2-deoxy-beta-D-glucopyranose 'C8 H15 N O6'
#
# COMPACT_ATOMS: atom_id res chain seq x y z
N LEU A 2 -27.52 -3.07 -60.37
CA LEU A 2 -27.41 -3.21 -58.93
C LEU A 2 -26.31 -2.32 -58.38
N TRP A 3 -26.59 -1.66 -57.25
CA TRP A 3 -25.68 -0.70 -56.68
C TRP A 3 -25.52 -0.97 -55.18
N VAL A 4 -24.35 -0.59 -54.65
CA VAL A 4 -24.06 -0.80 -53.24
C VAL A 4 -24.84 0.22 -52.41
N THR A 5 -25.60 -0.27 -51.43
CA THR A 5 -26.29 0.57 -50.49
C THR A 5 -25.86 0.19 -49.07
N VAL A 6 -25.59 1.19 -48.25
CA VAL A 6 -25.01 0.99 -46.93
C VAL A 6 -26.12 1.03 -45.89
N TYR A 7 -26.24 -0.03 -45.10
CA TYR A 7 -27.21 -0.13 -44.02
C TYR A 7 -26.48 -0.05 -42.70
N TYR A 8 -26.89 0.87 -41.83
CA TYR A 8 -26.31 1.02 -40.51
C TYR A 8 -27.31 0.53 -39.47
N GLY A 9 -26.89 -0.40 -38.65
CA GLY A 9 -27.75 -0.99 -37.65
C GLY A 9 -28.22 -2.40 -37.96
N VAL A 10 -27.53 -3.13 -38.83
CA VAL A 10 -27.93 -4.47 -39.21
C VAL A 10 -27.72 -5.41 -38.02
N PRO A 11 -28.59 -6.40 -37.83
CA PRO A 11 -28.40 -7.36 -36.72
C PRO A 11 -27.35 -8.42 -37.03
N VAL A 12 -26.09 -8.00 -37.01
CA VAL A 12 -24.95 -8.87 -37.28
C VAL A 12 -24.00 -8.77 -36.10
N TRP A 13 -23.49 -9.93 -35.66
CA TRP A 13 -22.58 -9.98 -34.53
C TRP A 13 -21.44 -10.94 -34.85
N LYS A 14 -20.27 -10.64 -34.28
CA LYS A 14 -19.11 -11.51 -34.30
C LYS A 14 -18.77 -11.92 -32.87
N ASP A 15 -18.08 -13.05 -32.74
CA ASP A 15 -17.60 -13.47 -31.43
C ASP A 15 -16.53 -12.49 -30.94
N ALA A 16 -16.58 -12.16 -29.65
CA ALA A 16 -15.65 -11.19 -29.11
C ALA A 16 -15.35 -11.50 -27.65
N GLU A 17 -14.21 -11.01 -27.20
CA GLU A 17 -13.82 -11.02 -25.79
C GLU A 17 -13.78 -9.60 -25.30
N THR A 18 -14.45 -9.33 -24.19
CA THR A 18 -14.54 -7.98 -23.65
C THR A 18 -14.63 -8.06 -22.14
N THR A 19 -14.69 -6.89 -21.51
CA THR A 19 -14.79 -6.77 -20.06
C THR A 19 -16.24 -6.56 -19.69
N LEU A 20 -16.88 -7.59 -19.14
CA LEU A 20 -18.24 -7.49 -18.66
C LEU A 20 -18.24 -6.93 -17.25
N PHE A 21 -19.17 -6.02 -16.97
CA PHE A 21 -19.22 -5.40 -15.66
C PHE A 21 -20.24 -6.11 -14.77
N CYS A 22 -19.94 -6.14 -13.47
CA CYS A 22 -20.79 -6.79 -12.49
C CYS A 22 -22.09 -6.03 -12.31
N ALA A 23 -23.08 -6.73 -11.74
CA ALA A 23 -24.34 -6.12 -11.38
C ALA A 23 -25.02 -6.96 -10.31
N SER A 24 -25.55 -6.30 -9.29
CA SER A 24 -26.19 -6.98 -8.18
C SER A 24 -27.48 -6.24 -7.82
N ASP A 25 -28.41 -6.97 -7.21
CA ASP A 25 -29.67 -6.39 -6.78
C ASP A 25 -29.94 -6.69 -5.31
N LYS A 33 -24.06 -4.87 5.60
CA LYS A 33 -22.95 -5.79 5.83
C LYS A 33 -22.17 -6.00 4.54
N HIS A 34 -20.87 -5.70 4.57
CA HIS A 34 -20.04 -5.86 3.38
C HIS A 34 -19.83 -7.33 3.06
N ASN A 35 -19.57 -7.60 1.79
CA ASN A 35 -19.33 -8.94 1.28
C ASN A 35 -17.97 -8.99 0.59
N VAL A 36 -17.45 -10.20 0.45
CA VAL A 36 -16.20 -10.39 -0.30
C VAL A 36 -16.38 -9.92 -1.73
N TRP A 37 -17.44 -10.38 -2.39
CA TRP A 37 -17.81 -9.91 -3.72
C TRP A 37 -18.92 -8.86 -3.61
N ALA A 38 -18.57 -7.75 -2.98
CA ALA A 38 -19.54 -6.79 -2.48
C ALA A 38 -20.25 -6.07 -3.61
N THR A 39 -21.29 -5.33 -3.24
CA THR A 39 -22.05 -4.49 -4.15
C THR A 39 -21.42 -3.12 -4.34
N HIS A 40 -20.32 -2.82 -3.64
CA HIS A 40 -19.59 -1.58 -3.84
C HIS A 40 -18.64 -1.64 -5.03
N ALA A 41 -18.44 -2.82 -5.62
CA ALA A 41 -17.69 -2.96 -6.86
C ALA A 41 -18.59 -3.48 -7.97
N CYS A 42 -19.90 -3.24 -7.86
CA CYS A 42 -20.88 -3.68 -8.84
C CYS A 42 -21.85 -2.54 -9.09
N VAL A 43 -22.84 -2.81 -9.95
CA VAL A 43 -23.80 -1.80 -10.40
C VAL A 43 -25.20 -2.31 -10.12
N PRO A 44 -26.15 -1.46 -9.75
CA PRO A 44 -27.54 -1.92 -9.60
C PRO A 44 -28.10 -2.44 -10.92
N THR A 45 -28.93 -3.48 -10.81
CA THR A 45 -29.55 -4.09 -11.98
C THR A 45 -30.84 -3.36 -12.33
N ASP A 46 -31.63 -3.93 -13.23
CA ASP A 46 -32.89 -3.34 -13.65
C ASP A 46 -34.08 -4.15 -13.13
N GLN A 50 -36.30 -7.71 -20.77
CA GLN A 50 -34.86 -7.86 -20.55
C GLN A 50 -34.28 -8.92 -21.48
N GLU A 51 -35.01 -10.03 -21.64
CA GLU A 51 -34.58 -11.12 -22.50
C GLU A 51 -35.42 -11.11 -23.77
N ILE A 52 -34.74 -11.19 -24.91
CA ILE A 52 -35.37 -11.11 -26.22
C ILE A 52 -35.10 -12.41 -26.96
N HIS A 53 -36.15 -13.06 -27.44
CA HIS A 53 -35.99 -14.34 -28.12
C HIS A 53 -35.66 -14.10 -29.59
N LEU A 54 -34.51 -14.60 -30.01
CA LEU A 54 -34.05 -14.45 -31.38
C LEU A 54 -34.48 -15.67 -32.18
N GLU A 55 -35.57 -15.54 -32.93
CA GLU A 55 -36.10 -16.66 -33.68
C GLU A 55 -35.27 -16.92 -34.93
N ASN A 56 -35.22 -18.18 -35.33
CA ASN A 56 -34.51 -18.68 -36.50
C ASN A 56 -33.01 -18.50 -36.40
N VAL A 57 -32.49 -18.12 -35.24
CA VAL A 57 -31.06 -17.90 -35.02
C VAL A 57 -30.48 -19.15 -34.40
N THR A 58 -29.47 -19.73 -35.06
CA THR A 58 -28.77 -20.91 -34.57
C THR A 58 -27.29 -20.55 -34.40
N GLU A 59 -26.91 -20.23 -33.17
CA GLU A 59 -25.54 -19.83 -32.86
C GLU A 59 -24.76 -21.02 -32.31
N GLU A 60 -23.45 -20.97 -32.50
CA GLU A 60 -22.54 -22.02 -32.03
C GLU A 60 -21.89 -21.56 -30.73
N PHE A 61 -22.15 -22.28 -29.65
CA PHE A 61 -21.57 -21.99 -28.35
C PHE A 61 -20.40 -22.91 -28.07
N ASN A 62 -19.57 -22.52 -27.11
CA ASN A 62 -18.44 -23.34 -26.69
C ASN A 62 -18.17 -22.99 -25.22
N MET A 63 -18.70 -23.80 -24.31
CA MET A 63 -18.53 -23.52 -22.88
C MET A 63 -17.10 -23.74 -22.41
N TRP A 64 -16.26 -24.39 -23.21
CA TRP A 64 -14.91 -24.73 -22.80
C TRP A 64 -13.87 -23.71 -23.23
N LYS A 65 -14.17 -22.88 -24.22
CA LYS A 65 -13.32 -21.75 -24.60
C LYS A 65 -14.09 -20.45 -24.43
N ASN A 66 -14.85 -20.35 -23.35
CA ASN A 66 -15.62 -19.16 -23.03
C ASN A 66 -14.78 -18.23 -22.17
N ASN A 67 -14.71 -16.96 -22.57
CA ASN A 67 -13.89 -16.01 -21.84
C ASN A 67 -14.58 -15.43 -20.62
N MET A 68 -15.90 -15.58 -20.50
CA MET A 68 -16.56 -15.16 -19.28
C MET A 68 -16.10 -16.01 -18.10
N VAL A 69 -15.87 -17.29 -18.34
CA VAL A 69 -15.35 -18.17 -17.29
C VAL A 69 -13.97 -17.71 -16.85
N GLU A 70 -13.10 -17.36 -17.80
CA GLU A 70 -11.76 -16.90 -17.47
C GLU A 70 -11.79 -15.53 -16.80
N GLN A 71 -12.72 -14.67 -17.20
CA GLN A 71 -12.81 -13.36 -16.56
C GLN A 71 -13.43 -13.45 -15.17
N MET A 72 -14.46 -14.27 -15.01
CA MET A 72 -15.08 -14.42 -13.70
C MET A 72 -14.10 -14.99 -12.69
N HIS A 73 -13.23 -15.90 -13.12
CA HIS A 73 -12.20 -16.40 -12.22
C HIS A 73 -11.29 -15.28 -11.75
N THR A 74 -10.89 -14.39 -12.66
CA THR A 74 -10.06 -13.25 -12.28
C THR A 74 -10.80 -12.31 -11.33
N ASP A 75 -12.09 -12.08 -11.58
CA ASP A 75 -12.85 -11.13 -10.79
C ASP A 75 -13.20 -11.67 -9.41
N ILE A 76 -13.51 -12.96 -9.31
CA ILE A 76 -13.78 -13.56 -8.00
C ILE A 76 -12.53 -13.56 -7.14
N ILE A 77 -11.37 -13.86 -7.74
CA ILE A 77 -10.10 -13.70 -7.04
C ILE A 77 -9.87 -12.24 -6.66
N SER A 78 -10.10 -11.32 -7.60
CA SER A 78 -9.79 -9.92 -7.34
C SER A 78 -10.63 -9.36 -6.21
N LEU A 79 -11.92 -9.70 -6.17
CA LEU A 79 -12.77 -9.26 -5.07
C LEU A 79 -12.41 -9.96 -3.76
N TRP A 80 -11.78 -11.13 -3.83
CA TRP A 80 -11.34 -11.80 -2.62
C TRP A 80 -10.18 -11.06 -1.97
N ASP A 81 -9.13 -10.77 -2.75
CA ASP A 81 -7.98 -10.05 -2.22
C ASP A 81 -8.36 -8.64 -1.79
N GLN A 82 -9.21 -7.98 -2.59
CA GLN A 82 -9.62 -6.61 -2.27
C GLN A 82 -10.37 -6.54 -0.96
N SER A 83 -11.00 -7.63 -0.54
CA SER A 83 -11.75 -7.67 0.71
C SER A 83 -10.90 -8.08 1.91
N LEU A 84 -9.64 -8.42 1.70
CA LEU A 84 -8.76 -8.87 2.77
C LEU A 84 -7.65 -7.89 3.13
N LYS A 85 -7.35 -6.96 2.24
CA LYS A 85 -6.32 -5.96 2.54
C LYS A 85 -6.62 -5.10 3.76
N PRO A 86 -7.84 -4.59 3.99
CA PRO A 86 -8.04 -3.62 5.07
C PRO A 86 -8.07 -4.21 6.48
N CYS A 87 -7.89 -5.51 6.66
CA CYS A 87 -8.00 -6.09 7.98
C CYS A 87 -6.72 -6.87 8.34
N VAL A 88 -6.75 -7.46 9.54
CA VAL A 88 -5.53 -7.74 10.30
C VAL A 88 -4.61 -8.69 9.55
N LYS A 89 -3.33 -8.34 9.52
CA LYS A 89 -2.27 -9.23 9.06
C LYS A 89 -1.61 -9.85 10.28
N LEU A 90 -1.55 -11.19 10.32
CA LEU A 90 -1.07 -11.91 11.49
C LEU A 90 0.41 -12.26 11.39
N THR A 91 1.26 -11.24 11.18
CA THR A 91 2.69 -11.45 11.32
C THR A 91 3.12 -11.85 12.72
N PRO A 92 2.60 -11.29 13.81
CA PRO A 92 3.04 -11.75 15.15
C PRO A 92 2.68 -13.19 15.46
N LEU A 93 1.80 -13.82 14.69
CA LEU A 93 1.41 -15.20 14.99
C LEU A 93 2.48 -16.22 14.64
N CYS A 94 3.54 -15.82 13.94
CA CYS A 94 4.73 -16.66 13.84
C CYS A 94 5.62 -16.46 15.06
N VAL A 95 5.23 -17.14 16.13
CA VAL A 95 6.06 -17.36 17.30
C VAL A 95 6.19 -18.86 17.48
N THR A 96 6.97 -19.28 18.45
CA THR A 96 7.05 -20.70 18.79
C THR A 96 5.88 -21.04 19.71
N LEU A 97 5.17 -22.11 19.40
CA LEU A 97 4.00 -22.55 20.14
C LEU A 97 4.37 -23.75 20.99
N GLN A 98 3.98 -23.73 22.26
CA GLN A 98 4.15 -24.88 23.15
C GLN A 98 2.80 -25.57 23.23
N CYS A 99 2.61 -26.61 22.40
CA CYS A 99 1.31 -27.21 22.19
C CYS A 99 1.21 -28.55 22.94
N THR A 100 0.12 -28.71 23.67
CA THR A 100 -0.21 -29.98 24.31
C THR A 100 -1.54 -30.49 23.76
N ASN A 101 -1.79 -31.78 23.94
CA ASN A 101 -3.04 -32.37 23.51
C ASN A 101 -4.20 -31.81 24.33
N VAL A 102 -5.39 -31.84 23.72
CA VAL A 102 -6.58 -31.41 24.44
C VAL A 102 -7.25 -32.56 25.18
N THR A 103 -7.20 -33.77 24.63
CA THR A 103 -7.88 -34.92 25.23
C THR A 103 -6.95 -35.93 25.88
N ASN A 104 -5.73 -36.08 25.38
CA ASN A 104 -4.76 -37.04 25.91
C ASN A 104 -5.34 -38.45 25.98
N ASN A 105 -6.03 -38.84 24.91
CA ASN A 105 -6.65 -40.16 24.84
C ASN A 105 -6.91 -40.55 23.40
N ASP A 108 -11.41 -40.00 18.14
CA ASP A 108 -12.79 -40.20 17.71
C ASP A 108 -13.60 -38.92 17.81
N ASP A 109 -13.16 -38.02 18.68
CA ASP A 109 -13.88 -36.79 18.98
C ASP A 109 -13.29 -35.62 18.19
N MET A 110 -13.92 -34.46 18.34
CA MET A 110 -13.33 -33.24 17.81
C MET A 110 -12.05 -32.87 18.55
N ARG A 111 -11.97 -33.19 19.84
CA ARG A 111 -10.83 -32.81 20.66
C ARG A 111 -9.56 -33.58 20.30
N GLY A 112 -9.68 -34.66 19.54
CA GLY A 112 -8.50 -35.33 19.03
C GLY A 112 -7.92 -34.67 17.81
N GLU A 113 -8.59 -33.66 17.28
CA GLU A 113 -8.14 -32.90 16.13
C GLU A 113 -7.48 -31.58 16.53
N LEU A 114 -7.42 -31.29 17.81
CA LEU A 114 -6.99 -29.99 18.31
C LEU A 114 -5.71 -30.12 19.12
N LYS A 115 -4.90 -29.06 19.07
CA LYS A 115 -3.73 -28.89 19.91
C LYS A 115 -3.94 -27.64 20.76
N ASN A 116 -3.65 -27.72 22.05
CA ASN A 116 -3.80 -26.59 22.98
C ASN A 116 -2.46 -25.87 23.07
N CYS A 117 -2.30 -24.80 22.29
CA CYS A 117 -1.02 -24.18 22.00
C CYS A 117 -0.90 -22.88 22.80
N SER A 118 0.19 -22.75 23.54
CA SER A 118 0.47 -21.56 24.34
C SER A 118 1.66 -20.82 23.76
N PHE A 119 1.57 -19.49 23.70
CA PHE A 119 2.59 -18.71 23.04
C PHE A 119 2.64 -17.31 23.63
N ASN A 120 3.77 -16.64 23.41
CA ASN A 120 3.93 -15.24 23.79
C ASN A 120 3.48 -14.36 22.64
N MET A 121 2.58 -13.44 22.92
CA MET A 121 2.03 -12.55 21.91
C MET A 121 2.33 -11.11 22.29
N THR A 122 2.42 -10.25 21.28
CA THR A 122 2.62 -8.83 21.53
C THR A 122 1.38 -8.22 22.15
N THR A 123 1.59 -7.16 22.92
CA THR A 123 0.52 -6.40 23.52
C THR A 123 0.32 -5.12 22.70
N GLU A 124 -0.73 -4.37 23.01
CA GLU A 124 -0.93 -3.08 22.39
C GLU A 124 0.19 -2.10 22.73
N LEU A 125 0.96 -2.36 23.78
CA LEU A 125 2.17 -1.62 24.09
C LEU A 125 3.36 -2.41 23.60
N ARG A 126 4.26 -1.76 22.87
CA ARG A 126 5.31 -2.47 22.15
C ARG A 126 6.26 -3.20 23.08
N ASP A 127 6.49 -2.68 24.27
CA ASP A 127 7.49 -3.23 25.17
C ASP A 127 6.94 -4.28 26.13
N LYS A 128 5.67 -4.64 26.01
CA LYS A 128 5.04 -5.61 26.89
C LYS A 128 4.61 -6.82 26.09
N LYS A 129 4.78 -8.01 26.67
CA LYS A 129 4.35 -9.26 26.06
C LYS A 129 3.07 -9.76 26.70
N GLN A 130 2.60 -10.91 26.23
CA GLN A 130 1.28 -11.40 26.59
C GLN A 130 1.30 -12.92 26.44
N LYS A 131 1.32 -13.63 27.56
CA LYS A 131 1.28 -15.08 27.55
C LYS A 131 -0.16 -15.53 27.34
N VAL A 132 -0.48 -15.98 26.13
CA VAL A 132 -1.83 -16.37 25.77
C VAL A 132 -1.80 -17.81 25.26
N TYR A 133 -2.99 -18.37 25.07
CA TYR A 133 -3.12 -19.71 24.52
C TYR A 133 -4.32 -19.75 23.59
N SER A 134 -4.34 -20.76 22.74
CA SER A 134 -5.44 -20.97 21.81
C SER A 134 -5.46 -22.43 21.41
N LEU A 135 -6.63 -22.89 20.96
CA LEU A 135 -6.79 -24.24 20.44
C LEU A 135 -6.64 -24.20 18.93
N PHE A 136 -5.55 -24.77 18.43
CA PHE A 136 -5.28 -24.81 17.00
C PHE A 136 -5.52 -26.22 16.49
N TYR A 137 -6.12 -26.32 15.31
CA TYR A 137 -6.30 -27.62 14.69
C TYR A 137 -4.94 -28.22 14.35
N ARG A 138 -4.84 -29.55 14.42
CA ARG A 138 -3.58 -30.20 14.09
C ARG A 138 -3.19 -29.97 12.63
N LEU A 139 -4.13 -29.57 11.79
CA LEU A 139 -3.85 -29.29 10.39
C LEU A 139 -3.20 -27.93 10.18
N ASP A 140 -3.14 -27.10 11.21
CA ASP A 140 -2.58 -25.76 11.11
C ASP A 140 -1.24 -25.61 11.80
N VAL A 141 -0.80 -26.58 12.59
CA VAL A 141 0.43 -26.47 13.35
C VAL A 141 1.40 -27.54 12.88
N VAL A 142 2.65 -27.16 12.68
CA VAL A 142 3.71 -28.05 12.26
C VAL A 142 4.79 -28.08 13.33
N GLN A 143 5.20 -29.28 13.72
CA GLN A 143 6.16 -29.42 14.81
C GLN A 143 7.54 -28.93 14.38
N ILE A 144 8.30 -28.41 15.34
CA ILE A 144 9.67 -27.97 15.14
C ILE A 144 10.58 -28.94 15.87
N ASN A 145 11.54 -29.53 15.15
CA ASN A 145 12.51 -30.42 15.76
C ASN A 145 13.93 -29.92 15.54
N ASN A 156 4.66 -30.89 26.44
CA ASN A 156 4.49 -29.70 25.61
C ASN A 156 5.63 -29.53 24.61
N LYS A 157 5.45 -30.08 23.42
CA LYS A 157 6.43 -29.93 22.36
C LYS A 157 6.34 -28.53 21.76
N GLU A 158 7.19 -28.25 20.77
CA GLU A 158 7.24 -26.94 20.12
C GLU A 158 6.70 -27.06 18.71
N TYR A 159 5.75 -26.18 18.38
CA TYR A 159 5.07 -26.18 17.09
C TYR A 159 5.16 -24.80 16.47
N ARG A 160 4.57 -24.66 15.28
CA ARG A 160 4.43 -23.37 14.63
C ARG A 160 3.31 -23.48 13.62
N LEU A 161 2.76 -22.33 13.24
CA LEU A 161 1.67 -22.33 12.28
C LEU A 161 2.17 -22.81 10.92
N ILE A 162 1.28 -23.47 10.17
CA ILE A 162 1.70 -24.20 8.98
C ILE A 162 2.17 -23.25 7.89
N ASN A 163 1.42 -22.19 7.61
CA ASN A 163 1.83 -21.19 6.63
C ASN A 163 2.53 -20.04 7.34
N CYS A 164 3.76 -20.35 7.72
CA CYS A 164 4.68 -19.42 8.35
C CYS A 164 6.06 -19.40 7.71
N ASN A 165 6.47 -20.44 7.00
CA ASN A 165 7.66 -20.37 6.18
C ASN A 165 7.35 -19.94 4.75
N THR A 166 6.08 -19.81 4.40
CA THR A 166 5.69 -19.39 3.06
C THR A 166 5.10 -17.98 3.01
N SER A 167 4.39 -17.55 4.05
CA SER A 167 3.78 -16.23 4.04
C SER A 167 3.26 -15.93 5.44
N ALA A 168 2.63 -14.76 5.57
CA ALA A 168 1.91 -14.37 6.76
C ALA A 168 0.42 -14.32 6.43
N CYS A 169 -0.40 -14.78 7.37
CA CYS A 169 -1.81 -15.02 7.12
C CYS A 169 -2.61 -13.78 7.50
N THR A 170 -3.12 -13.07 6.50
CA THR A 170 -4.05 -11.99 6.77
C THR A 170 -5.34 -12.56 7.32
N GLN A 171 -5.71 -12.11 8.52
CA GLN A 171 -6.86 -12.68 9.20
C GLN A 171 -8.14 -12.40 8.41
N ALA A 172 -8.97 -13.42 8.24
CA ALA A 172 -10.25 -13.21 7.59
C ALA A 172 -11.05 -12.21 8.41
N CYS A 173 -11.33 -11.06 7.81
CA CYS A 173 -11.83 -9.92 8.56
C CYS A 173 -13.21 -10.25 9.12
N PRO A 174 -13.45 -10.03 10.41
CA PRO A 174 -14.64 -10.63 11.04
C PRO A 174 -15.96 -10.01 10.61
N LYS A 175 -15.94 -8.82 10.02
CA LYS A 175 -17.18 -8.14 9.66
C LYS A 175 -17.59 -8.34 8.20
N VAL A 176 -16.81 -9.07 7.42
CA VAL A 176 -17.18 -9.40 6.04
C VAL A 176 -17.61 -10.86 6.00
N SER A 177 -18.69 -11.12 5.29
CA SER A 177 -19.25 -12.46 5.21
C SER A 177 -18.75 -13.17 3.96
N PHE A 178 -18.60 -14.49 4.08
CA PHE A 178 -18.21 -15.34 2.95
C PHE A 178 -19.41 -15.83 2.16
N GLU A 179 -20.62 -15.48 2.56
CA GLU A 179 -21.80 -15.95 1.86
C GLU A 179 -21.82 -15.39 0.44
N PRO A 180 -21.98 -16.23 -0.58
CA PRO A 180 -21.98 -15.72 -1.96
C PRO A 180 -23.31 -15.06 -2.29
N ILE A 181 -23.24 -13.84 -2.81
CA ILE A 181 -24.42 -13.15 -3.30
C ILE A 181 -24.44 -13.26 -4.82
N PRO A 182 -25.61 -13.36 -5.45
CA PRO A 182 -25.65 -13.50 -6.90
C PRO A 182 -25.13 -12.24 -7.59
N ILE A 183 -24.30 -12.45 -8.61
CA ILE A 183 -23.73 -11.38 -9.40
C ILE A 183 -24.08 -11.61 -10.86
N HIS A 184 -24.51 -10.55 -11.53
CA HIS A 184 -24.86 -10.61 -12.94
C HIS A 184 -23.76 -9.93 -13.74
N TYR A 185 -23.22 -10.63 -14.73
CA TYR A 185 -22.18 -10.09 -15.59
C TYR A 185 -22.84 -9.48 -16.82
N CYS A 186 -22.77 -8.16 -16.95
CA CYS A 186 -23.51 -7.46 -17.99
C CYS A 186 -22.57 -6.86 -19.01
N ALA A 187 -22.92 -7.02 -20.29
CA ALA A 187 -22.08 -6.60 -21.40
C ALA A 187 -22.16 -5.10 -21.61
N PRO A 188 -21.06 -4.47 -22.03
CA PRO A 188 -21.09 -3.01 -22.28
C PRO A 188 -21.83 -2.67 -23.57
N ALA A 189 -21.85 -1.39 -23.94
CA ALA A 189 -22.51 -0.97 -25.16
C ALA A 189 -21.75 -1.47 -26.37
N GLY A 190 -22.49 -1.85 -27.41
CA GLY A 190 -21.90 -2.44 -28.59
C GLY A 190 -21.71 -3.93 -28.52
N PHE A 191 -21.99 -4.55 -27.39
CA PHE A 191 -21.90 -5.98 -27.18
C PHE A 191 -23.25 -6.52 -26.73
N ALA A 192 -23.45 -7.81 -26.93
CA ALA A 192 -24.65 -8.49 -26.48
C ALA A 192 -24.27 -9.83 -25.89
N ILE A 193 -25.09 -10.32 -24.96
CA ILE A 193 -24.90 -11.62 -24.35
C ILE A 193 -25.95 -12.56 -24.92
N LEU A 194 -25.50 -13.59 -25.63
CA LEU A 194 -26.39 -14.58 -26.21
C LEU A 194 -26.57 -15.73 -25.22
N LYS A 195 -27.82 -16.09 -24.95
CA LYS A 195 -28.15 -17.13 -23.99
C LYS A 195 -28.78 -18.30 -24.72
N CYS A 196 -28.20 -19.49 -24.57
CA CYS A 196 -28.70 -20.68 -25.21
C CYS A 196 -29.84 -21.27 -24.37
N LYS A 197 -31.05 -21.25 -24.93
CA LYS A 197 -32.22 -21.76 -24.23
C LYS A 197 -32.50 -23.22 -24.53
N ASP A 198 -31.64 -23.89 -25.29
CA ASP A 198 -31.82 -25.30 -25.57
C ASP A 198 -31.63 -26.12 -24.28
N LYS A 199 -32.52 -27.08 -24.07
CA LYS A 199 -32.49 -27.88 -22.85
C LYS A 199 -31.66 -29.15 -22.98
N LYS A 200 -31.25 -29.50 -24.19
CA LYS A 200 -30.37 -30.65 -24.41
C LYS A 200 -28.98 -30.20 -24.83
N PHE A 201 -28.67 -28.91 -24.70
CA PHE A 201 -27.39 -28.38 -25.13
C PHE A 201 -26.31 -28.86 -24.17
N ASN A 202 -25.44 -29.75 -24.63
CA ASN A 202 -24.35 -30.18 -23.78
C ASN A 202 -23.36 -29.07 -23.40
N GLY A 203 -22.47 -28.69 -24.30
CA GLY A 203 -21.68 -27.49 -24.07
C GLY A 203 -21.14 -26.88 -25.35
N THR A 204 -21.49 -27.46 -26.50
CA THR A 204 -20.76 -27.21 -27.72
C THR A 204 -21.65 -27.50 -28.91
N GLY A 205 -21.46 -26.73 -29.99
CA GLY A 205 -22.17 -26.95 -31.22
C GLY A 205 -23.33 -25.99 -31.36
N PRO A 206 -24.15 -26.19 -32.39
CA PRO A 206 -25.27 -25.27 -32.61
C PRO A 206 -26.29 -25.33 -31.49
N CYS A 207 -26.91 -24.18 -31.23
CA CYS A 207 -27.99 -24.07 -30.25
C CYS A 207 -29.23 -23.51 -30.95
N PRO A 208 -30.24 -24.33 -31.20
CA PRO A 208 -31.39 -23.85 -31.98
C PRO A 208 -32.14 -22.68 -31.36
N SER A 209 -32.25 -22.62 -30.04
CA SER A 209 -32.99 -21.56 -29.36
C SER A 209 -32.01 -20.63 -28.66
N VAL A 210 -31.94 -19.38 -29.12
CA VAL A 210 -31.01 -18.39 -28.60
C VAL A 210 -31.81 -17.17 -28.17
N SER A 211 -31.28 -16.44 -27.19
CA SER A 211 -31.90 -15.23 -26.72
C SER A 211 -30.82 -14.21 -26.40
N THR A 212 -31.17 -12.93 -26.53
CA THR A 212 -30.29 -11.84 -26.15
C THR A 212 -30.75 -11.30 -24.81
N VAL A 213 -30.02 -11.62 -23.76
CA VAL A 213 -30.31 -11.10 -22.43
C VAL A 213 -29.48 -9.86 -22.22
N GLN A 214 -30.04 -8.89 -21.48
CA GLN A 214 -29.22 -7.76 -21.07
C GLN A 214 -28.01 -8.24 -20.28
N CYS A 215 -28.22 -9.16 -19.35
CA CYS A 215 -27.12 -9.87 -18.72
C CYS A 215 -27.63 -11.04 -17.89
N THR A 216 -26.67 -11.83 -17.41
CA THR A 216 -26.90 -13.20 -16.97
C THR A 216 -27.75 -13.24 -15.70
N HIS A 217 -28.27 -14.43 -15.42
CA HIS A 217 -28.94 -14.66 -14.16
C HIS A 217 -27.96 -14.57 -13.01
N GLY A 218 -28.47 -14.40 -11.80
CA GLY A 218 -27.62 -14.29 -10.64
C GLY A 218 -26.78 -15.52 -10.42
N ILE A 219 -25.48 -15.42 -10.66
CA ILE A 219 -24.55 -16.53 -10.51
C ILE A 219 -23.90 -16.39 -9.15
N LYS A 220 -24.26 -17.27 -8.23
CA LYS A 220 -23.64 -17.28 -6.90
C LYS A 220 -22.24 -17.86 -7.01
N PRO A 221 -21.19 -17.14 -6.64
CA PRO A 221 -19.83 -17.70 -6.67
C PRO A 221 -19.55 -18.65 -5.52
N VAL A 222 -20.26 -19.78 -5.51
CA VAL A 222 -20.04 -20.80 -4.49
C VAL A 222 -18.73 -21.51 -4.79
N VAL A 223 -17.81 -21.47 -3.82
CA VAL A 223 -16.48 -22.06 -3.97
C VAL A 223 -16.50 -23.42 -3.31
N SER A 224 -16.28 -24.47 -4.09
CA SER A 224 -16.32 -25.83 -3.57
C SER A 224 -15.59 -26.74 -4.55
N THR A 225 -15.23 -27.93 -4.07
CA THR A 225 -14.57 -28.92 -4.89
C THR A 225 -15.33 -30.23 -4.83
N GLN A 226 -15.30 -30.96 -5.95
CA GLN A 226 -15.84 -32.31 -6.11
C GLN A 226 -17.37 -32.35 -6.13
N LEU A 227 -18.01 -31.23 -5.80
CA LEU A 227 -19.46 -31.17 -5.72
C LEU A 227 -19.86 -29.72 -5.96
N LEU A 228 -20.82 -29.51 -6.85
CA LEU A 228 -21.28 -28.17 -7.17
C LEU A 228 -22.42 -27.82 -6.23
N LEU A 229 -22.09 -27.28 -5.07
CA LEU A 229 -23.10 -26.93 -4.08
C LEU A 229 -23.91 -25.73 -4.55
N ASN A 230 -25.23 -25.80 -4.32
CA ASN A 230 -26.14 -24.77 -4.75
C ASN A 230 -26.01 -24.51 -6.24
N GLY A 231 -26.59 -23.43 -6.74
CA GLY A 231 -26.51 -23.15 -8.15
C GLY A 231 -27.74 -23.56 -8.94
N SER A 232 -27.55 -23.88 -10.21
CA SER A 232 -28.64 -24.08 -11.15
C SER A 232 -28.75 -25.55 -11.54
N LEU A 233 -29.98 -26.05 -11.58
CA LEU A 233 -30.25 -27.43 -11.94
C LEU A 233 -30.43 -27.56 -13.45
N ALA A 234 -30.34 -28.80 -13.93
CA ALA A 234 -30.72 -29.09 -15.29
C ALA A 234 -32.23 -29.05 -15.43
N GLU A 235 -32.70 -28.99 -16.68
CA GLU A 235 -34.13 -28.81 -16.92
C GLU A 235 -34.88 -30.14 -17.00
N GLU A 236 -34.40 -31.08 -17.79
CA GLU A 236 -35.15 -32.31 -18.01
C GLU A 236 -34.40 -33.57 -17.58
N GLU A 237 -33.08 -33.60 -17.68
CA GLU A 237 -32.35 -34.81 -17.33
C GLU A 237 -30.91 -34.43 -16.99
N VAL A 238 -30.24 -35.33 -16.27
CA VAL A 238 -28.85 -35.10 -15.88
C VAL A 238 -28.00 -34.91 -17.11
N MET A 239 -27.22 -33.83 -17.13
CA MET A 239 -26.41 -33.44 -18.28
C MET A 239 -24.95 -33.74 -18.01
N ILE A 240 -24.32 -34.45 -18.95
CA ILE A 240 -22.89 -34.75 -18.89
C ILE A 240 -22.18 -33.82 -19.86
N ARG A 241 -21.16 -33.11 -19.38
CA ARG A 241 -20.48 -32.08 -20.15
C ARG A 241 -18.98 -32.22 -20.00
N SER A 242 -18.31 -32.66 -21.05
CA SER A 242 -16.87 -32.78 -21.08
C SER A 242 -16.34 -32.13 -22.34
N GLU A 243 -15.14 -31.55 -22.24
CA GLU A 243 -14.52 -30.96 -23.42
C GLU A 243 -14.23 -32.02 -24.48
N ASN A 244 -13.73 -33.18 -24.05
CA ASN A 244 -13.52 -34.31 -24.94
C ASN A 244 -13.78 -35.56 -24.11
N ILE A 245 -14.97 -36.14 -24.27
CA ILE A 245 -15.39 -37.25 -23.42
C ILE A 245 -14.47 -38.46 -23.58
N THR A 246 -13.79 -38.58 -24.72
CA THR A 246 -12.86 -39.68 -24.96
C THR A 246 -11.48 -39.41 -24.37
N ASN A 247 -11.24 -38.22 -23.84
CA ASN A 247 -9.96 -37.88 -23.22
C ASN A 247 -10.12 -37.94 -21.71
N ASN A 248 -9.34 -38.81 -21.07
CA ASN A 248 -9.46 -39.00 -19.63
C ASN A 248 -8.80 -37.88 -18.83
N ALA A 249 -8.08 -36.97 -19.48
CA ALA A 249 -7.46 -35.84 -18.81
C ALA A 249 -8.40 -34.65 -18.67
N LYS A 250 -9.62 -34.76 -19.18
CA LYS A 250 -10.59 -33.68 -19.13
C LYS A 250 -11.65 -34.00 -18.09
N ASN A 251 -11.96 -33.02 -17.24
CA ASN A 251 -12.99 -33.20 -16.22
C ASN A 251 -14.36 -33.30 -16.86
N ILE A 252 -15.24 -34.06 -16.21
CA ILE A 252 -16.62 -34.24 -16.65
C ILE A 252 -17.50 -33.46 -15.70
N LEU A 253 -18.26 -32.51 -16.23
CA LEU A 253 -19.13 -31.66 -15.42
C LEU A 253 -20.54 -32.23 -15.48
N VAL A 254 -20.89 -33.02 -14.49
CA VAL A 254 -22.25 -33.55 -14.37
C VAL A 254 -23.14 -32.47 -13.76
N GLN A 255 -24.36 -32.35 -14.27
CA GLN A 255 -25.34 -31.42 -13.74
C GLN A 255 -26.63 -32.17 -13.46
N PHE A 256 -27.12 -32.05 -12.23
CA PHE A 256 -28.30 -32.81 -11.84
C PHE A 256 -29.57 -32.08 -12.28
N ASN A 257 -30.65 -32.84 -12.38
CA ASN A 257 -31.97 -32.27 -12.61
C ASN A 257 -32.77 -32.09 -11.33
N THR A 258 -32.56 -32.95 -10.34
CA THR A 258 -33.13 -32.81 -9.01
C THR A 258 -32.00 -32.68 -8.01
N PRO A 259 -31.99 -31.64 -7.18
CA PRO A 259 -30.87 -31.44 -6.25
C PRO A 259 -30.82 -32.52 -5.18
N VAL A 260 -29.60 -32.81 -4.74
CA VAL A 260 -29.37 -33.72 -3.63
C VAL A 260 -28.99 -32.86 -2.43
N GLN A 261 -29.84 -32.85 -1.41
CA GLN A 261 -29.62 -31.99 -0.26
C GLN A 261 -28.55 -32.59 0.65
N ILE A 262 -27.61 -31.77 1.07
CA ILE A 262 -26.52 -32.19 1.95
C ILE A 262 -26.52 -31.29 3.18
N ASN A 263 -26.49 -31.89 4.36
CA ASN A 263 -26.55 -31.16 5.63
C ASN A 263 -25.23 -31.26 6.36
N CYS A 264 -24.68 -30.11 6.75
CA CYS A 264 -23.38 -29.97 7.39
C CYS A 264 -23.62 -29.99 8.88
N THR A 265 -22.53 -30.10 9.63
CA THR A 265 -22.60 -29.59 10.99
C THR A 265 -21.20 -29.58 11.59
N ARG A 266 -21.00 -28.66 12.52
CA ARG A 266 -19.92 -28.74 13.52
C ARG A 266 -20.61 -28.74 14.87
N PRO A 267 -20.81 -29.89 15.49
CA PRO A 267 -21.67 -29.95 16.69
C PRO A 267 -21.11 -29.17 17.88
N ASN A 268 -19.83 -28.84 17.90
CA ASN A 268 -19.21 -28.21 19.04
C ASN A 268 -19.80 -26.81 19.28
N ASN A 269 -19.90 -26.44 20.54
CA ASN A 269 -20.20 -25.05 20.90
C ASN A 269 -18.87 -24.36 21.14
N ASN A 270 -18.35 -23.73 20.10
CA ASN A 270 -17.07 -23.06 20.15
C ASN A 270 -17.16 -21.79 20.99
N THR A 271 -16.04 -21.40 21.58
CA THR A 271 -15.95 -20.16 22.36
C THR A 271 -14.82 -19.31 21.77
N ARG A 272 -15.18 -18.37 20.91
CA ARG A 272 -14.20 -17.45 20.34
C ARG A 272 -13.63 -16.54 21.43
N LYS A 273 -12.32 -16.33 21.38
CA LYS A 273 -11.60 -15.51 22.34
C LYS A 273 -10.79 -14.46 21.59
N SER A 274 -10.79 -13.23 22.11
CA SER A 274 -10.12 -12.12 21.44
C SER A 274 -8.79 -11.83 22.12
N ILE A 275 -7.74 -11.68 21.31
CA ILE A 275 -6.40 -11.34 21.77
C ILE A 275 -5.98 -10.05 21.08
N ARG A 276 -5.55 -9.07 21.86
CA ARG A 276 -5.09 -7.80 21.30
C ARG A 276 -3.60 -7.93 20.96
N ILE A 277 -3.31 -8.16 19.67
CA ILE A 277 -1.94 -8.34 19.23
C ILE A 277 -1.24 -7.04 18.91
N GLY A 278 -1.94 -5.91 18.98
CA GLY A 278 -1.37 -4.64 18.66
C GLY A 278 -2.37 -3.52 18.85
N PRO A 279 -1.98 -2.30 18.53
CA PRO A 279 -2.93 -1.18 18.68
C PRO A 279 -4.05 -1.26 17.66
N GLY A 280 -5.25 -1.60 18.12
CA GLY A 280 -6.41 -1.69 17.26
C GLY A 280 -6.60 -3.01 16.57
N GLN A 281 -5.61 -3.90 16.63
CA GLN A 281 -5.68 -5.20 15.98
C GLN A 281 -6.01 -6.27 17.01
N ALA A 282 -6.97 -7.13 16.68
CA ALA A 282 -7.38 -8.22 17.55
C ALA A 282 -7.25 -9.54 16.81
N PHE A 283 -6.83 -10.57 17.54
CA PHE A 283 -6.70 -11.91 17.02
C PHE A 283 -7.74 -12.79 17.71
N TYR A 284 -8.62 -13.39 16.91
CA TYR A 284 -9.73 -14.18 17.45
C TYR A 284 -9.29 -15.64 17.51
N ALA A 285 -9.33 -16.20 18.72
CA ALA A 285 -8.77 -17.50 18.98
C ALA A 285 -9.81 -18.41 19.62
N THR A 286 -9.68 -19.71 19.39
CA THR A 286 -10.55 -20.69 20.03
C THR A 286 -10.07 -20.88 21.46
N GLY A 287 -10.82 -20.34 22.41
CA GLY A 287 -10.41 -20.44 23.79
C GLY A 287 -10.82 -21.75 24.44
N ASP A 288 -12.03 -22.19 24.14
CA ASP A 288 -12.56 -23.39 24.76
C ASP A 288 -13.55 -24.04 23.79
N ILE A 289 -13.71 -25.35 23.92
CA ILE A 289 -14.67 -26.10 23.12
C ILE A 289 -15.44 -27.03 24.04
N ILE A 290 -16.77 -26.87 24.04
CA ILE A 290 -17.67 -27.65 24.86
C ILE A 290 -18.85 -28.08 23.99
N GLY A 291 -19.75 -28.86 24.56
CA GLY A 291 -20.91 -29.33 23.83
C GLY A 291 -20.66 -30.65 23.14
N ASP A 292 -21.45 -30.91 22.11
CA ASP A 292 -21.32 -32.14 21.35
C ASP A 292 -19.98 -32.16 20.63
N ILE A 293 -19.14 -33.12 20.97
CA ILE A 293 -17.78 -33.19 20.44
C ILE A 293 -17.67 -34.22 19.31
N ARG A 294 -18.78 -34.58 18.68
CA ARG A 294 -18.70 -35.43 17.50
C ARG A 294 -18.00 -34.71 16.37
N GLN A 295 -17.27 -35.47 15.56
CA GLN A 295 -16.54 -34.87 14.45
C GLN A 295 -17.50 -34.20 13.49
N ALA A 296 -17.06 -33.09 12.89
CA ALA A 296 -17.86 -32.40 11.89
C ALA A 296 -18.16 -33.36 10.74
N HIS A 297 -19.39 -33.29 10.25
CA HIS A 297 -19.82 -34.25 9.23
C HIS A 297 -20.88 -33.61 8.34
N CYS A 298 -21.10 -34.26 7.19
CA CYS A 298 -22.18 -33.92 6.28
C CYS A 298 -23.03 -35.16 6.03
N ASN A 299 -24.34 -34.97 5.99
CA ASN A 299 -25.29 -36.06 5.74
C ASN A 299 -25.90 -35.89 4.36
N VAL A 300 -25.81 -36.93 3.55
CA VAL A 300 -26.48 -37.00 2.26
C VAL A 300 -27.42 -38.20 2.30
N SER A 301 -28.68 -37.99 1.92
CA SER A 301 -29.65 -39.07 1.96
C SER A 301 -29.19 -40.23 1.09
N LYS A 302 -29.21 -41.44 1.66
CA LYS A 302 -28.69 -42.60 0.96
C LYS A 302 -29.60 -43.01 -0.20
N ALA A 303 -30.90 -42.84 -0.02
CA ALA A 303 -31.84 -43.17 -1.10
C ALA A 303 -31.75 -42.14 -2.23
N THR A 304 -31.70 -40.86 -1.87
CA THR A 304 -31.64 -39.81 -2.89
C THR A 304 -30.33 -39.85 -3.67
N TRP A 305 -29.22 -40.12 -2.98
CA TRP A 305 -27.94 -40.19 -3.67
C TRP A 305 -27.85 -41.41 -4.57
N ASN A 306 -28.45 -42.52 -4.15
CA ASN A 306 -28.40 -43.74 -4.97
C ASN A 306 -29.18 -43.56 -6.26
N GLU A 307 -30.35 -42.92 -6.20
CA GLU A 307 -31.11 -42.70 -7.43
C GLU A 307 -30.53 -41.58 -8.28
N THR A 308 -29.76 -40.67 -7.68
CA THR A 308 -29.08 -39.65 -8.47
C THR A 308 -27.89 -40.21 -9.22
N LEU A 309 -27.12 -41.11 -8.59
CA LEU A 309 -26.07 -41.80 -9.33
C LEU A 309 -26.65 -42.72 -10.38
N GLY A 310 -27.85 -43.25 -10.15
CA GLY A 310 -28.51 -44.04 -11.18
C GLY A 310 -28.82 -43.22 -12.41
N LYS A 311 -29.27 -41.98 -12.21
CA LYS A 311 -29.50 -41.09 -13.34
C LYS A 311 -28.19 -40.67 -14.00
N VAL A 312 -27.15 -40.43 -13.21
CA VAL A 312 -25.84 -40.10 -13.76
C VAL A 312 -25.30 -41.26 -14.59
N VAL A 313 -25.43 -42.48 -14.07
CA VAL A 313 -24.93 -43.65 -14.78
C VAL A 313 -25.70 -43.85 -16.09
N LYS A 314 -27.02 -43.66 -16.05
CA LYS A 314 -27.81 -43.83 -17.26
C LYS A 314 -27.38 -42.86 -18.35
N GLN A 315 -27.15 -41.60 -17.99
CA GLN A 315 -26.68 -40.60 -18.94
C GLN A 315 -25.20 -40.74 -19.24
N LEU A 316 -24.48 -41.57 -18.50
CA LEU A 316 -23.04 -41.76 -18.70
C LEU A 316 -22.74 -42.99 -19.53
N ARG A 317 -23.67 -43.94 -19.64
CA ARG A 317 -23.49 -45.07 -20.53
C ARG A 317 -23.71 -44.69 -21.99
N LYS A 318 -24.34 -43.55 -22.26
CA LYS A 318 -24.54 -43.11 -23.63
C LYS A 318 -23.23 -42.76 -24.32
N HIS A 319 -22.18 -42.46 -23.57
CA HIS A 319 -20.89 -42.10 -24.15
C HIS A 319 -19.88 -43.23 -24.09
N PHE A 320 -20.18 -44.33 -23.40
CA PHE A 320 -19.23 -45.41 -23.24
C PHE A 320 -19.78 -46.79 -23.56
N GLY A 321 -21.09 -46.93 -23.76
CA GLY A 321 -21.65 -48.22 -24.10
C GLY A 321 -22.71 -48.69 -23.12
N ASN A 322 -23.64 -49.51 -23.59
CA ASN A 322 -24.68 -50.04 -22.72
C ASN A 322 -24.16 -51.16 -21.83
N ASN A 323 -23.20 -51.94 -22.30
CA ASN A 323 -22.69 -53.09 -21.57
C ASN A 323 -21.47 -52.77 -20.72
N THR A 324 -21.01 -51.52 -20.73
CA THR A 324 -19.84 -51.16 -19.93
C THR A 324 -20.21 -51.08 -18.45
N ILE A 325 -19.21 -51.24 -17.61
CA ILE A 325 -19.37 -51.24 -16.16
C ILE A 325 -18.94 -49.87 -15.65
N ILE A 326 -19.88 -49.12 -15.09
CA ILE A 326 -19.61 -47.79 -14.54
C ILE A 326 -19.34 -47.94 -13.06
N ARG A 327 -18.11 -47.61 -12.64
CA ARG A 327 -17.69 -47.73 -11.26
C ARG A 327 -17.27 -46.38 -10.74
N PHE A 328 -17.78 -46.01 -9.57
CA PHE A 328 -17.42 -44.75 -8.92
C PHE A 328 -16.45 -45.07 -7.79
N ALA A 329 -15.22 -44.58 -7.91
CA ALA A 329 -14.25 -44.68 -6.84
C ALA A 329 -14.06 -43.32 -6.19
N ASN A 330 -13.24 -43.27 -5.15
CA ASN A 330 -13.00 -42.02 -4.43
C ASN A 330 -11.73 -41.36 -4.93
N SER A 331 -11.48 -40.15 -4.44
CA SER A 331 -10.41 -39.33 -4.97
C SER A 331 -9.06 -40.03 -4.84
N SER A 332 -8.21 -39.83 -5.84
CA SER A 332 -6.94 -40.55 -5.90
C SER A 332 -5.96 -40.06 -4.85
N GLY A 333 -5.55 -38.81 -4.94
CA GLY A 333 -4.56 -38.29 -4.00
C GLY A 333 -4.21 -36.86 -4.35
N GLY A 334 -3.40 -36.27 -3.47
CA GLY A 334 -2.98 -34.89 -3.65
C GLY A 334 -3.18 -34.04 -2.41
N ASP A 335 -3.46 -32.75 -2.61
CA ASP A 335 -3.71 -31.86 -1.50
C ASP A 335 -5.05 -32.17 -0.85
N LEU A 336 -5.20 -31.73 0.41
CA LEU A 336 -6.48 -31.89 1.09
C LEU A 336 -7.58 -31.07 0.41
N GLU A 337 -7.20 -30.00 -0.29
CA GLU A 337 -8.20 -29.21 -1.00
C GLU A 337 -8.69 -29.90 -2.26
N VAL A 338 -7.98 -30.90 -2.75
CA VAL A 338 -8.35 -31.59 -3.98
C VAL A 338 -8.83 -33.02 -3.73
N THR A 339 -8.42 -33.65 -2.62
CA THR A 339 -8.91 -34.98 -2.28
C THR A 339 -10.20 -34.96 -1.48
N THR A 340 -10.67 -33.78 -1.08
CA THR A 340 -11.84 -33.67 -0.23
C THR A 340 -12.81 -32.68 -0.83
N HIS A 341 -14.08 -32.81 -0.43
CA HIS A 341 -15.11 -31.84 -0.80
C HIS A 341 -14.89 -30.60 0.04
N SER A 342 -13.89 -29.81 -0.37
CA SER A 342 -13.61 -28.55 0.28
C SER A 342 -14.73 -27.56 0.02
N PHE A 343 -15.19 -26.89 1.07
CA PHE A 343 -16.19 -25.85 0.90
C PHE A 343 -16.23 -25.00 2.16
N ASN A 344 -17.00 -23.91 2.10
CA ASN A 344 -17.21 -22.99 3.20
C ASN A 344 -18.67 -23.09 3.61
N CYS A 345 -18.93 -23.16 4.91
CA CYS A 345 -20.31 -23.20 5.39
C CYS A 345 -20.40 -22.58 6.78
N GLY A 346 -21.07 -21.44 6.87
CA GLY A 346 -21.20 -20.71 8.12
C GLY A 346 -19.96 -19.96 8.51
N GLY A 347 -19.09 -19.65 7.55
CA GLY A 347 -17.86 -18.94 7.82
C GLY A 347 -16.69 -19.82 8.21
N GLU A 348 -16.91 -21.12 8.37
CA GLU A 348 -15.87 -22.05 8.76
C GLU A 348 -15.69 -23.08 7.65
N PHE A 349 -14.44 -23.39 7.32
CA PHE A 349 -14.11 -24.12 6.11
C PHE A 349 -14.03 -25.61 6.42
N PHE A 350 -14.82 -26.40 5.68
CA PHE A 350 -14.90 -27.84 5.86
C PHE A 350 -14.12 -28.56 4.76
N TYR A 351 -13.73 -29.80 5.04
CA TYR A 351 -13.02 -30.65 4.08
C TYR A 351 -13.53 -32.08 4.27
N CYS A 352 -14.59 -32.43 3.54
CA CYS A 352 -15.30 -33.68 3.75
C CYS A 352 -14.74 -34.79 2.88
N ASN A 353 -14.83 -36.02 3.39
CA ASN A 353 -14.14 -37.15 2.76
C ASN A 353 -14.75 -37.52 1.42
N THR A 354 -16.07 -37.67 1.37
CA THR A 354 -16.78 -38.10 0.16
C THR A 354 -16.18 -39.37 -0.44
N SER A 355 -15.83 -40.32 0.42
CA SER A 355 -15.47 -41.66 -0.02
C SER A 355 -16.63 -42.64 0.11
N GLY A 356 -17.69 -42.27 0.80
CA GLY A 356 -18.88 -43.08 0.86
C GLY A 356 -19.88 -42.64 -0.17
N LEU A 357 -19.74 -41.39 -0.64
CA LEU A 357 -20.54 -40.94 -1.76
C LEU A 357 -20.15 -41.66 -3.04
N PHE A 358 -18.87 -41.69 -3.35
CA PHE A 358 -18.35 -42.30 -4.57
C PHE A 358 -17.75 -43.65 -4.22
N ASN A 359 -18.62 -44.65 -4.05
CA ASN A 359 -18.19 -46.02 -3.82
C ASN A 359 -19.32 -46.93 -4.28
N SER A 360 -19.22 -47.41 -5.52
CA SER A 360 -20.29 -48.21 -6.09
C SER A 360 -19.84 -48.76 -7.43
N THR A 361 -20.44 -49.88 -7.82
CA THR A 361 -20.22 -50.49 -9.13
C THR A 361 -21.57 -50.75 -9.76
N TRP A 362 -21.74 -50.30 -11.00
CA TRP A 362 -23.03 -50.36 -11.69
C TRP A 362 -22.93 -51.34 -12.85
N ILE A 363 -23.77 -52.37 -12.83
CA ILE A 363 -23.78 -53.41 -13.85
C ILE A 363 -24.98 -53.18 -14.76
N SER A 364 -24.80 -53.46 -16.05
CA SER A 364 -25.88 -53.30 -17.03
C SER A 364 -27.10 -54.13 -16.68
N ASN A 377 -34.95 -42.81 4.66
CA ASN A 377 -34.68 -42.56 6.07
C ASN A 377 -33.18 -42.66 6.37
N ASP A 378 -32.52 -43.61 5.73
CA ASP A 378 -31.10 -43.81 5.93
C ASP A 378 -30.31 -42.66 5.31
N SER A 379 -29.08 -42.47 5.80
CA SER A 379 -28.27 -41.33 5.40
C SER A 379 -26.81 -41.74 5.29
N ILE A 380 -26.06 -40.96 4.54
CA ILE A 380 -24.62 -41.16 4.36
C ILE A 380 -23.90 -40.04 5.08
N THR A 381 -23.03 -40.40 6.03
CA THR A 381 -22.32 -39.43 6.85
C THR A 381 -20.88 -39.31 6.37
N LEU A 382 -20.50 -38.09 5.98
CA LEU A 382 -19.16 -37.84 5.45
C LEU A 382 -18.32 -37.14 6.51
N PRO A 383 -17.27 -37.77 7.03
CA PRO A 383 -16.46 -37.11 8.06
C PRO A 383 -15.67 -35.95 7.47
N CYS A 384 -15.87 -34.77 8.04
CA CYS A 384 -15.26 -33.54 7.54
C CYS A 384 -14.24 -33.01 8.55
N ARG A 385 -13.07 -32.63 8.05
CA ARG A 385 -12.11 -31.90 8.85
C ARG A 385 -12.34 -30.40 8.67
N ILE A 386 -11.75 -29.62 9.56
CA ILE A 386 -11.88 -28.18 9.52
C ILE A 386 -10.49 -27.56 9.62
N LYS A 387 -10.26 -26.51 8.86
CA LYS A 387 -9.02 -25.75 8.90
C LYS A 387 -9.34 -24.29 9.15
N GLN A 388 -8.36 -23.57 9.71
CA GLN A 388 -8.47 -22.13 9.87
C GLN A 388 -7.52 -21.35 8.99
N ILE A 389 -6.45 -21.97 8.52
CA ILE A 389 -5.49 -21.33 7.63
C ILE A 389 -5.76 -21.82 6.21
N ILE A 390 -6.25 -20.94 5.36
CA ILE A 390 -6.80 -21.29 4.05
C ILE A 390 -5.94 -20.67 2.95
N ASN A 391 -5.43 -21.52 2.07
CA ASN A 391 -4.86 -21.09 0.79
C ASN A 391 -5.90 -21.44 -0.26
N MET A 392 -6.79 -20.48 -0.55
CA MET A 392 -8.01 -20.83 -1.26
C MET A 392 -7.78 -21.05 -2.75
N TRP A 393 -7.33 -20.03 -3.46
CA TRP A 393 -7.30 -20.10 -4.92
C TRP A 393 -6.07 -20.80 -5.44
N GLN A 394 -5.76 -21.99 -4.90
CA GLN A 394 -4.67 -22.83 -5.37
C GLN A 394 -3.37 -22.04 -5.55
N ARG A 395 -3.14 -21.08 -4.65
CA ARG A 395 -1.98 -20.22 -4.72
C ARG A 395 -1.07 -20.48 -3.52
N ILE A 396 0.17 -20.04 -3.66
CA ILE A 396 1.17 -20.12 -2.60
C ILE A 396 1.62 -18.71 -2.27
N GLY A 397 1.68 -18.39 -0.97
CA GLY A 397 2.14 -17.10 -0.51
C GLY A 397 1.05 -16.14 -0.07
N GLN A 398 -0.22 -16.51 -0.22
CA GLN A 398 -1.33 -15.70 0.25
C GLN A 398 -2.31 -16.63 0.96
N CYS A 399 -2.11 -16.81 2.26
CA CYS A 399 -3.01 -17.58 3.08
C CYS A 399 -4.05 -16.66 3.72
N MET A 400 -4.96 -17.25 4.47
CA MET A 400 -5.97 -16.48 5.19
C MET A 400 -6.34 -17.26 6.44
N TYR A 401 -6.41 -16.56 7.58
CA TYR A 401 -6.79 -17.19 8.84
C TYR A 401 -8.27 -16.94 9.05
N ALA A 402 -9.07 -17.99 8.93
CA ALA A 402 -10.49 -17.89 9.18
C ALA A 402 -10.74 -17.93 10.68
N PRO A 403 -11.28 -16.86 11.28
CA PRO A 403 -11.42 -16.83 12.73
C PRO A 403 -12.49 -17.79 13.20
N PRO A 404 -12.45 -18.23 14.46
CA PRO A 404 -13.47 -19.16 14.95
C PRO A 404 -14.85 -18.54 14.88
N ILE A 405 -15.83 -19.38 14.61
CA ILE A 405 -17.24 -18.99 14.61
C ILE A 405 -17.84 -19.42 15.93
N GLN A 406 -18.37 -18.44 16.67
CA GLN A 406 -19.00 -18.73 17.95
C GLN A 406 -20.24 -19.59 17.76
N GLY A 407 -20.37 -20.64 18.54
CA GLY A 407 -21.57 -21.44 18.55
C GLY A 407 -21.51 -22.65 17.63
N VAL A 408 -22.67 -23.23 17.42
CA VAL A 408 -22.83 -24.42 16.60
C VAL A 408 -23.12 -23.99 15.16
N ILE A 409 -22.47 -24.64 14.20
CA ILE A 409 -22.63 -24.33 12.79
C ILE A 409 -23.51 -25.37 12.13
N ARG A 410 -24.52 -24.91 11.40
CA ARG A 410 -25.45 -25.81 10.72
C ARG A 410 -25.59 -25.33 9.28
N CYS A 411 -25.92 -26.24 8.38
CA CYS A 411 -25.65 -26.13 6.95
C CYS A 411 -26.72 -26.87 6.16
N VAL A 412 -27.29 -26.20 5.16
CA VAL A 412 -28.21 -26.86 4.23
C VAL A 412 -27.85 -26.39 2.83
N SER A 413 -27.39 -27.31 2.00
CA SER A 413 -26.97 -26.99 0.64
C SER A 413 -27.58 -28.00 -0.33
N ASN A 414 -27.59 -27.62 -1.60
CA ASN A 414 -28.04 -28.47 -2.69
C ASN A 414 -26.81 -28.89 -3.49
N ILE A 415 -26.62 -30.19 -3.65
CA ILE A 415 -25.63 -30.70 -4.59
C ILE A 415 -26.28 -30.67 -5.97
N THR A 416 -25.88 -29.70 -6.79
CA THR A 416 -26.47 -29.52 -8.11
C THR A 416 -25.57 -30.01 -9.23
N GLY A 417 -24.46 -30.67 -8.90
CA GLY A 417 -23.57 -31.15 -9.94
C GLY A 417 -22.40 -31.91 -9.35
N LEU A 418 -21.55 -32.37 -10.25
CA LEU A 418 -20.34 -33.12 -9.90
C LEU A 418 -19.22 -32.68 -10.80
N ILE A 419 -17.99 -32.98 -10.40
CA ILE A 419 -16.82 -32.85 -11.26
C ILE A 419 -16.08 -34.17 -11.18
N LEU A 420 -16.11 -34.94 -12.26
CA LEU A 420 -15.55 -36.28 -12.27
C LEU A 420 -14.31 -36.31 -13.17
N THR A 421 -13.43 -37.25 -12.87
CA THR A 421 -12.30 -37.58 -13.74
C THR A 421 -12.33 -39.07 -14.01
N ARG A 422 -12.00 -39.46 -15.23
CA ARG A 422 -12.05 -40.85 -15.64
C ARG A 422 -10.66 -41.45 -15.61
N ASP A 423 -10.60 -42.74 -15.29
CA ASP A 423 -9.34 -43.47 -15.25
C ASP A 423 -9.02 -44.07 -16.62
N GLY A 424 -7.78 -43.91 -17.05
CA GLY A 424 -7.36 -44.39 -18.35
C GLY A 424 -7.38 -45.90 -18.48
N SER A 429 -10.59 -52.95 -21.65
CA SER A 429 -11.33 -53.24 -20.43
C SER A 429 -12.77 -52.74 -20.53
N THR A 430 -13.68 -53.48 -19.92
CA THR A 430 -15.10 -53.16 -19.95
C THR A 430 -15.54 -52.32 -18.76
N THR A 431 -14.62 -51.92 -17.89
CA THR A 431 -14.95 -51.17 -16.69
C THR A 431 -14.38 -49.76 -16.79
N GLU A 432 -15.22 -48.75 -16.59
CA GLU A 432 -14.82 -47.36 -16.57
C GLU A 432 -15.00 -46.83 -15.15
N THR A 433 -13.92 -46.30 -14.57
CA THR A 433 -13.92 -45.82 -13.20
C THR A 433 -13.90 -44.30 -13.19
N PHE A 434 -14.86 -43.70 -12.48
CA PHE A 434 -15.03 -42.26 -12.43
C PHE A 434 -14.75 -41.76 -11.01
N ARG A 435 -13.60 -41.20 -10.81
CA ARG A 435 -13.22 -40.58 -9.55
C ARG A 435 -13.66 -39.13 -9.51
N PRO A 436 -13.97 -38.57 -8.35
CA PRO A 436 -14.27 -37.15 -8.27
C PRO A 436 -13.02 -36.32 -8.55
N GLY A 437 -13.24 -35.13 -9.08
CA GLY A 437 -12.13 -34.27 -9.45
C GLY A 437 -12.28 -32.87 -8.91
N GLY A 438 -11.59 -31.91 -9.52
CA GLY A 438 -11.68 -30.55 -9.07
C GLY A 438 -10.35 -29.83 -9.05
N GLY A 439 -10.14 -28.99 -8.04
CA GLY A 439 -8.92 -28.20 -7.95
C GLY A 439 -9.04 -26.89 -8.69
N ASP A 440 -9.28 -26.95 -10.00
CA ASP A 440 -9.42 -25.76 -10.82
C ASP A 440 -10.79 -25.16 -10.57
N MET A 441 -10.82 -23.97 -9.99
CA MET A 441 -12.08 -23.34 -9.63
C MET A 441 -12.87 -22.89 -10.85
N ARG A 442 -12.25 -22.87 -12.03
CA ARG A 442 -12.96 -22.40 -13.22
C ARG A 442 -14.04 -23.37 -13.64
N ASP A 443 -13.87 -24.68 -13.41
CA ASP A 443 -14.90 -25.64 -13.75
C ASP A 443 -16.16 -25.47 -12.92
N ASN A 444 -16.07 -24.78 -11.78
CA ASN A 444 -17.25 -24.51 -10.97
C ASN A 444 -18.12 -23.44 -11.62
N TRP A 445 -17.50 -22.38 -12.14
CA TRP A 445 -18.23 -21.31 -12.80
C TRP A 445 -18.44 -21.59 -14.28
N ARG A 446 -17.68 -22.51 -14.86
CA ARG A 446 -17.98 -22.99 -16.20
C ARG A 446 -19.32 -23.71 -16.25
N SER A 447 -19.79 -24.22 -15.12
CA SER A 447 -21.08 -24.88 -15.04
C SER A 447 -22.25 -23.92 -14.93
N GLU A 448 -21.99 -22.64 -14.67
CA GLU A 448 -23.04 -21.62 -14.64
C GLU A 448 -23.03 -20.73 -15.86
N LEU A 449 -21.88 -20.56 -16.50
CA LEU A 449 -21.73 -19.72 -17.68
C LEU A 449 -21.59 -20.56 -18.95
N TYR A 450 -22.14 -21.77 -18.94
CA TYR A 450 -22.07 -22.62 -20.12
C TYR A 450 -23.05 -22.17 -21.20
N LYS A 451 -24.18 -21.59 -20.81
CA LYS A 451 -25.23 -21.21 -21.74
C LYS A 451 -25.09 -19.80 -22.28
N TYR A 452 -24.12 -19.02 -21.79
CA TYR A 452 -23.99 -17.63 -22.17
C TYR A 452 -22.82 -17.44 -23.13
N LYS A 453 -22.90 -16.39 -23.94
CA LYS A 453 -21.90 -16.09 -24.94
C LYS A 453 -21.93 -14.59 -25.23
N VAL A 454 -20.76 -13.99 -25.37
CA VAL A 454 -20.63 -12.56 -25.62
C VAL A 454 -20.30 -12.36 -27.08
N VAL A 455 -21.05 -11.48 -27.75
CA VAL A 455 -20.85 -11.19 -29.15
C VAL A 455 -20.68 -9.69 -29.33
N LYS A 456 -20.02 -9.32 -30.42
CA LYS A 456 -19.76 -7.93 -30.77
C LYS A 456 -20.65 -7.55 -31.93
N ILE A 457 -21.47 -6.52 -31.75
CA ILE A 457 -22.41 -6.12 -32.79
C ILE A 457 -21.65 -5.39 -33.90
N GLU A 458 -21.88 -5.81 -35.14
CA GLU A 458 -21.30 -5.19 -36.32
C GLU A 458 -22.42 -4.50 -37.10
N PRO A 459 -22.73 -3.24 -36.80
CA PRO A 459 -23.97 -2.64 -37.31
C PRO A 459 -23.87 -2.05 -38.70
N LEU A 460 -22.72 -2.14 -39.36
CA LEU A 460 -22.49 -1.51 -40.65
C LEU A 460 -22.36 -2.59 -41.71
N GLY A 461 -23.35 -2.71 -42.57
CA GLY A 461 -23.35 -3.72 -43.61
C GLY A 461 -23.79 -3.15 -44.94
N VAL A 462 -23.20 -3.68 -46.00
CA VAL A 462 -23.49 -3.24 -47.37
C VAL A 462 -24.16 -4.37 -48.11
N ALA A 463 -25.02 -4.01 -49.06
CA ALA A 463 -25.80 -5.00 -49.79
C ALA A 463 -26.25 -4.37 -51.10
N PRO A 464 -26.54 -5.18 -52.12
CA PRO A 464 -26.98 -4.61 -53.40
C PRO A 464 -28.46 -4.23 -53.37
N THR A 465 -28.78 -3.15 -54.09
CA THR A 465 -30.14 -2.68 -54.18
C THR A 465 -30.25 -1.85 -55.46
N ARG A 466 -31.48 -1.68 -55.95
CA ARG A 466 -31.73 -0.90 -57.15
C ARG A 466 -31.56 0.60 -56.94
N CYS A 467 -31.05 1.04 -55.80
CA CYS A 467 -30.85 2.46 -55.56
C CYS A 467 -29.82 3.05 -56.52
N LYS A 468 -29.81 4.37 -56.58
CA LYS A 468 -28.74 5.12 -57.20
C LYS A 468 -28.78 6.53 -56.63
N ARG A 469 -27.70 6.93 -55.98
CA ARG A 469 -27.66 8.25 -55.37
C ARG A 469 -27.88 9.33 -56.43
N ARG A 470 -28.72 10.30 -56.09
CA ARG A 470 -29.02 11.40 -57.00
C ARG A 470 -28.09 12.57 -56.76
N PHE B 11 -43.11 -4.79 -32.56
CA PHE B 11 -41.79 -4.59 -31.97
C PHE B 11 -41.16 -5.92 -31.58
N LEU B 12 -39.91 -6.13 -32.02
CA LEU B 12 -39.18 -7.36 -31.72
C LEU B 12 -38.12 -7.15 -30.64
N GLY B 13 -37.44 -6.01 -30.63
CA GLY B 13 -36.43 -5.71 -29.65
C GLY B 13 -35.03 -5.73 -30.27
N PHE B 14 -34.05 -5.51 -29.40
CA PHE B 14 -32.65 -5.50 -29.82
C PHE B 14 -32.26 -6.86 -30.40
N LEU B 15 -31.70 -6.83 -31.61
CA LEU B 15 -31.26 -8.04 -32.32
C LEU B 15 -32.39 -9.00 -32.58
N GLY B 16 -33.63 -8.57 -32.34
CA GLY B 16 -34.77 -9.46 -32.51
C GLY B 16 -34.94 -9.97 -33.93
N ALA B 17 -34.62 -9.13 -34.91
CA ALA B 17 -34.72 -9.49 -36.32
C ALA B 17 -33.45 -10.12 -36.85
N ALA B 18 -32.63 -10.73 -35.99
CA ALA B 18 -31.41 -11.37 -36.45
C ALA B 18 -31.72 -12.56 -37.35
N GLY B 19 -32.77 -13.32 -37.05
CA GLY B 19 -33.20 -14.40 -37.89
C GLY B 19 -34.17 -14.02 -38.98
N SER B 20 -34.64 -12.77 -39.00
CA SER B 20 -35.50 -12.30 -40.07
C SER B 20 -34.70 -12.09 -41.34
N THR B 21 -35.38 -12.17 -42.47
CA THR B 21 -34.73 -11.97 -43.75
C THR B 21 -34.15 -10.55 -43.83
N MET B 22 -33.29 -10.35 -44.82
CA MET B 22 -32.62 -9.06 -44.96
C MET B 22 -33.62 -7.94 -45.21
N GLY B 23 -34.67 -8.22 -45.98
CA GLY B 23 -35.67 -7.21 -46.25
C GLY B 23 -36.46 -6.84 -45.00
N ALA B 24 -36.78 -7.84 -44.17
CA ALA B 24 -37.53 -7.58 -42.95
C ALA B 24 -36.66 -6.99 -41.84
N ALA B 25 -35.38 -7.36 -41.80
CA ALA B 25 -34.49 -6.87 -40.76
C ALA B 25 -33.99 -5.46 -41.01
N SER B 26 -34.17 -4.93 -42.22
CA SER B 26 -33.74 -3.57 -42.53
C SER B 26 -34.77 -2.52 -42.11
N MET B 27 -35.93 -2.94 -41.63
CA MET B 27 -36.93 -2.02 -41.10
C MET B 27 -36.79 -1.82 -39.61
N THR B 28 -35.78 -2.43 -38.99
CA THR B 28 -35.54 -2.33 -37.55
C THR B 28 -34.13 -1.84 -37.27
N LEU B 29 -33.58 -0.99 -38.13
CA LEU B 29 -32.21 -0.55 -37.92
C LEU B 29 -32.09 0.41 -36.74
N THR B 30 -33.11 1.22 -36.49
CA THR B 30 -33.06 2.14 -35.36
C THR B 30 -32.94 1.41 -34.04
N VAL B 31 -33.42 0.16 -33.98
CA VAL B 31 -33.38 -0.60 -32.73
C VAL B 31 -31.94 -0.97 -32.37
N GLN B 32 -31.17 -1.46 -33.34
CA GLN B 32 -29.77 -1.79 -33.09
C GLN B 32 -28.89 -0.56 -33.02
N ALA B 33 -29.25 0.50 -33.74
CA ALA B 33 -28.41 1.70 -33.77
C ALA B 33 -28.36 2.38 -32.42
N ARG B 34 -29.50 2.45 -31.71
CA ARG B 34 -29.53 3.15 -30.44
C ARG B 34 -28.98 2.34 -29.28
N ASN B 35 -28.65 1.06 -29.50
CA ASN B 35 -28.10 0.21 -28.46
C ASN B 35 -26.59 0.06 -28.56
N LEU B 36 -25.94 0.85 -29.41
CA LEU B 36 -24.49 0.81 -29.58
C LEU B 36 -23.77 1.86 -28.77
N LEU B 37 -24.49 2.60 -27.93
CA LEU B 37 -23.87 3.72 -27.24
C LEU B 37 -24.13 3.64 -25.74
N SER B 38 -25.27 3.07 -25.36
CA SER B 38 -25.57 2.84 -23.95
C SER B 38 -26.61 1.74 -23.80
N VAL B 62 -8.81 -0.29 -9.79
CA VAL B 62 -9.40 -1.61 -9.97
C VAL B 62 -10.92 -1.50 -9.96
N TRP B 63 -11.56 -2.09 -10.96
CA TRP B 63 -13.01 -2.17 -11.14
C TRP B 63 -13.64 -0.82 -11.44
N GLY B 64 -12.88 0.26 -11.45
CA GLY B 64 -13.38 1.55 -11.87
C GLY B 64 -12.86 1.89 -13.25
N ILE B 65 -11.63 1.47 -13.54
CA ILE B 65 -11.10 1.59 -14.89
C ILE B 65 -11.77 0.58 -15.82
N LYS B 66 -12.14 -0.60 -15.30
CA LYS B 66 -12.85 -1.58 -16.11
C LYS B 66 -14.14 -0.98 -16.67
N GLN B 67 -14.95 -0.39 -15.79
CA GLN B 67 -16.16 0.29 -16.24
C GLN B 67 -15.83 1.45 -17.16
N LEU B 68 -14.79 2.22 -16.82
CA LEU B 68 -14.48 3.43 -17.56
C LEU B 68 -13.85 3.14 -18.91
N GLN B 69 -12.97 2.13 -18.99
CA GLN B 69 -12.31 1.83 -20.24
C GLN B 69 -13.24 1.14 -21.23
N ALA B 70 -14.28 0.46 -20.74
CA ALA B 70 -15.26 -0.11 -21.65
C ALA B 70 -16.13 0.97 -22.26
N ARG B 71 -16.45 2.01 -21.49
CA ARG B 71 -17.23 3.12 -22.00
C ARG B 71 -16.48 3.88 -23.09
N VAL B 72 -15.18 4.12 -22.89
CA VAL B 72 -14.40 4.84 -23.88
C VAL B 72 -14.25 4.02 -25.15
N LEU B 73 -14.17 2.70 -25.03
CA LEU B 73 -14.07 1.86 -26.23
C LEU B 73 -15.39 1.80 -26.97
N ALA B 74 -16.52 1.89 -26.27
CA ALA B 74 -17.82 1.95 -26.94
C ALA B 74 -17.99 3.25 -27.70
N VAL B 75 -17.49 4.35 -27.14
CA VAL B 75 -17.57 5.64 -27.82
C VAL B 75 -16.63 5.66 -29.03
N GLU B 76 -15.43 5.10 -28.87
CA GLU B 76 -14.48 5.07 -29.98
C GLU B 76 -14.98 4.22 -31.14
N ARG B 77 -15.56 3.05 -30.84
CA ARG B 77 -16.08 2.20 -31.90
C ARG B 77 -17.25 2.85 -32.63
N TYR B 78 -18.12 3.53 -31.88
CA TYR B 78 -19.25 4.22 -32.49
C TYR B 78 -18.78 5.33 -33.41
N LEU B 79 -17.75 6.07 -33.00
CA LEU B 79 -17.25 7.17 -33.82
C LEU B 79 -16.53 6.66 -35.06
N ARG B 80 -15.93 5.48 -35.00
CA ARG B 80 -15.28 4.92 -36.18
C ARG B 80 -16.29 4.59 -37.26
N ASP B 81 -17.45 4.05 -36.88
CA ASP B 81 -18.48 3.72 -37.84
C ASP B 81 -19.23 4.96 -38.32
N GLN B 82 -19.34 5.98 -37.48
CA GLN B 82 -19.92 7.25 -37.92
C GLN B 82 -18.97 7.98 -38.86
N GLN B 83 -17.67 7.88 -38.62
CA GLN B 83 -16.70 8.48 -39.52
C GLN B 83 -16.73 7.83 -40.90
N LEU B 84 -16.86 6.51 -40.94
CA LEU B 84 -16.94 5.81 -42.22
C LEU B 84 -18.17 6.25 -43.01
N LEU B 85 -19.30 6.37 -42.33
CA LEU B 85 -20.51 6.85 -43.02
C LEU B 85 -20.34 8.27 -43.50
N GLY B 86 -19.58 9.10 -42.77
CA GLY B 86 -19.35 10.46 -43.20
C GLY B 86 -18.53 10.55 -44.47
N ILE B 87 -17.46 9.75 -44.57
CA ILE B 87 -16.60 9.81 -45.75
C ILE B 87 -17.17 9.05 -46.93
N TRP B 88 -18.28 8.33 -46.75
CA TRP B 88 -19.03 7.74 -47.86
C TRP B 88 -20.20 8.60 -48.29
N GLY B 89 -20.42 9.74 -47.64
CA GLY B 89 -21.58 10.55 -47.92
C GLY B 89 -22.85 10.08 -47.27
N CYS B 90 -22.75 9.18 -46.29
CA CYS B 90 -23.91 8.56 -45.65
C CYS B 90 -24.14 9.07 -44.24
N SER B 91 -23.56 10.21 -43.88
CA SER B 91 -23.68 10.72 -42.53
C SER B 91 -25.13 11.05 -42.20
N GLY B 92 -25.56 10.64 -41.01
CA GLY B 92 -26.92 10.92 -40.57
C GLY B 92 -27.98 10.07 -41.23
N LYS B 93 -27.59 9.02 -41.93
CA LYS B 93 -28.53 8.14 -42.61
C LYS B 93 -28.30 6.70 -42.14
N LEU B 94 -29.39 5.94 -42.04
CA LEU B 94 -29.33 4.53 -41.75
C LEU B 94 -29.33 3.67 -43.00
N ILE B 95 -30.17 4.00 -43.97
CA ILE B 95 -30.13 3.41 -45.30
C ILE B 95 -29.59 4.47 -46.25
N CYS B 96 -28.46 4.18 -46.87
CA CYS B 96 -27.77 5.15 -47.73
C CYS B 96 -27.49 4.52 -49.08
N CYS B 97 -28.31 4.85 -50.07
CA CYS B 97 -28.05 4.39 -51.42
C CYS B 97 -26.86 5.13 -52.00
N THR B 98 -25.90 4.38 -52.52
CA THR B 98 -24.63 4.95 -53.00
C THR B 98 -24.51 4.79 -54.51
N ASN B 99 -23.44 5.38 -55.05
CA ASN B 99 -23.17 5.37 -56.48
C ASN B 99 -22.25 4.23 -56.92
N VAL B 100 -21.82 3.37 -56.00
CA VAL B 100 -20.89 2.29 -56.33
C VAL B 100 -21.66 1.13 -56.94
N PRO B 101 -21.33 0.70 -58.16
CA PRO B 101 -22.05 -0.43 -58.75
C PRO B 101 -21.66 -1.75 -58.08
N TRP B 102 -22.57 -2.70 -58.15
CA TRP B 102 -22.33 -4.04 -57.62
C TRP B 102 -21.67 -4.90 -58.70
N ASN B 103 -20.50 -5.46 -58.36
CA ASN B 103 -19.68 -6.13 -59.37
C ASN B 103 -20.20 -7.50 -59.76
N SER B 104 -20.98 -8.16 -58.89
CA SER B 104 -21.49 -9.51 -59.10
C SER B 104 -20.38 -10.54 -58.97
N SER B 105 -19.13 -10.09 -58.83
CA SER B 105 -18.07 -10.95 -58.37
C SER B 105 -18.02 -11.03 -56.85
N TRP B 106 -18.73 -10.14 -56.17
CA TRP B 106 -18.88 -10.24 -54.72
C TRP B 106 -20.04 -11.15 -54.35
N SER B 107 -21.11 -11.13 -55.13
CA SER B 107 -22.25 -12.02 -54.91
C SER B 107 -23.07 -12.06 -56.19
N ASN B 108 -23.25 -13.25 -56.75
CA ASN B 108 -24.00 -13.42 -57.98
C ASN B 108 -25.49 -13.59 -57.75
N ARG B 109 -25.95 -13.58 -56.50
CA ARG B 109 -27.35 -13.79 -56.22
C ARG B 109 -28.17 -12.58 -56.61
N ASN B 110 -29.39 -12.82 -57.08
CA ASN B 110 -30.27 -11.73 -57.46
C ASN B 110 -30.95 -11.14 -56.23
N LEU B 111 -31.69 -10.06 -56.45
CA LEU B 111 -32.32 -9.36 -55.34
C LEU B 111 -33.39 -10.18 -54.66
N SER B 112 -34.08 -11.04 -55.41
CA SER B 112 -35.15 -11.84 -54.83
C SER B 112 -34.63 -12.78 -53.76
N GLU B 113 -33.49 -13.42 -54.01
CA GLU B 113 -32.94 -14.41 -53.09
C GLU B 113 -31.98 -13.81 -52.08
N ILE B 114 -31.78 -12.50 -52.08
CA ILE B 114 -30.96 -11.83 -51.09
C ILE B 114 -31.82 -11.15 -50.03
N TRP B 115 -32.86 -10.45 -50.45
CA TRP B 115 -33.71 -9.68 -49.54
C TRP B 115 -34.93 -10.45 -49.06
N ASP B 116 -35.12 -11.68 -49.51
CA ASP B 116 -36.28 -12.46 -49.11
C ASP B 116 -35.94 -13.87 -48.64
N ASN B 117 -34.68 -14.32 -48.77
CA ASN B 117 -34.26 -15.62 -48.27
C ASN B 117 -33.15 -15.51 -47.24
N MET B 118 -32.10 -14.74 -47.52
CA MET B 118 -30.99 -14.67 -46.58
C MET B 118 -31.29 -13.71 -45.43
N THR B 119 -30.56 -13.89 -44.35
CA THR B 119 -30.55 -12.98 -43.22
C THR B 119 -29.24 -12.23 -43.21
N TRP B 120 -29.17 -11.20 -42.37
CA TRP B 120 -27.99 -10.35 -42.35
C TRP B 120 -26.76 -11.08 -41.81
N LEU B 121 -26.95 -12.10 -40.98
CA LEU B 121 -25.82 -12.92 -40.54
C LEU B 121 -25.32 -13.83 -41.64
N GLN B 122 -26.22 -14.45 -42.40
CA GLN B 122 -25.81 -15.27 -43.53
C GLN B 122 -25.11 -14.42 -44.59
N TRP B 123 -25.65 -13.22 -44.85
CA TRP B 123 -25.06 -12.35 -45.84
C TRP B 123 -23.68 -11.87 -45.41
N ASP B 124 -23.51 -11.58 -44.12
CA ASP B 124 -22.23 -11.09 -43.63
C ASP B 124 -21.12 -12.09 -43.84
N LYS B 125 -21.41 -13.37 -43.65
CA LYS B 125 -20.41 -14.41 -43.87
C LYS B 125 -20.10 -14.62 -45.36
N GLU B 126 -20.87 -14.02 -46.25
CA GLU B 126 -20.67 -14.22 -47.68
C GLU B 126 -19.77 -13.16 -48.30
N ILE B 127 -19.94 -11.90 -47.93
CA ILE B 127 -19.13 -10.82 -48.48
C ILE B 127 -18.08 -10.32 -47.48
N SER B 128 -17.74 -11.15 -46.49
CA SER B 128 -16.69 -10.75 -45.55
C SER B 128 -15.35 -10.58 -46.26
N ASN B 129 -15.09 -11.40 -47.28
CA ASN B 129 -13.85 -11.27 -48.02
C ASN B 129 -13.78 -9.94 -48.77
N TYR B 130 -14.90 -9.53 -49.36
CA TYR B 130 -14.95 -8.32 -50.19
C TYR B 130 -15.30 -7.07 -49.41
N THR B 131 -15.43 -7.15 -48.09
CA THR B 131 -15.87 -6.01 -47.30
C THR B 131 -14.94 -4.82 -47.47
N GLN B 132 -13.63 -5.04 -47.38
CA GLN B 132 -12.68 -3.94 -47.52
C GLN B 132 -12.53 -3.49 -48.97
N ILE B 133 -12.89 -4.32 -49.94
CA ILE B 133 -12.91 -3.87 -51.33
C ILE B 133 -14.03 -2.86 -51.54
N ILE B 134 -15.22 -3.16 -51.04
CA ILE B 134 -16.34 -2.24 -51.16
C ILE B 134 -16.11 -1.00 -50.32
N TYR B 135 -15.52 -1.16 -49.14
CA TYR B 135 -15.29 -0.01 -48.27
C TYR B 135 -14.34 1.00 -48.91
N GLY B 136 -13.45 0.54 -49.79
CA GLY B 136 -12.56 1.43 -50.50
C GLY B 136 -13.21 2.10 -51.68
N LEU B 137 -14.12 1.38 -52.35
CA LEU B 137 -14.83 1.95 -53.49
C LEU B 137 -15.80 3.03 -53.04
N LEU B 138 -16.48 2.82 -51.91
CA LEU B 138 -17.41 3.82 -51.41
C LEU B 138 -16.68 5.11 -51.04
N GLU B 139 -15.53 4.99 -50.40
CA GLU B 139 -14.74 6.17 -50.05
C GLU B 139 -14.25 6.90 -51.28
N GLU B 140 -13.78 6.15 -52.29
CA GLU B 140 -13.26 6.77 -53.49
C GLU B 140 -14.37 7.44 -54.30
N SER B 141 -15.55 6.79 -54.38
CA SER B 141 -16.65 7.37 -55.12
C SER B 141 -17.12 8.68 -54.50
N GLN B 142 -17.20 8.73 -53.17
CA GLN B 142 -17.65 9.96 -52.51
C GLN B 142 -16.65 11.09 -52.74
N ASN B 143 -15.36 10.78 -52.65
CA ASN B 143 -14.34 11.81 -52.84
C ASN B 143 -14.40 12.41 -54.24
N GLN B 144 -14.60 11.58 -55.25
CA GLN B 144 -14.81 12.09 -56.60
C GLN B 144 -16.11 12.86 -56.69
N GLN B 145 -17.17 12.36 -56.05
CA GLN B 145 -18.45 13.06 -56.05
C GLN B 145 -18.39 14.34 -55.21
N GLU B 146 -17.52 14.38 -54.20
CA GLU B 146 -17.40 15.57 -53.38
C GLU B 146 -16.82 16.73 -54.18
N LYS B 147 -15.96 16.46 -55.15
CA LYS B 147 -15.35 17.51 -55.95
C LYS B 147 -16.14 17.83 -57.20
N ASN B 148 -16.78 16.84 -57.82
CA ASN B 148 -17.62 17.11 -58.97
C ASN B 148 -18.75 18.06 -58.60
N GLU B 149 -19.33 17.88 -57.42
CA GLU B 149 -20.29 18.85 -56.90
C GLU B 149 -19.60 20.15 -56.49
N GLN B 150 -18.38 20.06 -55.97
CA GLN B 150 -17.64 21.28 -55.60
C GLN B 150 -17.29 22.10 -56.84
N ASP B 151 -16.88 21.45 -57.91
CA ASP B 151 -16.58 22.16 -59.16
C ASP B 151 -17.84 22.66 -59.84
N LEU B 152 -18.99 22.07 -59.55
CA LEU B 152 -20.24 22.51 -60.17
C LEU B 152 -20.70 23.85 -59.61
N LEU B 153 -20.40 24.12 -58.34
CA LEU B 153 -20.83 25.37 -57.72
C LEU B 153 -19.98 26.56 -58.16
N ALA B 154 -18.83 26.32 -58.78
CA ALA B 154 -17.94 27.39 -59.21
C ALA B 154 -18.42 28.08 -60.49
N LEU B 155 -19.40 27.52 -61.18
CA LEU B 155 -19.89 28.12 -62.42
C LEU B 155 -20.80 29.31 -62.14
N LEU C 2 -14.62 35.65 -54.18
CA LEU C 2 -14.00 34.61 -53.38
C LEU C 2 -14.78 34.37 -52.10
N TRP C 3 -14.96 33.10 -51.73
CA TRP C 3 -15.77 32.73 -50.59
C TRP C 3 -15.02 31.73 -49.72
N VAL C 4 -15.33 31.74 -48.43
CA VAL C 4 -14.68 30.84 -47.49
C VAL C 4 -15.22 29.43 -47.68
N THR C 5 -14.33 28.47 -47.87
CA THR C 5 -14.68 27.06 -47.94
C THR C 5 -13.89 26.30 -46.90
N VAL C 6 -14.57 25.40 -46.19
CA VAL C 6 -14.00 24.72 -45.04
C VAL C 6 -13.52 23.34 -45.48
N TYR C 7 -12.24 23.05 -45.26
CA TYR C 7 -11.65 21.76 -45.56
C TYR C 7 -11.36 21.03 -44.26
N TYR C 8 -11.84 19.81 -44.13
CA TYR C 8 -11.60 18.99 -42.95
C TYR C 8 -10.65 17.87 -43.33
N GLY C 9 -9.55 17.76 -42.63
CA GLY C 9 -8.53 16.77 -42.90
C GLY C 9 -7.28 17.31 -43.55
N VAL C 10 -7.00 18.60 -43.45
CA VAL C 10 -5.83 19.20 -44.07
C VAL C 10 -4.58 18.71 -43.35
N PRO C 11 -3.47 18.50 -44.08
CA PRO C 11 -2.21 18.06 -43.43
C PRO C 11 -1.49 19.21 -42.75
N VAL C 12 -2.04 19.65 -41.62
CA VAL C 12 -1.48 20.74 -40.82
C VAL C 12 -1.27 20.24 -39.40
N TRP C 13 -0.11 20.56 -38.82
CA TRP C 13 0.21 20.14 -37.47
C TRP C 13 0.83 21.30 -36.71
N LYS C 14 0.59 21.30 -35.40
CA LYS C 14 1.25 22.19 -34.46
C LYS C 14 2.09 21.38 -33.49
N ASP C 15 3.08 22.03 -32.89
CA ASP C 15 3.86 21.38 -31.85
C ASP C 15 3.00 21.14 -30.62
N ALA C 16 3.14 19.99 -30.00
CA ALA C 16 2.31 19.65 -28.86
C ALA C 16 3.07 18.76 -27.89
N GLU C 17 2.63 18.77 -26.64
CA GLU C 17 3.09 17.86 -25.62
C GLU C 17 1.93 16.95 -25.23
N THR C 18 2.16 15.64 -25.24
CA THR C 18 1.11 14.68 -24.97
C THR C 18 1.73 13.46 -24.30
N THR C 19 0.88 12.51 -23.95
CA THR C 19 1.29 11.27 -23.30
C THR C 19 1.41 10.19 -24.37
N LEU C 20 2.64 9.83 -24.71
CA LEU C 20 2.90 8.74 -25.64
C LEU C 20 2.88 7.42 -24.89
N PHE C 21 2.26 6.41 -25.49
CA PHE C 21 2.15 5.12 -24.85
C PHE C 21 3.25 4.18 -25.34
N CYS C 22 3.69 3.31 -24.43
CA CYS C 22 4.76 2.36 -24.71
C CYS C 22 4.29 1.30 -25.70
N ALA C 23 5.26 0.64 -26.31
CA ALA C 23 5.00 -0.49 -27.18
C ALA C 23 6.24 -1.35 -27.29
N SER C 24 6.06 -2.66 -27.20
CA SER C 24 7.17 -3.61 -27.25
C SER C 24 6.78 -4.78 -28.12
N ASP C 25 7.79 -5.45 -28.67
CA ASP C 25 7.57 -6.63 -29.51
C ASP C 25 8.40 -7.81 -29.02
N LYS C 33 9.77 -14.27 -18.40
CA LYS C 33 10.55 -13.57 -17.37
C LYS C 33 10.20 -12.08 -17.36
N HIS C 34 9.76 -11.59 -16.20
CA HIS C 34 9.37 -10.19 -16.09
C HIS C 34 10.60 -9.29 -16.16
N ASN C 35 10.36 -8.05 -16.59
CA ASN C 35 11.40 -7.05 -16.72
C ASN C 35 11.02 -5.82 -15.90
N VAL C 36 12.03 -5.00 -15.60
CA VAL C 36 11.78 -3.74 -14.90
C VAL C 36 10.86 -2.86 -15.74
N TRP C 37 11.19 -2.68 -17.02
CA TRP C 37 10.33 -1.99 -17.97
C TRP C 37 9.55 -3.00 -18.81
N ALA C 38 8.69 -3.74 -18.11
CA ALA C 38 8.10 -4.96 -18.63
C ALA C 38 7.14 -4.67 -19.78
N THR C 39 6.72 -5.75 -20.44
CA THR C 39 5.71 -5.71 -21.49
C THR C 39 4.30 -5.76 -20.94
N HIS C 40 4.13 -5.88 -19.63
CA HIS C 40 2.81 -5.84 -19.02
C HIS C 40 2.32 -4.41 -18.79
N ALA C 41 3.17 -3.41 -19.00
CA ALA C 41 2.79 -2.01 -18.98
C ALA C 41 2.99 -1.37 -20.34
N CYS C 42 2.98 -2.19 -21.40
CA CYS C 42 3.17 -1.72 -22.77
C CYS C 42 2.15 -2.41 -23.66
N VAL C 43 2.23 -2.13 -24.96
CA VAL C 43 1.26 -2.60 -25.94
C VAL C 43 2.02 -3.32 -27.05
N PRO C 44 1.49 -4.39 -27.63
CA PRO C 44 2.15 -5.00 -28.78
C PRO C 44 2.25 -4.04 -29.96
N THR C 45 3.35 -4.14 -30.69
CA THR C 45 3.59 -3.29 -31.86
C THR C 45 2.96 -3.92 -33.10
N ASP C 46 3.29 -3.37 -34.26
CA ASP C 46 2.75 -3.87 -35.52
C ASP C 46 3.85 -4.56 -36.34
N GLN C 50 4.75 1.73 -42.31
CA GLN C 50 4.78 2.31 -40.97
C GLN C 50 5.36 3.72 -41.00
N GLU C 51 6.43 3.90 -41.77
CA GLU C 51 7.07 5.19 -41.92
C GLU C 51 6.73 5.79 -43.27
N ILE C 52 6.32 7.05 -43.26
CA ILE C 52 5.86 7.75 -44.46
C ILE C 52 6.77 8.95 -44.67
N HIS C 53 7.35 9.07 -45.86
CA HIS C 53 8.28 10.14 -46.16
C HIS C 53 7.49 11.38 -46.58
N LEU C 54 7.66 12.47 -45.84
CA LEU C 54 6.97 13.72 -46.10
C LEU C 54 7.88 14.59 -46.95
N GLU C 55 7.64 14.60 -48.26
CA GLU C 55 8.48 15.36 -49.17
C GLU C 55 8.17 16.84 -49.10
N ASN C 56 9.21 17.65 -49.34
CA ASN C 56 9.15 19.12 -49.34
C ASN C 56 8.83 19.69 -47.97
N VAL C 57 8.82 18.88 -46.92
CA VAL C 57 8.50 19.33 -45.57
C VAL C 57 9.80 19.59 -44.83
N THR C 58 9.96 20.80 -44.33
CA THR C 58 11.14 21.20 -43.56
C THR C 58 10.67 21.64 -42.18
N GLU C 59 10.75 20.75 -41.21
CA GLU C 59 10.33 21.01 -39.85
C GLU C 59 11.51 21.40 -38.97
N GLU C 60 11.22 22.17 -37.93
CA GLU C 60 12.22 22.62 -36.98
C GLU C 60 12.18 21.74 -35.74
N PHE C 61 13.27 21.02 -35.47
CA PHE C 61 13.37 20.16 -34.31
C PHE C 61 14.17 20.85 -33.22
N ASN C 62 14.03 20.34 -32.00
CA ASN C 62 14.79 20.86 -30.86
C ASN C 62 14.94 19.70 -29.87
N MET C 63 16.10 19.03 -29.93
CA MET C 63 16.31 17.88 -29.05
C MET C 63 16.50 18.28 -27.60
N TRP C 64 16.70 19.56 -27.31
CA TRP C 64 16.98 20.02 -25.96
C TRP C 64 15.75 20.49 -25.21
N LYS C 65 14.67 20.81 -25.91
CA LYS C 65 13.38 21.11 -25.29
C LYS C 65 12.33 20.12 -25.79
N ASN C 66 12.72 18.86 -25.89
CA ASN C 66 11.84 17.80 -26.33
C ASN C 66 11.16 17.18 -25.11
N ASN C 67 9.84 17.06 -25.16
CA ASN C 67 9.10 16.53 -24.02
C ASN C 67 9.09 15.01 -23.97
N MET C 68 9.44 14.33 -25.07
CA MET C 68 9.57 12.88 -25.00
C MET C 68 10.71 12.48 -24.07
N VAL C 69 11.79 13.27 -24.06
CA VAL C 69 12.90 13.02 -23.15
C VAL C 69 12.44 13.16 -21.70
N GLU C 70 11.67 14.21 -21.42
CA GLU C 70 11.18 14.43 -20.07
C GLU C 70 10.16 13.39 -19.66
N GLN C 71 9.34 12.92 -20.60
CA GLN C 71 8.36 11.89 -20.28
C GLN C 71 9.00 10.53 -20.14
N MET C 72 9.97 10.21 -21.00
CA MET C 72 10.65 8.91 -20.89
C MET C 72 11.40 8.80 -19.57
N HIS C 73 11.99 9.90 -19.09
CA HIS C 73 12.62 9.88 -17.78
C HIS C 73 11.62 9.52 -16.69
N THR C 74 10.43 10.11 -16.75
CA THR C 74 9.39 9.79 -15.77
C THR C 74 8.96 8.34 -15.87
N ASP C 75 8.84 7.83 -17.09
CA ASP C 75 8.32 6.48 -17.29
C ASP C 75 9.35 5.42 -16.94
N ILE C 76 10.63 5.66 -17.24
CA ILE C 76 11.68 4.72 -16.87
C ILE C 76 11.82 4.64 -15.35
N ILE C 77 11.73 5.78 -14.67
CA ILE C 77 11.65 5.79 -13.22
C ILE C 77 10.41 5.06 -12.73
N SER C 78 9.25 5.35 -13.33
CA SER C 78 8.01 4.78 -12.84
C SER C 78 8.00 3.27 -12.98
N LEU C 79 8.50 2.74 -14.09
CA LEU C 79 8.60 1.29 -14.24
C LEU C 79 9.65 0.69 -13.34
N TRP C 80 10.63 1.48 -12.90
CA TRP C 80 11.61 0.99 -11.95
C TRP C 80 11.01 0.77 -10.57
N ASP C 81 10.32 1.78 -10.04
CA ASP C 81 9.69 1.65 -8.74
C ASP C 81 8.58 0.61 -8.77
N GLN C 82 7.80 0.58 -9.84
CA GLN C 82 6.70 -0.37 -9.96
C GLN C 82 7.20 -1.81 -9.94
N SER C 83 8.45 -2.04 -10.35
CA SER C 83 9.01 -3.37 -10.37
C SER C 83 9.69 -3.77 -9.07
N LEU C 84 9.79 -2.85 -8.10
CA LEU C 84 10.46 -3.12 -6.84
C LEU C 84 9.53 -3.22 -5.65
N LYS C 85 8.30 -2.71 -5.76
CA LYS C 85 7.35 -2.82 -4.66
C LYS C 85 7.03 -4.26 -4.25
N PRO C 86 6.79 -5.21 -5.16
CA PRO C 86 6.30 -6.53 -4.72
C PRO C 86 7.34 -7.44 -4.09
N CYS C 87 8.59 -7.02 -3.93
CA CYS C 87 9.62 -7.90 -3.40
C CYS C 87 10.29 -7.28 -2.17
N VAL C 88 11.26 -8.02 -1.64
CA VAL C 88 11.63 -7.93 -0.23
C VAL C 88 12.11 -6.54 0.14
N LYS C 89 11.62 -6.02 1.25
CA LYS C 89 12.14 -4.81 1.89
C LYS C 89 13.07 -5.23 3.02
N LEU C 90 14.30 -4.74 3.00
CA LEU C 90 15.32 -5.17 3.95
C LEU C 90 15.41 -4.24 5.16
N THR C 91 14.29 -4.04 5.85
CA THR C 91 14.34 -3.36 7.15
C THR C 91 15.15 -4.12 8.19
N PRO C 92 15.08 -5.45 8.33
CA PRO C 92 15.91 -6.11 9.34
C PRO C 92 17.40 -6.01 9.09
N LEU C 93 17.83 -5.60 7.90
CA LEU C 93 19.27 -5.52 7.63
C LEU C 93 19.95 -4.34 8.31
N CYS C 94 19.20 -3.42 8.90
CA CYS C 94 19.78 -2.46 9.83
C CYS C 94 19.91 -3.06 11.22
N VAL C 95 20.97 -3.85 11.37
CA VAL C 95 21.46 -4.29 12.66
C VAL C 95 22.90 -3.81 12.76
N THR C 96 23.54 -4.05 13.90
CA THR C 96 24.95 -3.76 14.03
C THR C 96 25.74 -4.93 13.46
N LEU C 97 26.73 -4.62 12.62
CA LEU C 97 27.54 -5.62 11.95
C LEU C 97 28.91 -5.67 12.62
N GLN C 98 29.38 -6.88 12.91
CA GLN C 98 30.74 -7.07 13.43
C GLN C 98 31.61 -7.53 12.26
N CYS C 99 32.29 -6.59 11.62
CA CYS C 99 32.95 -6.82 10.35
C CYS C 99 34.46 -6.98 10.55
N THR C 100 35.02 -8.02 9.96
CA THR C 100 36.46 -8.22 9.91
C THR C 100 36.91 -8.24 8.45
N ASN C 101 38.20 -8.03 8.25
CA ASN C 101 38.76 -8.08 6.90
C ASN C 101 38.69 -9.49 6.34
N VAL C 102 38.67 -9.58 5.02
CA VAL C 102 38.67 -10.89 4.37
C VAL C 102 40.09 -11.38 4.09
N THR C 103 41.01 -10.47 3.77
CA THR C 103 42.37 -10.85 3.41
C THR C 103 43.41 -10.54 4.47
N ASN C 104 43.22 -9.49 5.27
CA ASN C 104 44.16 -9.09 6.31
C ASN C 104 45.57 -8.90 5.75
N ASN C 105 45.65 -8.24 4.60
CA ASN C 105 46.92 -8.00 3.93
C ASN C 105 46.83 -6.84 2.97
N ASP C 108 45.06 -5.07 -3.51
CA ASP C 108 45.28 -5.32 -4.93
C ASP C 108 44.23 -6.28 -5.50
N ASP C 109 43.64 -7.08 -4.62
CA ASP C 109 42.70 -8.12 -5.00
C ASP C 109 41.27 -7.63 -4.83
N MET C 110 40.32 -8.50 -5.21
CA MET C 110 38.93 -8.25 -4.89
C MET C 110 38.68 -8.34 -3.39
N ARG C 111 39.42 -9.21 -2.70
CA ARG C 111 39.20 -9.44 -1.28
C ARG C 111 39.63 -8.26 -0.42
N GLY C 112 40.38 -7.31 -0.96
CA GLY C 112 40.65 -6.09 -0.23
C GLY C 112 39.54 -5.07 -0.31
N GLU C 113 38.51 -5.36 -1.09
CA GLU C 113 37.33 -4.52 -1.22
C GLU C 113 36.17 -4.99 -0.36
N LEU C 114 36.34 -6.10 0.35
CA LEU C 114 35.26 -6.76 1.06
C LEU C 114 35.49 -6.73 2.56
N LYS C 115 34.38 -6.68 3.30
CA LYS C 115 34.37 -6.85 4.74
C LYS C 115 33.54 -8.08 5.07
N ASN C 116 34.03 -8.94 5.95
CA ASN C 116 33.32 -10.16 6.37
C ASN C 116 32.51 -9.85 7.62
N CYS C 117 31.23 -9.55 7.43
CA CYS C 117 30.37 -8.94 8.44
C CYS C 117 29.43 -9.98 9.02
N SER C 118 29.43 -10.09 10.34
CA SER C 118 28.58 -11.02 11.06
C SER C 118 27.53 -10.26 11.85
N PHE C 119 26.29 -10.75 11.83
CA PHE C 119 25.19 -10.02 12.43
C PHE C 119 24.10 -10.98 12.87
N ASN C 120 23.25 -10.51 13.77
CA ASN C 120 22.06 -11.25 14.19
C ASN C 120 20.91 -10.88 13.29
N MET C 121 20.27 -11.89 12.71
CA MET C 121 19.16 -11.68 11.80
C MET C 121 17.92 -12.37 12.33
N THR C 122 16.76 -11.84 11.96
CA THR C 122 15.50 -12.45 12.36
C THR C 122 15.32 -13.78 11.63
N THR C 123 14.59 -14.68 12.27
CA THR C 123 14.22 -15.96 11.69
C THR C 123 12.78 -15.88 11.21
N GLU C 124 12.34 -16.91 10.49
CA GLU C 124 10.94 -17.00 10.10
C GLU C 124 10.01 -17.09 11.29
N LEU C 125 10.52 -17.45 12.47
CA LEU C 125 9.78 -17.38 13.72
C LEU C 125 10.19 -16.11 14.46
N ARG C 126 9.20 -15.35 14.90
CA ARG C 126 9.47 -14.00 15.40
C ARG C 126 10.35 -14.00 16.64
N ASP C 127 10.24 -15.02 17.48
CA ASP C 127 10.95 -15.05 18.75
C ASP C 127 12.33 -15.68 18.69
N LYS C 128 12.79 -16.08 17.50
CA LYS C 128 14.08 -16.73 17.34
C LYS C 128 14.99 -15.85 16.49
N LYS C 129 16.27 -15.80 16.84
CA LYS C 129 17.26 -15.05 16.08
C LYS C 129 18.12 -16.01 15.26
N GLN C 130 19.08 -15.43 14.54
CA GLN C 130 19.84 -16.17 13.55
C GLN C 130 21.19 -15.48 13.39
N LYS C 131 22.24 -16.11 13.92
CA LYS C 131 23.59 -15.57 13.79
C LYS C 131 24.12 -15.94 12.41
N VAL C 132 24.15 -14.98 11.51
CA VAL C 132 24.58 -15.19 10.13
C VAL C 132 25.72 -14.23 9.81
N TYR C 133 26.33 -14.46 8.66
CA TYR C 133 27.39 -13.59 8.18
C TYR C 133 27.27 -13.43 6.67
N SER C 134 27.91 -12.39 6.15
CA SER C 134 27.92 -12.11 4.73
C SER C 134 29.14 -11.26 4.41
N LEU C 135 29.56 -11.31 3.15
CA LEU C 135 30.64 -10.47 2.67
C LEU C 135 30.05 -9.22 2.05
N PHE C 136 30.27 -8.08 2.70
CA PHE C 136 29.77 -6.80 2.23
C PHE C 136 30.93 -6.00 1.66
N TYR C 137 30.69 -5.31 0.55
CA TYR C 137 31.70 -4.42 0.00
C TYR C 137 31.96 -3.28 0.97
N ARG C 138 33.19 -2.79 0.99
CA ARG C 138 33.52 -1.67 1.87
C ARG C 138 32.74 -0.42 1.51
N LEU C 139 32.19 -0.36 0.30
CA LEU C 139 31.41 0.78 -0.14
C LEU C 139 29.99 0.76 0.40
N ASP C 140 29.57 -0.34 1.03
CA ASP C 140 28.22 -0.47 1.54
C ASP C 140 28.13 -0.43 3.07
N VAL C 141 29.26 -0.48 3.77
CA VAL C 141 29.27 -0.52 5.22
C VAL C 141 29.97 0.72 5.75
N VAL C 142 29.37 1.33 6.77
CA VAL C 142 29.91 2.53 7.41
C VAL C 142 30.18 2.20 8.87
N GLN C 143 31.36 2.53 9.35
CA GLN C 143 31.74 2.19 10.71
C GLN C 143 30.97 3.02 11.72
N ILE C 144 30.72 2.43 12.88
CA ILE C 144 30.07 3.11 14.00
C ILE C 144 31.11 3.33 15.09
N ASN C 145 31.27 4.57 15.51
CA ASN C 145 32.19 4.90 16.60
C ASN C 145 31.45 5.56 17.75
N ASN C 156 37.41 -7.19 15.11
CA ASN C 156 36.04 -7.07 14.64
C ASN C 156 35.38 -5.79 15.14
N LYS C 157 35.48 -4.73 14.35
CA LYS C 157 34.85 -3.47 14.68
C LYS C 157 33.35 -3.56 14.38
N GLU C 158 32.63 -2.47 14.64
CA GLU C 158 31.19 -2.41 14.45
C GLU C 158 30.87 -1.51 13.27
N TYR C 159 30.07 -2.03 12.34
CA TYR C 159 29.71 -1.34 11.11
C TYR C 159 28.19 -1.33 10.97
N ARG C 160 27.73 -0.72 9.88
CA ARG C 160 26.32 -0.75 9.53
C ARG C 160 26.21 -0.45 8.04
N LEU C 161 25.09 -0.84 7.45
CA LEU C 161 24.89 -0.60 6.03
C LEU C 161 24.80 0.89 5.75
N ILE C 162 25.26 1.29 4.56
CA ILE C 162 25.46 2.72 4.29
C ILE C 162 24.13 3.46 4.21
N ASN C 163 23.15 2.91 3.49
CA ASN C 163 21.82 3.53 3.42
C ASN C 163 20.91 2.88 4.46
N CYS C 164 21.17 3.30 5.69
CA CYS C 164 20.42 2.90 6.87
C CYS C 164 19.98 4.07 7.74
N ASN C 165 20.65 5.21 7.67
CA ASN C 165 20.14 6.42 8.29
C ASN C 165 19.27 7.23 7.35
N THR C 166 19.20 6.84 6.07
CA THR C 166 18.39 7.55 5.09
C THR C 166 17.15 6.80 4.65
N SER C 167 17.21 5.47 4.59
CA SER C 167 16.06 4.69 4.14
C SER C 167 16.34 3.22 4.41
N ALA C 168 15.39 2.38 4.01
CA ALA C 168 15.54 0.93 4.01
C ALA C 168 15.59 0.46 2.56
N CYS C 169 16.44 -0.51 2.29
CA CYS C 169 16.76 -0.92 0.93
C CYS C 169 15.85 -2.06 0.51
N THR C 170 14.91 -1.78 -0.38
CA THR C 170 14.13 -2.84 -0.98
C THR C 170 15.02 -3.70 -1.86
N GLN C 171 15.07 -5.00 -1.55
CA GLN C 171 16.00 -5.88 -2.25
C GLN C 171 15.62 -5.97 -3.72
N ALA C 172 16.62 -5.87 -4.59
CA ALA C 172 16.37 -6.05 -6.01
C ALA C 172 15.84 -7.45 -6.22
N CYS C 173 14.60 -7.54 -6.70
CA CYS C 173 13.87 -8.80 -6.68
C CYS C 173 14.56 -9.79 -7.61
N PRO C 174 14.84 -11.02 -7.15
CA PRO C 174 15.77 -11.87 -7.91
C PRO C 174 15.22 -12.40 -9.22
N LYS C 175 13.90 -12.36 -9.43
CA LYS C 175 13.32 -12.93 -10.63
C LYS C 175 13.04 -11.91 -11.72
N VAL C 176 13.34 -10.63 -11.49
CA VAL C 176 13.20 -9.60 -12.51
C VAL C 176 14.60 -9.22 -13.01
N SER C 177 14.74 -9.10 -14.31
CA SER C 177 16.03 -8.81 -14.93
C SER C 177 16.19 -7.31 -15.16
N PHE C 178 17.42 -6.85 -15.06
CA PHE C 178 17.76 -5.46 -15.34
C PHE C 178 18.12 -5.22 -16.80
N GLU C 179 18.09 -6.27 -17.63
CA GLU C 179 18.43 -6.11 -19.04
C GLU C 179 17.41 -5.20 -19.72
N PRO C 180 17.85 -4.16 -20.42
CA PRO C 180 16.89 -3.25 -21.08
C PRO C 180 16.34 -3.88 -22.34
N ILE C 181 15.01 -3.88 -22.47
CA ILE C 181 14.37 -4.33 -23.69
C ILE C 181 13.93 -3.09 -24.47
N PRO C 182 13.97 -3.13 -25.79
CA PRO C 182 13.58 -1.94 -26.56
C PRO C 182 12.11 -1.61 -26.38
N ILE C 183 11.84 -0.32 -26.18
CA ILE C 183 10.49 0.18 -26.01
C ILE C 183 10.24 1.25 -27.07
N HIS C 184 9.07 1.19 -27.69
CA HIS C 184 8.66 2.15 -28.70
C HIS C 184 7.61 3.07 -28.11
N TYR C 185 7.85 4.37 -28.18
CA TYR C 185 6.91 5.36 -27.68
C TYR C 185 6.00 5.79 -28.82
N CYS C 186 4.72 5.44 -28.75
CA CYS C 186 3.81 5.64 -29.86
C CYS C 186 2.77 6.68 -29.51
N ALA C 187 2.52 7.59 -30.47
CA ALA C 187 1.62 8.72 -30.26
C ALA C 187 0.16 8.29 -30.34
N PRO C 188 -0.71 8.93 -29.56
CA PRO C 188 -2.13 8.58 -29.62
C PRO C 188 -2.82 9.11 -30.88
N ALA C 189 -4.12 8.92 -30.98
CA ALA C 189 -4.86 9.41 -32.14
C ALA C 189 -4.92 10.93 -32.13
N GLY C 190 -4.84 11.53 -33.31
CA GLY C 190 -4.79 12.96 -33.42
C GLY C 190 -3.40 13.56 -33.33
N PHE C 191 -2.39 12.75 -33.04
CA PHE C 191 -1.01 13.17 -32.96
C PHE C 191 -0.17 12.35 -33.94
N ALA C 192 0.98 12.89 -34.28
CA ALA C 192 1.92 12.19 -35.14
C ALA C 192 3.34 12.41 -34.61
N ILE C 193 4.22 11.46 -34.89
CA ILE C 193 5.61 11.55 -34.50
C ILE C 193 6.42 11.84 -35.76
N LEU C 194 7.07 12.99 -35.79
CA LEU C 194 7.90 13.38 -36.91
C LEU C 194 9.33 12.94 -36.66
N LYS C 195 9.93 12.25 -37.62
CA LYS C 195 11.27 11.72 -37.49
C LYS C 195 12.19 12.42 -38.48
N CYS C 196 13.26 13.02 -37.97
CA CYS C 196 14.22 13.73 -38.82
C CYS C 196 15.20 12.74 -39.42
N LYS C 197 15.15 12.57 -40.74
CA LYS C 197 16.02 11.64 -41.43
C LYS C 197 17.30 12.29 -41.93
N ASP C 198 17.54 13.55 -41.61
CA ASP C 198 18.78 14.21 -41.99
C ASP C 198 19.96 13.59 -41.24
N LYS C 199 21.04 13.33 -41.96
CA LYS C 199 22.21 12.69 -41.38
C LYS C 199 23.24 13.66 -40.81
N LYS C 200 23.09 14.95 -41.09
CA LYS C 200 23.95 15.97 -40.50
C LYS C 200 23.20 16.81 -39.48
N PHE C 201 22.01 16.38 -39.07
CA PHE C 201 21.20 17.16 -38.14
C PHE C 201 21.83 17.08 -36.77
N ASN C 202 22.38 18.21 -36.30
CA ASN C 202 22.95 18.22 -34.96
C ASN C 202 21.92 18.00 -33.86
N GLY C 203 21.12 19.00 -33.49
CA GLY C 203 19.99 18.75 -32.63
C GLY C 203 18.91 19.81 -32.75
N THR C 204 19.09 20.76 -33.67
CA THR C 204 18.32 21.98 -33.63
C THR C 204 18.29 22.61 -35.02
N GLY C 205 17.19 23.27 -35.33
CA GLY C 205 17.05 23.98 -36.58
C GLY C 205 16.26 23.17 -37.60
N PRO C 206 16.20 23.66 -38.84
CA PRO C 206 15.41 22.96 -39.85
C PRO C 206 15.99 21.60 -40.17
N CYS C 207 15.10 20.66 -40.50
CA CYS C 207 15.49 19.32 -40.93
C CYS C 207 14.88 19.07 -42.31
N PRO C 208 15.70 19.08 -43.38
CA PRO C 208 15.12 18.96 -44.74
C PRO C 208 14.35 17.68 -44.99
N SER C 209 14.78 16.55 -44.42
CA SER C 209 14.13 15.26 -44.65
C SER C 209 13.38 14.84 -43.39
N VAL C 210 12.06 14.77 -43.48
CA VAL C 210 11.20 14.45 -42.35
C VAL C 210 10.33 13.28 -42.74
N SER C 211 9.93 12.49 -41.75
CA SER C 211 9.05 11.35 -41.97
C SER C 211 8.07 11.25 -40.81
N THR C 212 6.89 10.72 -41.09
CA THR C 212 5.90 10.44 -40.06
C THR C 212 5.93 8.95 -39.76
N VAL C 213 6.50 8.59 -38.63
CA VAL C 213 6.52 7.21 -38.18
C VAL C 213 5.33 6.99 -37.28
N GLN C 214 4.78 5.77 -37.33
CA GLN C 214 3.76 5.42 -36.35
C GLN C 214 4.32 5.57 -34.94
N CYS C 215 5.53 5.07 -34.72
CA CYS C 215 6.27 5.36 -33.50
C CYS C 215 7.71 4.89 -33.60
N THR C 216 8.48 5.27 -32.59
CA THR C 216 9.93 5.31 -32.64
C THR C 216 10.53 3.91 -32.76
N HIS C 217 11.80 3.87 -33.15
CA HIS C 217 12.54 2.63 -33.11
C HIS C 217 12.73 2.18 -31.67
N GLY C 218 13.06 0.90 -31.51
CA GLY C 218 13.26 0.35 -30.19
C GLY C 218 14.37 1.04 -29.43
N ILE C 219 14.02 1.82 -28.43
CA ILE C 219 14.98 2.57 -27.63
C ILE C 219 15.24 1.75 -26.36
N LYS C 220 16.44 1.17 -26.27
CA LYS C 220 16.81 0.44 -25.08
C LYS C 220 17.14 1.42 -23.96
N PRO C 221 16.47 1.35 -22.82
CA PRO C 221 16.78 2.25 -21.71
C PRO C 221 18.03 1.83 -20.95
N VAL C 222 19.18 1.90 -21.63
CA VAL C 222 20.45 1.58 -21.00
C VAL C 222 20.83 2.71 -20.05
N VAL C 223 21.02 2.38 -18.79
CA VAL C 223 21.33 3.36 -17.75
C VAL C 223 22.83 3.32 -17.51
N SER C 224 23.50 4.44 -17.78
CA SER C 224 24.94 4.51 -17.65
C SER C 224 25.35 5.97 -17.57
N THR C 225 26.57 6.20 -17.10
CA THR C 225 27.12 7.54 -17.00
C THR C 225 28.45 7.61 -17.72
N GLN C 226 28.73 8.78 -18.30
CA GLN C 226 30.01 9.14 -18.93
C GLN C 226 30.22 8.43 -20.26
N LEU C 227 29.39 7.44 -20.58
CA LEU C 227 29.55 6.65 -21.79
C LEU C 227 28.19 6.11 -22.16
N LEU C 228 27.80 6.28 -23.43
CA LEU C 228 26.50 5.81 -23.89
C LEU C 228 26.67 4.39 -24.39
N LEU C 229 26.52 3.43 -23.48
CA LEU C 229 26.69 2.03 -23.84
C LEU C 229 25.52 1.56 -24.70
N ASN C 230 25.84 0.77 -25.72
CA ASN C 230 24.85 0.28 -26.66
C ASN C 230 24.08 1.43 -27.28
N GLY C 231 22.97 1.14 -27.95
CA GLY C 231 22.20 2.20 -28.57
C GLY C 231 22.47 2.38 -30.05
N SER C 232 22.29 3.60 -30.54
CA SER C 232 22.29 3.88 -31.97
C SER C 232 23.53 4.68 -32.35
N LEU C 233 24.14 4.30 -33.47
CA LEU C 233 25.33 4.96 -33.97
C LEU C 233 24.96 6.12 -34.89
N ALA C 234 25.92 7.00 -35.12
CA ALA C 234 25.76 8.01 -36.16
C ALA C 234 25.87 7.36 -37.53
N GLU C 235 25.44 8.10 -38.55
CA GLU C 235 25.38 7.54 -39.89
C GLU C 235 26.68 7.72 -40.68
N GLU C 236 27.21 8.94 -40.71
CA GLU C 236 28.38 9.20 -41.55
C GLU C 236 29.59 9.69 -40.78
N GLU C 237 29.41 10.42 -39.69
CA GLU C 237 30.56 10.94 -38.96
C GLU C 237 30.14 11.24 -37.53
N VAL C 238 31.13 11.33 -36.64
CA VAL C 238 30.88 11.60 -35.24
C VAL C 238 30.15 12.92 -35.09
N MET C 239 29.04 12.91 -34.36
CA MET C 239 28.17 14.07 -34.21
C MET C 239 28.35 14.69 -32.84
N ILE C 240 28.59 15.99 -32.80
CA ILE C 240 28.70 16.76 -31.57
C ILE C 240 27.40 17.52 -31.37
N ARG C 241 26.78 17.37 -30.21
CA ARG C 241 25.46 17.92 -29.94
C ARG C 241 25.44 18.58 -28.58
N SER C 242 25.41 19.91 -28.56
CA SER C 242 25.30 20.67 -27.32
C SER C 242 24.19 21.70 -27.46
N GLU C 243 23.54 21.98 -26.33
CA GLU C 243 22.48 23.00 -26.34
C GLU C 243 23.06 24.37 -26.68
N ASN C 244 24.21 24.70 -26.12
CA ASN C 244 24.92 25.93 -26.46
C ASN C 244 26.40 25.61 -26.35
N ILE C 245 27.05 25.38 -27.50
CA ILE C 245 28.43 24.91 -27.50
C ILE C 245 29.37 25.93 -26.87
N THR C 246 28.99 27.20 -26.87
CA THR C 246 29.80 28.25 -26.25
C THR C 246 29.59 28.36 -24.74
N ASN C 247 28.64 27.62 -24.19
CA ASN C 247 28.36 27.62 -22.76
C ASN C 247 28.98 26.37 -22.14
N ASN C 248 29.91 26.56 -21.21
CA ASN C 248 30.60 25.42 -20.60
C ASN C 248 29.76 24.70 -19.57
N ALA C 249 28.59 25.24 -19.21
CA ALA C 249 27.70 24.59 -18.26
C ALA C 249 26.77 23.58 -18.93
N LYS C 250 26.85 23.43 -20.25
CA LYS C 250 26.00 22.52 -21.00
C LYS C 250 26.79 21.29 -21.41
N ASN C 251 26.23 20.11 -21.18
CA ASN C 251 26.89 18.88 -21.57
C ASN C 251 26.94 18.75 -23.09
N ILE C 252 27.98 18.09 -23.57
CA ILE C 252 28.18 17.84 -24.99
C ILE C 252 27.91 16.36 -25.24
N LEU C 253 26.95 16.06 -26.09
CA LEU C 253 26.56 14.69 -26.39
C LEU C 253 27.25 14.25 -27.66
N VAL C 254 28.39 13.59 -27.52
CA VAL C 254 29.08 13.04 -28.67
C VAL C 254 28.43 11.73 -29.07
N GLN C 255 28.30 11.50 -30.37
CA GLN C 255 27.74 10.25 -30.90
C GLN C 255 28.71 9.67 -31.91
N PHE C 256 29.10 8.43 -31.72
CA PHE C 256 30.10 7.82 -32.59
C PHE C 256 29.44 7.29 -33.86
N ASN C 257 30.26 7.12 -34.90
CA ASN C 257 29.81 6.45 -36.11
C ASN C 257 30.20 4.98 -36.16
N THR C 258 31.32 4.62 -35.54
CA THR C 258 31.72 3.23 -35.35
C THR C 258 31.81 2.94 -33.87
N PRO C 259 31.14 1.90 -33.38
CA PRO C 259 31.13 1.64 -31.94
C PRO C 259 32.49 1.21 -31.43
N VAL C 260 32.77 1.56 -30.17
CA VAL C 260 33.97 1.13 -29.48
C VAL C 260 33.55 0.05 -28.49
N GLN C 261 34.00 -1.18 -28.72
CA GLN C 261 33.58 -2.30 -27.90
C GLN C 261 34.32 -2.28 -26.57
N ILE C 262 33.58 -2.46 -25.48
CA ILE C 262 34.13 -2.48 -24.13
C ILE C 262 33.73 -3.78 -23.46
N ASN C 263 34.70 -4.48 -22.89
CA ASN C 263 34.48 -5.78 -22.26
C ASN C 263 34.65 -5.68 -20.75
N CYS C 264 33.64 -6.14 -20.02
CA CYS C 264 33.57 -6.07 -18.56
C CYS C 264 34.15 -7.36 -18.02
N THR C 265 34.37 -7.39 -16.70
CA THR C 265 34.38 -8.70 -16.06
C THR C 265 34.40 -8.49 -14.55
N ARG C 266 33.85 -9.47 -13.84
CA ARG C 266 34.12 -9.70 -12.43
C ARG C 266 34.69 -11.12 -12.35
N PRO C 267 36.01 -11.28 -12.29
CA PRO C 267 36.59 -12.62 -12.43
C PRO C 267 36.22 -13.58 -11.31
N ASN C 268 35.75 -13.09 -10.17
CA ASN C 268 35.47 -13.93 -9.02
C ASN C 268 34.35 -14.92 -9.32
N ASN C 269 34.46 -16.11 -8.75
CA ASN C 269 33.34 -17.05 -8.74
C ASN C 269 32.60 -16.85 -7.42
N ASN C 270 31.59 -16.00 -7.45
CA ASN C 270 30.81 -15.67 -6.28
C ASN C 270 29.95 -16.86 -5.86
N THR C 271 29.65 -16.92 -4.57
CA THR C 271 28.74 -17.95 -4.02
C THR C 271 27.61 -17.24 -3.27
N ARG C 272 26.48 -17.09 -3.96
CA ARG C 272 25.30 -16.51 -3.34
C ARG C 272 24.76 -17.42 -2.25
N LYS C 273 24.38 -16.83 -1.13
CA LYS C 273 23.86 -17.54 0.04
C LYS C 273 22.52 -16.94 0.43
N SER C 274 21.57 -17.80 0.76
CA SER C 274 20.21 -17.36 1.09
C SER C 274 20.00 -17.36 2.59
N ILE C 275 19.44 -16.26 3.11
CA ILE C 275 19.11 -16.10 4.51
C ILE C 275 17.62 -15.83 4.62
N ARG C 276 16.92 -16.60 5.45
CA ARG C 276 15.49 -16.40 5.65
C ARG C 276 15.29 -15.37 6.75
N ILE C 277 15.01 -14.12 6.35
CA ILE C 277 14.85 -13.03 7.30
C ILE C 277 13.43 -12.92 7.83
N GLY C 278 12.50 -13.73 7.34
CA GLY C 278 11.14 -13.68 7.76
C GLY C 278 10.30 -14.73 7.06
N PRO C 279 9.00 -14.75 7.31
CA PRO C 279 8.15 -15.73 6.64
C PRO C 279 8.01 -15.44 5.15
N GLY C 280 8.65 -16.26 4.33
CA GLY C 280 8.57 -16.11 2.89
C GLY C 280 9.59 -15.16 2.30
N GLN C 281 10.30 -14.40 3.12
CA GLN C 281 11.29 -13.44 2.66
C GLN C 281 12.68 -14.02 2.82
N ALA C 282 13.49 -13.90 1.77
CA ALA C 282 14.86 -14.39 1.77
C ALA C 282 15.81 -13.26 1.44
N PHE C 283 16.97 -13.26 2.08
CA PHE C 283 18.01 -12.28 1.85
C PHE C 283 19.20 -12.99 1.23
N TYR C 284 19.60 -12.58 0.04
CA TYR C 284 20.65 -13.24 -0.70
C TYR C 284 21.98 -12.55 -0.39
N ALA C 285 22.92 -13.32 0.14
CA ALA C 285 24.16 -12.77 0.68
C ALA C 285 25.35 -13.46 0.03
N THR C 286 26.46 -12.73 -0.05
CA THR C 286 27.71 -13.29 -0.55
C THR C 286 28.33 -14.12 0.56
N GLY C 287 28.27 -15.44 0.43
CA GLY C 287 28.78 -16.29 1.46
C GLY C 287 30.27 -16.52 1.35
N ASP C 288 30.75 -16.70 0.12
CA ASP C 288 32.14 -17.01 -0.11
C ASP C 288 32.53 -16.49 -1.48
N ILE C 289 33.82 -16.18 -1.64
CA ILE C 289 34.35 -15.74 -2.92
C ILE C 289 35.64 -16.49 -3.20
N ILE C 290 35.68 -17.20 -4.33
CA ILE C 290 36.81 -18.00 -4.76
C ILE C 290 37.05 -17.72 -6.24
N GLY C 291 38.09 -18.33 -6.78
CA GLY C 291 38.43 -18.13 -8.17
C GLY C 291 39.37 -16.97 -8.38
N ASP C 292 39.35 -16.45 -9.61
CA ASP C 292 40.22 -15.32 -9.96
C ASP C 292 39.80 -14.10 -9.17
N ILE C 293 40.71 -13.60 -8.32
CA ILE C 293 40.40 -12.49 -7.43
C ILE C 293 40.95 -11.17 -7.95
N ARG C 294 41.20 -11.07 -9.25
CA ARG C 294 41.57 -9.80 -9.83
C ARG C 294 40.40 -8.82 -9.73
N GLN C 295 40.73 -7.55 -9.57
CA GLN C 295 39.70 -6.54 -9.45
C GLN C 295 38.85 -6.48 -10.72
N ALA C 296 37.57 -6.21 -10.55
CA ALA C 296 36.68 -6.05 -11.70
C ALA C 296 37.20 -4.94 -12.60
N HIS C 297 37.13 -5.17 -13.91
CA HIS C 297 37.71 -4.22 -14.84
C HIS C 297 36.95 -4.26 -16.16
N CYS C 298 37.17 -3.22 -16.96
CA CYS C 298 36.68 -3.15 -18.33
C CYS C 298 37.86 -2.91 -19.28
N ASN C 299 37.84 -3.58 -20.42
CA ASN C 299 38.88 -3.44 -21.42
C ASN C 299 38.32 -2.71 -22.64
N VAL C 300 38.99 -1.63 -23.03
CA VAL C 300 38.69 -0.92 -24.26
C VAL C 300 39.94 -0.96 -25.13
N SER C 301 39.78 -1.34 -26.38
CA SER C 301 40.93 -1.45 -27.29
C SER C 301 41.64 -0.11 -27.40
N LYS C 302 42.96 -0.12 -27.21
CA LYS C 302 43.72 1.12 -27.19
C LYS C 302 43.81 1.74 -28.58
N ALA C 303 43.89 0.91 -29.61
CA ALA C 303 43.94 1.42 -30.97
C ALA C 303 42.58 1.97 -31.40
N THR C 304 41.51 1.25 -31.09
CA THR C 304 40.17 1.70 -31.47
C THR C 304 39.77 2.97 -30.72
N TRP C 305 40.11 3.05 -29.44
CA TRP C 305 39.76 4.26 -28.69
C TRP C 305 40.56 5.46 -29.14
N ASN C 306 41.83 5.24 -29.52
CA ASN C 306 42.65 6.37 -29.97
C ASN C 306 42.13 6.95 -31.27
N GLU C 307 41.72 6.10 -32.22
CA GLU C 307 41.18 6.61 -33.48
C GLU C 307 39.77 7.16 -33.32
N THR C 308 39.03 6.72 -32.30
CA THR C 308 37.72 7.29 -32.04
C THR C 308 37.82 8.67 -31.42
N LEU C 309 38.77 8.88 -30.50
CA LEU C 309 39.02 10.23 -30.00
C LEU C 309 39.57 11.13 -31.09
N GLY C 310 40.31 10.56 -32.05
CA GLY C 310 40.76 11.35 -33.18
C GLY C 310 39.61 11.87 -34.01
N LYS C 311 38.60 11.04 -34.22
CA LYS C 311 37.39 11.49 -34.92
C LYS C 311 36.61 12.50 -34.09
N VAL C 312 36.53 12.28 -32.78
CA VAL C 312 35.85 13.23 -31.92
C VAL C 312 36.56 14.57 -31.92
N VAL C 313 37.90 14.55 -31.85
CA VAL C 313 38.66 15.79 -31.86
C VAL C 313 38.50 16.52 -33.18
N LYS C 314 38.50 15.79 -34.29
CA LYS C 314 38.34 16.41 -35.60
C LYS C 314 37.00 17.14 -35.71
N GLN C 315 35.92 16.49 -35.24
CA GLN C 315 34.60 17.11 -35.25
C GLN C 315 34.43 18.12 -34.13
N LEU C 316 35.36 18.19 -33.19
CA LEU C 316 35.28 19.11 -32.07
C LEU C 316 36.09 20.38 -32.29
N ARG C 317 37.05 20.36 -33.21
CA ARG C 317 37.77 21.56 -33.58
C ARG C 317 36.94 22.49 -34.47
N LYS C 318 35.86 21.97 -35.07
CA LYS C 318 35.00 22.79 -35.90
C LYS C 318 34.26 23.85 -35.11
N HIS C 319 34.11 23.65 -33.79
CA HIS C 319 33.41 24.60 -32.95
C HIS C 319 34.34 25.46 -32.11
N PHE C 320 35.63 25.18 -32.11
CA PHE C 320 36.57 25.92 -31.27
C PHE C 320 37.81 26.41 -32.01
N GLY C 321 38.03 25.98 -33.24
CA GLY C 321 39.18 26.45 -33.99
C GLY C 321 40.11 25.34 -34.43
N ASN C 322 40.83 25.57 -35.53
CA ASN C 322 41.77 24.57 -36.02
C ASN C 322 43.05 24.53 -35.21
N ASN C 323 43.48 25.66 -34.67
CA ASN C 323 44.73 25.76 -33.94
C ASN C 323 44.57 25.55 -32.43
N THR C 324 43.35 25.32 -31.96
CA THR C 324 43.15 25.13 -30.53
C THR C 324 43.63 23.74 -30.10
N ILE C 325 43.95 23.62 -28.82
CA ILE C 325 44.47 22.39 -28.25
C ILE C 325 43.33 21.68 -27.53
N ILE C 326 42.95 20.51 -28.01
CA ILE C 326 41.88 19.72 -27.41
C ILE C 326 42.50 18.73 -26.45
N ARG C 327 42.19 18.87 -25.16
CA ARG C 327 42.73 18.03 -24.12
C ARG C 327 41.59 17.33 -23.40
N PHE C 328 41.72 16.01 -23.24
CA PHE C 328 40.75 15.21 -22.52
C PHE C 328 41.31 14.89 -21.14
N ALA C 329 40.67 15.41 -20.10
CA ALA C 329 41.00 15.07 -18.74
C ALA C 329 39.94 14.14 -18.16
N ASN C 330 40.16 13.70 -16.93
CA ASN C 330 39.22 12.78 -16.29
C ASN C 330 38.26 13.57 -15.39
N SER C 331 37.28 12.84 -14.84
CA SER C 331 36.18 13.47 -14.13
C SER C 331 36.69 14.28 -12.95
N SER C 332 36.05 15.42 -12.70
CA SER C 332 36.52 16.35 -11.69
C SER C 332 36.33 15.81 -10.28
N GLY C 333 35.07 15.61 -9.89
CA GLY C 333 34.79 15.15 -8.54
C GLY C 333 33.29 15.08 -8.30
N GLY C 334 32.95 14.55 -7.13
CA GLY C 334 31.56 14.40 -6.77
C GLY C 334 31.22 13.01 -6.26
N ASP C 335 30.00 12.55 -6.53
CA ASP C 335 29.59 11.22 -6.12
C ASP C 335 30.29 10.17 -6.97
N LEU C 336 30.34 8.94 -6.45
CA LEU C 336 30.90 7.84 -7.23
C LEU C 336 30.05 7.55 -8.46
N GLU C 337 28.76 7.87 -8.41
CA GLU C 337 27.91 7.67 -9.57
C GLU C 337 28.17 8.68 -10.68
N VAL C 338 28.83 9.79 -10.37
CA VAL C 338 29.09 10.83 -11.35
C VAL C 338 30.57 10.94 -11.74
N THR C 339 31.48 10.48 -10.88
CA THR C 339 32.90 10.47 -11.20
C THR C 339 33.33 9.21 -11.93
N THR C 340 32.45 8.22 -12.05
CA THR C 340 32.80 6.94 -12.63
C THR C 340 31.79 6.58 -13.71
N HIS C 341 32.21 5.68 -14.60
CA HIS C 341 31.32 5.12 -15.63
C HIS C 341 30.44 4.10 -14.93
N SER C 342 29.44 4.62 -14.22
CA SER C 342 28.46 3.78 -13.56
C SER C 342 27.60 3.08 -14.60
N PHE C 343 27.41 1.78 -14.44
CA PHE C 343 26.51 1.04 -15.31
C PHE C 343 26.17 -0.29 -14.65
N ASN C 344 25.25 -1.01 -15.29
CA ASN C 344 24.82 -2.33 -14.86
C ASN C 344 25.24 -3.33 -15.92
N CYS C 345 25.79 -4.47 -15.50
CA CYS C 345 26.18 -5.50 -16.44
C CYS C 345 26.12 -6.87 -15.79
N GLY C 346 25.18 -7.69 -16.25
CA GLY C 346 24.96 -9.01 -15.70
C GLY C 346 24.24 -9.00 -14.38
N GLY C 347 23.49 -7.94 -14.09
CA GLY C 347 22.76 -7.81 -12.85
C GLY C 347 23.57 -7.23 -11.71
N GLU C 348 24.86 -6.98 -11.90
CA GLU C 348 25.71 -6.43 -10.86
C GLU C 348 26.26 -5.10 -11.33
N PHE C 349 26.26 -4.11 -10.44
CA PHE C 349 26.48 -2.72 -10.80
C PHE C 349 27.95 -2.38 -10.69
N PHE C 350 28.53 -1.88 -11.77
CA PHE C 350 29.94 -1.53 -11.85
C PHE C 350 30.11 -0.01 -11.78
N TYR C 351 31.31 0.41 -11.38
CA TYR C 351 31.67 1.82 -11.31
C TYR C 351 33.13 1.96 -11.74
N CYS C 352 33.34 2.16 -13.04
CA CYS C 352 34.66 2.10 -13.64
C CYS C 352 35.32 3.47 -13.66
N ASN C 353 36.64 3.49 -13.57
CA ASN C 353 37.37 4.73 -13.35
C ASN C 353 37.33 5.65 -14.58
N THR C 354 37.63 5.09 -15.75
CA THR C 354 37.69 5.87 -17.00
C THR C 354 38.57 7.10 -16.85
N SER C 355 39.71 6.94 -16.20
CA SER C 355 40.76 7.96 -16.19
C SER C 355 41.86 7.66 -17.19
N GLY C 356 41.90 6.45 -17.73
CA GLY C 356 42.84 6.13 -18.78
C GLY C 356 42.19 6.29 -20.14
N LEU C 357 40.85 6.28 -20.16
CA LEU C 357 40.14 6.61 -21.40
C LEU C 357 40.32 8.07 -21.74
N PHE C 358 40.06 8.96 -20.78
CA PHE C 358 40.13 10.40 -20.99
C PHE C 358 41.42 10.91 -20.38
N ASN C 359 42.52 10.72 -21.12
CA ASN C 359 43.81 11.26 -20.72
C ASN C 359 44.65 11.41 -21.99
N SER C 360 44.65 12.62 -22.56
CA SER C 360 45.33 12.85 -23.82
C SER C 360 45.31 14.33 -24.13
N THR C 361 46.29 14.76 -24.91
CA THR C 361 46.36 16.13 -25.42
C THR C 361 46.56 16.08 -26.92
N TRP C 362 45.74 16.81 -27.66
CA TRP C 362 45.73 16.75 -29.12
C TRP C 362 46.20 18.08 -29.68
N ILE C 363 47.27 18.04 -30.46
CA ILE C 363 47.89 19.22 -31.05
C ILE C 363 47.51 19.28 -32.53
N SER C 364 47.29 20.49 -33.03
CA SER C 364 46.94 20.68 -34.43
C SER C 364 48.00 20.13 -35.37
N ASN C 377 46.05 -4.79 -30.76
CA ASN C 377 46.27 -5.86 -29.81
C ASN C 377 46.27 -5.34 -28.37
N ASP C 378 46.83 -4.15 -28.18
CA ASP C 378 46.91 -3.55 -26.87
C ASP C 378 45.52 -3.11 -26.41
N SER C 379 45.35 -2.96 -25.11
CA SER C 379 44.05 -2.68 -24.52
C SER C 379 44.20 -1.73 -23.34
N ILE C 380 43.11 -1.06 -23.01
CA ILE C 380 43.04 -0.14 -21.87
C ILE C 380 42.16 -0.78 -20.82
N THR C 381 42.71 -0.97 -19.62
CA THR C 381 42.00 -1.64 -18.54
C THR C 381 41.53 -0.60 -17.53
N LEU C 382 40.22 -0.56 -17.30
CA LEU C 382 39.63 0.42 -16.40
C LEU C 382 39.23 -0.27 -15.10
N PRO C 383 39.86 0.06 -13.97
CA PRO C 383 39.50 -0.60 -12.71
C PRO C 383 38.12 -0.18 -12.25
N CYS C 384 37.25 -1.17 -12.05
CA CYS C 384 35.86 -0.92 -11.69
C CYS C 384 35.58 -1.42 -10.29
N ARG C 385 34.91 -0.61 -9.50
CA ARG C 385 34.38 -1.04 -8.22
C ARG C 385 32.96 -1.56 -8.40
N ILE C 386 32.47 -2.27 -7.39
CA ILE C 386 31.13 -2.84 -7.43
C ILE C 386 30.42 -2.47 -6.15
N LYS C 387 29.14 -2.15 -6.25
CA LYS C 387 28.30 -1.86 -5.11
C LYS C 387 27.06 -2.75 -5.17
N GLN C 388 26.47 -2.99 -4.00
CA GLN C 388 25.21 -3.69 -3.91
C GLN C 388 24.05 -2.83 -3.48
N ILE C 389 24.31 -1.70 -2.84
CA ILE C 389 23.27 -0.77 -2.41
C ILE C 389 23.28 0.40 -3.38
N ILE C 390 22.21 0.51 -4.18
CA ILE C 390 22.16 1.41 -5.32
C ILE C 390 21.09 2.47 -5.09
N ASN C 391 21.50 3.74 -5.16
CA ASN C 391 20.56 4.86 -5.26
C ASN C 391 20.65 5.32 -6.71
N MET C 392 19.79 4.76 -7.56
CA MET C 392 20.03 4.86 -8.99
C MET C 392 19.68 6.24 -9.55
N TRP C 393 18.42 6.64 -9.45
CA TRP C 393 17.97 7.84 -10.16
C TRP C 393 18.27 9.11 -9.39
N GLN C 394 19.52 9.27 -8.95
CA GLN C 394 19.99 10.49 -8.28
C GLN C 394 19.03 10.96 -7.20
N ARG C 395 18.43 10.01 -6.50
CA ARG C 395 17.45 10.31 -5.46
C ARG C 395 17.99 9.91 -4.10
N ILE C 396 17.36 10.44 -3.06
CA ILE C 396 17.68 10.12 -1.68
C ILE C 396 16.43 9.56 -1.03
N GLY C 397 16.58 8.44 -0.32
CA GLY C 397 15.48 7.83 0.39
C GLY C 397 14.91 6.60 -0.26
N GLN C 398 15.36 6.23 -1.45
CA GLN C 398 14.91 5.02 -2.14
C GLN C 398 16.15 4.32 -2.68
N CYS C 399 16.75 3.45 -1.87
CA CYS C 399 17.87 2.65 -2.29
C CYS C 399 17.39 1.30 -2.81
N MET C 400 18.32 0.48 -3.27
CA MET C 400 17.99 -0.87 -3.72
C MET C 400 19.19 -1.75 -3.46
N TYR C 401 18.96 -2.93 -2.91
CA TYR C 401 20.03 -3.89 -2.66
C TYR C 401 20.08 -4.88 -3.82
N ALA C 402 21.11 -4.77 -4.64
CA ALA C 402 21.29 -5.71 -5.73
C ALA C 402 21.89 -6.99 -5.20
N PRO C 403 21.19 -8.13 -5.29
CA PRO C 403 21.69 -9.35 -4.69
C PRO C 403 22.88 -9.89 -5.45
N PRO C 404 23.72 -10.71 -4.81
CA PRO C 404 24.89 -11.24 -5.50
C PRO C 404 24.49 -12.10 -6.70
N ILE C 405 25.30 -12.04 -7.73
CA ILE C 405 25.11 -12.87 -8.92
C ILE C 405 26.05 -14.06 -8.82
N GLN C 406 25.49 -15.26 -8.85
CA GLN C 406 26.29 -16.47 -8.76
C GLN C 406 27.18 -16.60 -10.00
N GLY C 407 28.45 -16.89 -9.78
CA GLY C 407 29.34 -17.19 -10.87
C GLY C 407 30.13 -15.98 -11.34
N VAL C 408 30.76 -16.16 -12.49
CA VAL C 408 31.59 -15.15 -13.12
C VAL C 408 30.73 -14.31 -14.06
N ILE C 409 30.90 -13.00 -14.01
CA ILE C 409 30.13 -12.08 -14.84
C ILE C 409 30.99 -11.59 -16.00
N ARG C 410 30.44 -11.67 -17.21
CA ARG C 410 31.15 -11.25 -18.41
C ARG C 410 30.22 -10.36 -19.21
N CYS C 411 30.80 -9.48 -20.02
CA CYS C 411 30.16 -8.25 -20.48
C CYS C 411 30.70 -7.87 -21.85
N VAL C 412 29.81 -7.60 -22.80
CA VAL C 412 30.21 -7.07 -24.10
C VAL C 412 29.24 -5.96 -24.47
N SER C 413 29.74 -4.73 -24.54
CA SER C 413 28.91 -3.58 -24.84
C SER C 413 29.58 -2.73 -25.90
N ASN C 414 28.78 -1.87 -26.53
CA ASN C 414 29.26 -0.91 -27.51
C ASN C 414 29.20 0.48 -26.88
N ILE C 415 30.34 1.18 -26.88
CA ILE C 415 30.33 2.60 -26.53
C ILE C 415 29.91 3.36 -27.78
N THR C 416 28.67 3.85 -27.78
CA THR C 416 28.12 4.54 -28.94
C THR C 416 28.07 6.04 -28.74
N GLY C 417 28.65 6.56 -27.67
CA GLY C 417 28.60 7.99 -27.44
C GLY C 417 29.35 8.38 -26.19
N LEU C 418 29.36 9.68 -25.93
CA LEU C 418 30.01 10.26 -24.77
C LEU C 418 29.13 11.36 -24.22
N ILE C 419 29.39 11.74 -22.97
CA ILE C 419 28.81 12.94 -22.39
C ILE C 419 29.97 13.73 -21.79
N LEU C 420 30.30 14.85 -22.41
CA LEU C 420 31.46 15.64 -22.02
C LEU C 420 31.02 16.96 -21.40
N THR C 421 31.88 17.51 -20.55
CA THR C 421 31.73 18.86 -20.03
C THR C 421 33.02 19.61 -20.29
N ARG C 422 32.90 20.88 -20.64
CA ARG C 422 34.06 21.69 -20.97
C ARG C 422 34.44 22.58 -19.80
N ASP C 423 35.74 22.82 -19.67
CA ASP C 423 36.27 23.67 -18.61
C ASP C 423 36.30 25.12 -19.06
N GLY C 424 35.84 26.01 -18.19
CA GLY C 424 35.78 27.43 -18.50
C GLY C 424 37.13 28.09 -18.70
N SER C 429 42.97 31.64 -23.51
CA SER C 429 43.76 30.41 -23.56
C SER C 429 43.46 29.62 -24.82
N THR C 430 44.48 28.96 -25.35
CA THR C 430 44.36 28.18 -26.57
C THR C 430 44.05 26.70 -26.31
N THR C 431 43.86 26.32 -25.05
CA THR C 431 43.64 24.93 -24.68
C THR C 431 42.22 24.77 -24.14
N GLU C 432 41.47 23.83 -24.71
CA GLU C 432 40.13 23.49 -24.26
C GLU C 432 40.16 22.09 -23.67
N THR C 433 39.73 21.95 -22.42
CA THR C 433 39.77 20.68 -21.70
C THR C 433 38.36 20.13 -21.58
N PHE C 434 38.19 18.87 -22.01
CA PHE C 434 36.89 18.22 -22.03
C PHE C 434 36.89 17.06 -21.06
N ARG C 435 36.28 17.24 -19.93
CA ARG C 435 36.12 16.20 -18.93
C ARG C 435 34.82 15.43 -19.19
N PRO C 436 34.78 14.14 -18.85
CA PRO C 436 33.51 13.40 -18.98
C PRO C 436 32.49 13.92 -17.98
N GLY C 437 31.22 13.81 -18.36
CA GLY C 437 30.15 14.32 -17.53
C GLY C 437 29.06 13.30 -17.30
N GLY C 438 27.87 13.76 -16.94
CA GLY C 438 26.77 12.85 -16.70
C GLY C 438 25.94 13.22 -15.50
N GLY C 439 25.49 12.22 -14.75
CA GLY C 439 24.63 12.44 -13.61
C GLY C 439 23.17 12.49 -13.99
N ASP C 440 22.80 13.44 -14.86
CA ASP C 440 21.43 13.58 -15.31
C ASP C 440 21.13 12.49 -16.33
N MET C 441 20.23 11.57 -15.98
CA MET C 441 19.94 10.44 -16.85
C MET C 441 19.20 10.85 -18.11
N ARG C 442 18.70 12.09 -18.17
CA ARG C 442 17.94 12.51 -19.34
C ARG C 442 18.83 12.69 -20.55
N ASP C 443 20.10 13.06 -20.37
CA ASP C 443 21.01 13.19 -21.50
C ASP C 443 21.32 11.86 -22.15
N ASN C 444 21.05 10.74 -21.46
CA ASN C 444 21.25 9.43 -22.07
C ASN C 444 20.14 9.12 -23.07
N TRP C 445 18.90 9.44 -22.72
CA TRP C 445 17.77 9.23 -23.61
C TRP C 445 17.52 10.39 -24.55
N ARG C 446 18.08 11.57 -24.25
CA ARG C 446 18.09 12.66 -25.21
C ARG C 446 18.92 12.32 -26.43
N SER C 447 19.85 11.37 -26.31
CA SER C 447 20.67 10.93 -27.43
C SER C 447 19.96 9.92 -28.32
N GLU C 448 18.85 9.36 -27.88
CA GLU C 448 18.05 8.45 -28.70
C GLU C 448 16.79 9.10 -29.25
N LEU C 449 16.25 10.10 -28.56
CA LEU C 449 15.04 10.80 -28.97
C LEU C 449 15.36 12.18 -29.54
N TYR C 450 16.56 12.36 -30.09
CA TYR C 450 16.91 13.64 -30.68
C TYR C 450 16.25 13.85 -32.03
N LYS C 451 16.00 12.78 -32.77
CA LYS C 451 15.47 12.86 -34.12
C LYS C 451 13.94 12.85 -34.16
N TYR C 452 13.28 12.63 -33.04
CA TYR C 452 11.82 12.48 -33.02
C TYR C 452 11.16 13.74 -32.48
N LYS C 453 9.91 13.95 -32.89
CA LYS C 453 9.15 15.12 -32.50
C LYS C 453 7.67 14.77 -32.57
N VAL C 454 6.91 15.24 -31.59
CA VAL C 454 5.48 14.97 -31.50
C VAL C 454 4.72 16.22 -31.94
N VAL C 455 3.79 16.05 -32.86
CA VAL C 455 2.98 17.16 -33.37
C VAL C 455 1.51 16.83 -33.21
N LYS C 456 0.70 17.87 -33.16
CA LYS C 456 -0.74 17.76 -33.02
C LYS C 456 -1.39 18.11 -34.35
N ILE C 457 -2.17 17.19 -34.90
CA ILE C 457 -2.79 17.41 -36.20
C ILE C 457 -3.95 18.38 -36.05
N GLU C 458 -3.97 19.42 -36.90
CA GLU C 458 -5.03 20.40 -36.94
C GLU C 458 -5.79 20.22 -38.25
N PRO C 459 -6.82 19.36 -38.29
CA PRO C 459 -7.40 18.94 -39.57
C PRO C 459 -8.44 19.88 -40.14
N LEU C 460 -8.74 20.98 -39.48
CA LEU C 460 -9.81 21.89 -39.90
C LEU C 460 -9.19 23.19 -40.38
N GLY C 461 -9.25 23.44 -41.68
CA GLY C 461 -8.68 24.63 -42.25
C GLY C 461 -9.62 25.26 -43.25
N VAL C 462 -9.58 26.58 -43.32
CA VAL C 462 -10.43 27.36 -44.21
C VAL C 462 -9.55 28.04 -45.25
N ALA C 463 -10.10 28.25 -46.44
CA ALA C 463 -9.35 28.82 -47.54
C ALA C 463 -10.33 29.40 -48.55
N PRO C 464 -9.90 30.37 -49.36
CA PRO C 464 -10.81 30.95 -50.35
C PRO C 464 -10.97 30.08 -51.57
N THR C 465 -12.17 30.09 -52.13
CA THR C 465 -12.47 29.32 -53.33
C THR C 465 -13.67 29.98 -54.01
N ARG C 466 -13.84 29.70 -55.29
CA ARG C 466 -14.94 30.25 -56.08
C ARG C 466 -16.29 29.62 -55.73
N CYS C 467 -16.35 28.78 -54.68
CA CYS C 467 -17.62 28.18 -54.29
C CYS C 467 -18.63 29.21 -53.85
N LYS C 468 -19.88 28.77 -53.78
CA LYS C 468 -20.94 29.52 -53.12
C LYS C 468 -22.03 28.53 -52.77
N ARG C 469 -22.33 28.38 -51.49
CA ARG C 469 -23.34 27.43 -51.06
C ARG C 469 -24.69 27.76 -51.70
N ARG C 470 -25.36 26.73 -52.20
CA ARG C 470 -26.65 26.90 -52.84
C ARG C 470 -27.78 26.72 -51.84
N PHE D 11 -0.82 6.46 -53.77
CA PHE D 11 -1.11 6.63 -52.35
C PHE D 11 0.14 7.04 -51.58
N LEU D 12 0.09 8.22 -50.95
CA LEU D 12 1.23 8.75 -50.22
C LEU D 12 1.23 8.35 -48.75
N GLY D 13 0.07 8.16 -48.15
CA GLY D 13 -0.03 7.80 -46.75
C GLY D 13 -0.42 8.98 -45.88
N PHE D 14 -0.44 8.73 -44.58
CA PHE D 14 -0.79 9.75 -43.61
C PHE D 14 0.21 10.90 -43.66
N LEU D 15 -0.30 12.12 -43.82
CA LEU D 15 0.50 13.34 -43.96
C LEU D 15 1.45 13.27 -45.15
N GLY D 16 1.18 12.40 -46.11
CA GLY D 16 2.06 12.29 -47.27
C GLY D 16 2.05 13.56 -48.11
N ALA D 17 0.88 14.17 -48.27
CA ALA D 17 0.74 15.39 -49.05
C ALA D 17 0.99 16.65 -48.23
N ALA D 18 1.75 16.55 -47.14
CA ALA D 18 2.04 17.73 -46.33
C ALA D 18 2.87 18.74 -47.10
N GLY D 19 3.76 18.27 -47.97
CA GLY D 19 4.55 19.15 -48.81
C GLY D 19 3.96 19.46 -50.16
N SER D 20 2.86 18.80 -50.55
CA SER D 20 2.21 19.08 -51.81
C SER D 20 1.53 20.43 -51.78
N THR D 21 1.21 20.94 -52.97
CA THR D 21 0.47 22.19 -53.07
C THR D 21 -0.93 21.99 -52.52
N MET D 22 -1.57 23.11 -52.17
CA MET D 22 -2.90 23.05 -51.58
C MET D 22 -3.90 22.36 -52.49
N GLY D 23 -3.73 22.49 -53.80
CA GLY D 23 -4.60 21.78 -54.72
C GLY D 23 -4.40 20.28 -54.67
N ALA D 24 -3.15 19.82 -54.67
CA ALA D 24 -2.88 18.39 -54.65
C ALA D 24 -3.10 17.78 -53.28
N ALA D 25 -2.88 18.55 -52.21
CA ALA D 25 -3.08 18.04 -50.86
C ALA D 25 -4.55 17.83 -50.53
N SER D 26 -5.44 18.49 -51.27
CA SER D 26 -6.88 18.34 -51.05
C SER D 26 -7.42 17.06 -51.66
N MET D 27 -6.64 16.34 -52.47
CA MET D 27 -7.08 15.05 -52.97
C MET D 27 -7.14 14.02 -51.86
N THR D 28 -6.38 14.22 -50.80
CA THR D 28 -6.14 13.22 -49.75
C THR D 28 -6.58 13.73 -48.40
N LEU D 29 -7.74 14.37 -48.33
CA LEU D 29 -8.25 14.81 -47.04
C LEU D 29 -8.76 13.65 -46.21
N THR D 30 -9.21 12.58 -46.85
CA THR D 30 -9.70 11.42 -46.12
C THR D 30 -8.58 10.62 -45.48
N VAL D 31 -7.34 10.79 -45.93
CA VAL D 31 -6.23 10.07 -45.33
C VAL D 31 -5.95 10.59 -43.93
N GLN D 32 -5.94 11.92 -43.76
CA GLN D 32 -5.73 12.50 -42.44
C GLN D 32 -6.98 12.43 -41.58
N ALA D 33 -8.16 12.44 -42.20
CA ALA D 33 -9.40 12.43 -41.44
C ALA D 33 -9.57 11.13 -40.66
N ARG D 34 -9.22 10.00 -41.27
CA ARG D 34 -9.43 8.72 -40.61
C ARG D 34 -8.37 8.41 -39.57
N ASN D 35 -7.28 9.17 -39.53
CA ASN D 35 -6.20 8.94 -38.58
C ASN D 35 -6.29 9.83 -37.35
N LEU D 36 -7.38 10.57 -37.20
CA LEU D 36 -7.58 11.45 -36.06
C LEU D 36 -8.40 10.80 -34.95
N LEU D 37 -8.74 9.53 -35.08
CA LEU D 37 -9.71 8.93 -34.19
C LEU D 37 -9.17 7.65 -33.55
N SER D 38 -8.36 6.91 -34.30
CA SER D 38 -7.75 5.69 -33.78
C SER D 38 -6.38 5.44 -34.39
N VAL D 62 -1.78 3.18 -13.02
CA VAL D 62 -1.60 4.54 -13.50
C VAL D 62 -1.15 4.50 -14.95
N TRP D 63 -0.58 3.37 -15.37
CA TRP D 63 -0.18 3.20 -16.75
C TRP D 63 -1.37 2.96 -17.67
N GLY D 64 -2.43 2.35 -17.15
CA GLY D 64 -3.67 2.30 -17.90
C GLY D 64 -4.32 3.65 -18.08
N ILE D 65 -4.24 4.50 -17.05
CA ILE D 65 -4.85 5.82 -17.12
C ILE D 65 -4.13 6.69 -18.13
N LYS D 66 -2.80 6.55 -18.25
CA LYS D 66 -2.06 7.32 -19.24
C LYS D 66 -2.56 7.02 -20.64
N GLN D 67 -2.71 5.73 -20.96
CA GLN D 67 -3.31 5.35 -22.24
C GLN D 67 -4.78 5.74 -22.31
N LEU D 68 -5.51 5.56 -21.21
CA LEU D 68 -6.95 5.82 -21.23
C LEU D 68 -7.25 7.31 -21.36
N GLN D 69 -6.44 8.17 -20.74
CA GLN D 69 -6.68 9.59 -20.84
C GLN D 69 -6.29 10.13 -22.21
N ALA D 70 -5.34 9.50 -22.88
CA ALA D 70 -5.01 9.88 -24.25
C ALA D 70 -6.14 9.52 -25.21
N ARG D 71 -6.82 8.40 -24.95
CA ARG D 71 -7.96 8.03 -25.78
C ARG D 71 -9.11 9.01 -25.63
N VAL D 72 -9.39 9.46 -24.41
CA VAL D 72 -10.46 10.41 -24.19
C VAL D 72 -10.13 11.76 -24.81
N LEU D 73 -8.86 12.15 -24.75
CA LEU D 73 -8.46 13.42 -25.34
C LEU D 73 -8.67 13.42 -26.86
N ALA D 74 -8.37 12.30 -27.51
CA ALA D 74 -8.56 12.21 -28.95
C ALA D 74 -10.03 12.27 -29.32
N VAL D 75 -10.89 11.67 -28.50
CA VAL D 75 -12.32 11.65 -28.80
C VAL D 75 -12.92 13.04 -28.68
N GLU D 76 -12.63 13.73 -27.57
CA GLU D 76 -13.22 15.05 -27.39
C GLU D 76 -12.58 16.09 -28.28
N ARG D 77 -11.33 15.87 -28.68
CA ARG D 77 -10.70 16.75 -29.67
C ARG D 77 -11.34 16.57 -31.04
N TYR D 78 -11.65 15.32 -31.40
CA TYR D 78 -12.33 15.05 -32.67
C TYR D 78 -13.75 15.60 -32.67
N LEU D 79 -14.47 15.43 -31.56
CA LEU D 79 -15.87 15.85 -31.51
C LEU D 79 -16.01 17.36 -31.57
N ARG D 80 -15.04 18.10 -31.04
CA ARG D 80 -15.11 19.56 -31.11
C ARG D 80 -14.93 20.05 -32.54
N ASP D 81 -14.19 19.32 -33.37
CA ASP D 81 -14.05 19.67 -34.78
C ASP D 81 -15.30 19.30 -35.56
N GLN D 82 -15.91 18.16 -35.25
CA GLN D 82 -17.17 17.78 -35.90
C GLN D 82 -18.29 18.72 -35.49
N GLN D 83 -18.29 19.17 -34.23
CA GLN D 83 -19.30 20.12 -33.79
C GLN D 83 -19.17 21.44 -34.53
N LEU D 84 -17.93 21.90 -34.75
CA LEU D 84 -17.71 23.13 -35.50
C LEU D 84 -18.23 23.03 -36.92
N LEU D 85 -17.97 21.89 -37.58
CA LEU D 85 -18.49 21.70 -38.92
C LEU D 85 -20.01 21.65 -38.92
N GLY D 86 -20.59 21.02 -37.90
CA GLY D 86 -22.04 20.91 -37.85
C GLY D 86 -22.74 22.25 -37.73
N ILE D 87 -22.17 23.16 -36.94
CA ILE D 87 -22.81 24.47 -36.76
C ILE D 87 -22.50 25.43 -37.89
N TRP D 88 -21.61 25.07 -38.81
CA TRP D 88 -21.41 25.83 -40.03
C TRP D 88 -22.17 25.24 -41.21
N GLY D 89 -22.98 24.22 -40.97
CA GLY D 89 -23.66 23.51 -42.06
C GLY D 89 -22.72 22.71 -42.93
N CYS D 90 -21.71 22.08 -42.34
CA CYS D 90 -20.72 21.32 -43.08
C CYS D 90 -20.55 19.90 -42.55
N SER D 91 -21.48 19.41 -41.74
CA SER D 91 -21.32 18.10 -41.12
C SER D 91 -21.35 17.00 -42.17
N GLY D 92 -20.44 16.04 -42.02
CA GLY D 92 -20.37 14.93 -42.95
C GLY D 92 -19.79 15.28 -44.29
N LYS D 93 -19.04 16.37 -44.41
CA LYS D 93 -18.41 16.77 -45.65
C LYS D 93 -16.95 17.11 -45.39
N LEU D 94 -16.06 16.54 -46.20
CA LEU D 94 -14.65 16.89 -46.11
C LEU D 94 -14.37 18.25 -46.73
N ILE D 95 -15.03 18.56 -47.83
CA ILE D 95 -14.96 19.87 -48.47
C ILE D 95 -16.35 20.48 -48.43
N CYS D 96 -16.46 21.65 -47.79
CA CYS D 96 -17.75 22.30 -47.61
C CYS D 96 -17.66 23.73 -48.14
N CYS D 97 -18.63 24.12 -48.96
CA CYS D 97 -18.70 25.46 -49.49
C CYS D 97 -19.63 26.30 -48.64
N THR D 98 -19.22 27.52 -48.34
CA THR D 98 -19.97 28.39 -47.45
C THR D 98 -20.44 29.64 -48.20
N ASN D 99 -21.21 30.47 -47.50
CA ASN D 99 -21.74 31.71 -48.04
C ASN D 99 -21.05 32.94 -47.44
N VAL D 100 -19.81 32.77 -46.99
CA VAL D 100 -19.04 33.87 -46.42
C VAL D 100 -18.04 34.33 -47.47
N PRO D 101 -18.16 35.54 -48.00
CA PRO D 101 -17.20 36.01 -49.01
C PRO D 101 -15.83 36.20 -48.39
N TRP D 102 -14.80 35.93 -49.18
CA TRP D 102 -13.42 36.02 -48.70
C TRP D 102 -13.00 37.48 -48.66
N ASN D 103 -13.05 38.08 -47.48
CA ASN D 103 -12.50 39.41 -47.27
C ASN D 103 -11.02 39.41 -47.64
N SER D 104 -10.63 40.38 -48.47
CA SER D 104 -9.24 40.43 -48.93
C SER D 104 -8.27 40.80 -47.81
N SER D 105 -8.77 41.33 -46.69
CA SER D 105 -7.89 41.65 -45.57
C SER D 105 -7.21 40.40 -45.03
N TRP D 106 -7.91 39.27 -45.04
CA TRP D 106 -7.32 38.02 -44.57
C TRP D 106 -6.14 37.61 -45.46
N SER D 107 -6.35 37.63 -46.77
CA SER D 107 -5.29 37.36 -47.73
C SER D 107 -5.70 37.83 -49.11
N ASN D 108 -4.90 38.69 -49.73
CA ASN D 108 -5.23 39.28 -51.02
C ASN D 108 -4.60 38.55 -52.19
N ARG D 109 -3.93 37.42 -51.94
CA ARG D 109 -3.32 36.66 -53.02
C ARG D 109 -4.39 36.05 -53.92
N ASN D 110 -4.10 35.99 -55.22
CA ASN D 110 -5.09 35.49 -56.16
C ASN D 110 -5.22 33.98 -56.03
N LEU D 111 -6.30 33.45 -56.62
CA LEU D 111 -6.62 32.03 -56.49
C LEU D 111 -5.55 31.15 -57.12
N SER D 112 -4.84 31.66 -58.12
CA SER D 112 -3.84 30.85 -58.81
C SER D 112 -2.59 30.63 -57.98
N GLU D 113 -2.26 31.56 -57.07
CA GLU D 113 -1.05 31.47 -56.27
C GLU D 113 -1.31 30.93 -54.87
N ILE D 114 -2.47 30.31 -54.65
CA ILE D 114 -2.80 29.68 -53.38
C ILE D 114 -2.95 28.18 -53.53
N TRP D 115 -3.60 27.72 -54.60
CA TRP D 115 -3.87 26.31 -54.79
C TRP D 115 -2.82 25.59 -55.60
N ASP D 116 -1.84 26.30 -56.16
CA ASP D 116 -0.82 25.67 -56.97
C ASP D 116 0.60 26.06 -56.57
N ASN D 117 0.76 27.00 -55.63
CA ASN D 117 2.07 27.42 -55.17
C ASN D 117 2.32 27.19 -53.69
N MET D 118 1.29 27.28 -52.86
CA MET D 118 1.44 27.16 -51.42
C MET D 118 1.09 25.76 -50.95
N THR D 119 1.65 25.39 -49.81
CA THR D 119 1.26 24.19 -49.10
C THR D 119 0.33 24.57 -47.94
N TRP D 120 -0.35 23.58 -47.40
CA TRP D 120 -1.32 23.86 -46.34
C TRP D 120 -0.64 24.38 -45.08
N LEU D 121 0.58 23.94 -44.80
CA LEU D 121 1.30 24.42 -43.63
C LEU D 121 1.65 25.90 -43.75
N GLN D 122 2.08 26.33 -44.94
CA GLN D 122 2.34 27.75 -45.16
C GLN D 122 1.07 28.57 -45.03
N TRP D 123 -0.04 28.05 -45.57
CA TRP D 123 -1.30 28.79 -45.53
C TRP D 123 -1.79 28.98 -44.11
N ASP D 124 -1.66 27.96 -43.27
CA ASP D 124 -2.15 28.06 -41.90
C ASP D 124 -1.42 29.14 -41.12
N LYS D 125 -0.15 29.35 -41.41
CA LYS D 125 0.61 30.40 -40.73
C LYS D 125 0.23 31.79 -41.19
N GLU D 126 -0.31 31.93 -42.41
CA GLU D 126 -0.65 33.26 -42.92
C GLU D 126 -2.00 33.73 -42.42
N ILE D 127 -2.99 32.84 -42.34
CA ILE D 127 -4.31 33.20 -41.87
C ILE D 127 -4.55 32.74 -40.44
N SER D 128 -3.48 32.55 -39.66
CA SER D 128 -3.64 32.09 -38.28
C SER D 128 -4.37 33.13 -37.44
N ASN D 129 -4.04 34.41 -37.62
CA ASN D 129 -4.69 35.45 -36.83
C ASN D 129 -6.07 35.82 -37.35
N TYR D 130 -6.39 35.46 -38.59
CA TYR D 130 -7.72 35.67 -39.16
C TYR D 130 -8.61 34.44 -39.03
N THR D 131 -8.14 33.41 -38.33
CA THR D 131 -8.92 32.18 -38.21
C THR D 131 -10.17 32.39 -37.38
N GLN D 132 -10.05 33.03 -36.22
CA GLN D 132 -11.18 33.14 -35.31
C GLN D 132 -12.27 34.04 -35.86
N ILE D 133 -11.89 35.12 -36.56
CA ILE D 133 -12.91 35.99 -37.14
C ILE D 133 -13.62 35.29 -38.29
N ILE D 134 -12.94 34.41 -39.02
CA ILE D 134 -13.60 33.61 -40.04
C ILE D 134 -14.54 32.61 -39.39
N TYR D 135 -14.14 32.03 -38.27
CA TYR D 135 -14.98 31.03 -37.60
C TYR D 135 -16.29 31.64 -37.15
N GLY D 136 -16.25 32.87 -36.64
CA GLY D 136 -17.49 33.54 -36.25
C GLY D 136 -18.40 33.84 -37.43
N LEU D 137 -17.81 34.21 -38.57
CA LEU D 137 -18.61 34.51 -39.75
C LEU D 137 -19.30 33.26 -40.28
N LEU D 138 -18.62 32.11 -40.28
CA LEU D 138 -19.24 30.87 -40.73
C LEU D 138 -20.38 30.46 -39.81
N GLU D 139 -20.20 30.65 -38.50
CA GLU D 139 -21.27 30.36 -37.56
C GLU D 139 -22.46 31.30 -37.76
N GLU D 140 -22.19 32.58 -38.02
CA GLU D 140 -23.27 33.53 -38.27
C GLU D 140 -23.91 33.33 -39.64
N SER D 141 -23.22 32.72 -40.58
CA SER D 141 -23.81 32.48 -41.90
C SER D 141 -24.77 31.30 -41.86
N GLN D 142 -24.48 30.29 -41.04
CA GLN D 142 -25.34 29.11 -41.02
C GLN D 142 -26.65 29.38 -40.32
N ASN D 143 -26.61 29.93 -39.10
CA ASN D 143 -27.85 30.19 -38.37
C ASN D 143 -28.71 31.24 -39.04
N GLN D 144 -28.12 32.07 -39.91
CA GLN D 144 -28.93 32.91 -40.79
C GLN D 144 -29.63 32.07 -41.85
N GLN D 145 -28.94 31.07 -42.39
CA GLN D 145 -29.56 30.15 -43.34
C GLN D 145 -30.51 29.20 -42.64
N GLU D 146 -30.23 28.85 -41.38
CA GLU D 146 -31.13 27.97 -40.65
C GLU D 146 -32.50 28.62 -40.47
N LYS D 147 -32.52 29.90 -40.11
CA LYS D 147 -33.78 30.60 -39.89
C LYS D 147 -34.46 30.98 -41.20
N ASN D 148 -33.68 31.38 -42.21
CA ASN D 148 -34.26 31.74 -43.50
C ASN D 148 -34.92 30.54 -44.17
N GLU D 149 -34.28 29.37 -44.10
CA GLU D 149 -34.89 28.16 -44.63
C GLU D 149 -36.05 27.71 -43.77
N GLN D 150 -35.95 27.89 -42.45
CA GLN D 150 -37.06 27.57 -41.56
C GLN D 150 -38.26 28.46 -41.83
N ASP D 151 -38.03 29.74 -42.10
CA ASP D 151 -39.12 30.65 -42.43
C ASP D 151 -39.71 30.32 -43.80
N LEU D 152 -38.85 30.09 -44.79
CA LEU D 152 -39.34 29.82 -46.14
C LEU D 152 -40.07 28.48 -46.21
N LEU D 153 -39.74 27.54 -45.32
CA LEU D 153 -40.37 26.24 -45.34
C LEU D 153 -41.80 26.28 -44.83
N ALA D 154 -42.19 27.34 -44.13
CA ALA D 154 -43.54 27.49 -43.61
C ALA D 154 -44.47 28.19 -44.59
N LEU D 155 -43.99 28.57 -45.76
CA LEU D 155 -44.80 29.26 -46.75
C LEU D 155 -45.50 28.27 -47.67
N LEU E 2 -50.54 22.58 -37.28
CA LEU E 2 -49.37 22.64 -36.42
C LEU E 2 -48.60 21.33 -36.47
N TRP E 3 -47.28 21.42 -36.53
CA TRP E 3 -46.42 20.25 -36.70
C TRP E 3 -45.29 20.31 -35.69
N VAL E 4 -44.80 19.13 -35.32
CA VAL E 4 -43.71 19.02 -34.35
C VAL E 4 -42.40 19.44 -35.02
N THR E 5 -41.70 20.37 -34.41
CA THR E 5 -40.37 20.78 -34.85
C THR E 5 -39.39 20.62 -33.70
N VAL E 6 -38.22 20.06 -33.99
CA VAL E 6 -37.25 19.69 -32.97
C VAL E 6 -36.19 20.77 -32.88
N TYR E 7 -36.02 21.32 -31.68
CA TYR E 7 -35.00 22.33 -31.41
C TYR E 7 -33.91 21.71 -30.56
N TYR E 8 -32.66 21.81 -31.01
CA TYR E 8 -31.53 21.30 -30.26
C TYR E 8 -30.74 22.49 -29.71
N GLY E 9 -30.52 22.49 -28.41
CA GLY E 9 -29.84 23.57 -27.74
C GLY E 9 -30.72 24.50 -26.94
N VAL E 10 -31.92 24.07 -26.57
CA VAL E 10 -32.84 24.91 -25.81
C VAL E 10 -32.30 25.13 -24.41
N PRO E 11 -32.51 26.32 -23.82
CA PRO E 11 -32.03 26.57 -22.45
C PRO E 11 -32.95 25.96 -21.40
N VAL E 12 -32.88 24.63 -21.28
CA VAL E 12 -33.68 23.88 -20.33
C VAL E 12 -32.75 23.04 -19.48
N TRP E 13 -32.98 23.02 -18.17
CA TRP E 13 -32.15 22.27 -17.24
C TRP E 13 -33.03 21.53 -16.24
N LYS E 14 -32.55 20.38 -15.80
CA LYS E 14 -33.13 19.62 -14.70
C LYS E 14 -32.13 19.55 -13.56
N ASP E 15 -32.65 19.33 -12.36
CA ASP E 15 -31.79 19.11 -11.21
C ASP E 15 -31.02 17.81 -11.36
N ALA E 16 -29.74 17.83 -11.01
CA ALA E 16 -28.93 16.64 -11.18
C ALA E 16 -27.85 16.57 -10.11
N GLU E 17 -27.37 15.36 -9.87
CA GLU E 17 -26.22 15.10 -9.03
C GLU E 17 -25.09 14.57 -9.91
N THR E 18 -23.92 15.17 -9.80
CA THR E 18 -22.79 14.80 -10.64
C THR E 18 -21.50 15.02 -9.86
N THR E 19 -20.39 14.68 -10.50
CA THR E 19 -19.07 14.83 -9.90
C THR E 19 -18.44 16.13 -10.40
N LEU E 20 -18.40 17.13 -9.53
CA LEU E 20 -17.76 18.40 -9.84
C LEU E 20 -16.27 18.28 -9.59
N PHE E 21 -15.47 18.84 -10.49
CA PHE E 21 -14.02 18.75 -10.36
C PHE E 21 -13.46 20.02 -9.72
N CYS E 22 -12.40 19.83 -8.94
CA CYS E 22 -11.76 20.92 -8.23
C CYS E 22 -11.06 21.87 -9.19
N ALA E 23 -10.78 23.07 -8.69
CA ALA E 23 -10.01 24.05 -9.45
C ALA E 23 -9.42 25.05 -8.48
N SER E 24 -8.14 25.39 -8.69
CA SER E 24 -7.42 26.31 -7.82
C SER E 24 -6.60 27.25 -8.68
N ASP E 25 -6.30 28.42 -8.12
CA ASP E 25 -5.48 29.40 -8.81
C ASP E 25 -4.32 29.86 -7.93
N LYS E 33 5.25 24.49 -1.92
CA LYS E 33 4.86 23.80 -0.69
C LYS E 33 3.54 23.07 -0.88
N HIS E 34 3.55 21.75 -0.66
CA HIS E 34 2.34 20.96 -0.83
C HIS E 34 1.32 21.27 0.26
N ASN E 35 0.06 21.05 -0.08
CA ASN E 35 -1.06 21.28 0.83
C ASN E 35 -1.85 19.99 0.99
N VAL E 36 -2.64 19.94 2.08
CA VAL E 36 -3.54 18.81 2.29
C VAL E 36 -4.52 18.70 1.13
N TRP E 37 -5.18 19.80 0.80
CA TRP E 37 -6.05 19.88 -0.37
C TRP E 37 -5.30 20.55 -1.52
N ALA E 38 -4.27 19.85 -1.97
CA ALA E 38 -3.24 20.44 -2.83
C ALA E 38 -3.79 20.76 -4.21
N THR E 39 -2.98 21.48 -4.97
CA THR E 39 -3.26 21.81 -6.36
C THR E 39 -2.84 20.71 -7.32
N HIS E 40 -2.23 19.64 -6.83
CA HIS E 40 -1.89 18.49 -7.66
C HIS E 40 -3.07 17.55 -7.87
N ALA E 41 -4.18 17.76 -7.17
CA ALA E 41 -5.43 17.03 -7.40
C ALA E 41 -6.52 17.99 -7.85
N CYS E 42 -6.14 19.11 -8.44
CA CYS E 42 -7.08 20.12 -8.92
C CYS E 42 -6.62 20.59 -10.29
N VAL E 43 -7.36 21.55 -10.85
CA VAL E 43 -7.14 22.04 -12.21
C VAL E 43 -6.97 23.55 -12.16
N PRO E 44 -6.10 24.14 -12.97
CA PRO E 44 -6.03 25.60 -13.02
C PRO E 44 -7.35 26.23 -13.45
N THR E 45 -7.66 27.39 -12.87
CA THR E 45 -8.89 28.11 -13.17
C THR E 45 -8.67 29.02 -14.38
N ASP E 46 -9.62 29.90 -14.64
CA ASP E 46 -9.54 30.83 -15.76
C ASP E 46 -9.33 32.26 -15.27
N GLN E 50 -17.39 35.10 -17.01
CA GLN E 50 -17.46 33.84 -16.28
C GLN E 50 -18.85 33.63 -15.70
N GLU E 51 -19.43 34.69 -15.15
CA GLU E 51 -20.75 34.64 -14.56
C GLU E 51 -21.74 35.32 -15.49
N ILE E 52 -22.86 34.65 -15.76
CA ILE E 52 -23.87 35.12 -16.69
C ILE E 52 -25.17 35.29 -15.92
N HIS E 53 -25.77 36.47 -16.00
CA HIS E 53 -27.00 36.74 -15.27
C HIS E 53 -28.18 36.25 -16.09
N LEU E 54 -28.96 35.35 -15.49
CA LEU E 54 -30.13 34.76 -16.13
C LEU E 54 -31.36 35.55 -15.71
N GLU E 55 -31.80 36.46 -16.56
CA GLU E 55 -32.92 37.31 -16.23
C GLU E 55 -34.24 36.55 -16.36
N ASN E 56 -35.20 36.95 -15.53
CA ASN E 56 -36.55 36.39 -15.47
C ASN E 56 -36.56 34.92 -15.03
N VAL E 57 -35.43 34.39 -14.58
CA VAL E 57 -35.33 33.00 -14.16
C VAL E 57 -35.47 32.95 -12.64
N THR E 58 -36.45 32.18 -12.16
CA THR E 58 -36.69 32.00 -10.74
C THR E 58 -36.55 30.51 -10.43
N GLU E 59 -35.39 30.11 -9.93
CA GLU E 59 -35.09 28.73 -9.62
C GLU E 59 -35.30 28.47 -8.13
N GLU E 60 -35.61 27.21 -7.81
CA GLU E 60 -35.82 26.79 -6.43
C GLU E 60 -34.55 26.10 -5.92
N PHE E 61 -33.94 26.68 -4.90
CA PHE E 61 -32.74 26.12 -4.29
C PHE E 61 -33.10 25.39 -3.01
N ASN E 62 -32.17 24.55 -2.55
CA ASN E 62 -32.34 23.82 -1.30
C ASN E 62 -30.95 23.54 -0.75
N MET E 63 -30.48 24.39 0.17
CA MET E 63 -29.15 24.22 0.71
C MET E 63 -29.01 23.01 1.61
N TRP E 64 -30.13 22.42 2.02
CA TRP E 64 -30.11 21.31 2.97
C TRP E 64 -30.13 19.94 2.32
N LYS E 65 -30.54 19.86 1.06
CA LYS E 65 -30.42 18.64 0.26
C LYS E 65 -29.56 18.89 -0.96
N ASN E 66 -28.47 19.62 -0.76
CA ASN E 66 -27.53 19.93 -1.82
C ASN E 66 -26.44 18.87 -1.84
N ASN E 67 -26.17 18.31 -3.02
CA ASN E 67 -25.19 17.25 -3.13
C ASN E 67 -23.76 17.76 -3.23
N MET E 68 -23.57 19.05 -3.51
CA MET E 68 -22.21 19.59 -3.46
C MET E 68 -21.66 19.55 -2.04
N VAL E 69 -22.53 19.79 -1.06
CA VAL E 69 -22.11 19.69 0.33
C VAL E 69 -21.68 18.27 0.67
N GLU E 70 -22.45 17.28 0.22
CA GLU E 70 -22.11 15.89 0.49
C GLU E 70 -20.87 15.47 -0.28
N GLN E 71 -20.67 15.98 -1.48
CA GLN E 71 -19.48 15.63 -2.25
C GLN E 71 -18.24 16.34 -1.71
N MET E 72 -18.37 17.61 -1.32
CA MET E 72 -17.22 18.32 -0.77
C MET E 72 -16.74 17.69 0.53
N HIS E 73 -17.67 17.18 1.35
CA HIS E 73 -17.26 16.47 2.55
C HIS E 73 -16.43 15.25 2.20
N THR E 74 -16.83 14.50 1.18
CA THR E 74 -16.07 13.33 0.75
C THR E 74 -14.70 13.74 0.22
N ASP E 75 -14.64 14.83 -0.53
CA ASP E 75 -13.39 15.24 -1.16
C ASP E 75 -12.41 15.86 -0.18
N ILE E 76 -12.92 16.62 0.80
CA ILE E 76 -12.04 17.20 1.83
C ILE E 76 -11.46 16.08 2.69
N ILE E 77 -12.26 15.08 3.02
CA ILE E 77 -11.74 13.89 3.69
C ILE E 77 -10.73 13.16 2.81
N SER E 78 -11.07 12.98 1.53
CA SER E 78 -10.20 12.20 0.65
C SER E 78 -8.85 12.86 0.47
N LEU E 79 -8.82 14.18 0.32
CA LEU E 79 -7.55 14.88 0.21
C LEU E 79 -6.80 14.89 1.54
N TRP E 80 -7.51 14.72 2.65
CA TRP E 80 -6.84 14.63 3.95
C TRP E 80 -6.07 13.34 4.08
N ASP E 81 -6.73 12.20 3.83
CA ASP E 81 -6.07 10.91 3.93
C ASP E 81 -4.98 10.78 2.88
N GLN E 82 -5.23 11.27 1.66
CA GLN E 82 -4.25 11.17 0.59
C GLN E 82 -2.97 11.93 0.93
N SER E 83 -3.06 12.94 1.78
CA SER E 83 -1.91 13.74 2.18
C SER E 83 -1.17 13.18 3.39
N LEU E 84 -1.68 12.12 4.00
CA LEU E 84 -1.08 11.54 5.19
C LEU E 84 -0.44 10.18 4.97
N LYS E 85 -0.80 9.49 3.89
CA LYS E 85 -0.19 8.19 3.61
C LYS E 85 1.33 8.25 3.42
N PRO E 86 1.92 9.21 2.71
CA PRO E 86 3.36 9.11 2.40
C PRO E 86 4.30 9.44 3.56
N CYS E 87 3.80 9.77 4.75
CA CYS E 87 4.67 10.17 5.84
C CYS E 87 4.44 9.30 7.08
N VAL E 88 5.20 9.62 8.13
CA VAL E 88 5.57 8.64 9.15
C VAL E 88 4.35 8.08 9.85
N LYS E 89 4.33 6.76 10.02
CA LYS E 89 3.36 6.06 10.86
C LYS E 89 4.04 5.76 12.20
N LEU E 90 3.41 6.20 13.28
CA LEU E 90 4.01 6.10 14.61
C LEU E 90 3.57 4.84 15.35
N THR E 91 3.78 3.68 14.75
CA THR E 91 3.60 2.43 15.47
C THR E 91 4.57 2.27 16.64
N PRO E 92 5.85 2.62 16.56
CA PRO E 92 6.73 2.46 17.73
C PRO E 92 6.35 3.34 18.90
N LEU E 93 5.49 4.35 18.72
CA LEU E 93 5.14 5.23 19.83
C LEU E 93 4.20 4.59 20.84
N CYS E 94 3.65 3.41 20.54
CA CYS E 94 3.02 2.60 21.58
C CYS E 94 4.05 1.79 22.34
N VAL E 95 4.69 2.47 23.27
CA VAL E 95 5.50 1.85 24.31
C VAL E 95 4.91 2.30 25.64
N THR E 96 5.44 1.78 26.74
CA THR E 96 5.05 2.26 28.05
C THR E 96 5.83 3.53 28.37
N LEU E 97 5.11 4.56 28.82
CA LEU E 97 5.70 5.85 29.12
C LEU E 97 5.81 6.00 30.63
N GLN E 98 6.97 6.44 31.11
CA GLN E 98 7.16 6.77 32.52
C GLN E 98 7.06 8.28 32.66
N CYS E 99 5.88 8.77 33.00
CA CYS E 99 5.56 10.20 32.93
C CYS E 99 5.58 10.82 34.32
N THR E 100 6.27 11.94 34.44
CA THR E 100 6.24 12.76 35.64
C THR E 100 5.70 14.14 35.31
N ASN E 101 5.26 14.84 36.34
CA ASN E 101 4.76 16.19 36.15
C ASN E 101 5.89 17.12 35.72
N VAL E 102 5.50 18.20 35.03
CA VAL E 102 6.49 19.20 34.62
C VAL E 102 6.65 20.29 35.67
N THR E 103 5.59 20.65 36.39
CA THR E 103 5.64 21.74 37.35
C THR E 103 5.59 21.30 38.80
N ASN E 104 4.93 20.18 39.10
CA ASN E 104 4.80 19.66 40.47
C ASN E 104 4.24 20.72 41.42
N ASN E 105 3.22 21.43 40.96
CA ASN E 105 2.60 22.48 41.75
C ASN E 105 1.19 22.77 41.27
N ASP E 108 -2.51 26.40 36.64
CA ASP E 108 -2.81 27.72 36.12
C ASP E 108 -1.99 28.01 34.85
N ASP E 109 -0.86 27.32 34.73
CA ASP E 109 0.08 27.57 33.65
C ASP E 109 -0.11 26.55 32.54
N MET E 110 0.66 26.71 31.47
CA MET E 110 0.73 25.69 30.44
C MET E 110 1.37 24.42 30.96
N ARG E 111 2.33 24.54 31.89
CA ARG E 111 3.07 23.39 32.38
C ARG E 111 2.23 22.48 33.26
N GLY E 112 1.06 22.93 33.70
CA GLY E 112 0.15 22.04 34.39
C GLY E 112 -0.67 21.18 33.46
N GLU E 113 -0.54 21.41 32.16
CA GLU E 113 -1.23 20.63 31.13
C GLU E 113 -0.34 19.56 30.52
N LEU E 114 0.91 19.49 30.95
CA LEU E 114 1.93 18.65 30.31
C LEU E 114 2.39 17.56 31.26
N LYS E 115 2.75 16.41 30.67
CA LYS E 115 3.42 15.33 31.37
C LYS E 115 4.78 15.12 30.72
N ASN E 116 5.82 14.98 31.53
CA ASN E 116 7.20 14.75 31.03
C ASN E 116 7.45 13.26 30.98
N CYS E 117 7.28 12.67 29.80
CA CYS E 117 7.18 11.24 29.60
C CYS E 117 8.47 10.70 29.01
N SER E 118 9.03 9.69 29.65
CA SER E 118 10.26 9.06 29.20
C SER E 118 9.97 7.64 28.75
N PHE E 119 10.58 7.23 27.63
CA PHE E 119 10.25 5.96 27.03
C PHE E 119 11.43 5.44 26.23
N ASN E 120 11.43 4.13 25.97
CA ASN E 120 12.41 3.50 25.11
C ASN E 120 11.90 3.52 23.68
N MET E 121 12.71 4.04 22.77
CA MET E 121 12.33 4.15 21.37
C MET E 121 13.32 3.38 20.51
N THR E 122 12.85 2.91 19.37
CA THR E 122 13.72 2.22 18.43
C THR E 122 14.72 3.20 17.82
N THR E 123 15.87 2.66 17.45
CA THR E 123 16.89 3.43 16.75
C THR E 123 16.83 3.08 15.26
N GLU E 124 17.60 3.81 14.46
CA GLU E 124 17.71 3.48 13.05
C GLU E 124 18.33 2.10 12.82
N LEU E 125 19.02 1.56 13.83
CA LEU E 125 19.49 0.18 13.80
C LEU E 125 18.53 -0.66 14.62
N ARG E 126 18.11 -1.79 14.04
CA ARG E 126 17.00 -2.55 14.61
C ARG E 126 17.32 -3.10 15.99
N ASP E 127 18.58 -3.43 16.24
CA ASP E 127 18.97 -4.10 17.48
C ASP E 127 19.36 -3.14 18.60
N LYS E 128 19.25 -1.83 18.39
CA LYS E 128 19.62 -0.83 19.38
C LYS E 128 18.39 -0.05 19.80
N LYS E 129 18.30 0.26 21.09
CA LYS E 129 17.21 1.07 21.61
C LYS E 129 17.70 2.50 21.89
N GLN E 130 16.79 3.31 22.41
CA GLN E 130 17.03 4.75 22.52
C GLN E 130 16.17 5.27 23.66
N LYS E 131 16.79 5.59 24.78
CA LYS E 131 16.08 6.15 25.93
C LYS E 131 15.87 7.64 25.66
N VAL E 132 14.65 8.02 25.32
CA VAL E 132 14.31 9.39 24.99
C VAL E 132 13.16 9.84 25.87
N TYR E 133 12.88 11.14 25.82
CA TYR E 133 11.78 11.72 26.56
C TYR E 133 11.11 12.79 25.72
N SER E 134 9.89 13.13 26.10
CA SER E 134 9.12 14.16 25.42
C SER E 134 8.06 14.68 26.37
N LEU E 135 7.60 15.91 26.10
CA LEU E 135 6.52 16.50 26.87
C LEU E 135 5.21 16.25 26.13
N PHE E 136 4.35 15.42 26.72
CA PHE E 136 3.07 15.08 26.14
C PHE E 136 1.98 15.79 26.92
N TYR E 137 0.99 16.30 26.22
CA TYR E 137 -0.16 16.90 26.87
C TYR E 137 -0.91 15.83 27.66
N ARG E 138 -1.51 16.23 28.78
CA ARG E 138 -2.27 15.28 29.57
C ARG E 138 -3.47 14.73 28.81
N LEU E 139 -3.89 15.40 27.74
CA LEU E 139 -5.00 14.94 26.93
C LEU E 139 -4.60 13.84 25.96
N ASP E 140 -3.31 13.54 25.84
CA ASP E 140 -2.83 12.52 24.91
C ASP E 140 -2.33 11.27 25.60
N VAL E 141 -2.17 11.27 26.91
CA VAL E 141 -1.62 10.14 27.64
C VAL E 141 -2.68 9.60 28.59
N VAL E 142 -2.81 8.28 28.63
CA VAL E 142 -3.75 7.58 29.49
C VAL E 142 -2.96 6.68 30.43
N GLN E 143 -3.26 6.76 31.71
CA GLN E 143 -2.51 5.99 32.70
C GLN E 143 -2.83 4.50 32.59
N ILE E 144 -1.84 3.67 32.91
CA ILE E 144 -1.98 2.23 32.94
C ILE E 144 -1.93 1.78 34.39
N ASN E 145 -2.96 1.06 34.83
CA ASN E 145 -2.99 0.54 36.19
C ASN E 145 -3.11 -0.98 36.18
N ASN E 156 7.02 8.71 39.12
CA ASN E 156 6.91 8.38 37.71
C ASN E 156 5.99 7.18 37.47
N LYS E 157 4.71 7.47 37.25
CA LYS E 157 3.74 6.43 36.96
C LYS E 157 3.91 5.97 35.51
N GLU E 158 3.08 5.01 35.09
CA GLU E 158 3.15 4.45 33.75
C GLU E 158 1.94 4.91 32.94
N TYR E 159 2.20 5.43 31.75
CA TYR E 159 1.17 5.97 30.88
C TYR E 159 1.30 5.35 29.50
N ARG E 160 0.41 5.77 28.60
CA ARG E 160 0.48 5.38 27.21
C ARG E 160 -0.31 6.39 26.40
N LEU E 161 -0.01 6.47 25.10
CA LEU E 161 -0.70 7.40 24.25
C LEU E 161 -2.17 7.03 24.13
N ILE E 162 -3.02 8.05 23.97
CA ILE E 162 -4.47 7.84 24.11
C ILE E 162 -5.01 6.98 22.96
N ASN E 163 -4.64 7.27 21.73
CA ASN E 163 -5.07 6.46 20.59
C ASN E 163 -3.98 5.44 20.28
N CYS E 164 -3.96 4.43 21.14
CA CYS E 164 -3.08 3.28 21.03
C CYS E 164 -3.80 1.95 21.17
N ASN E 165 -4.96 1.91 21.79
CA ASN E 165 -5.80 0.72 21.75
C ASN E 165 -6.78 0.75 20.59
N THR E 166 -6.86 1.86 19.87
CA THR E 166 -7.76 1.98 18.73
C THR E 166 -7.06 2.01 17.38
N SER E 167 -5.86 2.58 17.32
CA SER E 167 -5.14 2.68 16.04
C SER E 167 -3.71 3.14 16.31
N ALA E 168 -2.96 3.29 15.24
CA ALA E 168 -1.65 3.91 15.26
C ALA E 168 -1.73 5.25 14.54
N CYS E 169 -1.03 6.24 15.09
CA CYS E 169 -1.19 7.62 14.65
C CYS E 169 -0.15 7.94 13.58
N THR E 170 -0.61 8.08 12.35
CA THR E 170 0.27 8.56 11.30
C THR E 170 0.64 10.02 11.58
N GLN E 171 1.94 10.28 11.68
CA GLN E 171 2.40 11.61 12.07
C GLN E 171 2.00 12.62 11.01
N ALA E 172 1.48 13.76 11.45
CA ALA E 172 1.18 14.83 10.51
C ALA E 172 2.47 15.27 9.85
N CYS E 173 2.54 15.07 8.54
CA CYS E 173 3.81 15.16 7.84
C CYS E 173 4.32 16.61 7.89
N PRO E 174 5.56 16.84 8.27
CA PRO E 174 5.98 18.20 8.64
C PRO E 174 6.07 19.16 7.47
N LYS E 175 6.13 18.68 6.24
CA LYS E 175 6.31 19.56 5.10
C LYS E 175 5.00 19.91 4.39
N VAL E 176 3.87 19.40 4.85
CA VAL E 176 2.57 19.76 4.30
C VAL E 176 1.88 20.69 5.29
N SER E 177 1.27 21.76 4.76
CA SER E 177 0.62 22.76 5.59
C SER E 177 -0.86 22.46 5.73
N PHE E 178 -1.42 22.81 6.88
CA PHE E 178 -2.85 22.69 7.13
C PHE E 178 -3.63 23.94 6.72
N GLU E 179 -2.95 24.95 6.22
CA GLU E 179 -3.64 26.18 5.82
C GLU E 179 -4.59 25.89 4.67
N PRO E 180 -5.86 26.27 4.77
CA PRO E 180 -6.81 26.00 3.68
C PRO E 180 -6.60 26.97 2.54
N ILE E 181 -6.49 26.42 1.32
CA ILE E 181 -6.42 27.24 0.12
C ILE E 181 -7.78 27.19 -0.55
N PRO E 182 -8.22 28.26 -1.18
CA PRO E 182 -9.54 28.25 -1.81
C PRO E 182 -9.60 27.28 -2.96
N ILE E 183 -10.69 26.51 -3.02
CA ILE E 183 -10.92 25.54 -4.07
C ILE E 183 -12.26 25.85 -4.73
N HIS E 184 -12.27 25.81 -6.06
CA HIS E 184 -13.47 26.06 -6.84
C HIS E 184 -13.98 24.74 -7.39
N TYR E 185 -15.24 24.43 -7.13
CA TYR E 185 -15.86 23.20 -7.63
C TYR E 185 -16.54 23.52 -8.95
N CYS E 186 -16.02 22.97 -10.04
CA CYS E 186 -16.48 23.33 -11.37
C CYS E 186 -17.21 22.17 -12.02
N ALA E 187 -18.34 22.47 -12.66
CA ALA E 187 -19.21 21.45 -13.25
C ALA E 187 -18.65 20.96 -14.58
N PRO E 188 -18.85 19.68 -14.91
CA PRO E 188 -18.36 19.17 -16.20
C PRO E 188 -19.21 19.64 -17.36
N ALA E 189 -18.90 19.17 -18.56
CA ALA E 189 -19.68 19.54 -19.74
C ALA E 189 -21.07 18.93 -19.68
N GLY E 190 -22.05 19.70 -20.15
CA GLY E 190 -23.44 19.28 -20.06
C GLY E 190 -24.13 19.65 -18.78
N PHE E 191 -23.40 20.22 -17.82
CA PHE E 191 -23.95 20.67 -16.55
C PHE E 191 -23.64 22.14 -16.37
N ALA E 192 -24.41 22.79 -15.50
CA ALA E 192 -24.19 24.19 -15.16
C ALA E 192 -24.39 24.36 -13.67
N ILE E 193 -23.72 25.37 -13.11
CA ILE E 193 -23.84 25.70 -11.69
C ILE E 193 -24.65 26.98 -11.61
N LEU E 194 -25.82 26.89 -10.98
CA LEU E 194 -26.68 28.04 -10.78
C LEU E 194 -26.36 28.69 -9.45
N LYS E 195 -26.15 30.01 -9.46
CA LYS E 195 -25.78 30.76 -8.28
C LYS E 195 -26.89 31.72 -7.93
N CYS E 196 -27.41 31.62 -6.71
CA CYS E 196 -28.49 32.49 -6.25
C CYS E 196 -27.90 33.81 -5.76
N LYS E 197 -28.21 34.89 -6.47
CA LYS E 197 -27.71 36.21 -6.13
C LYS E 197 -28.64 36.99 -5.21
N ASP E 198 -29.73 36.37 -4.76
CA ASP E 198 -30.63 37.03 -3.83
C ASP E 198 -29.94 37.25 -2.49
N LYS E 199 -30.11 38.44 -1.92
CA LYS E 199 -29.45 38.79 -0.67
C LYS E 199 -30.27 38.46 0.56
N LYS E 200 -31.55 38.13 0.39
CA LYS E 200 -32.40 37.71 1.49
C LYS E 200 -32.73 36.24 1.42
N PHE E 201 -32.02 35.49 0.56
CA PHE E 201 -32.31 34.08 0.38
C PHE E 201 -31.84 33.31 1.60
N ASN E 202 -32.79 32.80 2.38
CA ASN E 202 -32.40 32.00 3.53
C ASN E 202 -31.67 30.71 3.18
N GLY E 203 -32.36 29.66 2.75
CA GLY E 203 -31.69 28.52 2.18
C GLY E 203 -32.57 27.71 1.25
N THR E 204 -33.79 28.17 1.02
CA THR E 204 -34.83 27.31 0.46
C THR E 204 -35.88 28.17 -0.21
N GLY E 205 -36.47 27.63 -1.28
CA GLY E 205 -37.55 28.30 -1.97
C GLY E 205 -37.06 29.02 -3.20
N PRO E 206 -37.94 29.79 -3.85
CA PRO E 206 -37.55 30.47 -5.08
C PRO E 206 -36.47 31.51 -4.83
N CYS E 207 -35.61 31.69 -5.83
CA CYS E 207 -34.57 32.72 -5.80
C CYS E 207 -34.75 33.61 -7.02
N PRO E 208 -35.24 34.84 -6.85
CA PRO E 208 -35.53 35.69 -8.03
C PRO E 208 -34.34 35.99 -8.91
N SER E 209 -33.15 36.15 -8.33
CA SER E 209 -31.96 36.50 -9.10
C SER E 209 -31.03 35.29 -9.16
N VAL E 210 -30.82 34.75 -10.36
CA VAL E 210 -30.02 33.57 -10.55
C VAL E 210 -28.96 33.88 -11.60
N SER E 211 -27.82 33.19 -11.50
CA SER E 211 -26.74 33.36 -12.45
C SER E 211 -26.11 32.00 -12.72
N THR E 212 -25.56 31.86 -13.93
CA THR E 212 -24.81 30.66 -14.30
C THR E 212 -23.33 30.99 -14.22
N VAL E 213 -22.67 30.50 -13.20
CA VAL E 213 -21.23 30.66 -13.04
C VAL E 213 -20.55 29.45 -13.65
N GLN E 214 -19.38 29.67 -14.23
CA GLN E 214 -18.58 28.53 -14.65
C GLN E 214 -18.28 27.63 -13.47
N CYS E 215 -17.89 28.23 -12.34
CA CYS E 215 -17.83 27.51 -11.07
C CYS E 215 -17.62 28.46 -9.91
N THR E 216 -17.70 27.89 -8.70
CA THR E 216 -17.95 28.64 -7.48
C THR E 216 -16.77 29.53 -7.12
N HIS E 217 -17.03 30.46 -6.20
CA HIS E 217 -15.97 31.26 -5.64
C HIS E 217 -15.06 30.37 -4.80
N GLY E 218 -13.87 30.88 -4.52
CA GLY E 218 -12.91 30.13 -3.73
C GLY E 218 -13.43 29.82 -2.34
N ILE E 219 -13.75 28.55 -2.09
CA ILE E 219 -14.28 28.10 -0.81
C ILE E 219 -13.11 27.53 -0.02
N LYS E 220 -12.70 28.25 1.02
CA LYS E 220 -11.64 27.76 1.89
C LYS E 220 -12.19 26.68 2.80
N PRO E 221 -11.64 25.48 2.77
CA PRO E 221 -12.13 24.40 3.67
C PRO E 221 -11.63 24.57 5.09
N VAL E 222 -12.08 25.64 5.75
CA VAL E 222 -11.71 25.88 7.14
C VAL E 222 -12.48 24.90 8.02
N VAL E 223 -11.74 24.10 8.78
CA VAL E 223 -12.32 23.07 9.64
C VAL E 223 -12.40 23.62 11.05
N SER E 224 -13.62 23.75 11.57
CA SER E 224 -13.83 24.32 12.90
C SER E 224 -15.20 23.90 13.38
N THR E 225 -15.40 24.05 14.70
CA THR E 225 -16.68 23.73 15.31
C THR E 225 -17.17 24.93 16.13
N GLN E 226 -18.50 25.08 16.16
CA GLN E 226 -19.21 26.07 16.96
C GLN E 226 -19.05 27.50 16.45
N LEU E 227 -18.14 27.71 15.50
CA LEU E 227 -17.86 29.04 14.98
C LEU E 227 -17.33 28.87 13.58
N LEU E 228 -17.86 29.63 12.63
CA LEU E 228 -17.43 29.53 11.23
C LEU E 228 -16.31 30.53 11.04
N LEU E 229 -15.08 30.10 11.30
CA LEU E 229 -13.94 30.98 11.16
C LEU E 229 -13.65 31.27 9.70
N ASN E 230 -13.32 32.53 9.40
CA ASN E 230 -13.08 32.97 8.04
C ASN E 230 -14.26 32.67 7.14
N GLY E 231 -14.09 32.78 5.83
CA GLY E 231 -15.19 32.49 4.94
C GLY E 231 -15.91 33.73 4.46
N SER E 232 -17.20 33.59 4.15
CA SER E 232 -17.97 34.61 3.45
C SER E 232 -18.99 35.22 4.39
N LEU E 233 -19.12 36.55 4.34
CA LEU E 233 -20.07 37.28 5.16
C LEU E 233 -21.41 37.39 4.46
N ALA E 234 -22.43 37.72 5.24
CA ALA E 234 -23.72 38.09 4.66
C ALA E 234 -23.62 39.47 4.03
N GLU E 235 -24.61 39.80 3.21
CA GLU E 235 -24.55 41.05 2.45
C GLU E 235 -25.17 42.22 3.20
N GLU E 236 -26.38 42.06 3.72
CA GLU E 236 -27.06 43.19 4.33
C GLU E 236 -27.40 43.00 5.80
N GLU E 237 -27.66 41.77 6.24
CA GLU E 237 -28.04 41.55 7.63
C GLU E 237 -27.76 40.10 7.99
N VAL E 238 -27.64 39.85 9.30
CA VAL E 238 -27.37 38.51 9.81
C VAL E 238 -28.45 37.56 9.33
N MET E 239 -28.04 36.44 8.74
CA MET E 239 -28.95 35.48 8.15
C MET E 239 -29.06 34.24 9.02
N ILE E 240 -30.28 33.85 9.33
CA ILE E 240 -30.57 32.64 10.10
C ILE E 240 -31.04 31.58 9.12
N ARG E 241 -30.42 30.41 9.17
CA ARG E 241 -30.67 29.35 8.18
C ARG E 241 -30.80 28.02 8.90
N SER E 242 -32.01 27.49 8.96
CA SER E 242 -32.27 26.19 9.54
C SER E 242 -33.12 25.37 8.59
N GLU E 243 -32.90 24.05 8.59
CA GLU E 243 -33.72 23.18 7.76
C GLU E 243 -35.18 23.22 8.17
N ASN E 244 -35.43 23.21 9.48
CA ASN E 244 -36.78 23.37 10.01
C ASN E 244 -36.64 24.13 11.33
N ILE E 245 -36.90 25.42 11.30
CA ILE E 245 -36.66 26.28 12.46
C ILE E 245 -37.50 25.85 13.65
N THR E 246 -38.63 25.19 13.42
CA THR E 246 -39.48 24.71 14.50
C THR E 246 -39.02 23.38 15.06
N ASN E 247 -38.02 22.74 14.46
CA ASN E 247 -37.48 21.49 14.94
C ASN E 247 -36.18 21.76 15.68
N ASN E 248 -36.14 21.40 16.97
CA ASN E 248 -34.97 21.67 17.79
C ASN E 248 -33.82 20.71 17.52
N ALA E 249 -34.04 19.66 16.74
CA ALA E 249 -32.99 18.71 16.38
C ALA E 249 -32.18 19.16 15.18
N LYS E 250 -32.51 20.30 14.59
CA LYS E 250 -31.83 20.82 13.41
C LYS E 250 -30.94 21.99 13.81
N ASN E 251 -29.70 21.97 13.35
CA ASN E 251 -28.77 23.05 13.64
C ASN E 251 -29.20 24.33 12.92
N ILE E 252 -28.89 25.47 13.55
CA ILE E 252 -29.18 26.78 13.00
C ILE E 252 -27.86 27.39 12.54
N LEU E 253 -27.77 27.71 11.25
CA LEU E 253 -26.54 28.26 10.68
C LEU E 253 -26.68 29.78 10.60
N VAL E 254 -26.17 30.46 11.61
CA VAL E 254 -26.15 31.91 11.61
C VAL E 254 -25.00 32.39 10.75
N GLN E 255 -25.22 33.44 9.97
CA GLN E 255 -24.18 34.05 9.15
C GLN E 255 -24.14 35.53 9.44
N PHE E 256 -22.96 36.03 9.79
CA PHE E 256 -22.82 37.43 10.17
C PHE E 256 -22.70 38.31 8.93
N ASN E 257 -23.02 39.60 9.11
CA ASN E 257 -22.77 40.60 8.08
C ASN E 257 -21.48 41.36 8.29
N THR E 258 -21.07 41.54 9.54
CA THR E 258 -19.78 42.11 9.88
C THR E 258 -18.97 41.08 10.68
N PRO E 259 -17.76 40.75 10.26
CA PRO E 259 -17.00 39.70 10.95
C PRO E 259 -16.61 40.12 12.36
N VAL E 260 -16.52 39.13 13.24
CA VAL E 260 -16.02 39.31 14.60
C VAL E 260 -14.62 38.72 14.65
N GLN E 261 -13.63 39.58 14.84
CA GLN E 261 -12.24 39.14 14.80
C GLN E 261 -11.89 38.43 16.11
N ILE E 262 -11.24 37.28 15.99
CA ILE E 262 -10.82 36.48 17.14
C ILE E 262 -9.32 36.25 17.03
N ASN E 263 -8.60 36.51 18.11
CA ASN E 263 -7.14 36.39 18.14
C ASN E 263 -6.72 35.24 19.04
N CYS E 264 -5.90 34.34 18.50
CA CYS E 264 -5.43 33.13 19.16
C CYS E 264 -4.13 33.45 19.85
N THR E 265 -3.66 32.54 20.68
CA THR E 265 -2.23 32.50 20.92
C THR E 265 -1.89 31.24 21.70
N ARG E 266 -0.66 30.77 21.50
CA ARG E 266 0.02 29.88 22.43
C ARG E 266 1.28 30.62 22.86
N PRO E 267 1.29 31.26 24.03
CA PRO E 267 2.41 32.15 24.37
C PRO E 267 3.74 31.44 24.53
N ASN E 268 3.74 30.13 24.73
CA ASN E 268 4.97 29.39 25.00
C ASN E 268 5.92 29.45 23.81
N ASN E 269 7.22 29.49 24.10
CA ASN E 269 8.23 29.29 23.07
C ASN E 269 8.60 27.81 23.09
N ASN E 270 7.94 27.04 22.26
CA ASN E 270 8.15 25.60 22.20
C ASN E 270 9.51 25.29 21.58
N THR E 271 10.06 24.14 21.95
CA THR E 271 11.32 23.65 21.38
C THR E 271 11.08 22.26 20.81
N ARG E 272 10.84 22.19 19.50
CA ARG E 272 10.67 20.91 18.83
C ARG E 272 11.97 20.13 18.85
N LYS E 273 11.87 18.83 19.11
CA LYS E 273 13.01 17.93 19.19
C LYS E 273 12.76 16.74 18.27
N SER E 274 13.79 16.32 17.54
CA SER E 274 13.68 15.25 16.56
C SER E 274 14.24 13.95 17.13
N ILE E 275 13.47 12.87 16.98
CA ILE E 275 13.86 11.54 17.40
C ILE E 275 13.83 10.62 16.19
N ARG E 276 14.93 9.91 15.94
CA ARG E 276 15.01 8.98 14.81
C ARG E 276 14.46 7.64 15.26
N ILE E 277 13.20 7.36 14.91
CA ILE E 277 12.55 6.12 15.31
C ILE E 277 12.81 4.97 14.36
N GLY E 278 13.50 5.23 13.26
CA GLY E 278 13.78 4.19 12.29
C GLY E 278 14.61 4.74 11.15
N PRO E 279 14.89 3.91 10.14
CA PRO E 279 15.66 4.40 9.00
C PRO E 279 14.90 5.39 8.16
N GLY E 280 15.28 6.67 8.25
CA GLY E 280 14.65 7.72 7.48
C GLY E 280 13.42 8.32 8.13
N GLN E 281 12.92 7.74 9.21
CA GLN E 281 11.74 8.22 9.90
C GLN E 281 12.16 9.00 11.15
N ALA E 282 11.57 10.17 11.33
CA ALA E 282 11.85 11.02 12.48
C ALA E 282 10.56 11.33 13.22
N PHE E 283 10.64 11.37 14.54
CA PHE E 283 9.52 11.70 15.40
C PHE E 283 9.82 13.03 16.08
N TYR E 284 8.95 14.02 15.86
CA TYR E 284 9.17 15.36 16.36
C TYR E 284 8.47 15.50 17.70
N ALA E 285 9.24 15.81 18.73
CA ALA E 285 8.77 15.79 20.10
C ALA E 285 9.03 17.13 20.76
N THR E 286 8.18 17.47 21.73
CA THR E 286 8.37 18.67 22.53
C THR E 286 9.45 18.41 23.56
N GLY E 287 10.63 18.96 23.34
CA GLY E 287 11.73 18.71 24.25
C GLY E 287 11.70 19.60 25.47
N ASP E 288 11.38 20.88 25.25
CA ASP E 288 11.40 21.85 26.33
C ASP E 288 10.38 22.94 26.01
N ILE E 289 9.87 23.57 27.07
CA ILE E 289 8.95 24.69 26.93
C ILE E 289 9.39 25.81 27.85
N ILE E 290 9.63 26.97 27.27
CA ILE E 290 10.08 28.16 27.98
C ILE E 290 9.26 29.35 27.47
N GLY E 291 9.50 30.52 28.07
CA GLY E 291 8.79 31.70 27.68
C GLY E 291 7.52 31.90 28.48
N ASP E 292 6.61 32.66 27.89
CA ASP E 292 5.33 32.95 28.54
C ASP E 292 4.53 31.66 28.66
N ILE E 293 4.24 31.25 29.90
CA ILE E 293 3.58 29.98 30.15
C ILE E 293 2.09 30.17 30.46
N ARG E 294 1.52 31.30 30.04
CA ARG E 294 0.07 31.46 30.16
C ARG E 294 -0.64 30.46 29.27
N GLN E 295 -1.81 30.01 29.72
CA GLN E 295 -2.57 29.04 28.95
C GLN E 295 -2.96 29.62 27.60
N ALA E 296 -2.99 28.77 26.59
CA ALA E 296 -3.43 29.19 25.27
C ALA E 296 -4.83 29.74 25.34
N HIS E 297 -5.09 30.83 24.61
CA HIS E 297 -6.37 31.51 24.72
C HIS E 297 -6.70 32.20 23.42
N CYS E 298 -7.97 32.55 23.28
CA CYS E 298 -8.47 33.38 22.18
C CYS E 298 -9.17 34.59 22.74
N ASN E 299 -8.96 35.75 22.11
CA ASN E 299 -9.57 37.00 22.53
C ASN E 299 -10.60 37.42 21.50
N VAL E 300 -11.82 37.67 21.95
CA VAL E 300 -12.89 38.22 21.13
C VAL E 300 -13.32 39.53 21.78
N SER E 301 -13.38 40.59 20.99
CA SER E 301 -13.75 41.90 21.52
C SER E 301 -15.12 41.84 22.19
N LYS E 302 -15.21 42.34 23.41
CA LYS E 302 -16.45 42.23 24.18
C LYS E 302 -17.53 43.14 23.60
N ALA E 303 -17.14 44.32 23.11
CA ALA E 303 -18.11 45.22 22.50
C ALA E 303 -18.59 44.70 21.16
N THR E 304 -17.67 44.20 20.33
CA THR E 304 -18.05 43.69 19.01
C THR E 304 -18.91 42.44 19.12
N TRP E 305 -18.58 41.55 20.06
CA TRP E 305 -19.38 40.34 20.22
C TRP E 305 -20.76 40.65 20.78
N ASN E 306 -20.86 41.64 21.66
CA ASN E 306 -22.17 41.97 22.23
C ASN E 306 -23.11 42.54 21.18
N GLU E 307 -22.60 43.40 20.29
CA GLU E 307 -23.44 43.96 19.24
C GLU E 307 -23.72 42.94 18.13
N THR E 308 -22.86 41.94 17.97
CA THR E 308 -23.12 40.88 17.00
C THR E 308 -24.20 39.93 17.50
N LEU E 309 -24.18 39.59 18.79
CA LEU E 309 -25.29 38.81 19.34
C LEU E 309 -26.58 39.62 19.35
N GLY E 310 -26.48 40.94 19.47
CA GLY E 310 -27.67 41.77 19.36
C GLY E 310 -28.30 41.68 17.99
N LYS E 311 -27.47 41.64 16.94
CA LYS E 311 -27.98 41.46 15.59
C LYS E 311 -28.53 40.05 15.39
N VAL E 312 -27.86 39.05 15.96
CA VAL E 312 -28.34 37.68 15.86
C VAL E 312 -29.68 37.54 16.58
N VAL E 313 -29.81 38.14 17.75
CA VAL E 313 -31.05 38.06 18.50
C VAL E 313 -32.19 38.76 17.75
N LYS E 314 -31.89 39.92 17.16
CA LYS E 314 -32.92 40.64 16.41
C LYS E 314 -33.45 39.81 15.25
N GLN E 315 -32.56 39.16 14.50
CA GLN E 315 -32.96 38.30 13.40
C GLN E 315 -33.47 36.95 13.88
N LEU E 316 -33.33 36.64 15.16
CA LEU E 316 -33.77 35.36 15.71
C LEU E 316 -35.13 35.46 16.39
N ARG E 317 -35.56 36.67 16.76
CA ARG E 317 -36.91 36.86 17.28
C ARG E 317 -37.96 36.82 16.19
N LYS E 318 -37.57 36.97 14.93
CA LYS E 318 -38.51 36.90 13.82
C LYS E 318 -39.10 35.52 13.65
N HIS E 319 -38.44 34.49 14.16
CA HIS E 319 -38.93 33.13 14.03
C HIS E 319 -39.55 32.58 15.31
N PHE E 320 -39.45 33.32 16.43
CA PHE E 320 -39.96 32.84 17.70
C PHE E 320 -40.84 33.84 18.44
N GLY E 321 -40.91 35.08 17.99
CA GLY E 321 -41.76 36.06 18.65
C GLY E 321 -40.99 37.27 19.15
N ASN E 322 -41.69 38.41 19.25
CA ASN E 322 -41.05 39.62 19.74
C ASN E 322 -40.89 39.61 21.26
N ASN E 323 -41.81 38.97 21.97
CA ASN E 323 -41.79 38.97 23.43
C ASN E 323 -41.05 37.77 24.02
N THR E 324 -40.52 36.89 23.18
CA THR E 324 -39.80 35.74 23.70
C THR E 324 -38.43 36.14 24.23
N ILE E 325 -37.91 35.33 25.13
CA ILE E 325 -36.64 35.57 25.79
C ILE E 325 -35.58 34.70 25.11
N ILE E 326 -34.61 35.34 24.46
CA ILE E 326 -33.54 34.64 23.77
C ILE E 326 -32.36 34.54 24.73
N ARG E 327 -31.99 33.32 25.09
CA ARG E 327 -30.91 33.06 26.03
C ARG E 327 -29.86 32.20 25.35
N PHE E 328 -28.60 32.63 25.45
CA PHE E 328 -27.48 31.88 24.90
C PHE E 328 -26.77 31.17 26.06
N ALA E 329 -26.79 29.85 26.04
CA ALA E 329 -26.05 29.06 27.00
C ALA E 329 -24.85 28.42 26.29
N ASN E 330 -24.02 27.71 27.06
CA ASN E 330 -22.84 27.09 26.50
C ASN E 330 -23.11 25.63 26.18
N SER E 331 -22.12 24.99 25.55
CA SER E 331 -22.32 23.66 24.99
C SER E 331 -22.72 22.67 26.09
N SER E 332 -23.60 21.74 25.73
CA SER E 332 -24.17 20.82 26.71
C SER E 332 -23.15 19.81 27.19
N GLY E 333 -22.66 18.96 26.30
CA GLY E 333 -21.73 17.93 26.69
C GLY E 333 -21.38 17.05 25.50
N GLY E 334 -20.43 16.14 25.74
CA GLY E 334 -19.97 15.23 24.71
C GLY E 334 -18.47 15.19 24.58
N ASP E 335 -17.99 14.97 23.37
CA ASP E 335 -16.55 14.94 23.11
C ASP E 335 -15.97 16.35 23.22
N LEU E 336 -14.65 16.41 23.44
CA LEU E 336 -13.98 17.71 23.45
C LEU E 336 -14.03 18.39 22.09
N GLU E 337 -14.17 17.60 21.01
CA GLU E 337 -14.27 18.18 19.68
C GLU E 337 -15.63 18.81 19.44
N VAL E 338 -16.63 18.47 20.25
CA VAL E 338 -17.98 19.00 20.05
C VAL E 338 -18.40 19.97 21.14
N THR E 339 -17.79 19.91 22.33
CA THR E 339 -18.08 20.86 23.39
C THR E 339 -17.22 22.11 23.33
N THR E 340 -16.24 22.14 22.43
CA THR E 340 -15.30 23.24 22.35
C THR E 340 -15.22 23.75 20.92
N HIS E 341 -14.77 24.99 20.79
CA HIS E 341 -14.49 25.58 19.47
C HIS E 341 -13.18 24.97 18.97
N SER E 342 -13.29 23.74 18.49
CA SER E 342 -12.15 23.05 17.92
C SER E 342 -11.75 23.72 16.61
N PHE E 343 -10.46 23.97 16.43
CA PHE E 343 -9.98 24.50 15.17
C PHE E 343 -8.47 24.31 15.11
N ASN E 344 -7.91 24.64 13.95
CA ASN E 344 -6.48 24.58 13.69
C ASN E 344 -5.98 25.99 13.46
N CYS E 345 -4.85 26.34 14.07
CA CYS E 345 -4.28 27.67 13.86
C CYS E 345 -2.77 27.61 14.03
N GLY E 346 -2.05 27.82 12.93
CA GLY E 346 -0.60 27.77 12.93
C GLY E 346 -0.06 26.37 12.96
N GLY E 347 -0.84 25.39 12.53
CA GLY E 347 -0.43 24.01 12.53
C GLY E 347 -0.67 23.27 13.83
N GLU E 348 -1.12 23.96 14.87
CA GLU E 348 -1.38 23.35 16.16
C GLU E 348 -2.86 23.49 16.49
N PHE E 349 -3.45 22.42 17.00
CA PHE E 349 -4.89 22.30 17.11
C PHE E 349 -5.37 22.80 18.48
N PHE E 350 -6.28 23.76 18.47
CA PHE E 350 -6.82 24.38 19.67
C PHE E 350 -8.22 23.83 19.97
N TYR E 351 -8.62 23.94 21.23
CA TYR E 351 -9.96 23.53 21.68
C TYR E 351 -10.41 24.55 22.73
N CYS E 352 -11.08 25.59 22.28
CA CYS E 352 -11.42 26.73 23.12
C CYS E 352 -12.78 26.57 23.78
N ASN E 353 -12.92 27.13 24.98
CA ASN E 353 -14.10 26.85 25.80
C ASN E 353 -15.36 27.46 25.22
N THR E 354 -15.32 28.74 24.86
CA THR E 354 -16.48 29.48 24.35
C THR E 354 -17.68 29.34 25.26
N SER E 355 -17.45 29.42 26.57
CA SER E 355 -18.53 29.54 27.54
C SER E 355 -18.74 30.98 27.98
N GLY E 356 -17.81 31.88 27.66
CA GLY E 356 -18.00 33.29 27.93
C GLY E 356 -18.56 33.99 26.71
N LEU E 357 -18.39 33.38 25.54
CA LEU E 357 -19.03 33.87 24.34
C LEU E 357 -20.54 33.69 24.41
N PHE E 358 -20.98 32.48 24.73
CA PHE E 358 -22.40 32.15 24.79
C PHE E 358 -22.83 32.10 26.25
N ASN E 359 -23.06 33.29 26.81
CA ASN E 359 -23.57 33.40 28.18
C ASN E 359 -24.27 34.75 28.27
N SER E 360 -25.58 34.76 28.08
CA SER E 360 -26.34 36.00 28.06
C SER E 360 -27.82 35.70 27.99
N THR E 361 -28.62 36.63 28.48
CA THR E 361 -30.07 36.56 28.38
C THR E 361 -30.58 37.87 27.81
N TRP E 362 -31.42 37.79 26.78
CA TRP E 362 -31.88 38.95 26.05
C TRP E 362 -33.37 39.13 26.27
N ILE E 363 -33.74 40.29 26.80
CA ILE E 363 -35.13 40.63 27.13
C ILE E 363 -35.65 41.59 26.08
N SER E 364 -36.92 41.44 25.72
CA SER E 364 -37.55 42.30 24.73
C SER E 364 -37.50 43.76 25.15
N ASN E 377 -12.54 48.37 23.99
CA ASN E 377 -11.23 48.13 24.59
C ASN E 377 -11.22 46.79 25.34
N ASP E 378 -12.32 46.48 26.00
CA ASP E 378 -12.42 45.24 26.76
C ASP E 378 -12.50 44.05 25.81
N SER E 379 -12.15 42.87 26.34
CA SER E 379 -12.04 41.68 25.51
C SER E 379 -12.51 40.46 26.30
N ILE E 380 -12.89 39.42 25.57
CA ILE E 380 -13.32 38.16 26.13
C ILE E 380 -12.24 37.12 25.85
N THR E 381 -11.72 36.52 26.90
CA THR E 381 -10.62 35.56 26.79
C THR E 381 -11.16 34.15 26.95
N LEU E 382 -10.96 33.31 25.94
CA LEU E 382 -11.46 31.95 25.94
C LEU E 382 -10.32 30.99 26.20
N PRO E 383 -10.30 30.27 27.32
CA PRO E 383 -9.20 29.35 27.59
C PRO E 383 -9.25 28.15 26.64
N CYS E 384 -8.16 27.93 25.92
CA CYS E 384 -8.07 26.89 24.91
C CYS E 384 -7.08 25.82 25.34
N ARG E 385 -7.47 24.57 25.20
CA ARG E 385 -6.55 23.46 25.36
C ARG E 385 -5.95 23.12 24.00
N ILE E 386 -4.87 22.34 24.02
CA ILE E 386 -4.19 21.93 22.81
C ILE E 386 -3.98 20.42 22.85
N LYS E 387 -4.16 19.77 21.71
CA LYS E 387 -3.91 18.35 21.57
C LYS E 387 -2.95 18.13 20.42
N GLN E 388 -2.25 17.00 20.47
CA GLN E 388 -1.39 16.58 19.37
C GLN E 388 -1.90 15.36 18.65
N ILE E 389 -2.74 14.56 19.26
CA ILE E 389 -3.32 13.38 18.65
C ILE E 389 -4.75 13.72 18.25
N ILE E 390 -5.00 13.79 16.94
CA ILE E 390 -6.24 14.34 16.38
C ILE E 390 -7.00 13.25 15.66
N ASN E 391 -8.25 13.02 16.06
CA ASN E 391 -9.21 12.24 15.29
C ASN E 391 -10.16 13.26 14.67
N MET E 392 -9.84 13.73 13.46
CA MET E 392 -10.46 14.94 12.97
C MET E 392 -11.88 14.70 12.49
N TRP E 393 -12.07 13.86 11.47
CA TRP E 393 -13.36 13.77 10.82
C TRP E 393 -14.32 12.83 11.54
N GLN E 394 -14.46 13.02 12.86
CA GLN E 394 -15.41 12.28 13.69
C GLN E 394 -15.34 10.78 13.41
N ARG E 395 -14.14 10.27 13.18
CA ARG E 395 -13.93 8.88 12.87
C ARG E 395 -13.14 8.21 13.98
N ILE E 396 -13.19 6.89 13.99
CA ILE E 396 -12.45 6.06 14.93
C ILE E 396 -11.53 5.15 14.13
N GLY E 397 -10.27 5.07 14.54
CA GLY E 397 -9.30 4.20 13.90
C GLY E 397 -8.32 4.89 12.98
N GLN E 398 -8.46 6.20 12.77
CA GLN E 398 -7.52 6.96 11.96
C GLN E 398 -7.23 8.26 12.70
N CYS E 399 -6.22 8.22 13.57
CA CYS E 399 -5.76 9.40 14.28
C CYS E 399 -4.63 10.06 13.50
N MET E 400 -4.15 11.19 14.02
CA MET E 400 -3.02 11.89 13.41
C MET E 400 -2.27 12.59 14.52
N TYR E 401 -0.95 12.48 14.51
CA TYR E 401 -0.11 13.15 15.49
C TYR E 401 0.39 14.46 14.90
N ALA E 402 -0.14 15.57 15.38
CA ALA E 402 0.32 16.87 14.93
C ALA E 402 1.63 17.21 15.63
N PRO E 403 2.73 17.37 14.89
CA PRO E 403 4.02 17.59 15.53
C PRO E 403 4.09 18.96 16.16
N PRO E 404 4.97 19.16 17.14
CA PRO E 404 5.07 20.48 17.78
C PRO E 404 5.50 21.54 16.77
N ILE E 405 4.97 22.75 16.96
CA ILE E 405 5.34 23.90 16.15
C ILE E 405 6.37 24.71 16.95
N GLN E 406 7.54 24.90 16.35
CA GLN E 406 8.59 25.67 17.00
C GLN E 406 8.16 27.13 17.15
N GLY E 407 8.34 27.68 18.33
CA GLY E 407 8.12 29.09 18.55
C GLY E 407 6.73 29.41 19.08
N VAL E 408 6.41 30.68 19.03
CA VAL E 408 5.15 31.21 19.52
C VAL E 408 4.16 31.23 18.36
N ILE E 409 2.92 30.79 18.63
CA ILE E 409 1.88 30.73 17.62
C ILE E 409 0.92 31.89 17.81
N ARG E 410 0.63 32.61 16.73
CA ARG E 410 -0.29 33.76 16.79
C ARG E 410 -1.28 33.61 15.65
N CYS E 411 -2.45 34.21 15.81
CA CYS E 411 -3.67 33.80 15.12
C CYS E 411 -4.58 35.01 14.93
N VAL E 412 -5.05 35.23 13.70
CA VAL E 412 -6.05 36.26 13.44
C VAL E 412 -7.08 35.67 12.50
N SER E 413 -8.31 35.52 12.98
CA SER E 413 -9.38 34.92 12.21
C SER E 413 -10.63 35.79 12.31
N ASN E 414 -11.54 35.57 11.37
CA ASN E 414 -12.85 36.22 11.35
C ASN E 414 -13.90 35.19 11.72
N ILE E 415 -14.70 35.48 12.74
CA ILE E 415 -15.88 34.68 13.02
C ILE E 415 -16.98 35.17 12.08
N THR E 416 -17.27 34.40 11.04
CA THR E 416 -18.24 34.79 10.05
C THR E 416 -19.57 34.05 10.20
N GLY E 417 -19.75 33.29 11.27
CA GLY E 417 -20.98 32.56 11.44
C GLY E 417 -21.00 31.80 12.75
N LEU E 418 -22.10 31.10 12.97
CA LEU E 418 -22.32 30.29 14.16
C LEU E 418 -23.03 29.01 13.74
N ILE E 419 -22.97 28.02 14.61
CA ILE E 419 -23.80 26.82 14.49
C ILE E 419 -24.47 26.62 15.83
N LEU E 420 -25.78 26.86 15.90
CA LEU E 420 -26.52 26.83 17.15
C LEU E 420 -27.46 25.63 17.17
N THR E 421 -27.77 25.17 18.37
CA THR E 421 -28.82 24.19 18.60
C THR E 421 -29.78 24.75 19.64
N ARG E 422 -31.07 24.49 19.45
CA ARG E 422 -32.09 25.02 20.33
C ARG E 422 -32.54 23.94 21.32
N ASP E 423 -32.89 24.39 22.53
CA ASP E 423 -33.36 23.49 23.56
C ASP E 423 -34.87 23.32 23.47
N GLY E 424 -35.33 22.08 23.57
CA GLY E 424 -36.74 21.77 23.46
C GLY E 424 -37.59 22.34 24.57
N SER E 429 -43.34 27.67 27.49
CA SER E 429 -42.32 28.54 28.06
C SER E 429 -41.99 29.70 27.11
N THR E 430 -41.69 30.85 27.70
CA THR E 430 -41.39 32.06 26.94
C THR E 430 -39.89 32.24 26.69
N THR E 431 -39.06 31.30 27.13
CA THR E 431 -37.62 31.41 27.01
C THR E 431 -37.10 30.35 26.04
N GLU E 432 -36.33 30.78 25.05
CA GLU E 432 -35.69 29.90 24.10
C GLU E 432 -34.18 29.97 24.31
N THR E 433 -33.56 28.81 24.54
CA THR E 433 -32.14 28.74 24.85
C THR E 433 -31.40 28.17 23.66
N PHE E 434 -30.37 28.88 23.20
CA PHE E 434 -29.60 28.52 22.01
C PHE E 434 -28.17 28.17 22.42
N ARG E 435 -27.87 26.91 22.47
CA ARG E 435 -26.53 26.42 22.74
C ARG E 435 -25.75 26.30 21.45
N PRO E 436 -24.43 26.47 21.48
CA PRO E 436 -23.63 26.22 20.28
C PRO E 436 -23.63 24.75 19.92
N GLY E 437 -23.49 24.49 18.63
CA GLY E 437 -23.53 23.12 18.15
C GLY E 437 -22.37 22.78 17.25
N GLY E 438 -22.52 21.74 16.44
CA GLY E 438 -21.45 21.36 15.55
C GLY E 438 -21.27 19.86 15.44
N GLY E 439 -20.01 19.43 15.35
CA GLY E 439 -19.71 18.02 15.19
C GLY E 439 -19.69 17.60 13.73
N ASP E 440 -20.82 17.76 13.06
CA ASP E 440 -20.95 17.40 11.65
C ASP E 440 -20.27 18.47 10.82
N MET E 441 -19.17 18.10 10.14
CA MET E 441 -18.40 19.07 9.39
C MET E 441 -19.14 19.55 8.15
N ARG E 442 -20.23 18.90 7.77
CA ARG E 442 -20.94 19.29 6.57
C ARG E 442 -21.64 20.63 6.74
N ASP E 443 -22.09 20.96 7.95
CA ASP E 443 -22.72 22.25 8.19
C ASP E 443 -21.76 23.41 8.03
N ASN E 444 -20.45 23.15 8.08
CA ASN E 444 -19.47 24.20 7.85
C ASN E 444 -19.40 24.58 6.38
N TRP E 445 -19.41 23.58 5.49
CA TRP E 445 -19.38 23.82 4.06
C TRP E 445 -20.77 24.02 3.46
N ARG E 446 -21.81 23.62 4.18
CA ARG E 446 -23.17 23.97 3.79
C ARG E 446 -23.39 25.48 3.88
N SER E 447 -22.59 26.18 4.67
CA SER E 447 -22.68 27.63 4.80
C SER E 447 -21.97 28.36 3.67
N GLU E 448 -21.16 27.67 2.88
CA GLU E 448 -20.51 28.28 1.72
C GLU E 448 -21.14 27.87 0.40
N LEU E 449 -21.76 26.69 0.35
CA LEU E 449 -22.39 26.16 -0.85
C LEU E 449 -23.91 26.27 -0.76
N TYR E 450 -24.42 27.21 0.01
CA TYR E 450 -25.86 27.37 0.12
C TYR E 450 -26.45 28.05 -1.11
N LYS E 451 -25.69 28.92 -1.77
CA LYS E 451 -26.18 29.69 -2.90
C LYS E 451 -25.98 29.00 -4.23
N TYR E 452 -25.30 27.86 -4.27
CA TYR E 452 -24.98 27.20 -5.52
C TYR E 452 -25.86 25.97 -5.74
N LYS E 453 -26.04 25.62 -7.01
CA LYS E 453 -26.90 24.51 -7.40
C LYS E 453 -26.41 23.98 -8.73
N VAL E 454 -26.39 22.66 -8.88
CA VAL E 454 -25.93 22.00 -10.09
C VAL E 454 -27.14 21.51 -10.87
N VAL E 455 -27.20 21.85 -12.15
CA VAL E 455 -28.30 21.46 -13.02
C VAL E 455 -27.74 20.74 -14.24
N LYS E 456 -28.59 19.92 -14.84
CA LYS E 456 -28.25 19.14 -16.03
C LYS E 456 -28.97 19.76 -17.22
N ILE E 457 -28.20 20.15 -18.24
CA ILE E 457 -28.79 20.81 -19.40
C ILE E 457 -29.49 19.77 -20.28
N GLU E 458 -30.75 20.05 -20.62
CA GLU E 458 -31.54 19.20 -21.51
C GLU E 458 -31.74 19.95 -22.83
N PRO E 459 -30.83 19.79 -23.79
CA PRO E 459 -30.82 20.69 -24.95
C PRO E 459 -31.75 20.29 -26.07
N LEU E 460 -32.51 19.21 -25.93
CA LEU E 460 -33.36 18.69 -27.00
C LEU E 460 -34.81 18.88 -26.61
N GLY E 461 -35.48 19.79 -27.29
CA GLY E 461 -36.87 20.08 -26.99
C GLY E 461 -37.70 20.19 -28.26
N VAL E 462 -38.95 19.76 -28.17
CA VAL E 462 -39.88 19.78 -29.29
C VAL E 462 -40.99 20.77 -28.99
N ALA E 463 -41.53 21.38 -30.05
CA ALA E 463 -42.55 22.41 -29.91
C ALA E 463 -43.31 22.51 -31.22
N PRO E 464 -44.55 23.01 -31.18
CA PRO E 464 -45.32 23.13 -32.42
C PRO E 464 -44.92 24.35 -33.22
N THR E 465 -44.98 24.20 -34.54
CA THR E 465 -44.65 25.30 -35.44
C THR E 465 -45.35 25.01 -36.77
N ARG E 466 -45.53 26.05 -37.58
CA ARG E 466 -46.17 25.93 -38.88
C ARG E 466 -45.29 25.24 -39.92
N CYS E 467 -44.14 24.68 -39.52
CA CYS E 467 -43.27 23.98 -40.45
C CYS E 467 -43.95 22.76 -41.03
N LYS E 468 -43.37 22.26 -42.12
CA LYS E 468 -43.69 20.95 -42.66
C LYS E 468 -42.49 20.51 -43.50
N ARG E 469 -41.88 19.40 -43.13
CA ARG E 469 -40.71 18.92 -43.86
C ARG E 469 -41.07 18.66 -45.32
N ARG E 470 -40.21 19.11 -46.21
CA ARG E 470 -40.43 18.93 -47.64
C ARG E 470 -39.76 17.65 -48.14
N PHE F 11 -25.18 39.63 -27.66
CA PHE F 11 -24.67 38.40 -27.06
C PHE F 11 -24.99 38.35 -25.57
N LEU F 12 -25.70 37.30 -25.16
CA LEU F 12 -26.11 37.12 -23.78
C LEU F 12 -25.19 36.20 -22.99
N GLY F 13 -24.67 35.15 -23.61
CA GLY F 13 -23.83 34.18 -22.94
C GLY F 13 -24.54 32.86 -22.76
N PHE F 14 -23.82 31.93 -22.13
CA PHE F 14 -24.36 30.60 -21.89
C PHE F 14 -25.58 30.67 -21.00
N LEU F 15 -26.66 30.02 -21.42
CA LEU F 15 -27.96 30.06 -20.74
C LEU F 15 -28.48 31.47 -20.54
N GLY F 16 -27.97 32.43 -21.31
CA GLY F 16 -28.40 33.81 -21.13
C GLY F 16 -29.87 34.04 -21.44
N ALA F 17 -30.40 33.31 -22.42
CA ALA F 17 -31.80 33.40 -22.80
C ALA F 17 -32.68 32.36 -22.11
N ALA F 18 -32.27 31.91 -20.92
CA ALA F 18 -33.10 30.94 -20.19
C ALA F 18 -34.43 31.55 -19.80
N GLY F 19 -34.43 32.81 -19.38
CA GLY F 19 -35.66 33.51 -19.08
C GLY F 19 -36.33 34.20 -20.24
N SER F 20 -35.69 34.20 -21.41
CA SER F 20 -36.26 34.82 -22.60
C SER F 20 -37.34 33.94 -23.19
N THR F 21 -38.13 34.54 -24.08
CA THR F 21 -39.21 33.81 -24.73
C THR F 21 -38.65 32.75 -25.68
N MET F 22 -39.50 31.78 -26.02
CA MET F 22 -39.06 30.68 -26.86
C MET F 22 -38.61 31.18 -28.22
N GLY F 23 -39.29 32.18 -28.76
CA GLY F 23 -38.87 32.75 -30.04
C GLY F 23 -37.52 33.43 -29.95
N ALA F 24 -37.28 34.18 -28.87
CA ALA F 24 -36.01 34.89 -28.72
C ALA F 24 -34.88 33.95 -28.30
N ALA F 25 -35.18 32.91 -27.52
CA ALA F 25 -34.16 31.98 -27.08
C ALA F 25 -33.74 31.01 -28.18
N SER F 26 -34.49 30.94 -29.28
CA SER F 26 -34.14 30.05 -30.37
C SER F 26 -33.11 30.64 -31.33
N MET F 27 -32.75 31.91 -31.15
CA MET F 27 -31.67 32.52 -31.91
C MET F 27 -30.32 32.36 -31.24
N THR F 28 -30.28 31.77 -30.04
CA THR F 28 -29.04 31.56 -29.30
C THR F 28 -28.83 30.08 -29.01
N LEU F 29 -29.26 29.20 -29.91
CA LEU F 29 -29.07 27.77 -29.68
C LEU F 29 -27.60 27.38 -29.78
N THR F 30 -26.82 28.09 -30.59
CA THR F 30 -25.41 27.77 -30.73
C THR F 30 -24.65 28.00 -29.43
N VAL F 31 -25.06 29.00 -28.65
CA VAL F 31 -24.37 29.32 -27.40
C VAL F 31 -24.46 28.16 -26.43
N GLN F 32 -25.65 27.57 -26.29
CA GLN F 32 -25.80 26.41 -25.42
C GLN F 32 -25.25 25.14 -26.05
N ALA F 33 -25.28 25.05 -27.38
CA ALA F 33 -24.83 23.83 -28.05
C ALA F 33 -23.34 23.61 -27.90
N ARG F 34 -22.55 24.69 -28.03
CA ARG F 34 -21.10 24.56 -28.00
C ARG F 34 -20.56 24.33 -26.59
N ASN F 35 -21.37 24.50 -25.56
CA ASN F 35 -20.93 24.30 -24.18
C ASN F 35 -21.34 22.95 -23.63
N LEU F 36 -21.82 22.03 -24.46
CA LEU F 36 -22.22 20.71 -24.02
C LEU F 36 -21.14 19.67 -24.26
N LEU F 37 -19.97 20.07 -24.71
CA LEU F 37 -18.92 19.13 -25.07
C LEU F 37 -17.62 19.38 -24.31
N SER F 38 -17.25 20.63 -24.08
CA SER F 38 -16.08 20.95 -23.28
C SER F 38 -16.12 22.42 -22.85
N VAL F 62 -8.08 11.94 -6.15
CA VAL F 62 -9.33 12.65 -5.89
C VAL F 62 -9.69 13.50 -7.09
N TRP F 63 -8.67 14.06 -7.74
CA TRP F 63 -8.85 14.82 -8.97
C TRP F 63 -8.30 14.07 -10.18
N GLY F 64 -8.38 12.75 -10.15
CA GLY F 64 -7.86 11.92 -11.22
C GLY F 64 -8.96 11.25 -12.02
N ILE F 65 -9.27 10.00 -11.68
CA ILE F 65 -10.34 9.27 -12.35
C ILE F 65 -11.66 10.00 -12.22
N LYS F 66 -11.88 10.70 -11.10
CA LYS F 66 -13.10 11.47 -10.95
C LYS F 66 -13.23 12.53 -12.03
N GLN F 67 -12.14 13.24 -12.33
CA GLN F 67 -12.18 14.24 -13.39
C GLN F 67 -12.19 13.58 -14.76
N LEU F 68 -11.60 12.39 -14.89
CA LEU F 68 -11.56 11.71 -16.18
C LEU F 68 -12.93 11.13 -16.54
N GLN F 69 -13.64 10.55 -15.57
CA GLN F 69 -14.96 10.00 -15.85
C GLN F 69 -16.02 11.08 -16.02
N ALA F 70 -15.72 12.32 -15.62
CA ALA F 70 -16.62 13.42 -15.93
C ALA F 70 -16.54 13.80 -17.40
N ARG F 71 -15.37 13.66 -18.02
CA ARG F 71 -15.23 13.94 -19.44
C ARG F 71 -15.89 12.86 -20.28
N VAL F 72 -15.76 11.59 -19.89
CA VAL F 72 -16.38 10.51 -20.64
C VAL F 72 -17.89 10.60 -20.55
N LEU F 73 -18.42 11.03 -19.40
CA LEU F 73 -19.86 11.20 -19.28
C LEU F 73 -20.36 12.34 -20.16
N ALA F 74 -19.57 13.41 -20.30
CA ALA F 74 -19.96 14.51 -21.17
C ALA F 74 -20.02 14.07 -22.62
N VAL F 75 -19.08 13.23 -23.06
CA VAL F 75 -19.06 12.76 -24.43
C VAL F 75 -20.24 11.82 -24.68
N GLU F 76 -20.50 10.90 -23.75
CA GLU F 76 -21.60 9.96 -23.94
C GLU F 76 -22.95 10.67 -23.95
N ARG F 77 -23.14 11.65 -23.07
CA ARG F 77 -24.38 12.41 -23.06
C ARG F 77 -24.55 13.20 -24.35
N TYR F 78 -23.46 13.76 -24.87
CA TYR F 78 -23.51 14.49 -26.13
C TYR F 78 -23.77 13.56 -27.31
N LEU F 79 -23.14 12.40 -27.32
CA LEU F 79 -23.25 11.50 -28.47
C LEU F 79 -24.63 10.87 -28.55
N ARG F 80 -25.29 10.62 -27.42
CA ARG F 80 -26.63 10.05 -27.49
C ARG F 80 -27.67 11.09 -27.88
N ASP F 81 -27.37 12.37 -27.69
CA ASP F 81 -28.25 13.42 -28.20
C ASP F 81 -28.06 13.64 -29.69
N GLN F 82 -26.82 13.54 -30.16
CA GLN F 82 -26.57 13.63 -31.60
C GLN F 82 -27.08 12.40 -32.34
N GLN F 83 -27.08 11.25 -31.68
CA GLN F 83 -27.64 10.04 -32.29
C GLN F 83 -29.14 10.19 -32.50
N LEU F 84 -29.84 10.78 -31.53
CA LEU F 84 -31.28 10.98 -31.66
C LEU F 84 -31.60 11.89 -32.84
N LEU F 85 -30.83 12.94 -33.01
CA LEU F 85 -31.06 13.84 -34.14
C LEU F 85 -30.86 13.12 -35.46
N GLY F 86 -29.83 12.30 -35.56
CA GLY F 86 -29.60 11.57 -36.79
C GLY F 86 -30.68 10.55 -37.09
N ILE F 87 -31.21 9.91 -36.05
CA ILE F 87 -32.31 8.96 -36.23
C ILE F 87 -33.56 9.67 -36.72
N TRP F 88 -33.80 10.89 -36.26
CA TRP F 88 -34.95 11.67 -36.71
C TRP F 88 -34.68 12.43 -37.99
N GLY F 89 -33.50 12.26 -38.60
CA GLY F 89 -33.18 12.98 -39.81
C GLY F 89 -32.75 14.42 -39.61
N CYS F 90 -32.33 14.77 -38.39
CA CYS F 90 -31.97 16.13 -38.03
C CYS F 90 -30.47 16.26 -37.76
N SER F 91 -29.66 15.36 -38.32
CA SER F 91 -28.23 15.39 -38.07
C SER F 91 -27.60 16.64 -38.68
N GLY F 92 -26.73 17.28 -37.89
CA GLY F 92 -26.07 18.47 -38.37
C GLY F 92 -26.92 19.71 -38.44
N LYS F 93 -28.04 19.74 -37.72
CA LYS F 93 -28.95 20.87 -37.73
C LYS F 93 -29.31 21.24 -36.30
N LEU F 94 -29.56 22.53 -36.09
CA LEU F 94 -29.99 23.06 -34.80
C LEU F 94 -31.49 23.29 -34.74
N ILE F 95 -32.09 23.71 -35.85
CA ILE F 95 -33.54 23.81 -35.98
C ILE F 95 -33.96 22.88 -37.11
N CYS F 96 -34.72 21.86 -36.78
CA CYS F 96 -35.08 20.79 -37.72
C CYS F 96 -36.59 20.68 -37.81
N CYS F 97 -37.16 21.27 -38.85
CA CYS F 97 -38.58 21.08 -39.11
C CYS F 97 -38.84 19.67 -39.63
N THR F 98 -39.81 18.99 -39.04
CA THR F 98 -40.09 17.58 -39.32
C THR F 98 -41.47 17.44 -39.93
N ASN F 99 -41.87 16.18 -40.13
CA ASN F 99 -43.14 15.85 -40.76
C ASN F 99 -44.22 15.43 -39.76
N VAL F 100 -43.87 15.15 -38.52
CA VAL F 100 -44.85 14.68 -37.54
C VAL F 100 -45.79 15.82 -37.19
N PRO F 101 -47.09 15.68 -37.41
CA PRO F 101 -48.03 16.75 -37.04
C PRO F 101 -48.13 16.88 -35.53
N TRP F 102 -48.49 18.09 -35.09
CA TRP F 102 -48.61 18.37 -33.67
C TRP F 102 -49.99 17.95 -33.20
N ASN F 103 -50.05 16.82 -32.49
CA ASN F 103 -51.28 16.41 -31.82
C ASN F 103 -51.70 17.48 -30.83
N SER F 104 -52.92 18.00 -31.01
CA SER F 104 -53.41 19.07 -30.14
C SER F 104 -53.52 18.63 -28.69
N SER F 105 -53.57 17.31 -28.44
CA SER F 105 -53.58 16.81 -27.07
C SER F 105 -52.33 17.21 -26.31
N TRP F 106 -51.19 17.25 -27.01
CA TRP F 106 -49.93 17.61 -26.34
C TRP F 106 -49.98 19.03 -25.79
N SER F 107 -50.46 19.97 -26.60
CA SER F 107 -50.54 21.37 -26.17
C SER F 107 -51.53 22.09 -27.08
N ASN F 108 -52.60 22.61 -26.50
CA ASN F 108 -53.64 23.30 -27.26
C ASN F 108 -53.34 24.78 -27.45
N ARG F 109 -52.23 25.28 -26.93
CA ARG F 109 -51.88 26.68 -27.08
C ARG F 109 -51.59 27.01 -28.54
N ASN F 110 -51.83 28.26 -28.91
CA ASN F 110 -51.51 28.70 -30.25
C ASN F 110 -50.05 29.17 -30.33
N LEU F 111 -49.59 29.42 -31.57
CA LEU F 111 -48.21 29.81 -31.77
C LEU F 111 -47.87 31.15 -31.14
N SER F 112 -48.84 32.07 -31.10
CA SER F 112 -48.56 33.41 -30.58
C SER F 112 -48.16 33.36 -29.11
N GLU F 113 -48.85 32.55 -28.31
CA GLU F 113 -48.61 32.50 -26.88
C GLU F 113 -47.60 31.43 -26.47
N ILE F 114 -46.96 30.78 -27.44
CA ILE F 114 -45.88 29.84 -27.16
C ILE F 114 -44.52 30.44 -27.49
N TRP F 115 -44.40 31.11 -28.63
CA TRP F 115 -43.13 31.66 -29.08
C TRP F 115 -42.93 33.11 -28.64
N ASP F 116 -43.93 33.71 -27.98
CA ASP F 116 -43.82 35.08 -27.53
C ASP F 116 -44.26 35.29 -26.09
N ASN F 117 -44.78 34.26 -25.42
CA ASN F 117 -45.21 34.38 -24.03
C ASN F 117 -44.59 33.35 -23.11
N MET F 118 -44.02 32.27 -23.61
CA MET F 118 -43.45 31.22 -22.79
C MET F 118 -41.95 31.12 -22.99
N THR F 119 -41.26 30.67 -21.94
CA THR F 119 -39.85 30.36 -22.00
C THR F 119 -39.66 28.86 -22.13
N TRP F 120 -38.45 28.46 -22.54
CA TRP F 120 -38.20 27.07 -22.81
C TRP F 120 -38.31 26.20 -21.57
N LEU F 121 -37.98 26.76 -20.40
CA LEU F 121 -38.14 26.01 -19.15
C LEU F 121 -39.60 25.78 -18.83
N GLN F 122 -40.45 26.79 -19.05
CA GLN F 122 -41.88 26.60 -18.87
C GLN F 122 -42.45 25.61 -19.88
N TRP F 123 -41.99 25.69 -21.13
CA TRP F 123 -42.49 24.78 -22.16
C TRP F 123 -42.09 23.34 -21.87
N ASP F 124 -40.87 23.12 -21.40
CA ASP F 124 -40.43 21.76 -21.10
C ASP F 124 -41.27 21.15 -20.00
N LYS F 125 -41.71 21.96 -19.03
CA LYS F 125 -42.55 21.45 -17.96
C LYS F 125 -43.90 20.96 -18.49
N GLU F 126 -44.46 21.69 -19.45
CA GLU F 126 -45.78 21.34 -19.96
C GLU F 126 -45.79 20.00 -20.68
N ILE F 127 -44.78 19.76 -21.52
CA ILE F 127 -44.77 18.58 -22.37
C ILE F 127 -43.72 17.56 -21.91
N SER F 128 -43.38 17.58 -20.61
CA SER F 128 -42.37 16.64 -20.12
C SER F 128 -42.85 15.19 -20.20
N ASN F 129 -44.16 14.97 -20.12
CA ASN F 129 -44.71 13.61 -20.20
C ASN F 129 -45.01 13.17 -21.61
N TYR F 130 -45.23 14.11 -22.54
CA TYR F 130 -45.44 13.78 -23.94
C TYR F 130 -44.14 13.69 -24.72
N THR F 131 -42.99 13.87 -24.07
CA THR F 131 -41.72 13.85 -24.76
C THR F 131 -41.44 12.48 -25.39
N GLN F 132 -41.68 11.41 -24.64
CA GLN F 132 -41.31 10.08 -25.12
C GLN F 132 -42.21 9.61 -26.25
N ILE F 133 -43.50 9.97 -26.23
CA ILE F 133 -44.36 9.57 -27.35
C ILE F 133 -44.02 10.37 -28.59
N ILE F 134 -43.62 11.63 -28.44
CA ILE F 134 -43.18 12.43 -29.58
C ILE F 134 -41.89 11.85 -30.16
N TYR F 135 -40.98 11.39 -29.29
CA TYR F 135 -39.71 10.86 -29.75
C TYR F 135 -39.91 9.61 -30.61
N GLY F 136 -40.85 8.74 -30.22
CA GLY F 136 -41.16 7.59 -31.04
C GLY F 136 -41.78 7.97 -32.38
N LEU F 137 -42.61 9.02 -32.38
CA LEU F 137 -43.22 9.46 -33.62
C LEU F 137 -42.19 9.98 -34.61
N LEU F 138 -41.19 10.73 -34.13
CA LEU F 138 -40.14 11.22 -35.02
C LEU F 138 -39.25 10.08 -35.49
N GLU F 139 -39.00 9.10 -34.62
CA GLU F 139 -38.14 7.98 -35.00
C GLU F 139 -38.75 7.16 -36.12
N GLU F 140 -40.04 6.87 -36.05
CA GLU F 140 -40.69 6.08 -37.08
C GLU F 140 -40.97 6.87 -38.34
N SER F 141 -41.26 8.18 -38.22
CA SER F 141 -41.54 8.98 -39.40
C SER F 141 -40.33 9.05 -40.32
N GLN F 142 -39.14 9.22 -39.75
CA GLN F 142 -37.93 9.22 -40.57
C GLN F 142 -37.67 7.84 -41.17
N ASN F 143 -37.93 6.79 -40.38
CA ASN F 143 -37.76 5.43 -40.90
C ASN F 143 -38.68 5.17 -42.08
N GLN F 144 -39.85 5.79 -42.10
CA GLN F 144 -40.71 5.72 -43.28
C GLN F 144 -40.14 6.54 -44.42
N GLN F 145 -39.53 7.68 -44.11
CA GLN F 145 -38.94 8.51 -45.15
C GLN F 145 -37.68 7.86 -45.73
N GLU F 146 -36.95 7.08 -44.92
CA GLU F 146 -35.77 6.39 -45.45
C GLU F 146 -36.15 5.39 -46.52
N LYS F 147 -37.23 4.62 -46.29
CA LYS F 147 -37.66 3.65 -47.28
C LYS F 147 -38.43 4.31 -48.43
N ASN F 148 -39.06 5.45 -48.18
CA ASN F 148 -39.76 6.15 -49.25
C ASN F 148 -38.77 6.72 -50.27
N GLU F 149 -37.68 7.32 -49.80
CA GLU F 149 -36.64 7.78 -50.71
C GLU F 149 -35.81 6.64 -51.27
N GLN F 150 -35.76 5.51 -50.58
CA GLN F 150 -35.08 4.34 -51.14
C GLN F 150 -35.82 3.78 -52.33
N ASP F 151 -37.16 3.77 -52.27
CA ASP F 151 -37.96 3.28 -53.38
C ASP F 151 -38.03 4.27 -54.52
N LEU F 152 -38.04 5.58 -54.22
CA LEU F 152 -38.07 6.58 -55.28
C LEU F 152 -36.79 6.53 -56.11
N LEU F 153 -35.64 6.33 -55.46
CA LEU F 153 -34.37 6.24 -56.18
C LEU F 153 -34.26 4.97 -57.00
N ALA F 154 -35.09 3.96 -56.73
CA ALA F 154 -35.02 2.70 -57.47
C ALA F 154 -35.56 2.83 -58.88
N LEU F 155 -36.41 3.82 -59.15
CA LEU F 155 -36.96 4.02 -60.48
C LEU F 155 -35.92 4.61 -61.42
N GLN G 1 -2.53 -22.26 50.75
CA GLN G 1 -2.55 -20.88 51.24
C GLN G 1 -3.60 -20.05 50.51
N ALA G 2 -4.20 -20.65 49.48
CA ALA G 2 -5.28 -20.01 48.70
C ALA G 2 -6.51 -19.86 49.59
N ARG G 3 -6.90 -18.63 49.89
CA ARG G 3 -8.05 -18.40 50.75
C ARG G 3 -8.84 -17.19 50.27
N LEU G 4 -10.12 -17.18 50.60
CA LEU G 4 -10.99 -16.03 50.37
C LEU G 4 -11.31 -15.42 51.71
N GLN G 5 -10.87 -14.18 51.93
CA GLN G 5 -11.06 -13.47 53.18
C GLN G 5 -12.06 -12.35 52.99
N GLN G 6 -13.06 -12.29 53.87
CA GLN G 6 -14.03 -11.21 53.89
C GLN G 6 -14.21 -10.75 55.33
N TRP G 7 -14.43 -9.45 55.49
CA TRP G 7 -14.42 -8.81 56.80
C TRP G 7 -15.81 -8.30 57.14
N GLU G 8 -16.07 -8.22 58.45
CA GLU G 8 -17.39 -7.82 58.92
C GLU G 8 -17.70 -6.37 58.55
N GLY G 9 -18.93 -6.14 58.10
CA GLY G 9 -19.40 -4.82 57.74
C GLY G 9 -20.23 -4.12 58.79
N ARG G 10 -20.37 -4.71 59.98
CA ARG G 10 -21.11 -4.17 61.12
C ARG G 10 -22.61 -4.10 60.82
N PRO G 11 -23.46 -4.01 61.84
CA PRO G 11 -24.90 -3.88 61.58
C PRO G 11 -25.21 -2.63 60.78
N LEU G 12 -26.25 -2.72 59.95
CA LEU G 12 -26.65 -1.62 59.08
C LEU G 12 -28.14 -1.34 59.27
N LYS G 13 -28.50 -0.08 59.05
CA LYS G 13 -29.88 0.33 59.22
C LYS G 13 -30.75 -0.21 58.08
N PRO G 14 -32.03 -0.51 58.34
CA PRO G 14 -32.88 -1.03 57.29
C PRO G 14 -33.09 -0.02 56.17
N ALA G 15 -33.38 -0.53 54.98
CA ALA G 15 -33.59 0.27 53.78
C ALA G 15 -32.34 1.10 53.44
N GLU G 16 -31.24 0.37 53.21
CA GLU G 16 -29.97 0.97 52.84
C GLU G 16 -29.31 0.09 51.79
N THR G 17 -28.04 0.35 51.52
CA THR G 17 -27.26 -0.41 50.55
C THR G 17 -26.31 -1.33 51.29
N LEU G 18 -26.30 -2.60 50.90
CA LEU G 18 -25.47 -3.62 51.54
C LEU G 18 -24.23 -3.81 50.67
N SER G 19 -23.10 -3.30 51.14
CA SER G 19 -21.84 -3.34 50.40
C SER G 19 -20.94 -4.40 51.01
N LEU G 20 -20.68 -5.47 50.27
CA LEU G 20 -19.77 -6.53 50.68
C LEU G 20 -18.54 -6.54 49.78
N THR G 21 -17.47 -7.11 50.30
CA THR G 21 -16.23 -7.23 49.57
C THR G 21 -15.47 -8.46 50.05
N CYS G 22 -15.01 -9.27 49.10
CA CYS G 22 -14.27 -10.49 49.39
C CYS G 22 -12.84 -10.34 48.87
N GLY G 23 -11.88 -10.76 49.69
CA GLY G 23 -10.48 -10.68 49.33
C GLY G 23 -9.98 -12.02 48.84
N VAL G 24 -9.50 -12.04 47.60
CA VAL G 24 -9.06 -13.27 46.95
C VAL G 24 -7.54 -13.33 47.01
N HIS G 25 -7.01 -14.31 47.74
CA HIS G 25 -5.57 -14.51 47.84
C HIS G 25 -5.23 -15.95 47.47
N GLY G 26 -4.02 -16.13 46.95
CA GLY G 26 -3.58 -17.43 46.50
C GLY G 26 -3.86 -17.65 45.02
N VAL G 27 -5.02 -17.19 44.57
CA VAL G 27 -5.49 -17.37 43.18
C VAL G 27 -5.96 -15.98 42.73
N GLY G 28 -6.43 -15.85 41.49
CA GLY G 28 -6.87 -14.54 41.01
C GLY G 28 -8.26 -14.61 40.45
N LEU G 29 -8.87 -13.47 40.17
CA LEU G 29 -10.25 -13.45 39.72
C LEU G 29 -10.43 -14.08 38.34
N GLY G 30 -9.36 -14.17 37.55
CA GLY G 30 -9.52 -14.63 36.17
C GLY G 30 -9.77 -16.12 36.10
N GLY G 31 -10.61 -16.53 35.14
CA GLY G 31 -10.67 -17.92 34.69
C GLY G 31 -11.80 -18.66 35.34
N SER G 32 -11.97 -18.44 36.64
CA SER G 32 -13.12 -18.98 37.39
C SER G 32 -14.26 -17.98 37.35
N GLY G 33 -15.28 -18.26 38.14
CA GLY G 33 -16.36 -17.33 38.36
C GLY G 33 -16.58 -17.14 39.85
N TRP G 34 -17.13 -15.99 40.20
CA TRP G 34 -17.22 -15.59 41.61
C TRP G 34 -18.66 -15.22 41.94
N GLY G 35 -19.19 -15.84 42.99
CA GLY G 35 -20.57 -15.64 43.38
C GLY G 35 -20.71 -15.47 44.87
N TRP G 36 -21.97 -15.30 45.30
CA TRP G 36 -22.28 -15.02 46.69
C TRP G 36 -23.32 -15.99 47.20
N ILE G 37 -23.09 -16.54 48.38
CA ILE G 37 -24.01 -17.47 49.04
C ILE G 37 -24.28 -16.95 50.44
N ARG G 38 -25.54 -16.95 50.85
CA ARG G 38 -25.93 -16.51 52.17
C ARG G 38 -26.44 -17.68 53.00
N GLN G 39 -26.72 -17.42 54.26
CA GLN G 39 -27.30 -18.43 55.13
C GLN G 39 -28.06 -17.77 56.28
N PRO G 40 -29.39 -17.65 56.18
CA PRO G 40 -30.15 -17.12 57.30
C PRO G 40 -30.01 -18.02 58.51
N PRO G 41 -30.03 -17.45 59.71
CA PRO G 41 -29.83 -18.27 60.92
C PRO G 41 -30.87 -19.36 61.04
N GLY G 42 -30.41 -20.55 61.45
CA GLY G 42 -31.30 -21.68 61.62
C GLY G 42 -31.93 -22.17 60.34
N GLN G 43 -31.37 -21.82 59.19
CA GLN G 43 -31.94 -22.20 57.89
C GLN G 43 -30.82 -22.70 56.99
N GLY G 44 -31.19 -23.10 55.78
CA GLY G 44 -30.24 -23.55 54.79
C GLY G 44 -29.64 -22.41 54.00
N LEU G 45 -28.75 -22.78 53.08
CA LEU G 45 -28.07 -21.78 52.27
C LEU G 45 -28.95 -21.33 51.11
N GLN G 46 -28.68 -20.12 50.63
CA GLN G 46 -29.43 -19.54 49.52
C GLN G 46 -28.47 -18.94 48.51
N TRP G 47 -28.75 -19.15 47.24
CA TRP G 47 -27.94 -18.60 46.16
C TRP G 47 -28.40 -17.18 45.85
N ILE G 48 -27.45 -16.24 45.83
CA ILE G 48 -27.75 -14.86 45.50
C ILE G 48 -27.47 -14.59 44.03
N GLY G 49 -26.23 -14.80 43.61
CA GLY G 49 -25.87 -14.59 42.23
C GLY G 49 -24.39 -14.88 42.03
N GLU G 50 -24.00 -14.92 40.74
CA GLU G 50 -22.60 -15.24 40.36
C GLU G 50 -22.25 -14.46 39.09
N ILE G 51 -20.95 -14.24 38.88
CA ILE G 51 -20.41 -13.80 37.61
C ILE G 51 -19.60 -14.95 37.04
N ASP G 52 -19.96 -15.40 35.83
CA ASP G 52 -19.29 -16.59 35.28
C ASP G 52 -18.01 -16.16 34.55
N HIS G 53 -17.25 -17.13 34.05
CA HIS G 53 -15.92 -16.89 33.48
C HIS G 53 -15.97 -15.90 32.32
N ASP G 54 -17.15 -15.84 31.68
CA ASP G 54 -17.41 -15.07 30.45
C ASP G 54 -17.60 -13.59 30.82
N GLY G 55 -17.88 -13.33 32.09
CA GLY G 55 -18.22 -11.99 32.58
C GLY G 55 -19.71 -11.75 32.56
N SER G 56 -20.50 -12.81 32.77
CA SER G 56 -21.97 -12.70 32.62
C SER G 56 -22.64 -12.96 33.96
N HIS G 57 -23.65 -12.14 34.28
CA HIS G 57 -24.11 -11.98 35.68
C HIS G 57 -25.39 -12.79 35.88
N LYS G 58 -25.27 -13.96 36.48
CA LYS G 58 -26.47 -14.75 36.85
C LYS G 58 -26.97 -14.22 38.19
N HIS G 59 -28.28 -13.95 38.30
CA HIS G 59 -28.90 -13.37 39.52
C HIS G 59 -30.08 -14.25 39.93
N ASN G 60 -30.37 -14.33 41.23
CA ASN G 60 -31.51 -15.11 41.70
C ASN G 60 -32.81 -14.39 41.38
N PRO G 61 -33.84 -15.10 40.93
CA PRO G 61 -35.11 -14.43 40.60
C PRO G 61 -35.76 -13.74 41.79
N ALA G 62 -35.58 -14.27 43.00
CA ALA G 62 -36.26 -13.71 44.16
C ALA G 62 -35.85 -12.26 44.41
N LEU G 63 -34.56 -11.96 44.30
CA LEU G 63 -34.05 -10.60 44.50
C LEU G 63 -34.09 -9.89 43.17
N ARG G 64 -35.18 -9.16 42.92
CA ARG G 64 -35.43 -8.55 41.61
C ARG G 64 -34.97 -7.10 41.62
N SER G 65 -34.05 -6.77 40.71
CA SER G 65 -33.57 -5.43 40.41
C SER G 65 -32.77 -4.79 41.54
N ARG G 66 -32.66 -5.45 42.69
CA ARG G 66 -31.87 -4.95 43.81
C ARG G 66 -30.49 -5.57 43.87
N LEU G 67 -30.10 -6.35 42.86
CA LEU G 67 -28.83 -7.04 42.82
C LEU G 67 -27.87 -6.34 41.87
N SER G 68 -26.61 -6.26 42.28
CA SER G 68 -25.55 -5.73 41.41
C SER G 68 -24.21 -6.16 41.99
N MET G 69 -23.39 -6.78 41.15
CA MET G 69 -22.08 -7.27 41.55
C MET G 69 -21.03 -6.76 40.58
N SER G 70 -19.78 -6.73 41.06
CA SER G 70 -18.67 -6.28 40.25
C SER G 70 -17.40 -6.98 40.71
N LEU G 71 -16.42 -7.02 39.82
CA LEU G 71 -15.14 -7.65 40.09
C LEU G 71 -14.03 -6.60 39.97
N ASP G 72 -13.22 -6.49 41.02
CA ASP G 72 -12.08 -5.56 41.04
C ASP G 72 -10.84 -6.35 40.65
N THR G 73 -10.57 -6.42 39.35
CA THR G 73 -9.44 -7.21 38.87
C THR G 73 -8.12 -6.68 39.39
N SER G 74 -7.99 -5.36 39.50
CA SER G 74 -6.76 -4.77 39.99
C SER G 74 -6.49 -5.14 41.44
N ARG G 75 -7.51 -5.11 42.29
CA ARG G 75 -7.38 -5.40 43.70
C ARG G 75 -7.76 -6.83 44.07
N ASN G 76 -8.21 -7.63 43.10
CA ASN G 76 -8.64 -9.01 43.33
C ASN G 76 -9.74 -9.07 44.40
N GLN G 77 -10.81 -8.34 44.15
CA GLN G 77 -11.91 -8.24 45.10
C GLN G 77 -13.25 -8.41 44.40
N VAL G 78 -14.17 -9.08 45.07
CA VAL G 78 -15.52 -9.31 44.57
C VAL G 78 -16.47 -8.51 45.44
N SER G 79 -17.38 -7.77 44.81
CA SER G 79 -18.25 -6.83 45.52
C SER G 79 -19.71 -7.23 45.36
N LEU G 80 -20.49 -6.92 46.40
CA LEU G 80 -21.94 -7.09 46.39
C LEU G 80 -22.58 -5.77 46.83
N ARG G 81 -23.66 -5.39 46.15
CA ARG G 81 -24.31 -4.10 46.39
C ARG G 81 -25.82 -4.27 46.48
N LEU G 82 -26.26 -5.22 47.32
CA LEU G 82 -27.68 -5.39 47.58
C LEU G 82 -28.27 -4.10 48.16
N THR G 83 -29.42 -3.68 47.61
CA THR G 83 -30.07 -2.44 48.00
C THR G 83 -31.42 -2.72 48.65
N SER G 84 -31.92 -1.72 49.38
CA SER G 84 -33.21 -1.79 50.06
C SER G 84 -33.29 -3.00 50.99
N VAL G 85 -32.31 -3.10 51.89
CA VAL G 85 -32.18 -4.28 52.73
C VAL G 85 -33.32 -4.30 53.75
N THR G 86 -34.00 -5.43 53.83
CA THR G 86 -35.10 -5.65 54.76
C THR G 86 -34.63 -6.60 55.85
N ALA G 87 -35.40 -6.67 56.95
CA ALA G 87 -35.04 -7.49 58.08
C ALA G 87 -34.88 -8.97 57.71
N ALA G 88 -35.55 -9.42 56.65
CA ALA G 88 -35.42 -10.80 56.20
C ALA G 88 -34.07 -11.10 55.58
N ASP G 89 -33.26 -10.08 55.30
CA ASP G 89 -31.94 -10.25 54.70
C ASP G 89 -30.84 -10.43 55.74
N THR G 90 -31.20 -10.74 56.98
CA THR G 90 -30.22 -10.96 58.04
C THR G 90 -29.64 -12.36 57.87
N ALA G 91 -28.43 -12.43 57.33
CA ALA G 91 -27.81 -13.73 57.06
C ALA G 91 -26.31 -13.54 56.96
N ILE G 92 -25.59 -14.67 57.08
CA ILE G 92 -24.15 -14.69 56.91
C ILE G 92 -23.86 -14.83 55.42
N TYR G 93 -23.12 -13.88 54.86
CA TYR G 93 -22.84 -13.84 53.43
C TYR G 93 -21.48 -14.45 53.15
N TYR G 94 -21.44 -15.38 52.20
CA TYR G 94 -20.21 -16.06 51.79
C TYR G 94 -19.86 -15.68 50.37
N CYS G 95 -18.56 -15.53 50.10
CA CYS G 95 -18.05 -15.35 48.75
C CYS G 95 -17.46 -16.67 48.29
N VAL G 96 -17.86 -17.11 47.10
CA VAL G 96 -17.46 -18.42 46.59
C VAL G 96 -16.86 -18.26 45.21
N ARG G 97 -16.02 -19.24 44.86
CA ARG G 97 -15.43 -19.37 43.50
C ARG G 97 -16.10 -20.53 42.79
N VAL G 98 -16.98 -20.28 41.82
CA VAL G 98 -17.56 -21.37 41.03
C VAL G 98 -16.52 -21.80 40.00
N TYR G 99 -15.88 -22.95 40.27
CA TYR G 99 -14.80 -23.43 39.40
C TYR G 99 -15.43 -24.31 38.32
N ARG G 100 -14.90 -24.26 37.11
CA ARG G 100 -15.36 -25.03 35.96
C ARG G 100 -14.45 -26.23 35.76
N GLU G 101 -15.02 -27.42 35.90
CA GLU G 101 -14.35 -28.66 35.44
C GLU G 101 -15.21 -29.26 34.34
N LYS G 102 -14.58 -29.78 33.28
CA LYS G 102 -15.32 -30.37 32.17
C LYS G 102 -15.52 -31.87 32.43
N PHE G 103 -16.78 -32.29 32.49
CA PHE G 103 -17.14 -33.68 32.65
C PHE G 103 -17.75 -34.18 31.36
N LEU G 104 -17.29 -35.33 30.89
CA LEU G 104 -17.71 -35.88 29.60
C LEU G 104 -18.78 -36.94 29.86
N ILE G 105 -20.03 -36.58 29.60
CA ILE G 105 -21.10 -37.56 29.46
C ILE G 105 -20.83 -38.28 28.14
N GLY G 106 -21.58 -39.34 27.86
CA GLY G 106 -21.28 -40.21 26.73
C GLY G 106 -20.79 -39.54 25.47
N GLU G 107 -21.40 -38.43 25.09
CA GLU G 107 -20.97 -37.71 23.89
C GLU G 107 -20.92 -36.21 24.08
N PHE G 108 -21.27 -35.69 25.24
CA PHE G 108 -21.46 -34.26 25.48
C PHE G 108 -20.45 -33.77 26.51
N LEU G 109 -19.82 -32.64 26.23
CA LEU G 109 -18.88 -32.00 27.14
C LEU G 109 -19.52 -30.77 27.75
N THR G 110 -19.47 -30.67 29.08
CA THR G 110 -20.11 -29.58 29.81
C THR G 110 -19.10 -28.89 30.71
N ASP G 111 -19.30 -27.59 30.92
CA ASP G 111 -18.62 -26.85 31.97
C ASP G 111 -19.44 -26.98 33.24
N TYR G 112 -18.88 -27.66 34.23
CA TYR G 112 -19.56 -27.91 35.50
C TYR G 112 -19.01 -26.97 36.56
N ARG G 113 -19.89 -26.16 37.15
CA ARG G 113 -19.52 -25.17 38.15
C ARG G 113 -19.93 -25.66 39.52
N PHE G 114 -18.96 -25.66 40.45
CA PHE G 114 -19.12 -26.40 41.73
C PHE G 114 -18.54 -25.65 42.93
N MET G 115 -18.49 -24.32 42.93
CA MET G 115 -18.18 -23.51 44.11
C MET G 115 -17.00 -24.09 44.90
N ASP G 116 -15.81 -24.04 44.31
CA ASP G 116 -14.61 -24.77 44.80
C ASP G 116 -14.27 -24.27 46.21
N MET G 117 -14.27 -22.94 46.36
CA MET G 117 -13.57 -22.25 47.48
C MET G 117 -14.52 -21.23 48.10
N TRP G 118 -14.69 -21.34 49.42
CA TRP G 118 -15.68 -20.62 50.20
C TRP G 118 -14.99 -19.54 51.04
N GLY G 119 -15.72 -18.47 51.31
CA GLY G 119 -15.24 -17.44 52.21
C GLY G 119 -15.34 -17.89 53.65
N THR G 120 -15.06 -16.95 54.55
CA THR G 120 -15.09 -17.26 55.98
C THR G 120 -16.42 -16.91 56.64
N GLY G 121 -17.08 -15.84 56.20
CA GLY G 121 -18.36 -15.47 56.77
C GLY G 121 -18.43 -14.03 57.20
N THR G 122 -19.51 -13.34 56.82
CA THR G 122 -19.75 -11.95 57.20
C THR G 122 -21.16 -11.88 57.77
N THR G 123 -21.29 -11.92 59.09
CA THR G 123 -22.60 -11.86 59.74
C THR G 123 -23.19 -10.48 59.55
N VAL G 124 -24.23 -10.38 58.75
CA VAL G 124 -24.92 -9.12 58.46
C VAL G 124 -26.24 -9.13 59.21
N ILE G 125 -26.42 -8.15 60.09
CA ILE G 125 -27.63 -8.01 60.89
C ILE G 125 -28.19 -6.60 60.67
N VAL G 126 -29.48 -6.50 60.40
CA VAL G 126 -30.14 -5.22 60.18
C VAL G 126 -31.19 -5.01 61.27
N SER G 127 -31.16 -3.83 61.87
CA SER G 127 -32.12 -3.48 62.92
C SER G 127 -32.30 -1.97 62.99
N GLN H 1 38.90 -33.15 21.60
CA GLN H 1 37.80 -34.05 21.92
C GLN H 1 36.91 -34.29 20.71
N ALA H 2 37.18 -33.54 19.64
CA ALA H 2 36.46 -33.69 18.35
C ALA H 2 36.80 -35.05 17.74
N ARG H 3 35.80 -35.93 17.63
CA ARG H 3 36.06 -37.26 17.08
C ARG H 3 34.87 -37.70 16.25
N LEU H 4 35.15 -38.59 15.31
CA LEU H 4 34.11 -39.25 14.51
C LEU H 4 34.06 -40.70 14.95
N GLN H 5 32.93 -41.11 15.51
CA GLN H 5 32.74 -42.46 16.02
C GLN H 5 31.76 -43.21 15.14
N GLN H 6 32.16 -44.41 14.72
CA GLN H 6 31.28 -45.30 13.97
C GLN H 6 31.38 -46.70 14.55
N TRP H 7 30.26 -47.42 14.53
CA TRP H 7 30.13 -48.68 15.24
C TRP H 7 29.97 -49.83 14.24
N GLU H 8 30.38 -51.01 14.67
CA GLU H 8 30.36 -52.18 13.79
C GLU H 8 28.93 -52.56 13.43
N GLY H 9 28.72 -52.89 12.17
CA GLY H 9 27.43 -53.32 11.66
C GLY H 9 27.26 -54.81 11.52
N ARG H 10 28.24 -55.61 11.95
CA ARG H 10 28.24 -57.07 11.92
C ARG H 10 28.27 -57.59 10.47
N PRO H 11 28.66 -58.84 10.25
CA PRO H 11 28.63 -59.38 8.89
C PRO H 11 27.23 -59.37 8.31
N LEU H 12 27.16 -59.17 6.99
CA LEU H 12 25.90 -59.09 6.28
C LEU H 12 25.89 -60.06 5.11
N LYS H 13 24.70 -60.55 4.77
CA LYS H 13 24.57 -61.50 3.68
C LYS H 13 24.78 -60.80 2.33
N PRO H 14 25.31 -61.52 1.34
CA PRO H 14 25.54 -60.91 0.04
C PRO H 14 24.24 -60.51 -0.63
N ALA H 15 24.34 -59.51 -1.52
CA ALA H 15 23.20 -58.95 -2.24
C ALA H 15 22.15 -58.39 -1.28
N GLU H 16 22.59 -57.40 -0.49
CA GLU H 16 21.74 -56.73 0.47
C GLU H 16 22.10 -55.24 0.45
N THR H 17 21.59 -54.50 1.44
CA THR H 17 21.86 -53.08 1.57
C THR H 17 22.84 -52.86 2.71
N LEU H 18 23.90 -52.08 2.43
CA LEU H 18 24.94 -51.80 3.41
C LEU H 18 24.64 -50.43 4.03
N SER H 19 24.18 -50.45 5.27
CA SER H 19 23.79 -49.24 5.99
C SER H 19 24.88 -48.90 7.01
N LEU H 20 25.57 -47.79 6.78
CA LEU H 20 26.57 -47.28 7.70
C LEU H 20 26.11 -45.96 8.31
N THR H 21 26.69 -45.64 9.47
CA THR H 21 26.37 -44.42 10.17
C THR H 21 27.57 -43.98 10.98
N CYS H 22 27.95 -42.70 10.84
CA CYS H 22 29.07 -42.12 11.56
C CYS H 22 28.56 -41.08 12.54
N GLY H 23 29.10 -41.10 13.75
CA GLY H 23 28.73 -40.16 14.79
C GLY H 23 29.73 -39.03 14.89
N VAL H 24 29.25 -37.81 14.69
CA VAL H 24 30.10 -36.62 14.65
C VAL H 24 29.97 -35.92 16.00
N HIS H 25 31.06 -35.87 16.75
CA HIS H 25 31.10 -35.19 18.04
C HIS H 25 32.26 -34.20 18.06
N GLY H 26 32.08 -33.13 18.82
CA GLY H 26 33.07 -32.07 18.89
C GLY H 26 32.79 -30.96 17.91
N VAL H 27 32.36 -31.34 16.71
CA VAL H 27 32.10 -30.39 15.60
C VAL H 27 30.72 -30.78 15.06
N GLY H 28 30.23 -30.08 14.04
CA GLY H 28 28.90 -30.38 13.52
C GLY H 28 28.96 -30.59 12.02
N LEU H 29 27.88 -31.09 11.43
CA LEU H 29 27.88 -31.40 10.01
C LEU H 29 28.00 -30.18 9.13
N GLY H 30 27.67 -29.01 9.65
CA GLY H 30 27.63 -27.81 8.80
C GLY H 30 29.02 -27.32 8.44
N GLY H 31 29.18 -26.82 7.21
CA GLY H 31 30.32 -25.97 6.84
C GLY H 31 31.38 -26.78 6.14
N SER H 32 31.64 -27.96 6.66
CA SER H 32 32.57 -28.91 6.01
C SER H 32 31.78 -29.81 5.07
N GLY H 33 32.45 -30.83 4.55
CA GLY H 33 31.80 -31.87 3.80
C GLY H 33 32.19 -33.22 4.36
N TRP H 34 31.32 -34.20 4.15
CA TRP H 34 31.45 -35.50 4.78
C TRP H 34 31.41 -36.60 3.74
N GLY H 35 32.42 -37.46 3.76
CA GLY H 35 32.57 -38.51 2.77
C GLY H 35 32.95 -39.82 3.41
N TRP H 36 33.11 -40.84 2.55
CA TRP H 36 33.37 -42.19 2.99
C TRP H 36 34.59 -42.75 2.27
N ILE H 37 35.49 -43.37 3.03
CA ILE H 37 36.70 -43.99 2.51
C ILE H 37 36.75 -45.43 3.01
N ARG H 38 37.06 -46.36 2.12
CA ARG H 38 37.17 -47.76 2.47
C ARG H 38 38.62 -48.22 2.37
N GLN H 39 38.85 -49.47 2.78
CA GLN H 39 40.17 -50.06 2.64
C GLN H 39 40.06 -51.58 2.60
N PRO H 40 40.08 -52.19 1.41
CA PRO H 40 40.09 -53.65 1.35
C PRO H 40 41.34 -54.20 2.01
N PRO H 41 41.23 -55.38 2.63
CA PRO H 41 42.38 -55.93 3.36
C PRO H 41 43.59 -56.13 2.44
N GLY H 42 44.77 -55.81 2.97
CA GLY H 42 45.99 -55.94 2.22
C GLY H 42 46.08 -55.06 1.00
N GLN H 43 45.28 -54.00 0.92
CA GLN H 43 45.25 -53.11 -0.23
C GLN H 43 45.25 -51.67 0.25
N GLY H 44 45.24 -50.74 -0.71
CA GLY H 44 45.18 -49.33 -0.40
C GLY H 44 43.77 -48.82 -0.21
N LEU H 45 43.67 -47.53 0.08
CA LEU H 45 42.37 -46.93 0.33
C LEU H 45 41.66 -46.60 -0.99
N GLN H 46 40.33 -46.54 -0.91
CA GLN H 46 39.51 -46.25 -2.07
C GLN H 46 38.47 -45.20 -1.71
N TRP H 47 38.25 -44.24 -2.61
CA TRP H 47 37.26 -43.21 -2.40
C TRP H 47 35.89 -43.70 -2.86
N ILE H 48 34.89 -43.58 -1.99
CA ILE H 48 33.52 -43.97 -2.33
C ILE H 48 32.73 -42.76 -2.80
N GLY H 49 32.63 -41.76 -1.94
CA GLY H 49 31.89 -40.56 -2.31
C GLY H 49 31.89 -39.58 -1.15
N GLU H 50 31.43 -38.37 -1.45
CA GLU H 50 31.39 -37.25 -0.46
C GLU H 50 30.19 -36.37 -0.73
N ILE H 51 29.74 -35.66 0.30
CA ILE H 51 28.81 -34.54 0.15
C ILE H 51 29.57 -33.28 0.48
N ASP H 52 29.60 -32.33 -0.45
CA ASP H 52 30.43 -31.12 -0.22
C ASP H 52 29.61 -30.09 0.54
N HIS H 53 30.23 -28.96 0.89
CA HIS H 53 29.64 -27.95 1.76
C HIS H 53 28.32 -27.42 1.21
N ASP H 54 28.19 -27.52 -0.12
CA ASP H 54 27.07 -26.96 -0.91
C ASP H 54 25.85 -27.88 -0.80
N GLY H 55 26.11 -29.12 -0.39
CA GLY H 55 25.07 -30.17 -0.35
C GLY H 55 25.05 -30.97 -1.63
N SER H 56 26.21 -31.12 -2.27
CA SER H 56 26.25 -31.75 -3.61
C SER H 56 27.04 -33.05 -3.54
N HIS H 57 26.54 -34.09 -4.19
CA HIS H 57 26.94 -35.49 -3.88
C HIS H 57 27.92 -35.98 -4.95
N LYS H 58 29.21 -35.95 -4.62
CA LYS H 58 30.23 -36.54 -5.52
C LYS H 58 30.28 -38.03 -5.26
N HIS H 59 30.23 -38.86 -6.31
CA HIS H 59 30.21 -40.34 -6.19
C HIS H 59 31.32 -40.91 -7.06
N ASN H 60 31.90 -42.05 -6.69
CA ASN H 60 32.93 -42.69 -7.48
C ASN H 60 32.32 -43.34 -8.72
N PRO H 61 32.96 -43.22 -9.88
CA PRO H 61 32.38 -43.82 -11.10
C PRO H 61 32.26 -45.33 -11.03
N ALA H 62 33.15 -46.01 -10.29
CA ALA H 62 33.13 -47.46 -10.26
C ALA H 62 31.81 -48.01 -9.69
N LEU H 63 31.33 -47.40 -8.61
CA LEU H 63 30.08 -47.82 -7.98
C LEU H 63 28.95 -47.04 -8.64
N ARG H 64 28.32 -47.64 -9.65
CA ARG H 64 27.34 -46.96 -10.48
C ARG H 64 25.93 -47.27 -9.99
N SER H 65 25.19 -46.23 -9.61
CA SER H 65 23.77 -46.25 -9.27
C SER H 65 23.48 -46.99 -7.97
N ARG H 66 24.48 -47.61 -7.34
CA ARG H 66 24.29 -48.30 -6.07
C ARG H 66 24.72 -47.44 -4.89
N LEU H 67 25.04 -46.16 -5.12
CA LEU H 67 25.48 -45.27 -4.07
C LEU H 67 24.37 -44.30 -3.67
N SER H 68 24.28 -44.04 -2.37
CA SER H 68 23.35 -43.04 -1.85
C SER H 68 23.77 -42.68 -0.45
N MET H 69 23.93 -41.39 -0.19
CA MET H 69 24.37 -40.89 1.11
C MET H 69 23.42 -39.81 1.58
N SER H 70 23.39 -39.59 2.88
CA SER H 70 22.54 -38.57 3.47
C SER H 70 23.17 -38.06 4.75
N LEU H 71 22.77 -36.87 5.16
CA LEU H 71 23.28 -36.23 6.36
C LEU H 71 22.13 -35.98 7.32
N ASP H 72 22.28 -36.46 8.55
CA ASP H 72 21.28 -36.26 9.60
C ASP H 72 21.71 -35.06 10.43
N THR H 73 21.28 -33.87 10.01
CA THR H 73 21.70 -32.65 10.68
C THR H 73 21.22 -32.63 12.13
N SER H 74 20.01 -33.14 12.38
CA SER H 74 19.46 -33.14 13.74
C SER H 74 20.29 -34.02 14.66
N ARG H 75 20.69 -35.21 14.20
CA ARG H 75 21.44 -36.15 15.01
C ARG H 75 22.94 -36.08 14.77
N ASN H 76 23.40 -35.25 13.85
CA ASN H 76 24.83 -35.13 13.49
C ASN H 76 25.40 -36.49 13.09
N GLN H 77 24.77 -37.09 12.08
CA GLN H 77 25.17 -38.42 11.60
C GLN H 77 25.24 -38.44 10.09
N VAL H 78 26.23 -39.17 9.57
CA VAL H 78 26.45 -39.35 8.15
C VAL H 78 26.14 -40.80 7.81
N SER H 79 25.35 -41.01 6.76
CA SER H 79 24.84 -42.34 6.43
C SER H 79 25.34 -42.78 5.05
N LEU H 80 25.53 -44.09 4.92
CA LEU H 80 25.88 -44.73 3.66
C LEU H 80 24.90 -45.86 3.41
N ARG H 81 24.44 -46.00 2.16
CA ARG H 81 23.43 -46.98 1.80
C ARG H 81 23.82 -47.73 0.53
N LEU H 82 25.04 -48.25 0.51
CA LEU H 82 25.47 -49.09 -0.61
C LEU H 82 24.57 -50.30 -0.74
N THR H 83 24.15 -50.59 -1.97
CA THR H 83 23.22 -51.67 -2.26
C THR H 83 23.89 -52.74 -3.11
N SER H 84 23.27 -53.93 -3.12
CA SER H 84 23.75 -55.07 -3.91
C SER H 84 25.20 -55.39 -3.58
N VAL H 85 25.48 -55.60 -2.30
CA VAL H 85 26.86 -55.77 -1.85
C VAL H 85 27.39 -57.12 -2.31
N THR H 86 28.55 -57.09 -2.95
CA THR H 86 29.24 -58.27 -3.45
C THR H 86 30.44 -58.57 -2.56
N ALA H 87 30.98 -59.78 -2.69
CA ALA H 87 32.10 -60.19 -1.85
C ALA H 87 33.31 -59.28 -2.00
N ALA H 88 33.45 -58.60 -3.14
CA ALA H 88 34.55 -57.68 -3.34
C ALA H 88 34.43 -56.41 -2.49
N ASP H 89 33.28 -56.18 -1.87
CA ASP H 89 33.06 -55.00 -1.05
C ASP H 89 33.44 -55.22 0.41
N THR H 90 34.21 -56.26 0.70
CA THR H 90 34.66 -56.54 2.06
C THR H 90 35.82 -55.61 2.38
N ALA H 91 35.54 -54.56 3.16
CA ALA H 91 36.55 -53.58 3.47
C ALA H 91 36.15 -52.83 4.73
N ILE H 92 37.13 -52.17 5.34
CA ILE H 92 36.91 -51.32 6.49
C ILE H 92 36.48 -49.94 6.00
N TYR H 93 35.31 -49.50 6.42
CA TYR H 93 34.73 -48.24 5.94
C TYR H 93 35.01 -47.13 6.94
N TYR H 94 35.54 -46.02 6.44
CA TYR H 94 35.86 -44.86 7.25
C TYR H 94 34.96 -43.69 6.88
N CYS H 95 34.56 -42.91 7.87
CA CYS H 95 33.85 -41.66 7.66
C CYS H 95 34.83 -40.51 7.84
N VAL H 96 34.88 -39.59 6.88
CA VAL H 96 35.85 -38.52 6.88
C VAL H 96 35.15 -37.18 6.72
N ARG H 97 35.82 -36.14 7.21
CA ARG H 97 35.38 -34.73 7.03
C ARG H 97 36.30 -34.06 6.02
N VAL H 98 35.84 -33.82 4.79
CA VAL H 98 36.64 -33.07 3.83
C VAL H 98 36.55 -31.59 4.20
N TYR H 99 37.62 -31.07 4.79
CA TYR H 99 37.62 -29.68 5.27
C TYR H 99 38.15 -28.80 4.12
N ARG H 100 37.60 -27.60 3.97
CA ARG H 100 37.96 -26.63 2.95
C ARG H 100 38.89 -25.59 3.56
N GLU H 101 40.12 -25.54 3.06
CA GLU H 101 41.02 -24.39 3.33
C GLU H 101 41.31 -23.71 2.01
N LYS H 102 41.33 -22.38 1.98
CA LYS H 102 41.59 -21.64 0.75
C LYS H 102 43.08 -21.39 0.60
N PHE H 103 43.66 -21.90 -0.48
CA PHE H 103 45.06 -21.68 -0.80
C PHE H 103 45.15 -20.77 -2.01
N LEU H 104 45.98 -19.75 -1.91
CA LEU H 104 46.10 -18.73 -2.96
C LEU H 104 47.32 -19.05 -3.82
N ILE H 105 47.05 -19.60 -5.01
CA ILE H 105 48.06 -19.64 -6.08
C ILE H 105 48.22 -18.20 -6.54
N GLY H 106 49.21 -17.94 -7.40
CA GLY H 106 49.59 -16.59 -7.77
C GLY H 106 48.45 -15.59 -7.92
N GLU H 107 47.37 -16.00 -8.57
CA GLU H 107 46.23 -15.10 -8.75
C GLU H 107 44.89 -15.79 -8.51
N PHE H 108 44.87 -17.09 -8.20
CA PHE H 108 43.65 -17.88 -8.15
C PHE H 108 43.43 -18.39 -6.73
N LEU H 109 42.19 -18.28 -6.26
CA LEU H 109 41.79 -18.78 -4.94
C LEU H 109 40.97 -20.04 -5.12
N THR H 110 41.32 -21.09 -4.39
CA THR H 110 40.66 -22.38 -4.52
C THR H 110 40.20 -22.86 -3.15
N ASP H 111 39.09 -23.61 -3.13
CA ASP H 111 38.68 -24.38 -1.97
C ASP H 111 39.36 -25.74 -2.05
N TYR H 112 40.28 -26.00 -1.12
CA TYR H 112 41.03 -27.24 -1.09
C TYR H 112 40.46 -28.17 -0.02
N ARG H 113 40.05 -29.36 -0.44
CA ARG H 113 39.42 -30.33 0.45
C ARG H 113 40.42 -31.45 0.75
N PHE H 114 40.62 -31.71 2.04
CA PHE H 114 41.76 -32.53 2.50
C PHE H 114 41.41 -33.47 3.64
N MET H 115 40.17 -33.94 3.77
CA MET H 115 39.80 -35.02 4.69
C MET H 115 40.46 -34.86 6.06
N ASP H 116 40.04 -33.84 6.80
CA ASP H 116 40.74 -33.38 8.04
C ASP H 116 40.72 -34.51 9.06
N MET H 117 39.56 -35.12 9.23
CA MET H 117 39.19 -35.92 10.43
C MET H 117 38.61 -37.25 9.99
N TRP H 118 39.19 -38.33 10.50
CA TRP H 118 38.92 -39.70 10.08
C TRP H 118 38.13 -40.42 11.16
N GLY H 119 37.33 -41.39 10.75
CA GLY H 119 36.63 -42.25 11.67
C GLY H 119 37.57 -43.28 12.27
N THR H 120 36.97 -44.21 13.02
CA THR H 120 37.75 -45.24 13.69
C THR H 120 37.84 -46.54 12.90
N GLY H 121 36.80 -46.90 12.17
CA GLY H 121 36.83 -48.11 11.38
C GLY H 121 35.64 -49.03 11.63
N THR H 122 35.02 -49.49 10.55
CA THR H 122 33.90 -50.43 10.62
C THR H 122 34.21 -51.59 9.69
N THR H 123 34.73 -52.69 10.25
CA THR H 123 35.07 -53.85 9.44
C THR H 123 33.80 -54.51 8.92
N VAL H 124 33.57 -54.41 7.62
CA VAL H 124 32.39 -54.99 6.98
C VAL H 124 32.84 -56.22 6.21
N ILE H 125 32.27 -57.37 6.55
CA ILE H 125 32.58 -58.64 5.91
C ILE H 125 31.28 -59.24 5.42
N VAL H 126 31.26 -59.71 4.17
CA VAL H 126 30.08 -60.32 3.57
C VAL H 126 30.41 -61.76 3.23
N SER H 127 29.52 -62.67 3.62
CA SER H 127 29.68 -64.10 3.35
C SER H 127 28.34 -64.80 3.32
N ALA I 1 39.95 -39.96 -15.29
CA ALA I 1 40.37 -39.77 -13.91
C ALA I 1 41.88 -39.54 -13.82
N ILE I 2 42.37 -39.32 -12.61
CA ILE I 2 43.78 -39.08 -12.35
C ILE I 2 44.32 -40.25 -11.55
N GLN I 3 45.45 -40.79 -11.99
CA GLN I 3 46.09 -41.92 -11.31
C GLN I 3 47.36 -41.44 -10.63
N LEU I 4 47.49 -41.74 -9.35
CA LEU I 4 48.67 -41.40 -8.57
C LEU I 4 49.54 -42.63 -8.42
N THR I 5 50.80 -42.53 -8.82
CA THR I 5 51.76 -43.62 -8.72
C THR I 5 52.74 -43.31 -7.61
N GLN I 6 52.80 -44.20 -6.62
CA GLN I 6 53.66 -44.01 -5.45
C GLN I 6 54.71 -45.11 -5.43
N ALA I 7 55.98 -44.70 -5.47
CA ALA I 7 57.10 -45.64 -5.48
C ALA I 7 58.21 -45.09 -4.60
N PRO I 8 59.03 -45.95 -4.01
CA PRO I 8 58.97 -47.43 -4.02
C PRO I 8 57.89 -47.95 -3.09
N LEU I 9 57.30 -49.10 -3.40
CA LEU I 9 56.20 -49.63 -2.60
C LEU I 9 56.63 -50.11 -1.23
N THR I 10 57.94 -50.22 -0.98
CA THR I 10 58.43 -50.68 0.32
C THR I 10 59.84 -50.15 0.49
N VAL I 11 60.01 -49.21 1.43
CA VAL I 11 61.32 -48.64 1.74
C VAL I 11 61.63 -48.96 3.20
N SER I 12 62.86 -49.44 3.44
CA SER I 12 63.28 -49.88 4.77
C SER I 12 64.43 -49.00 5.25
N ALA I 13 64.32 -48.53 6.49
CA ALA I 13 65.38 -47.75 7.10
C ALA I 13 65.30 -47.91 8.61
N SER I 14 66.43 -47.68 9.27
CA SER I 14 66.52 -47.83 10.71
C SER I 14 66.13 -46.53 11.40
N ILE I 15 66.10 -46.56 12.74
CA ILE I 15 65.70 -45.39 13.51
C ILE I 15 66.78 -44.33 13.39
N GLY I 16 66.38 -43.12 13.01
CA GLY I 16 67.31 -42.01 12.89
C GLY I 16 67.86 -41.84 11.49
N ASP I 17 67.03 -42.05 10.48
CA ASP I 17 67.41 -41.89 9.08
C ASP I 17 66.52 -40.84 8.43
N THR I 18 66.80 -40.58 7.15
CA THR I 18 66.02 -39.65 6.35
C THR I 18 65.54 -40.36 5.10
N ILE I 19 64.22 -40.35 4.87
CA ILE I 19 63.62 -41.03 3.74
C ILE I 19 62.88 -40.00 2.89
N THR I 20 62.83 -40.23 1.59
CA THR I 20 62.03 -39.45 0.66
C THR I 20 61.05 -40.38 -0.04
N LEU I 21 59.77 -40.02 0.00
CA LEU I 21 58.71 -40.78 -0.65
C LEU I 21 58.23 -40.01 -1.87
N THR I 22 57.99 -40.74 -2.96
CA THR I 22 57.58 -40.13 -4.22
C THR I 22 56.15 -40.51 -4.56
N CYS I 23 55.39 -39.53 -5.03
CA CYS I 23 54.02 -39.75 -5.52
C CYS I 23 53.90 -39.00 -6.84
N ARG I 24 53.89 -39.74 -7.95
CA ARG I 24 53.81 -39.16 -9.28
C ARG I 24 52.37 -39.19 -9.76
N ALA I 25 51.88 -38.04 -10.23
CA ALA I 25 50.53 -37.94 -10.74
C ALA I 25 50.52 -38.18 -12.26
N SER I 26 49.33 -38.42 -12.79
CA SER I 26 49.18 -38.58 -14.23
C SER I 26 49.19 -37.24 -14.94
N GLN I 27 48.23 -36.38 -14.64
CA GLN I 27 48.19 -35.02 -15.15
C GLN I 27 48.92 -34.10 -14.17
N ASP I 28 48.78 -32.81 -14.37
CA ASP I 28 49.27 -31.81 -13.41
C ASP I 28 48.12 -31.45 -12.49
N ILE I 29 48.27 -31.79 -11.20
CA ILE I 29 47.22 -31.54 -10.22
C ILE I 29 47.54 -30.30 -9.38
N SER I 30 48.35 -29.39 -9.90
CA SER I 30 48.80 -28.18 -9.20
C SER I 30 49.48 -28.66 -7.91
N ILE I 31 49.17 -28.08 -6.76
CA ILE I 31 49.78 -28.48 -5.49
C ILE I 31 48.81 -29.23 -4.60
N TRP I 32 47.60 -29.51 -5.08
CA TRP I 32 46.56 -30.17 -4.27
C TRP I 32 46.86 -31.65 -4.16
N LEU I 33 47.66 -32.01 -3.17
CA LEU I 33 47.95 -33.41 -2.87
C LEU I 33 48.27 -33.53 -1.39
N SER I 34 47.43 -34.26 -0.65
CA SER I 34 47.60 -34.44 0.77
C SER I 34 48.15 -35.83 1.09
N TRP I 35 48.85 -35.93 2.22
CA TRP I 35 49.53 -37.14 2.63
C TRP I 35 48.89 -37.69 3.90
N TYR I 36 48.62 -38.99 3.91
CA TYR I 36 48.00 -39.66 5.05
C TYR I 36 48.85 -40.84 5.49
N ARG I 37 48.95 -41.02 6.81
CA ARG I 37 49.72 -42.10 7.40
C ARG I 37 48.79 -43.06 8.12
N GLN I 38 48.90 -44.35 7.81
CA GLN I 38 48.06 -45.38 8.41
C GLN I 38 48.96 -46.31 9.23
N MET I 39 48.92 -46.15 10.55
CA MET I 39 49.57 -47.09 11.43
C MET I 39 48.87 -48.45 11.32
N PRO I 40 49.62 -49.55 11.28
CA PRO I 40 49.00 -50.87 11.11
C PRO I 40 47.92 -51.17 12.13
N GLY I 41 46.67 -51.30 11.65
CA GLY I 41 45.53 -51.58 12.48
C GLY I 41 44.74 -50.35 12.90
N LYS I 42 45.34 -49.17 12.82
CA LYS I 42 44.67 -47.93 13.21
C LYS I 42 44.00 -47.31 11.99
N ALA I 43 43.58 -46.04 12.12
CA ALA I 43 42.97 -45.29 11.04
C ALA I 43 43.98 -44.29 10.46
N PRO I 44 43.88 -43.99 9.16
CA PRO I 44 44.80 -43.02 8.57
C PRO I 44 44.61 -41.64 9.17
N GLU I 45 45.70 -40.89 9.24
CA GLU I 45 45.68 -39.54 9.77
C GLU I 45 46.38 -38.58 8.80
N LEU I 46 45.94 -37.34 8.80
CA LEU I 46 46.51 -36.34 7.91
C LEU I 46 47.87 -35.88 8.41
N LEU I 47 48.87 -35.93 7.52
CA LEU I 47 50.18 -35.37 7.81
C LEU I 47 50.38 -34.02 7.12
N ILE I 48 50.28 -34.01 5.79
CA ILE I 48 50.57 -32.83 4.98
C ILE I 48 49.40 -32.62 4.03
N TYR I 49 48.94 -31.37 3.95
CA TYR I 49 47.92 -30.98 2.96
C TYR I 49 48.53 -29.92 2.05
N ALA I 50 48.02 -29.81 0.83
CA ALA I 50 48.53 -28.90 -0.20
C ALA I 50 50.01 -29.16 -0.49
N ALA I 51 50.47 -30.37 -0.20
CA ALA I 51 51.81 -30.88 -0.48
C ALA I 51 52.91 -30.16 0.27
N SER I 52 52.60 -29.11 1.04
CA SER I 52 53.64 -28.40 1.79
C SER I 52 53.25 -28.05 3.21
N THR I 53 51.97 -27.96 3.55
CA THR I 53 51.53 -27.45 4.84
C THR I 53 51.43 -28.58 5.85
N LEU I 54 52.04 -28.40 7.02
CA LEU I 54 52.03 -29.41 8.06
C LEU I 54 50.76 -29.32 8.89
N ARG I 55 50.15 -30.48 9.16
CA ARG I 55 48.92 -30.53 9.99
C ARG I 55 49.27 -30.10 11.42
N GLY I 56 48.31 -29.55 12.13
CA GLY I 56 48.51 -29.11 13.52
C GLY I 56 48.84 -30.28 14.42
N GLY I 57 50.06 -30.32 14.92
CA GLY I 57 50.50 -31.40 15.78
C GLY I 57 51.54 -32.30 15.15
N VAL I 58 51.65 -32.32 13.83
CA VAL I 58 52.68 -33.11 13.16
C VAL I 58 54.04 -32.47 13.44
N PRO I 59 55.05 -33.24 13.81
CA PRO I 59 56.37 -32.66 14.09
C PRO I 59 56.99 -32.04 12.84
N SER I 60 57.87 -31.07 13.07
CA SER I 60 58.49 -30.33 11.98
C SER I 60 59.40 -31.19 11.11
N ARG I 61 59.71 -32.42 11.53
CA ARG I 61 60.52 -33.31 10.72
C ARG I 61 59.85 -33.61 9.38
N PHE I 62 58.53 -33.82 9.39
CA PHE I 62 57.82 -34.11 8.15
C PHE I 62 57.78 -32.87 7.26
N SER I 63 57.93 -33.08 5.96
CA SER I 63 57.93 -31.98 5.00
C SER I 63 57.67 -32.53 3.61
N GLY I 64 56.90 -31.77 2.81
CA GLY I 64 56.67 -32.07 1.42
C GLY I 64 57.24 -30.98 0.52
N ALA I 65 57.09 -31.21 -0.78
CA ALA I 65 57.62 -30.28 -1.77
C ALA I 65 56.94 -30.53 -3.11
N ARG I 66 57.28 -29.68 -4.08
CA ARG I 66 56.88 -29.80 -5.48
C ARG I 66 55.41 -29.47 -5.71
N SER I 67 55.12 -28.77 -6.82
CA SER I 67 53.76 -28.40 -7.19
C SER I 67 53.44 -28.78 -8.63
N GLY I 68 54.14 -29.75 -9.18
CA GLY I 68 53.92 -30.19 -10.54
C GLY I 68 53.34 -31.59 -10.62
N THR I 69 54.20 -32.56 -10.87
CA THR I 69 53.78 -33.95 -11.00
C THR I 69 54.50 -34.89 -10.03
N ASP I 70 55.79 -34.68 -9.78
CA ASP I 70 56.57 -35.56 -8.91
C ASP I 70 56.58 -34.99 -7.50
N PHE I 71 55.50 -35.25 -6.77
CA PHE I 71 55.40 -34.84 -5.38
C PHE I 71 56.28 -35.71 -4.50
N SER I 72 56.88 -35.08 -3.48
CA SER I 72 57.80 -35.79 -2.59
C SER I 72 57.49 -35.44 -1.14
N LEU I 73 57.71 -36.42 -0.26
CA LEU I 73 57.60 -36.23 1.18
C LEU I 73 58.90 -36.71 1.83
N LYS I 74 59.44 -35.90 2.74
CA LYS I 74 60.71 -36.20 3.39
C LYS I 74 60.50 -36.33 4.89
N ILE I 75 61.00 -37.41 5.47
CA ILE I 75 60.94 -37.65 6.90
C ILE I 75 62.35 -37.56 7.46
N LYS I 76 62.52 -36.80 8.54
CA LYS I 76 63.79 -36.69 9.22
C LYS I 76 63.66 -37.22 10.64
N ASN I 77 64.76 -37.78 11.16
CA ASN I 77 64.82 -38.29 12.53
C ASN I 77 63.73 -39.36 12.75
N LEU I 78 63.88 -40.46 12.02
CA LEU I 78 62.91 -41.54 12.08
C LEU I 78 62.73 -42.05 13.49
N GLN I 79 61.48 -42.32 13.85
CA GLN I 79 61.09 -42.88 15.13
C GLN I 79 60.14 -44.04 14.87
N PRO I 80 59.97 -44.94 15.84
CA PRO I 80 59.12 -46.12 15.60
C PRO I 80 57.70 -45.78 15.18
N GLU I 81 57.18 -44.62 15.57
CA GLU I 81 55.83 -44.25 15.17
C GLU I 81 55.74 -43.85 13.70
N ASP I 82 56.86 -43.67 13.01
CA ASP I 82 56.86 -43.32 11.60
C ASP I 82 56.81 -44.54 10.68
N PHE I 83 56.94 -45.75 11.22
CA PHE I 83 56.94 -46.97 10.42
C PHE I 83 55.50 -47.40 10.17
N ALA I 84 54.87 -46.73 9.21
CA ALA I 84 53.49 -47.00 8.85
C ALA I 84 53.37 -46.93 7.34
N THR I 85 52.14 -47.02 6.85
CA THR I 85 51.85 -46.98 5.41
C THR I 85 51.36 -45.58 5.06
N TYR I 86 52.06 -44.93 4.12
CA TYR I 86 51.75 -43.56 3.73
C TYR I 86 50.98 -43.57 2.40
N TYR I 87 50.00 -42.68 2.31
CA TYR I 87 49.16 -42.57 1.11
C TYR I 87 49.14 -41.12 0.66
N CYS I 88 49.18 -40.93 -0.65
CA CYS I 88 49.05 -39.60 -1.26
C CYS I 88 47.69 -39.51 -1.94
N PHE I 89 46.96 -38.43 -1.67
CA PHE I 89 45.58 -38.26 -2.11
C PHE I 89 45.48 -36.93 -2.84
N GLN I 90 45.03 -36.98 -4.09
CA GLN I 90 44.86 -35.77 -4.87
C GLN I 90 43.46 -35.20 -4.69
N SER I 91 43.33 -33.89 -4.90
CA SER I 91 42.06 -33.22 -4.74
C SER I 91 41.78 -32.24 -5.88
N ASP I 92 42.33 -32.51 -7.06
CA ASP I 92 42.12 -31.64 -8.21
C ASP I 92 40.83 -31.98 -8.95
N SER I 93 40.73 -33.21 -9.46
CA SER I 93 39.56 -33.66 -10.20
C SER I 93 38.65 -34.46 -9.30
N TYR I 94 37.34 -34.34 -9.54
CA TYR I 94 36.30 -34.93 -8.66
C TYR I 94 36.33 -36.46 -8.62
N PRO I 95 36.65 -37.24 -9.68
CA PRO I 95 37.07 -38.63 -9.48
C PRO I 95 38.36 -38.65 -8.65
N ARG I 96 38.22 -38.58 -7.32
CA ARG I 96 39.36 -38.59 -6.41
C ARG I 96 40.08 -39.94 -6.43
N ALA I 97 41.37 -39.90 -6.15
CA ALA I 97 42.20 -41.10 -6.18
C ALA I 97 43.22 -41.06 -5.07
N PHE I 98 43.64 -42.24 -4.63
CA PHE I 98 44.66 -42.42 -3.63
C PHE I 98 45.91 -43.03 -4.25
N GLY I 99 47.01 -42.95 -3.51
CA GLY I 99 48.21 -43.65 -3.90
C GLY I 99 48.13 -45.12 -3.54
N GLN I 100 49.13 -45.87 -4.03
CA GLN I 100 49.16 -47.30 -3.76
C GLN I 100 49.56 -47.61 -2.33
N GLY I 101 50.33 -46.73 -1.70
CA GLY I 101 50.75 -46.94 -0.33
C GLY I 101 52.20 -47.38 -0.21
N THR I 102 53.01 -46.60 0.50
CA THR I 102 54.41 -46.93 0.71
C THR I 102 54.58 -47.43 2.14
N LYS I 103 54.90 -48.71 2.28
CA LYS I 103 55.05 -49.34 3.58
C LYS I 103 56.49 -49.13 4.06
N VAL I 104 56.65 -48.27 5.05
CA VAL I 104 57.97 -47.99 5.62
C VAL I 104 58.17 -48.88 6.84
N GLU I 105 59.25 -49.65 6.84
CA GLU I 105 59.57 -50.56 7.93
C GLU I 105 61.02 -50.37 8.33
N ILE I 106 61.45 -51.16 9.31
CA ILE I 106 62.84 -51.15 9.76
C ILE I 106 63.61 -52.20 8.98
N THR I 107 64.90 -51.95 8.78
CA THR I 107 65.76 -52.83 8.00
C THR I 107 65.87 -54.21 8.66
N ALA J 1 -37.86 -23.14 38.10
CA ALA J 1 -36.63 -23.52 38.78
C ALA J 1 -36.65 -24.98 39.17
N ILE J 2 -35.55 -25.44 39.78
CA ILE J 2 -35.40 -26.83 40.22
C ILE J 2 -35.34 -26.84 41.74
N GLN J 3 -36.14 -27.71 42.35
CA GLN J 3 -36.19 -27.85 43.80
C GLN J 3 -35.53 -29.15 44.20
N LEU J 4 -34.59 -29.08 45.13
CA LEU J 4 -33.90 -30.25 45.66
C LEU J 4 -34.49 -30.59 47.01
N THR J 5 -34.96 -31.82 47.18
CA THR J 5 -35.53 -32.29 48.43
C THR J 5 -34.55 -33.25 49.08
N GLN J 6 -34.12 -32.92 50.30
CA GLN J 6 -33.14 -33.70 51.04
C GLN J 6 -33.80 -34.27 52.29
N ALA J 7 -33.80 -35.60 52.40
CA ALA J 7 -34.41 -36.29 53.52
C ALA J 7 -33.52 -37.47 53.91
N PRO J 8 -33.55 -37.87 55.19
CA PRO J 8 -34.26 -37.27 56.32
C PRO J 8 -33.57 -36.01 56.83
N LEU J 9 -34.32 -35.05 57.38
CA LEU J 9 -33.74 -33.79 57.80
C LEU J 9 -32.84 -33.92 59.02
N THR J 10 -32.86 -35.08 59.69
CA THR J 10 -32.03 -35.27 60.88
C THR J 10 -31.80 -36.76 61.04
N VAL J 11 -30.56 -37.22 60.83
CA VAL J 11 -30.19 -38.61 60.99
C VAL J 11 -29.13 -38.69 62.08
N SER J 12 -29.30 -39.63 63.01
CA SER J 12 -28.43 -39.77 64.17
C SER J 12 -27.74 -41.13 64.12
N ALA J 13 -26.42 -41.12 64.34
CA ALA J 13 -25.66 -42.35 64.38
C ALA J 13 -24.43 -42.12 65.25
N SER J 14 -23.90 -43.22 65.78
CA SER J 14 -22.73 -43.15 66.66
C SER J 14 -21.45 -43.21 65.82
N ILE J 15 -20.32 -43.09 66.51
CA ILE J 15 -19.02 -43.11 65.83
C ILE J 15 -18.74 -44.51 65.31
N GLY J 16 -18.43 -44.61 64.02
CA GLY J 16 -18.13 -45.89 63.41
C GLY J 16 -19.33 -46.56 62.77
N ASP J 17 -20.19 -45.77 62.13
CA ASP J 17 -21.37 -46.27 61.45
C ASP J 17 -21.32 -45.88 59.98
N THR J 18 -22.32 -46.31 59.23
CA THR J 18 -22.46 -45.99 57.81
C THR J 18 -23.82 -45.36 57.60
N ILE J 19 -23.84 -44.17 57.01
CA ILE J 19 -25.07 -43.44 56.76
C ILE J 19 -25.20 -43.17 55.26
N THR J 20 -26.44 -43.14 54.79
CA THR J 20 -26.75 -42.74 53.42
C THR J 20 -27.68 -41.54 53.46
N LEU J 21 -27.30 -40.49 52.75
CA LEU J 21 -28.09 -39.26 52.65
C LEU J 21 -28.71 -39.18 51.27
N THR J 22 -29.97 -38.76 51.21
CA THR J 22 -30.71 -38.69 49.96
C THR J 22 -30.99 -37.24 49.59
N CYS J 23 -30.83 -36.93 48.31
CA CYS J 23 -31.18 -35.62 47.76
C CYS J 23 -31.94 -35.86 46.47
N ARG J 24 -33.25 -35.66 46.49
CA ARG J 24 -34.11 -35.89 45.34
C ARG J 24 -34.36 -34.57 44.62
N ALA J 25 -34.13 -34.58 43.31
CA ALA J 25 -34.36 -33.39 42.49
C ALA J 25 -35.77 -33.40 41.92
N SER J 26 -36.19 -32.24 41.42
CA SER J 26 -37.50 -32.13 40.78
C SER J 26 -37.46 -32.69 39.37
N GLN J 27 -36.65 -32.09 38.51
CA GLN J 27 -36.43 -32.59 37.16
C GLN J 27 -35.24 -33.54 37.18
N ASP J 28 -34.76 -33.90 35.99
CA ASP J 28 -33.51 -34.66 35.86
C ASP J 28 -32.38 -33.67 35.64
N ILE J 29 -31.46 -33.60 36.59
CA ILE J 29 -30.35 -32.67 36.52
C ILE J 29 -29.06 -33.36 36.07
N SER J 30 -29.19 -34.48 35.37
CA SER J 30 -28.05 -35.29 34.92
C SER J 30 -27.26 -35.67 36.18
N ILE J 31 -25.93 -35.52 36.19
CA ILE J 31 -25.13 -35.85 37.35
C ILE J 31 -24.58 -34.62 38.06
N TRP J 32 -24.97 -33.42 37.61
CA TRP J 32 -24.46 -32.17 38.17
C TRP J 32 -25.13 -31.89 39.51
N LEU J 33 -24.54 -32.43 40.57
CA LEU J 33 -25.00 -32.15 41.93
C LEU J 33 -23.83 -32.31 42.87
N SER J 34 -23.44 -31.23 43.52
CA SER J 34 -22.31 -31.22 44.43
C SER J 34 -22.78 -31.19 45.88
N TRP J 35 -21.95 -31.73 46.77
CA TRP J 35 -22.28 -31.87 48.18
C TRP J 35 -21.36 -31.00 49.02
N TYR J 36 -21.94 -30.26 49.97
CA TYR J 36 -21.20 -29.37 50.84
C TYR J 36 -21.51 -29.69 52.30
N ARG J 37 -20.47 -29.63 53.14
CA ARG J 37 -20.59 -29.91 54.56
C ARG J 37 -20.31 -28.64 55.35
N GLN J 38 -21.23 -28.29 56.25
CA GLN J 38 -21.09 -27.10 57.08
C GLN J 38 -20.95 -27.52 58.54
N MET J 39 -19.72 -27.47 59.04
CA MET J 39 -19.51 -27.66 60.47
C MET J 39 -20.17 -26.53 61.24
N PRO J 40 -20.83 -26.82 62.36
CA PRO J 40 -21.55 -25.76 63.10
C PRO J 40 -20.66 -24.57 63.46
N GLY J 41 -20.98 -23.41 62.90
CA GLY J 41 -20.25 -22.19 63.12
C GLY J 41 -19.18 -21.89 62.08
N LYS J 42 -18.74 -22.88 61.32
CA LYS J 42 -17.72 -22.70 60.30
C LYS J 42 -18.39 -22.38 58.96
N ALA J 43 -17.61 -22.45 57.88
CA ALA J 43 -18.10 -22.24 56.53
C ALA J 43 -18.24 -23.57 55.80
N PRO J 44 -19.20 -23.68 54.89
CA PRO J 44 -19.37 -24.93 54.14
C PRO J 44 -18.15 -25.23 53.27
N GLU J 45 -17.88 -26.51 53.09
CA GLU J 45 -16.75 -26.96 52.28
C GLU J 45 -17.22 -28.02 51.30
N LEU J 46 -16.55 -28.07 50.15
CA LEU J 46 -16.91 -29.02 49.11
C LEU J 46 -16.45 -30.43 49.48
N LEU J 47 -17.37 -31.39 49.44
CA LEU J 47 -17.03 -32.81 49.59
C LEU J 47 -17.00 -33.53 48.25
N ILE J 48 -18.12 -33.52 47.54
CA ILE J 48 -18.29 -34.28 46.31
C ILE J 48 -18.85 -33.34 45.25
N TYR J 49 -18.25 -33.38 44.06
CA TYR J 49 -18.80 -32.65 42.90
C TYR J 49 -19.13 -33.66 41.82
N ALA J 50 -20.07 -33.31 40.94
CA ALA J 50 -20.59 -34.19 39.89
C ALA J 50 -21.16 -35.48 40.46
N ALA J 51 -21.55 -35.45 41.74
CA ALA J 51 -22.23 -36.52 42.47
C ALA J 51 -21.37 -37.75 42.66
N SER J 52 -20.16 -37.80 42.10
CA SER J 52 -19.31 -38.97 42.28
C SER J 52 -17.85 -38.65 42.57
N THR J 53 -17.35 -37.47 42.23
CA THR J 53 -15.92 -37.18 42.31
C THR J 53 -15.59 -36.60 43.68
N LEU J 54 -14.57 -37.16 44.33
CA LEU J 54 -14.16 -36.70 45.65
C LEU J 54 -13.24 -35.50 45.54
N ARG J 55 -13.48 -34.49 46.38
CA ARG J 55 -12.63 -33.28 46.40
C ARG J 55 -11.23 -33.67 46.90
N GLY J 56 -10.21 -32.92 46.48
CA GLY J 56 -8.83 -33.19 46.90
C GLY J 56 -8.66 -33.00 48.39
N GLY J 57 -8.42 -34.09 49.10
CA GLY J 57 -8.25 -34.05 50.54
C GLY J 57 -9.37 -34.71 51.31
N VAL J 58 -10.54 -34.88 50.69
CA VAL J 58 -11.63 -35.60 51.34
C VAL J 58 -11.26 -37.08 51.46
N PRO J 59 -11.45 -37.71 52.62
CA PRO J 59 -11.10 -39.13 52.75
C PRO J 59 -11.96 -40.01 51.85
N SER J 60 -11.41 -41.18 51.52
CA SER J 60 -12.08 -42.09 50.60
C SER J 60 -13.36 -42.68 51.17
N ARG J 61 -13.64 -42.48 52.46
CA ARG J 61 -14.88 -42.96 53.04
C ARG J 61 -16.10 -42.31 52.37
N PHE J 62 -16.03 -41.01 52.09
CA PHE J 62 -17.13 -40.31 51.44
C PHE J 62 -17.29 -40.81 50.00
N SER J 63 -18.54 -40.94 49.58
CA SER J 63 -18.84 -41.41 48.23
C SER J 63 -20.27 -41.08 47.87
N GLY J 64 -20.48 -40.69 46.61
CA GLY J 64 -21.79 -40.45 46.07
C GLY J 64 -22.13 -41.44 44.97
N ALA J 65 -23.35 -41.31 44.44
CA ALA J 65 -23.82 -42.21 43.39
C ALA J 65 -25.00 -41.58 42.68
N ARG J 66 -25.48 -42.27 41.65
CA ARG J 66 -26.70 -41.95 40.89
C ARG J 66 -26.54 -40.71 40.01
N SER J 67 -27.11 -40.78 38.81
CA SER J 67 -27.07 -39.67 37.84
C SER J 67 -28.46 -39.33 37.31
N GLY J 68 -29.51 -39.67 38.05
CA GLY J 68 -30.86 -39.37 37.63
C GLY J 68 -31.54 -38.34 38.50
N THR J 69 -32.34 -38.79 39.45
CA THR J 69 -33.06 -37.90 40.35
C THR J 69 -32.78 -38.15 41.82
N ASP J 70 -32.63 -39.41 42.24
CA ASP J 70 -32.42 -39.75 43.64
C ASP J 70 -30.91 -39.88 43.90
N PHE J 71 -30.27 -38.73 44.09
CA PHE J 71 -28.86 -38.70 44.42
C PHE J 71 -28.63 -39.14 45.86
N SER J 72 -27.53 -39.85 46.09
CA SER J 72 -27.22 -40.39 47.41
C SER J 72 -25.76 -40.14 47.75
N LEU J 73 -25.50 -39.92 49.04
CA LEU J 73 -24.15 -39.79 49.58
C LEU J 73 -24.01 -40.77 50.73
N LYS J 74 -22.90 -41.52 50.73
CA LYS J 74 -22.65 -42.54 51.74
C LYS J 74 -21.38 -42.19 52.51
N ILE J 75 -21.48 -42.23 53.85
CA ILE J 75 -20.34 -41.99 54.73
C ILE J 75 -20.00 -43.29 55.43
N LYS J 76 -18.73 -43.66 55.42
CA LYS J 76 -18.24 -44.84 56.12
C LYS J 76 -17.26 -44.41 57.21
N ASN J 77 -17.23 -45.20 58.29
CA ASN J 77 -16.31 -44.97 59.41
C ASN J 77 -16.49 -43.56 59.97
N LEU J 78 -17.67 -43.34 60.54
CA LEU J 78 -18.03 -42.03 61.08
C LEU J 78 -17.02 -41.58 62.14
N GLN J 79 -16.68 -40.31 62.08
CA GLN J 79 -15.79 -39.65 63.03
C GLN J 79 -16.45 -38.36 63.48
N PRO J 80 -16.02 -37.81 64.62
CA PRO J 80 -16.69 -36.60 65.14
C PRO J 80 -16.71 -35.44 64.16
N GLU J 81 -15.74 -35.36 63.26
CA GLU J 81 -15.72 -34.27 62.28
C GLU J 81 -16.79 -34.43 61.20
N ASP J 82 -17.44 -35.58 61.11
CA ASP J 82 -18.51 -35.79 60.13
C ASP J 82 -19.88 -35.37 60.62
N PHE J 83 -20.01 -35.01 61.90
CA PHE J 83 -21.30 -34.60 62.46
C PHE J 83 -21.53 -33.12 62.17
N ALA J 84 -21.96 -32.86 60.94
CA ALA J 84 -22.22 -31.49 60.49
C ALA J 84 -23.48 -31.51 59.63
N THR J 85 -23.78 -30.37 59.03
CA THR J 85 -24.95 -30.22 58.18
C THR J 85 -24.52 -30.30 56.72
N TYR J 86 -25.10 -31.25 55.98
CA TYR J 86 -24.75 -31.49 54.60
C TYR J 86 -25.78 -30.87 53.67
N TYR J 87 -25.31 -30.29 52.58
CA TYR J 87 -26.17 -29.64 51.60
C TYR J 87 -25.86 -30.19 50.21
N CYS J 88 -26.90 -30.37 49.42
CA CYS J 88 -26.77 -30.78 48.02
C CYS J 88 -27.13 -29.60 47.13
N PHE J 89 -26.27 -29.30 46.16
CA PHE J 89 -26.40 -28.12 45.32
C PHE J 89 -26.36 -28.56 43.86
N GLN J 90 -27.41 -28.21 43.12
CA GLN J 90 -27.48 -28.56 41.70
C GLN J 90 -26.85 -27.45 40.85
N SER J 91 -26.38 -27.84 39.67
CA SER J 91 -25.75 -26.89 38.77
C SER J 91 -26.23 -27.06 37.33
N ASP J 92 -27.45 -27.56 37.15
CA ASP J 92 -27.99 -27.76 35.80
C ASP J 92 -28.63 -26.48 35.26
N SER J 93 -29.64 -25.97 35.94
CA SER J 93 -30.35 -24.78 35.52
C SER J 93 -29.84 -23.57 36.28
N TYR J 94 -29.81 -22.42 35.60
CA TYR J 94 -29.20 -21.18 36.15
C TYR J 94 -29.91 -20.65 37.39
N PRO J 95 -31.26 -20.73 37.59
CA PRO J 95 -31.81 -20.58 38.94
C PRO J 95 -31.27 -21.71 39.83
N ARG J 96 -30.07 -21.52 40.39
CA ARG J 96 -29.44 -22.51 41.25
C ARG J 96 -30.22 -22.68 42.55
N ALA J 97 -30.12 -23.88 43.12
CA ALA J 97 -30.84 -24.20 44.34
C ALA J 97 -30.00 -25.09 45.23
N PHE J 98 -30.25 -25.01 46.53
CA PHE J 98 -29.60 -25.83 47.53
C PHE J 98 -30.60 -26.81 48.15
N GLY J 99 -30.06 -27.81 48.83
CA GLY J 99 -30.90 -28.68 49.61
C GLY J 99 -31.30 -28.05 50.93
N GLN J 100 -32.21 -28.71 51.63
CA GLN J 100 -32.68 -28.20 52.90
C GLN J 100 -31.64 -28.37 54.01
N GLY J 101 -30.78 -29.37 53.89
CA GLY J 101 -29.75 -29.59 54.89
C GLY J 101 -30.06 -30.75 55.81
N THR J 102 -29.17 -31.75 55.83
CA THR J 102 -29.33 -32.92 56.69
C THR J 102 -28.36 -32.79 57.85
N LYS J 103 -28.91 -32.60 59.06
CA LYS J 103 -28.10 -32.42 60.26
C LYS J 103 -27.78 -33.80 60.83
N VAL J 104 -26.53 -34.20 60.71
CA VAL J 104 -26.08 -35.50 61.23
C VAL J 104 -25.48 -35.27 62.62
N GLU J 105 -26.00 -35.99 63.61
CA GLU J 105 -25.55 -35.88 64.98
C GLU J 105 -25.30 -37.27 65.55
N ILE J 106 -24.89 -37.30 66.80
CA ILE J 106 -24.68 -38.56 67.52
C ILE J 106 -25.96 -38.94 68.23
N THR J 107 -26.17 -40.25 68.38
CA THR J 107 -27.40 -40.76 69.00
C THR J 107 -27.52 -40.33 70.46
N GLN K 1 33.17 13.88 41.80
CA GLN K 1 34.27 13.43 40.96
C GLN K 1 34.17 14.04 39.56
N ALA K 2 33.06 14.75 39.32
CA ALA K 2 32.84 15.47 38.05
C ALA K 2 33.83 16.62 37.94
N ARG K 3 34.74 16.55 36.98
CA ARG K 3 35.75 17.60 36.83
C ARG K 3 36.01 17.85 35.35
N LEU K 4 36.47 19.06 35.05
CA LEU K 4 36.93 19.43 33.72
C LEU K 4 38.44 19.59 33.79
N GLN K 5 39.16 18.75 33.06
CA GLN K 5 40.62 18.76 33.06
C GLN K 5 41.12 19.26 31.73
N GLN K 6 42.03 20.22 31.77
CA GLN K 6 42.71 20.73 30.58
C GLN K 6 44.20 20.83 30.87
N TRP K 7 45.00 20.57 29.83
CA TRP K 7 46.44 20.41 29.98
C TRP K 7 47.16 21.54 29.26
N GLU K 8 48.36 21.85 29.75
CA GLU K 8 49.13 22.96 29.21
C GLU K 8 49.54 22.69 27.76
N GLY K 9 49.43 23.72 26.93
CA GLY K 9 49.81 23.66 25.54
C GLY K 9 51.17 24.23 25.21
N ARG K 10 51.93 24.66 26.22
CA ARG K 10 53.27 25.23 26.11
C ARG K 10 53.23 26.57 25.38
N PRO K 11 54.27 27.40 25.51
CA PRO K 11 54.30 28.67 24.78
C PRO K 11 54.26 28.45 23.28
N LEU K 12 53.62 29.39 22.57
CA LEU K 12 53.44 29.31 21.13
C LEU K 12 53.94 30.59 20.48
N LYS K 13 54.41 30.46 19.24
CA LYS K 13 54.93 31.61 18.52
C LYS K 13 53.79 32.53 18.09
N PRO K 14 54.03 33.84 18.01
CA PRO K 14 52.97 34.77 17.60
C PRO K 14 52.53 34.51 16.16
N ALA K 15 51.28 34.89 15.89
CA ALA K 15 50.66 34.70 14.58
C ALA K 15 50.61 33.22 14.19
N GLU K 16 49.91 32.45 15.03
CA GLU K 16 49.73 31.02 14.82
C GLU K 16 48.31 30.66 15.22
N THR K 17 48.03 29.37 15.33
CA THR K 17 46.73 28.86 15.73
C THR K 17 46.80 28.36 17.16
N LEU K 18 45.85 28.79 17.98
CA LEU K 18 45.80 28.43 19.40
C LEU K 18 44.80 27.29 19.54
N SER K 19 45.31 26.08 19.77
CA SER K 19 44.49 24.88 19.87
C SER K 19 44.40 24.46 21.33
N LEU K 20 43.20 24.57 21.90
CA LEU K 20 42.92 24.14 23.26
C LEU K 20 41.98 22.95 23.26
N THR K 21 42.02 22.20 24.34
CA THR K 21 41.17 21.02 24.51
C THR K 21 40.90 20.81 25.98
N CYS K 22 39.62 20.62 26.32
CA CYS K 22 39.19 20.39 27.69
C CYS K 22 38.63 18.98 27.81
N GLY K 23 39.01 18.29 28.89
CA GLY K 23 38.55 16.94 29.13
C GLY K 23 37.42 16.93 30.14
N VAL K 24 36.28 16.40 29.71
CA VAL K 24 35.06 16.40 30.51
C VAL K 24 34.89 15.02 31.11
N HIS K 25 34.98 14.93 32.44
CA HIS K 25 34.80 13.67 33.15
C HIS K 25 33.74 13.86 34.23
N GLY K 26 33.04 12.77 34.53
CA GLY K 26 31.96 12.80 35.50
C GLY K 26 30.62 13.04 34.84
N VAL K 27 30.60 13.91 33.85
CA VAL K 27 29.36 14.32 33.13
C VAL K 27 29.70 14.23 31.65
N GLY K 28 28.76 14.54 30.78
CA GLY K 28 29.03 14.42 29.33
C GLY K 28 28.69 15.71 28.63
N LEU K 29 29.07 15.83 27.37
CA LEU K 29 28.87 17.08 26.64
C LEU K 29 27.40 17.39 26.40
N GLY K 30 26.54 16.38 26.46
CA GLY K 30 25.13 16.60 26.08
C GLY K 30 24.39 17.37 27.14
N GLY K 31 23.47 18.23 26.70
CA GLY K 31 22.40 18.77 27.57
C GLY K 31 22.76 20.13 28.08
N SER K 32 24.02 20.29 28.48
CA SER K 32 24.54 21.61 28.89
C SER K 32 25.14 22.30 27.68
N GLY K 33 25.82 23.40 27.93
CA GLY K 33 26.60 24.09 26.92
C GLY K 33 28.00 24.32 27.44
N TRP K 34 28.94 24.43 26.52
CA TRP K 34 30.36 24.46 26.85
C TRP K 34 31.01 25.68 26.22
N GLY K 35 31.69 26.48 27.04
CA GLY K 35 32.28 27.73 26.61
C GLY K 35 33.69 27.89 27.16
N TRP K 36 34.30 29.02 26.80
CA TRP K 36 35.68 29.30 27.16
C TRP K 36 35.78 30.66 27.83
N ILE K 37 36.51 30.73 28.93
CA ILE K 37 36.74 31.96 29.67
C ILE K 37 38.24 32.12 29.86
N ARG K 38 38.75 33.32 29.62
CA ARG K 38 40.17 33.60 29.80
C ARG K 38 40.38 34.56 30.96
N GLN K 39 41.64 34.81 31.27
CA GLN K 39 41.98 35.78 32.31
C GLN K 39 43.38 36.32 32.09
N PRO K 40 43.52 37.49 31.48
CA PRO K 40 44.85 38.08 31.35
C PRO K 40 45.44 38.37 32.72
N PRO K 41 46.76 38.27 32.85
CA PRO K 41 47.38 38.45 34.17
C PRO K 41 47.09 39.83 34.74
N GLY K 42 46.82 39.87 36.04
CA GLY K 42 46.52 41.11 36.72
C GLY K 42 45.26 41.80 36.26
N GLN K 43 44.36 41.06 35.61
CA GLN K 43 43.14 41.64 35.07
C GLN K 43 41.97 40.72 35.41
N GLY K 44 40.77 41.13 34.99
CA GLY K 44 39.58 40.35 35.19
C GLY K 44 39.36 39.32 34.10
N LEU K 45 38.28 38.57 34.24
CA LEU K 45 37.96 37.51 33.29
C LEU K 45 37.30 38.09 32.05
N GLN K 46 37.43 37.37 30.94
CA GLN K 46 36.86 37.78 29.67
C GLN K 46 36.15 36.60 29.02
N TRP K 47 34.97 36.86 28.46
CA TRP K 47 34.21 35.83 27.77
C TRP K 47 34.68 35.71 26.32
N ILE K 48 35.00 34.49 25.90
CA ILE K 48 35.42 34.25 24.53
C ILE K 48 34.24 33.79 23.70
N GLY K 49 33.62 32.68 24.09
CA GLY K 49 32.49 32.17 23.36
C GLY K 49 31.98 30.90 24.00
N GLU K 50 30.80 30.46 23.54
CA GLU K 50 30.14 29.25 24.07
C GLU K 50 29.36 28.55 22.96
N ILE K 51 29.14 27.25 23.13
CA ILE K 51 28.17 26.50 22.33
C ILE K 51 27.01 26.14 23.25
N ASP K 52 25.80 26.55 22.88
CA ASP K 52 24.66 26.32 23.80
C ASP K 52 24.07 24.93 23.54
N HIS K 53 23.07 24.54 24.32
CA HIS K 53 22.52 23.20 24.32
C HIS K 53 22.02 22.80 22.94
N ASP K 54 21.64 23.82 22.16
CA ASP K 54 20.98 23.70 20.83
C ASP K 54 22.03 23.36 19.78
N GLY K 55 23.30 23.62 20.11
CA GLY K 55 24.42 23.47 19.15
C GLY K 55 24.71 24.77 18.45
N SER K 56 24.47 25.90 19.12
CA SER K 56 24.58 27.21 18.45
C SER K 56 25.70 28.02 19.08
N HIS K 57 26.51 28.68 18.25
CA HIS K 57 27.86 29.15 18.64
C HIS K 57 27.80 30.65 18.95
N LYS K 58 27.74 31.00 20.21
CA LYS K 58 27.82 32.43 20.60
C LYS K 58 29.30 32.79 20.68
N HIS K 59 29.70 33.91 20.06
CA HIS K 59 31.11 34.36 19.98
C HIS K 59 31.19 35.81 20.48
N ASN K 60 32.31 36.19 21.08
CA ASN K 60 32.49 37.56 21.54
C ASN K 60 32.73 38.49 20.35
N PRO K 61 32.12 39.68 20.34
CA PRO K 61 32.33 40.58 19.20
C PRO K 61 33.76 41.03 19.02
N ALA K 62 34.54 41.12 20.10
CA ALA K 62 35.91 41.64 19.99
C ALA K 62 36.77 40.74 19.10
N LEU K 63 36.66 39.43 19.26
CA LEU K 63 37.43 38.48 18.46
C LEU K 63 36.62 38.16 17.22
N ARG K 64 36.89 38.88 16.14
CA ARG K 64 36.09 38.81 14.92
C ARG K 64 36.74 37.85 13.92
N SER K 65 36.00 36.82 13.53
CA SER K 65 36.32 35.86 12.48
C SER K 65 37.51 34.97 12.82
N ARG K 66 38.17 35.17 13.96
CA ARG K 66 39.28 34.33 14.38
C ARG K 66 38.86 33.28 15.38
N LEU K 67 37.55 33.16 15.64
CA LEU K 67 37.03 32.20 16.61
C LEU K 67 36.43 31.00 15.92
N SER K 68 36.65 29.82 16.50
CA SER K 68 36.03 28.59 16.01
C SER K 68 36.14 27.54 17.11
N MET K 69 35.01 26.94 17.47
CA MET K 69 34.95 25.94 18.52
C MET K 69 34.24 24.71 18.00
N SER K 70 34.51 23.58 18.65
CA SER K 70 33.88 22.32 18.27
C SER K 70 33.77 21.43 19.50
N LEU K 71 32.86 20.47 19.43
CA LEU K 71 32.63 19.52 20.52
C LEU K 71 32.89 18.12 20.01
N ASP K 72 33.75 17.39 20.72
CA ASP K 72 34.07 16.00 20.39
C ASP K 72 33.19 15.11 21.26
N THR K 73 32.00 14.79 20.76
CA THR K 73 31.05 14.01 21.54
C THR K 73 31.60 12.62 21.85
N SER K 74 32.31 12.02 20.89
CA SER K 74 32.86 10.69 21.09
C SER K 74 33.91 10.67 22.20
N ARG K 75 34.79 11.67 22.24
CA ARG K 75 35.85 11.75 23.22
C ARG K 75 35.52 12.65 24.41
N ASN K 76 34.35 13.29 24.41
CA ASN K 76 33.94 14.22 25.47
C ASN K 76 34.98 15.32 25.67
N GLN K 77 35.26 16.04 24.58
CA GLN K 77 36.27 17.09 24.60
C GLN K 77 35.75 18.34 23.91
N VAL K 78 36.12 19.50 24.46
CA VAL K 78 35.75 20.79 23.92
C VAL K 78 37.01 21.45 23.38
N SER K 79 36.94 21.97 22.17
CA SER K 79 38.11 22.49 21.47
C SER K 79 37.98 23.98 21.19
N LEU K 80 39.12 24.67 21.19
CA LEU K 80 39.21 26.08 20.82
C LEU K 80 40.31 26.22 19.78
N ARG K 81 40.05 27.03 18.76
CA ARG K 81 40.95 27.19 17.62
C ARG K 81 41.15 28.65 17.28
N LEU K 82 41.47 29.46 18.28
CA LEU K 82 41.80 30.86 18.05
C LEU K 82 43.00 30.98 17.12
N THR K 83 42.87 31.85 16.11
CA THR K 83 43.90 32.04 15.09
C THR K 83 44.50 33.44 15.17
N SER K 84 45.67 33.58 14.56
CA SER K 84 46.40 34.84 14.50
C SER K 84 46.62 35.42 15.90
N VAL K 85 47.23 34.61 16.76
CA VAL K 85 47.38 34.99 18.17
C VAL K 85 48.39 36.11 18.30
N THR K 86 47.99 37.17 19.00
CA THR K 86 48.83 38.33 19.25
C THR K 86 49.25 38.32 20.71
N ALA K 87 50.27 39.13 21.04
CA ALA K 87 50.80 39.17 22.39
C ALA K 87 49.75 39.54 23.42
N ALA K 88 48.70 40.26 23.03
CA ALA K 88 47.63 40.60 23.95
C ALA K 88 46.77 39.41 24.36
N ASP K 89 46.92 38.28 23.68
CA ASP K 89 46.16 37.07 23.98
C ASP K 89 46.83 36.19 25.02
N THR K 90 47.79 36.71 25.76
CA THR K 90 48.48 35.96 26.80
C THR K 90 47.58 35.92 28.03
N ALA K 91 46.92 34.79 28.24
CA ALA K 91 45.99 34.66 29.35
C ALA K 91 45.79 33.18 29.68
N ILE K 92 45.27 32.95 30.87
CA ILE K 92 44.92 31.61 31.32
C ILE K 92 43.52 31.29 30.79
N TYR K 93 43.41 30.21 30.01
CA TYR K 93 42.16 29.85 29.37
C TYR K 93 41.44 28.78 30.19
N TYR K 94 40.16 29.02 30.48
CA TYR K 94 39.33 28.11 31.24
C TYR K 94 38.23 27.54 30.36
N CYS K 95 37.91 26.27 30.56
CA CYS K 95 36.77 25.63 29.92
C CYS K 95 35.64 25.53 30.95
N VAL K 96 34.45 25.98 30.57
CA VAL K 96 33.33 26.06 31.49
C VAL K 96 32.13 25.35 30.90
N ARG K 97 31.25 24.90 31.79
CA ARG K 97 29.94 24.30 31.42
C ARG K 97 28.84 25.31 31.77
N VAL K 98 28.24 25.97 30.78
CA VAL K 98 27.09 26.84 31.04
C VAL K 98 25.87 25.97 31.25
N TYR K 99 25.47 25.82 32.50
CA TYR K 99 24.33 24.92 32.84
C TYR K 99 23.06 25.76 32.80
N ARG K 100 21.96 25.17 32.33
CA ARG K 100 20.66 25.80 32.20
C ARG K 100 19.79 25.39 33.38
N GLU K 101 19.40 26.36 34.20
CA GLU K 101 18.32 26.15 35.19
C GLU K 101 17.18 27.09 34.83
N LYS K 102 15.95 26.63 34.93
CA LYS K 102 14.80 27.46 34.60
C LYS K 102 14.31 28.21 35.83
N PHE K 103 14.33 29.53 35.76
CA PHE K 103 13.84 30.39 36.83
C PHE K 103 12.56 31.06 36.37
N LEU K 104 11.53 31.01 37.21
CA LEU K 104 10.21 31.51 36.87
C LEU K 104 10.05 32.91 37.46
N ILE K 105 10.16 33.93 36.61
CA ILE K 105 9.70 35.26 36.95
C ILE K 105 8.18 35.19 36.96
N GLY K 106 7.51 36.24 37.40
CA GLY K 106 6.07 36.22 37.64
C GLY K 106 5.25 35.42 36.65
N GLU K 107 5.53 35.56 35.37
CA GLU K 107 4.78 34.83 34.35
C GLU K 107 5.67 34.23 33.26
N PHE K 108 6.98 34.46 33.31
CA PHE K 108 7.89 34.12 32.23
C PHE K 108 8.89 33.08 32.70
N LEU K 109 9.12 32.06 31.88
CA LEU K 109 10.08 31.02 32.15
C LEU K 109 11.30 31.22 31.25
N THR K 110 12.49 31.21 31.85
CA THR K 110 13.73 31.46 31.12
C THR K 110 14.72 30.33 31.37
N ASP K 111 15.56 30.06 30.37
CA ASP K 111 16.73 29.22 30.54
C ASP K 111 17.88 30.11 30.99
N TYR K 112 18.33 29.92 32.22
CA TYR K 112 19.39 30.72 32.81
C TYR K 112 20.70 29.93 32.77
N ARG K 113 21.72 30.51 32.13
CA ARG K 113 23.01 29.86 31.96
C ARG K 113 24.02 30.51 32.89
N PHE K 114 24.70 29.69 33.69
CA PHE K 114 25.47 30.17 34.86
C PHE K 114 26.80 29.45 35.05
N MET K 115 27.43 28.92 34.01
CA MET K 115 28.82 28.42 34.05
C MET K 115 29.06 27.59 35.32
N ASP K 116 28.43 26.42 35.41
CA ASP K 116 28.35 25.61 36.65
C ASP K 116 29.76 25.20 37.07
N MET K 117 30.54 24.73 36.10
CA MET K 117 31.75 23.90 36.32
C MET K 117 32.90 24.45 35.50
N TRP K 118 34.01 24.74 36.19
CA TRP K 118 35.17 25.44 35.66
C TRP K 118 36.32 24.46 35.45
N GLY K 119 37.18 24.77 34.48
CA GLY K 119 38.39 24.02 34.28
C GLY K 119 39.43 24.37 35.32
N THR K 120 40.63 23.84 35.12
CA THR K 120 41.72 24.06 36.06
C THR K 120 42.64 25.21 35.65
N GLY K 121 42.85 25.41 34.35
CA GLY K 121 43.68 26.51 33.90
C GLY K 121 44.77 26.07 32.93
N THR K 122 44.90 26.79 31.82
CA THR K 122 45.95 26.54 30.83
C THR K 122 46.65 27.86 30.55
N THR K 123 47.79 28.08 31.20
CA THR K 123 48.54 29.32 31.01
C THR K 123 49.13 29.36 29.61
N VAL K 124 48.61 30.23 28.77
CA VAL K 124 49.07 30.39 27.39
C VAL K 124 49.88 31.67 27.30
N ILE K 125 51.14 31.55 26.90
CA ILE K 125 52.05 32.67 26.76
C ILE K 125 52.60 32.65 25.34
N VAL K 126 52.59 33.80 24.69
CA VAL K 126 53.10 33.93 23.33
C VAL K 126 54.27 34.90 23.33
N SER K 127 55.37 34.49 22.70
CA SER K 127 56.57 35.32 22.61
C SER K 127 57.38 34.94 21.38
N ALA L 1 26.29 46.15 23.93
CA ALA L 1 26.55 45.20 24.99
C ALA L 1 26.18 45.77 26.36
N ILE L 2 26.33 44.96 27.39
CA ILE L 2 26.03 45.35 28.77
C ILE L 2 27.33 45.41 29.55
N GLN L 3 27.54 46.51 30.26
CA GLN L 3 28.74 46.70 31.08
C GLN L 3 28.37 46.60 32.55
N LEU L 4 29.09 45.75 33.28
CA LEU L 4 28.88 45.58 34.71
C LEU L 4 29.98 46.34 35.44
N THR L 5 29.57 47.23 36.34
CA THR L 5 30.50 48.02 37.14
C THR L 5 30.48 47.50 38.57
N GLN L 6 31.64 47.08 39.06
CA GLN L 6 31.78 46.49 40.39
C GLN L 6 32.67 47.40 41.23
N ALA L 7 32.12 47.88 42.34
CA ALA L 7 32.83 48.78 43.25
C ALA L 7 32.50 48.41 44.68
N PRO L 8 33.41 48.67 45.63
CA PRO L 8 34.77 49.20 45.45
C PRO L 8 35.73 48.13 44.95
N LEU L 9 36.76 48.51 44.19
CA LEU L 9 37.68 47.54 43.60
C LEU L 9 38.54 46.83 44.64
N THR L 10 38.58 47.31 45.88
CA THR L 10 39.39 46.70 46.91
C THR L 10 38.78 47.04 48.26
N VAL L 11 38.22 46.04 48.94
CA VAL L 11 37.64 46.21 50.27
C VAL L 11 38.40 45.33 51.24
N SER L 12 38.79 45.91 52.38
CA SER L 12 39.60 45.23 53.38
C SER L 12 38.82 45.08 54.67
N ALA L 13 38.85 43.87 55.23
CA ALA L 13 38.18 43.60 56.50
C ALA L 13 38.89 42.43 57.18
N SER L 14 38.75 42.37 58.49
CA SER L 14 39.40 41.32 59.27
C SER L 14 38.49 40.11 59.37
N ILE L 15 38.99 39.05 60.01
CA ILE L 15 38.23 37.81 60.13
C ILE L 15 37.06 38.03 61.08
N GLY L 16 35.86 37.69 60.63
CA GLY L 16 34.67 37.83 61.44
C GLY L 16 33.95 39.14 61.25
N ASP L 17 33.89 39.62 60.01
CA ASP L 17 33.21 40.85 59.65
C ASP L 17 32.11 40.56 58.63
N THR L 18 31.37 41.60 58.26
CA THR L 18 30.34 41.51 57.25
C THR L 18 30.62 42.54 56.16
N ILE L 19 30.69 42.07 54.91
CA ILE L 19 30.99 42.94 53.78
C ILE L 19 29.84 42.87 52.79
N THR L 20 29.61 43.97 52.09
CA THR L 20 28.65 44.02 50.99
C THR L 20 29.38 44.44 49.73
N LEU L 21 29.23 43.65 48.67
CA LEU L 21 29.84 43.94 47.37
C LEU L 21 28.76 44.40 46.40
N THR L 22 29.08 45.41 45.60
CA THR L 22 28.12 45.99 44.67
C THR L 22 28.54 45.70 43.24
N CYS L 23 27.56 45.34 42.41
CA CYS L 23 27.77 45.15 40.98
C CYS L 23 26.62 45.86 40.26
N ARG L 24 26.92 47.01 39.65
CA ARG L 24 25.92 47.81 38.97
C ARG L 24 25.96 47.50 37.47
N ALA L 25 24.79 47.22 36.91
CA ALA L 25 24.68 46.94 35.48
C ALA L 25 24.37 48.21 34.72
N SER L 26 24.56 48.15 33.39
CA SER L 26 24.22 49.28 32.54
C SER L 26 22.72 49.35 32.29
N GLN L 27 22.16 48.32 31.67
CA GLN L 27 20.73 48.20 31.48
C GLN L 27 20.12 47.45 32.65
N ASP L 28 18.86 47.05 32.53
CA ASP L 28 18.23 46.17 33.50
C ASP L 28 18.36 44.74 32.99
N ILE L 29 19.11 43.92 33.73
CA ILE L 29 19.36 42.54 33.34
C ILE L 29 18.47 41.57 34.11
N SER L 30 17.34 42.05 34.61
CA SER L 30 16.42 41.25 35.43
C SER L 30 17.22 40.75 36.63
N ILE L 31 17.13 39.46 36.99
CA ILE L 31 17.87 38.91 38.10
C ILE L 31 19.00 38.01 37.65
N TRP L 32 19.25 37.90 36.35
CA TRP L 32 20.27 37.00 35.81
C TRP L 32 21.66 37.61 36.02
N LEU L 33 22.24 37.34 37.18
CA LEU L 33 23.60 37.76 37.48
C LEU L 33 24.20 36.80 38.48
N SER L 34 25.23 36.07 38.07
CA SER L 34 25.89 35.08 38.91
C SER L 34 27.21 35.62 39.45
N TRP L 35 27.62 35.09 40.60
CA TRP L 35 28.81 35.54 41.31
C TRP L 35 29.84 34.43 41.35
N TYR L 36 31.09 34.77 41.03
CA TYR L 36 32.19 33.81 41.01
C TYR L 36 33.33 34.31 41.88
N ARG L 37 33.95 33.40 42.61
CA ARG L 37 35.06 33.70 43.50
C ARG L 37 36.33 33.02 42.97
N GLN L 38 37.40 33.81 42.83
CA GLN L 38 38.68 33.30 42.34
C GLN L 38 39.71 33.42 43.45
N MET L 39 40.02 32.30 44.08
CA MET L 39 41.13 32.26 45.03
C MET L 39 42.43 32.51 44.26
N PRO L 40 43.35 33.31 44.83
CA PRO L 40 44.59 33.64 44.10
C PRO L 40 45.36 32.41 43.65
N GLY L 41 45.48 32.24 42.32
CA GLY L 41 46.17 31.13 41.73
C GLY L 41 45.29 29.96 41.34
N LYS L 42 44.08 29.88 41.91
CA LYS L 42 43.16 28.79 41.61
C LYS L 42 42.24 29.21 40.46
N ALA L 43 41.18 28.43 40.25
CA ALA L 43 40.17 28.72 39.24
C ALA L 43 38.91 29.29 39.89
N PRO L 44 38.19 30.16 39.18
CA PRO L 44 36.96 30.71 39.75
C PRO L 44 35.90 29.64 39.98
N GLU L 45 35.09 29.83 41.01
CA GLU L 45 34.03 28.91 41.36
C GLU L 45 32.73 29.66 41.55
N LEU L 46 31.62 28.98 41.25
CA LEU L 46 30.31 29.59 41.38
C LEU L 46 29.89 29.69 42.83
N LEU L 47 29.51 30.90 43.25
CA LEU L 47 28.91 31.11 44.58
C LEU L 47 27.39 31.25 44.49
N ILE L 48 26.92 32.24 43.75
CA ILE L 48 25.51 32.60 43.67
C ILE L 48 25.13 32.70 42.21
N TYR L 49 24.00 32.08 41.86
CA TYR L 49 23.42 32.23 40.52
C TYR L 49 22.03 32.85 40.66
N ALA L 50 21.56 33.54 39.63
CA ALA L 50 20.30 34.26 39.63
C ALA L 50 20.24 35.30 40.74
N ALA L 51 21.41 35.74 41.20
CA ALA L 51 21.60 36.82 42.18
C ALA L 51 21.06 36.48 43.56
N SER L 52 20.41 35.33 43.74
CA SER L 52 19.88 34.97 45.06
C SER L 52 20.10 33.52 45.46
N THR L 53 20.32 32.60 44.52
CA THR L 53 20.35 31.18 44.83
C THR L 53 21.78 30.76 45.16
N LEU L 54 21.93 30.06 46.28
CA LEU L 54 23.24 29.59 46.71
C LEU L 54 23.61 28.30 46.02
N ARG L 55 24.86 28.21 45.56
CA ARG L 55 25.36 26.97 44.90
C ARG L 55 25.42 25.86 45.94
N GLY L 56 25.29 24.61 45.50
CA GLY L 56 25.35 23.45 46.40
C GLY L 56 26.71 23.34 47.04
N GLY L 57 26.77 23.54 48.35
CA GLY L 57 28.00 23.48 49.08
C GLY L 57 28.49 24.80 49.61
N VAL L 58 28.03 25.91 49.04
CA VAL L 58 28.39 27.23 49.55
C VAL L 58 27.72 27.44 50.91
N PRO L 59 28.45 27.92 51.92
CA PRO L 59 27.83 28.12 53.24
C PRO L 59 26.73 29.18 53.20
N SER L 60 25.81 29.08 54.14
CA SER L 60 24.65 29.97 54.18
C SER L 60 25.03 31.41 54.48
N ARG L 61 26.27 31.68 54.87
CA ARG L 61 26.71 33.05 55.11
C ARG L 61 26.60 33.90 53.84
N PHE L 62 26.97 33.34 52.69
CA PHE L 62 26.88 34.06 51.44
C PHE L 62 25.43 34.30 51.06
N SER L 63 25.15 35.48 50.51
CA SER L 63 23.79 35.83 50.12
C SER L 63 23.83 37.02 49.17
N GLY L 64 22.95 36.99 48.16
CA GLY L 64 22.76 38.09 47.25
C GLY L 64 21.37 38.68 47.36
N ALA L 65 21.14 39.73 46.57
CA ALA L 65 19.85 40.42 46.61
C ALA L 65 19.70 41.25 45.34
N ARG L 66 18.52 41.87 45.21
CA ARG L 66 18.18 42.83 44.16
C ARG L 66 18.00 42.18 42.80
N SER L 67 17.00 42.65 42.05
CA SER L 67 16.70 42.14 40.71
C SER L 67 16.58 43.27 39.69
N GLY L 68 17.18 44.41 39.96
CA GLY L 68 17.14 45.55 39.05
C GLY L 68 18.48 45.85 38.42
N THR L 69 19.19 46.83 38.97
CA THR L 69 20.49 47.24 38.45
C THR L 69 21.60 47.16 39.48
N ASP L 70 21.33 47.51 40.74
CA ASP L 70 22.36 47.53 41.78
C ASP L 70 22.33 46.20 42.54
N PHE L 71 22.96 45.19 41.95
CA PHE L 71 23.08 43.90 42.59
C PHE L 71 24.09 43.94 43.72
N SER L 72 23.80 43.19 44.78
CA SER L 72 24.64 43.19 45.97
C SER L 72 24.87 41.77 46.45
N LEU L 73 26.06 41.54 47.01
CA LEU L 73 26.42 40.28 47.64
C LEU L 73 26.92 40.57 49.04
N LYS L 74 26.43 39.81 50.03
CA LYS L 74 26.77 40.01 51.42
C LYS L 74 27.44 38.77 51.98
N ILE L 75 28.59 38.95 52.63
CA ILE L 75 29.33 37.87 53.27
C ILE L 75 29.27 38.09 54.77
N LYS L 76 28.92 37.03 55.51
CA LYS L 76 28.88 37.06 56.96
C LYS L 76 29.92 36.08 57.51
N ASN L 77 30.45 36.40 58.68
CA ASN L 77 31.42 35.54 59.37
C ASN L 77 32.62 35.23 58.47
N LEU L 78 33.36 36.28 58.16
CA LEU L 78 34.50 36.17 57.26
C LEU L 78 35.51 35.15 57.78
N GLN L 79 36.04 34.35 56.86
CA GLN L 79 37.07 33.36 57.12
C GLN L 79 38.17 33.53 56.09
N PRO L 80 39.37 33.01 56.36
CA PRO L 80 40.49 33.23 55.42
C PRO L 80 40.21 32.76 54.00
N GLU L 81 39.34 31.76 53.83
CA GLU L 81 39.01 31.29 52.48
C GLU L 81 38.14 32.26 51.71
N ASP L 82 37.59 33.28 52.35
CA ASP L 82 36.77 34.28 51.67
C ASP L 82 37.57 35.43 51.09
N PHE L 83 38.87 35.51 51.38
CA PHE L 83 39.72 36.60 50.91
C PHE L 83 40.21 36.25 49.50
N ALA L 84 39.34 36.47 48.52
CA ALA L 84 39.64 36.18 47.14
C ALA L 84 39.05 37.29 46.28
N THR L 85 39.12 37.12 44.96
CA THR L 85 38.60 38.11 44.01
C THR L 85 37.24 37.63 43.52
N TYR L 86 36.22 38.46 43.70
CA TYR L 86 34.86 38.13 43.32
C TYR L 86 34.50 38.80 42.01
N TYR L 87 33.76 38.08 41.16
CA TYR L 87 33.35 38.57 39.87
C TYR L 87 31.84 38.40 39.72
N CYS L 88 31.19 39.38 39.11
CA CYS L 88 29.77 39.30 38.79
C CYS L 88 29.62 39.16 37.29
N PHE L 89 28.80 38.18 36.87
CA PHE L 89 28.67 37.81 35.47
C PHE L 89 27.20 37.84 35.10
N GLN L 90 26.85 38.64 34.10
CA GLN L 90 25.47 38.73 33.64
C GLN L 90 25.19 37.68 32.56
N SER L 91 23.92 37.31 32.44
CA SER L 91 23.52 36.31 31.46
C SER L 91 22.24 36.73 30.73
N ASP L 92 22.01 38.04 30.60
CA ASP L 92 20.81 38.52 29.91
C ASP L 92 21.03 38.60 28.39
N SER L 93 22.02 39.41 27.98
CA SER L 93 22.31 39.61 26.56
C SER L 93 23.49 38.74 26.17
N TYR L 94 23.46 38.24 24.92
CA TYR L 94 24.45 37.26 24.42
C TYR L 94 25.87 37.82 24.37
N PRO L 95 26.18 39.11 24.06
CA PRO L 95 27.49 39.65 24.42
C PRO L 95 27.64 39.63 25.94
N ARG L 96 28.07 38.49 26.49
CA ARG L 96 28.25 38.31 27.92
C ARG L 96 29.39 39.18 28.44
N ALA L 97 29.29 39.57 29.70
CA ALA L 97 30.29 40.44 30.31
C ALA L 97 30.52 40.04 31.76
N PHE L 98 31.72 40.33 32.25
CA PHE L 98 32.11 40.09 33.63
C PHE L 98 32.29 41.42 34.35
N GLY L 99 32.33 41.34 35.68
CA GLY L 99 32.69 42.49 36.47
C GLY L 99 34.19 42.71 36.48
N GLN L 100 34.59 43.85 37.05
CA GLN L 100 36.01 44.18 37.10
C GLN L 100 36.74 43.36 38.15
N GLY L 101 36.06 42.91 39.19
CA GLY L 101 36.67 42.11 40.21
C GLY L 101 36.94 42.88 41.49
N THR L 102 36.37 42.42 42.60
CA THR L 102 36.57 43.05 43.90
C THR L 102 37.51 42.18 44.71
N LYS L 103 38.71 42.71 44.97
CA LYS L 103 39.74 41.97 45.71
C LYS L 103 39.52 42.21 47.20
N VAL L 104 39.06 41.19 47.90
CA VAL L 104 38.83 41.27 49.34
C VAL L 104 40.06 40.73 50.06
N GLU L 105 40.64 41.54 50.93
CA GLU L 105 41.83 41.18 51.68
C GLU L 105 41.62 41.48 53.16
N ILE L 106 42.63 41.21 53.96
CA ILE L 106 42.61 41.51 55.38
C ILE L 106 43.20 42.90 55.59
N THR L 107 42.74 43.59 56.63
CA THR L 107 43.18 44.95 56.92
C THR L 107 44.66 45.01 57.25
C1 NAG M . -5.40 -25.29 27.44
C2 NAG M . -6.54 -25.77 28.30
C3 NAG M . -6.77 -24.77 29.41
C4 NAG M . -5.50 -24.51 30.20
C5 NAG M . -4.40 -24.08 29.25
C6 NAG M . -3.02 -23.94 29.86
C7 NAG M . -8.24 -26.91 26.98
C8 NAG M . -9.46 -26.69 26.14
N2 NAG M . -7.76 -25.80 27.52
O3 NAG M . -7.76 -25.33 30.29
O4 NAG M . -5.82 -23.43 31.08
O5 NAG M . -4.26 -25.03 28.22
O6 NAG M . -2.19 -23.35 28.87
O7 NAG M . -7.76 -28.00 27.15
C1 NAG M . -5.49 -23.76 32.44
C2 NAG M . -5.43 -22.48 33.26
C3 NAG M . -5.04 -22.87 34.66
C4 NAG M . -6.03 -23.86 35.25
C5 NAG M . -6.05 -25.07 34.33
C6 NAG M . -7.03 -26.16 34.75
C7 NAG M . -4.66 -20.66 31.82
C8 NAG M . -3.47 -20.11 31.11
N2 NAG M . -4.42 -21.59 32.73
O3 NAG M . -5.03 -21.68 35.43
O4 NAG M . -5.54 -24.29 36.52
O5 NAG M . -6.40 -24.67 33.01
O6 NAG M . -8.36 -25.69 34.53
O7 NAG M . -5.78 -20.25 31.58
C1 BMA M . -6.33 -23.87 37.64
C2 BMA M . -6.09 -24.93 38.70
C3 BMA M . -6.72 -24.57 40.03
C4 BMA M . -6.21 -23.19 40.44
C5 BMA M . -6.47 -22.17 39.34
C6 BMA M . -5.93 -20.79 39.66
O2 BMA M . -4.68 -25.10 38.87
O3 BMA M . -6.24 -25.64 40.86
O4 BMA M . -6.88 -22.75 41.62
O5 BMA M . -5.87 -22.61 38.12
O6 BMA M . -6.32 -19.84 38.64
C1 MAN M . -5.15 -19.14 38.22
C2 MAN M . -4.98 -17.77 38.83
C3 MAN M . -5.75 -16.77 37.99
C4 MAN M . -5.35 -16.83 36.54
C5 MAN M . -5.51 -18.24 36.00
C6 MAN M . -4.95 -18.25 34.59
O2 MAN M . -3.57 -17.52 38.85
O3 MAN M . -5.47 -15.40 38.33
O4 MAN M . -6.16 -15.89 35.83
O5 MAN M . -4.79 -19.15 36.83
O6 MAN M . -5.75 -17.45 33.70
C1 NAG M . -3.19 -16.90 40.09
C2 NAG M . -1.96 -17.63 40.61
C3 NAG M . -1.34 -16.85 41.74
C4 NAG M . -1.10 -15.40 41.38
C5 NAG M . -2.35 -14.75 40.83
C6 NAG M . -2.06 -13.37 40.24
C7 NAG M . -2.13 -20.09 40.61
C8 NAG M . -1.10 -20.15 39.52
N2 NAG M . -2.37 -18.91 41.17
O3 NAG M . -0.09 -17.46 42.07
O4 NAG M . -0.54 -14.66 42.48
O5 NAG M . -2.90 -15.54 39.79
O6 NAG M . -3.30 -12.72 39.99
O7 NAG M . -2.72 -21.09 40.98
C1 GAL M . -1.34 -14.67 43.70
C2 GAL M . -0.32 -14.83 44.84
C3 GAL M . -0.98 -14.65 46.18
C4 GAL M . -1.69 -13.31 46.23
C5 GAL M . -2.66 -13.20 45.08
C6 GAL M . -3.25 -11.80 45.06
O2 GAL M . 0.26 -16.14 44.78
O3 GAL M . 0.01 -14.73 47.22
O4 GAL M . -0.72 -12.26 46.13
O5 GAL M . -1.98 -13.41 43.84
O6 GAL M . -3.72 -11.47 46.37
C1 MAN M . -7.05 -26.04 41.99
C2 MAN M . -6.29 -27.15 42.70
C3 MAN M . -6.40 -28.44 41.93
C4 MAN M . -7.86 -28.77 41.76
C5 MAN M . -8.61 -27.65 41.07
C6 MAN M . -10.06 -28.02 41.22
O2 MAN M . -7.00 -27.41 43.90
O3 MAN M . -5.74 -29.50 42.64
O4 MAN M . -7.99 -29.96 40.97
O5 MAN M . -8.41 -26.44 41.82
O6 MAN M . -10.36 -28.15 42.61
C1 MAN M . -6.23 -27.13 45.09
C2 MAN M . -6.81 -27.98 46.21
C3 MAN M . -8.26 -27.57 46.47
C4 MAN M . -8.32 -26.09 46.78
C5 MAN M . -7.67 -25.32 45.64
C6 MAN M . -7.59 -23.84 45.93
O2 MAN M . -6.03 -27.86 47.39
O3 MAN M . -8.75 -28.31 47.58
O4 MAN M . -9.68 -25.68 46.90
O5 MAN M . -6.34 -25.75 45.42
O6 MAN M . -7.16 -23.17 44.75
C1 NAG N . -22.31 -22.05 24.32
C2 NAG N . -23.71 -21.89 24.88
C3 NAG N . -23.95 -20.40 25.04
C4 NAG N . -22.89 -19.76 25.91
C5 NAG N . -21.52 -20.05 25.29
C6 NAG N . -20.35 -19.51 26.10
C7 NAG N . -25.19 -23.59 24.00
C8 NAG N . -25.77 -24.12 22.72
N2 NAG N . -24.70 -22.37 23.94
O3 NAG N . -25.24 -20.23 25.62
O4 NAG N . -23.07 -18.35 25.92
O5 NAG N . -21.33 -21.45 25.14
O6 NAG N . -19.19 -19.50 25.27
O7 NAG N . -25.18 -24.25 25.04
C1 NAG N . -23.45 -17.73 27.21
C2 NAG N . -23.29 -16.22 27.19
C3 NAG N . -23.62 -15.68 28.57
C4 NAG N . -25.01 -16.09 29.01
C5 NAG N . -25.12 -17.61 28.96
C6 NAG N . -26.53 -18.14 29.25
C7 NAG N . -21.52 -15.48 25.71
C8 NAG N . -20.03 -15.39 25.53
N2 NAG N . -21.92 -15.86 26.91
O3 NAG N . -23.58 -14.26 28.45
O4 NAG N . -25.20 -15.63 30.35
O5 NAG N . -24.77 -18.07 27.67
O6 NAG N . -26.52 -19.56 29.05
O7 NAG N . -22.30 -15.20 24.81
C1 BMA N . -26.20 -14.57 30.49
C2 BMA N . -26.92 -14.68 31.80
C3 BMA N . -28.18 -13.92 31.46
C4 BMA N . -27.82 -12.45 31.26
C5 BMA N . -27.01 -12.47 29.97
C6 BMA N . -26.52 -11.12 29.51
O2 BMA N . -26.09 -14.01 32.75
O3 BMA N . -29.28 -14.26 32.33
O4 BMA N . -29.00 -11.67 31.12
O5 BMA N . -25.83 -13.21 30.28
O6 BMA N . -25.35 -11.41 28.74
C1 MAN N . -24.89 -10.22 28.07
C2 MAN N . -24.76 -10.52 26.58
C3 MAN N . -23.65 -11.57 26.41
C4 MAN N . -22.34 -11.05 27.00
C5 MAN N . -22.58 -10.73 28.47
C6 MAN N . -21.32 -10.15 29.08
O2 MAN N . -24.50 -9.25 25.97
O3 MAN N . -23.50 -12.17 25.10
O4 MAN N . -21.33 -12.06 26.92
O5 MAN N . -23.63 -9.76 28.58
O6 MAN N . -20.90 -9.01 28.32
C1 MAN N . -23.17 -11.28 24.00
C2 MAN N . -23.93 -11.72 22.76
C3 MAN N . -23.32 -13.01 22.22
C4 MAN N . -21.83 -12.80 21.97
C5 MAN N . -21.16 -12.32 23.25
C6 MAN N . -19.68 -12.06 23.05
O2 MAN N . -23.88 -10.68 21.77
O3 MAN N . -23.97 -13.37 21.00
O4 MAN N . -21.25 -14.04 21.57
O5 MAN N . -21.78 -11.13 23.72
O6 MAN N . -19.10 -11.73 24.33
C1 MAN N . -28.99 -14.63 33.73
C2 MAN N . -29.87 -15.78 34.24
C3 MAN N . -31.28 -15.26 34.43
C4 MAN N . -31.25 -14.08 35.40
C5 MAN N . -30.31 -13.03 34.83
C6 MAN N . -30.24 -11.77 35.68
O2 MAN N . -29.37 -16.29 35.48
O3 MAN N . -32.10 -16.30 34.97
O4 MAN N . -32.56 -13.54 35.57
O5 MAN N . -29.01 -13.56 34.66
O6 MAN N . -29.29 -10.88 35.09
C1 NAG O . 7.28 -16.96 26.66
C2 NAG O . 7.61 -18.43 26.42
C3 NAG O . 8.34 -19.02 27.62
C4 NAG O . 9.52 -18.16 28.02
C5 NAG O . 9.07 -16.73 28.23
C6 NAG O . 10.18 -15.75 28.54
C7 NAG O . 6.14 -19.74 24.94
C8 NAG O . 7.17 -19.53 23.88
N2 NAG O . 6.41 -19.18 26.13
O3 NAG O . 8.79 -20.33 27.29
O4 NAG O . 10.08 -18.65 29.24
O5 NAG O . 8.45 -16.25 27.02
O6 NAG O . 9.74 -14.41 28.47
O7 NAG O . 5.11 -20.36 24.74
C1 NAG O . 11.49 -18.96 29.10
C2 NAG O . 12.09 -18.90 30.50
C3 NAG O . 13.58 -19.23 30.44
C4 NAG O . 13.80 -20.56 29.73
C5 NAG O . 13.10 -20.56 28.36
C6 NAG O . 13.16 -21.91 27.67
C7 NAG O . 10.97 -17.38 32.06
C8 NAG O . 10.15 -18.56 32.49
N2 NAG O . 11.88 -17.60 31.11
O3 NAG O . 14.11 -19.29 31.74
O4 NAG O . 15.19 -20.79 29.54
O5 NAG O . 11.71 -20.24 28.52
O6 NAG O . 12.94 -21.78 26.27
O7 NAG O . 10.80 -16.27 32.56
C1 NAG P . 7.37 -25.13 4.89
C2 NAG P . 7.96 -25.69 3.60
C3 NAG P . 7.24 -26.97 3.18
C4 NAG P . 7.17 -27.97 4.33
C5 NAG P . 6.60 -27.30 5.57
C6 NAG P . 6.63 -28.18 6.81
C7 NAG P . 8.97 -24.03 2.10
C8 NAG P . 8.72 -23.03 1.01
N2 NAG P . 7.90 -24.71 2.53
O3 NAG P . 7.90 -27.55 2.07
O4 NAG P . 6.37 -29.07 3.95
O5 NAG P . 7.38 -26.13 5.90
O6 NAG P . 7.95 -28.56 7.15
O7 NAG P . 10.09 -24.19 2.58
C1 NAG P . 7.03 -30.33 4.23
C2 NAG P . 5.96 -31.42 4.36
C3 NAG P . 6.61 -32.76 4.67
C4 NAG P . 7.68 -33.08 3.65
C5 NAG P . 8.68 -31.92 3.53
C6 NAG P . 9.69 -32.13 2.43
C7 NAG P . 3.72 -30.70 5.09
C8 NAG P . 2.85 -30.37 6.26
N2 NAG P . 4.98 -31.07 5.38
O3 NAG P . 5.62 -33.78 4.69
O4 NAG P . 8.38 -34.26 4.03
O5 NAG P . 7.97 -30.71 3.22
O6 NAG P . 9.07 -32.42 1.19
O7 NAG P . 3.32 -30.64 3.94
C1 NAG Q . -26.28 -22.85 -0.26
C2 NAG Q . -25.18 -22.43 0.72
C3 NAG Q . -25.70 -22.41 2.15
C4 NAG Q . -26.97 -21.57 2.25
C5 NAG Q . -27.99 -22.07 1.24
C6 NAG Q . -29.26 -21.25 1.20
C7 NAG Q . -22.78 -22.91 0.45
C8 NAG Q . -22.58 -21.43 0.38
N2 NAG Q . -24.04 -23.33 0.61
O3 NAG Q . -24.70 -21.90 3.01
O4 NAG Q . -27.50 -21.66 3.57
O5 NAG Q . -27.43 -22.01 -0.07
O6 NAG Q . -28.98 -19.89 0.90
O7 NAG Q . -21.84 -23.70 0.37
C1 NAG Q . -27.74 -20.36 4.13
C2 NAG Q . -28.80 -20.52 5.23
C3 NAG Q . -29.10 -19.17 5.87
C4 NAG Q . -27.81 -18.55 6.40
C5 NAG Q . -26.79 -18.46 5.27
C6 NAG Q . -25.44 -17.97 5.73
C7 NAG Q . -30.42 -22.36 5.04
C8 NAG Q . -31.69 -22.82 4.43
N2 NAG Q . -30.02 -21.12 4.71
O3 NAG Q . -30.02 -19.35 6.94
O4 NAG Q . -28.07 -17.25 6.91
O5 NAG Q . -26.56 -19.76 4.69
O6 NAG Q . -24.72 -18.97 6.43
O7 NAG Q . -29.78 -23.06 5.82
C1 NAG R . -11.82 -41.31 4.13
C2 NAG R . -10.85 -41.28 5.31
C3 NAG R . -9.81 -42.39 5.17
C4 NAG R . -10.44 -43.75 4.85
C5 NAG R . -11.53 -43.64 3.79
C6 NAG R . -12.43 -44.86 3.72
C7 NAG R . -9.31 -39.49 4.56
C8 NAG R . -8.77 -38.13 4.88
N2 NAG R . -10.21 -39.98 5.43
O3 NAG R . -9.06 -42.47 6.37
O4 NAG R . -9.34 -44.52 4.36
O5 NAG R . -12.42 -42.55 4.08
O6 NAG R . -13.27 -44.93 4.87
O7 NAG R . -8.96 -40.11 3.56
C1 NAG R . -9.39 -45.98 4.30
C2 NAG R . -7.98 -46.48 4.59
C3 NAG R . -7.93 -47.99 4.43
C4 NAG R . -8.98 -48.65 5.32
C5 NAG R . -10.37 -48.02 5.09
C6 NAG R . -11.41 -48.52 6.06
C7 NAG R . -6.11 -44.95 4.15
C8 NAG R . -6.17 -44.63 5.62
N2 NAG R . -6.99 -45.85 3.72
O3 NAG R . -6.63 -48.48 4.78
O4 NAG R . -9.05 -50.04 5.05
O5 NAG R . -10.31 -46.60 5.23
O6 NAG R . -12.29 -47.49 6.45
O7 NAG R . -5.30 -44.43 3.40
C1 NAG S . 24.14 9.05 7.09
C2 NAG S . 24.13 10.57 6.92
C3 NAG S . 25.26 11.02 5.99
C4 NAG S . 26.59 10.45 6.45
C5 NAG S . 26.49 8.94 6.62
C6 NAG S . 27.73 8.31 7.19
C7 NAG S . 21.92 11.63 7.15
C8 NAG S . 20.65 12.01 6.45
N2 NAG S . 22.84 11.02 6.40
O3 NAG S . 25.31 12.44 5.98
O4 NAG S . 27.59 10.77 5.48
O5 NAG S . 25.42 8.63 7.52
O6 NAG S . 28.03 8.81 8.49
O7 NAG S . 22.10 11.85 8.34
C1 NAG S . 28.77 11.33 6.12
C2 NAG S . 29.96 11.11 5.18
C3 NAG S . 31.23 11.67 5.82
C4 NAG S . 31.03 13.13 6.21
C5 NAG S . 29.78 13.28 7.08
C6 NAG S . 29.45 14.72 7.40
C7 NAG S . 29.85 9.19 3.66
C8 NAG S . 30.08 7.71 3.52
N2 NAG S . 30.13 9.70 4.87
O3 NAG S . 32.32 11.56 4.90
O4 NAG S . 32.16 13.60 6.93
O5 NAG S . 28.63 12.74 6.41
O6 NAG S . 29.36 15.50 6.22
O7 NAG S . 29.43 9.87 2.74
C1 NAG T . 24.67 -4.05 -24.41
C2 NAG T . 24.48 -4.45 -22.95
C3 NAG T . 25.04 -5.84 -22.68
C4 NAG T . 24.46 -6.86 -23.67
C5 NAG T . 24.70 -6.36 -25.09
C6 NAG T . 24.09 -7.25 -26.15
C7 NAG T . 24.51 -2.90 -21.03
C8 NAG T . 23.09 -3.29 -20.81
N2 NAG T . 25.13 -3.47 -22.07
O3 NAG T . 24.73 -6.23 -21.35
O4 NAG T . 25.08 -8.12 -23.47
O5 NAG T . 24.11 -5.07 -25.26
O6 NAG T . 22.69 -7.38 -25.97
O7 NAG T . 25.09 -2.08 -20.32
C1 NAG T . 24.09 -9.17 -23.32
C2 NAG T . 24.77 -10.48 -23.70
C3 NAG T . 23.79 -11.64 -23.55
C4 NAG T . 23.22 -11.65 -22.13
C5 NAG T . 22.61 -10.30 -21.80
C6 NAG T . 22.13 -10.20 -20.37
C7 NAG T . 26.62 -10.46 -25.31
C8 NAG T . 27.01 -10.40 -26.75
N2 NAG T . 25.31 -10.44 -25.05
O3 NAG T . 24.45 -12.86 -23.83
O4 NAG T . 22.24 -12.68 -22.01
O5 NAG T . 23.58 -9.26 -21.98
O6 NAG T . 23.22 -10.03 -19.47
O7 NAG T . 27.45 -10.49 -24.41
C1 NAG U . 41.40 6.31 -10.94
C2 NAG U . 41.66 5.84 -9.52
C3 NAG U . 42.50 6.86 -8.76
C4 NAG U . 43.73 7.31 -9.54
C5 NAG U . 43.41 7.58 -11.02
C6 NAG U . 44.63 7.65 -11.90
C7 NAG U . 39.54 6.51 -8.43
C8 NAG U . 38.32 6.03 -7.72
N2 NAG U . 40.41 5.57 -8.81
O3 NAG U . 42.90 6.30 -7.51
O4 NAG U . 44.14 8.52 -8.90
O5 NAG U . 42.61 6.53 -11.57
O6 NAG U . 45.20 6.36 -12.06
O7 NAG U . 39.72 7.72 -8.67
C1 NAG U . 45.47 9.08 -9.07
C2 NAG U . 45.85 9.73 -7.73
C3 NAG U . 47.20 10.43 -7.87
C4 NAG U . 48.25 9.46 -8.38
C5 NAG U . 47.77 8.75 -9.65
C6 NAG U . 48.71 7.65 -10.11
C7 NAG U . 44.03 10.41 -6.23
C8 NAG U . 44.26 9.11 -5.53
N2 NAG U . 44.83 10.66 -7.27
O3 NAG U . 47.58 10.97 -6.61
O4 NAG U . 49.46 10.15 -8.66
O5 NAG U . 46.49 8.13 -9.43
O6 NAG U . 48.01 6.53 -10.60
O7 NAG U . 43.17 11.21 -5.87
C1 NAG V . 32.04 -21.89 -8.67
C2 NAG V . 32.26 -23.08 -9.58
C3 NAG V . 30.98 -23.87 -9.62
C4 NAG V . 30.55 -24.28 -8.21
C5 NAG V . 30.42 -23.02 -7.36
C6 NAG V . 30.05 -23.29 -5.91
C7 NAG V . 33.75 -22.47 -11.42
C8 NAG V . 33.85 -21.54 -12.59
N2 NAG V . 32.52 -22.64 -10.94
O3 NAG V . 31.20 -25.02 -10.43
O4 NAG V . 29.27 -24.90 -8.27
O5 NAG V . 31.64 -22.29 -7.37
O6 NAG V . 29.60 -22.07 -5.34
O7 NAG V . 34.72 -23.03 -10.93
C1 NAG V . 29.21 -26.34 -7.92
C2 NAG V . 27.78 -26.80 -7.69
C3 NAG V . 27.79 -28.24 -7.26
C4 NAG V . 28.52 -29.12 -8.27
C5 NAG V . 29.93 -28.58 -8.48
C6 NAG V . 30.70 -29.29 -9.59
C7 NAG V . 26.33 -25.04 -6.86
C8 NAG V . 25.98 -24.21 -5.65
N2 NAG V . 27.16 -26.05 -6.62
O3 NAG V . 26.44 -28.66 -7.19
O4 NAG V . 28.58 -30.44 -7.73
O5 NAG V . 29.85 -27.21 -8.86
O6 NAG V . 31.95 -28.61 -9.78
O7 NAG V . 25.87 -24.81 -7.96
C1 BMA V . 27.79 -31.44 -8.45
C2 BMA V . 28.45 -32.77 -8.43
C3 BMA V . 27.80 -33.40 -9.63
C4 BMA V . 26.31 -33.61 -9.33
C5 BMA V . 25.77 -32.19 -9.28
C6 BMA V . 24.29 -32.09 -9.00
O2 BMA V . 28.05 -33.38 -7.19
O3 BMA V . 28.55 -34.49 -10.17
O4 BMA V . 25.69 -34.37 -10.36
O5 BMA V . 26.41 -31.60 -8.14
O6 BMA V . 24.13 -30.81 -8.38
C1 MAN V . 22.73 -30.49 -8.24
C2 MAN V . 22.47 -29.14 -8.89
C3 MAN V . 23.24 -28.08 -8.08
C4 MAN V . 22.79 -28.10 -6.62
C5 MAN V . 23.03 -29.50 -6.08
C6 MAN V . 22.56 -29.58 -4.64
O2 MAN V . 21.05 -28.99 -8.89
O3 MAN V . 23.30 -26.73 -8.64
O4 MAN V . 23.56 -27.17 -5.86
O5 MAN V . 22.33 -30.45 -6.88
O6 MAN V . 21.17 -29.21 -4.59
C1 MAN V . 22.06 -26.05 -8.87
C2 MAN V . 22.13 -25.26 -10.17
C3 MAN V . 23.05 -24.06 -9.99
C4 MAN V . 22.57 -23.22 -8.82
C5 MAN V . 22.49 -24.09 -7.56
C6 MAN V . 21.98 -23.31 -6.36
O2 MAN V . 20.81 -24.83 -10.54
O3 MAN V . 23.05 -23.27 -11.18
O4 MAN V . 23.50 -22.15 -8.59
O5 MAN V . 21.64 -25.21 -7.79
O6 MAN V . 22.05 -24.16 -5.22
C1 MAN V . 29.35 -35.33 -9.25
C2 MAN V . 30.71 -35.74 -9.82
C3 MAN V . 30.48 -36.77 -10.93
C4 MAN V . 29.74 -37.95 -10.33
C5 MAN V . 28.42 -37.45 -9.74
C6 MAN V . 27.54 -38.55 -9.17
O2 MAN V . 31.56 -36.29 -8.81
O3 MAN V . 31.75 -37.21 -11.42
O4 MAN V . 29.46 -38.93 -11.34
O5 MAN V . 28.69 -36.48 -8.74
O6 MAN V . 26.39 -37.95 -8.57
C1 NAG W . 33.90 -14.95 7.29
C2 NAG W . 34.80 -16.02 6.71
C3 NAG W . 34.29 -17.38 7.13
C4 NAG W . 34.17 -17.48 8.64
C5 NAG W . 33.29 -16.35 9.14
C6 NAG W . 33.18 -16.22 10.64
C7 NAG W . 35.61 -15.38 4.50
C8 NAG W . 35.28 -15.38 3.05
N2 NAG W . 34.71 -15.97 5.27
O3 NAG W . 35.24 -18.34 6.67
O4 NAG W . 33.52 -18.72 8.86
O5 NAG W . 33.78 -15.11 8.69
O6 NAG W . 32.17 -15.25 10.92
O7 NAG W . 36.63 -14.87 4.94
C1 NAG W . 34.25 -19.52 9.81
C2 NAG W . 33.34 -20.62 10.34
C3 NAG W . 34.15 -21.40 11.36
C4 NAG W . 35.40 -21.97 10.73
C5 NAG W . 36.21 -20.80 10.18
C6 NAG W . 37.48 -21.21 9.48
C7 NAG W . 31.04 -19.78 10.43
C8 NAG W . 30.14 -18.84 11.13
N2 NAG W . 32.20 -20.03 11.02
O3 NAG W . 33.31 -22.45 11.84
O4 NAG W . 36.19 -22.58 11.77
O5 NAG W . 35.42 -20.09 9.25
O6 NAG W . 37.15 -21.86 8.25
O7 NAG W . 30.74 -20.28 9.35
C1 BMA W . 36.28 -24.02 11.67
C2 BMA W . 37.60 -24.34 12.34
C3 BMA W . 37.83 -25.83 12.49
C4 BMA W . 36.63 -26.42 13.22
C5 BMA W . 35.33 -26.05 12.52
C6 BMA W . 34.08 -26.56 13.23
O2 BMA W . 37.64 -23.73 13.64
O3 BMA W . 39.04 -25.87 13.24
O4 BMA W . 36.71 -27.84 13.26
O5 BMA W . 35.23 -24.64 12.39
O6 BMA W . 32.92 -26.29 12.44
C1 MAN W . 31.96 -25.64 13.29
C2 MAN W . 30.88 -26.55 13.84
C3 MAN W . 29.75 -26.63 12.82
C4 MAN W . 29.25 -25.26 12.43
C5 MAN W . 30.38 -24.40 11.93
C6 MAN W . 29.82 -23.00 11.71
O2 MAN W . 30.46 -25.98 15.07
O3 MAN W . 28.57 -27.27 13.32
O4 MAN W . 28.24 -25.44 11.44
O5 MAN W . 31.42 -24.37 12.90
O6 MAN W . 28.88 -22.98 10.62
C1 NAG W . 30.28 -27.00 16.06
C2 NAG W . 30.96 -26.55 17.34
C3 NAG W . 30.57 -27.45 18.49
C4 NAG W . 29.06 -27.56 18.62
C5 NAG W . 28.43 -27.98 17.30
C6 NAG W . 26.90 -27.88 17.35
C7 NAG W . 33.27 -25.72 17.03
C8 NAG W . 32.80 -24.34 17.37
N2 NAG W . 32.40 -26.70 17.18
O3 NAG W . 31.08 -26.86 19.69
O4 NAG W . 28.69 -28.44 19.69
O5 NAG W . 28.87 -27.12 16.26
O6 NAG W . 26.37 -28.53 16.20
O7 NAG W . 34.40 -25.93 16.64
C1 GAL W . 29.23 -29.78 19.62
C2 GAL W . 29.65 -30.13 21.05
C3 GAL W . 30.04 -31.59 21.16
C4 GAL W . 28.90 -32.46 20.67
C5 GAL W . 28.52 -32.06 19.26
C6 GAL W . 27.30 -32.86 18.84
O2 GAL W . 30.76 -29.33 21.44
O3 GAL W . 30.33 -31.90 22.53
O4 GAL W . 27.77 -32.31 21.53
O5 GAL W . 28.20 -30.68 19.21
O6 GAL W . 27.52 -34.24 19.11
C1 MAN W . 39.92 -27.00 13.08
C2 MAN W . 41.10 -26.79 14.02
C3 MAN W . 42.05 -25.75 13.45
C4 MAN W . 42.49 -26.21 12.08
C5 MAN W . 41.29 -26.44 11.18
C6 MAN W . 41.88 -27.12 9.96
O2 MAN W . 41.86 -27.98 13.99
O3 MAN W . 43.19 -25.60 14.31
O4 MAN W . 43.32 -25.20 11.50
O5 MAN W . 40.41 -27.38 11.79
O6 MAN W . 42.54 -28.32 10.40
C1 MAN W . 41.92 -28.66 15.26
C2 MAN W . 43.18 -29.51 15.26
C3 MAN W . 43.08 -30.57 14.17
C4 MAN W . 41.81 -31.40 14.38
C5 MAN W . 40.63 -30.47 14.42
C6 MAN W . 39.34 -31.20 14.72
O2 MAN W . 43.37 -30.12 16.54
O3 MAN W . 44.22 -31.43 14.25
O4 MAN W . 41.67 -32.31 13.28
O5 MAN W . 40.78 -29.49 15.43
O6 MAN W . 38.25 -30.30 14.54
C1 NAG X . 24.22 -11.27 18.41
C2 NAG X . 25.45 -10.36 18.48
C3 NAG X . 26.33 -10.74 19.67
C4 NAG X . 25.52 -10.81 20.96
C5 NAG X . 24.31 -11.72 20.75
C6 NAG X . 23.38 -11.78 21.94
C7 NAG X . 26.34 -9.43 16.39
C8 NAG X . 25.64 -8.16 16.76
N2 NAG X . 26.21 -10.45 17.25
O3 NAG X . 27.38 -9.78 19.81
O4 NAG X . 26.33 -11.33 22.00
O5 NAG X . 23.54 -11.24 19.64
O6 NAG X . 22.17 -12.44 21.60
O7 NAG X . 26.99 -9.53 15.36
C1 NAG X . 26.37 -10.42 23.12
C2 NAG X . 26.74 -11.24 24.35
C3 NAG X . 26.82 -10.35 25.58
C4 NAG X . 27.79 -9.19 25.33
C5 NAG X . 27.39 -8.44 24.05
C6 NAG X . 28.39 -7.37 23.67
C7 NAG X . 26.03 -13.60 24.26
C8 NAG X . 27.38 -13.89 23.70
N2 NAG X . 25.78 -12.31 24.57
O3 NAG X . 27.27 -11.11 26.70
O4 NAG X . 27.74 -8.28 26.43
O5 NAG X . 27.34 -9.37 22.95
O6 NAG X . 27.80 -6.42 22.79
O7 NAG X . 25.19 -14.47 24.45
C1 NAG Y . 12.91 30.40 21.64
C2 NAG Y . 13.65 31.67 21.29
C3 NAG Y . 14.55 31.36 20.11
C4 NAG Y . 15.48 30.18 20.41
C5 NAG Y . 14.63 28.99 20.82
C6 NAG Y . 15.44 27.76 21.19
C7 NAG Y . 12.26 33.60 21.71
C8 NAG Y . 10.97 34.24 21.29
N2 NAG Y . 12.74 32.70 20.87
O3 NAG Y . 15.30 32.54 19.82
O4 NAG Y . 16.19 29.85 19.22
O5 NAG Y . 13.79 29.31 21.92
O6 NAG Y . 14.57 26.62 21.17
O7 NAG Y . 12.83 33.90 22.75
C1 NAG Y . 17.65 30.07 19.25
C2 NAG Y . 18.35 29.37 18.09
C3 NAG Y . 19.84 29.56 18.23
C4 NAG Y . 20.20 31.04 18.29
C5 NAG Y . 19.44 31.68 19.44
C6 NAG Y . 19.60 33.20 19.51
C7 NAG Y . 17.20 27.35 17.38
C8 NAG Y . 16.90 25.92 17.73
N2 NAG Y . 18.10 27.94 18.14
O3 NAG Y . 20.41 29.01 17.05
O4 NAG Y . 21.61 31.13 18.52
O5 NAG Y . 18.05 31.44 19.28
O6 NAG Y . 18.76 33.71 20.53
O7 NAG Y . 16.66 27.91 16.45
C1 BMA Y . 22.37 31.69 17.41
C2 BMA Y . 23.53 32.48 17.89
C3 BMA Y . 23.78 33.35 16.68
C4 BMA Y . 24.27 32.46 15.54
C5 BMA Y . 23.04 31.64 15.19
C6 BMA Y . 23.23 30.66 14.06
O2 BMA Y . 24.58 31.53 18.11
O3 BMA Y . 24.51 34.55 16.99
O4 BMA Y . 24.68 33.27 14.43
O5 BMA Y . 22.81 30.83 16.35
O6 BMA Y . 22.28 29.62 14.31
C1 MAN Y . 22.21 28.72 13.20
C2 MAN Y . 20.77 28.60 12.75
C3 MAN Y . 19.97 27.94 13.89
C4 MAN Y . 20.57 26.57 14.22
C5 MAN Y . 22.03 26.79 14.60
C6 MAN Y . 22.68 25.44 14.89
O2 MAN Y . 20.82 27.87 11.52
O3 MAN Y . 18.52 27.93 13.76
O4 MAN Y . 19.88 26.00 15.33
O5 MAN Y . 22.72 27.43 13.52
O6 MAN Y . 22.52 24.59 13.75
C1 MAN Y . 17.97 27.24 12.62
C2 MAN Y . 16.77 28.01 12.09
C3 MAN Y . 15.60 27.88 13.05
C4 MAN Y . 15.29 26.40 13.28
C5 MAN Y . 16.55 25.69 13.77
C6 MAN Y . 16.33 24.21 13.98
O2 MAN Y . 16.41 27.52 10.79
O3 MAN Y . 14.45 28.53 12.51
O4 MAN Y . 14.27 26.29 14.28
O5 MAN Y . 17.62 25.88 12.85
O6 MAN Y . 17.51 23.64 14.55
C1 MAN Y . 25.50 34.51 18.09
C2 MAN Y . 25.51 35.78 18.94
C3 MAN Y . 26.10 36.92 18.13
C4 MAN Y . 27.50 36.52 17.69
C5 MAN Y . 27.41 35.23 16.89
C6 MAN Y . 28.74 34.77 16.33
O2 MAN Y . 26.27 35.59 20.14
O3 MAN Y . 26.17 38.10 18.95
O4 MAN Y . 28.08 37.55 16.89
O5 MAN Y . 26.83 34.20 17.68
O6 MAN Y . 28.54 33.51 15.67
C1 NAG Z . 11.89 16.08 31.66
C2 NAG Z . 12.56 17.36 32.07
C3 NAG Z . 14.02 17.29 31.76
C4 NAG Z . 14.68 16.08 32.38
C5 NAG Z . 13.92 14.83 31.95
C6 NAG Z . 14.34 13.54 32.62
C7 NAG Z . 11.07 19.28 31.73
C8 NAG Z . 10.61 20.26 30.72
N2 NAG Z . 12.02 18.45 31.29
O3 NAG Z . 14.64 18.46 32.28
O4 NAG Z . 15.99 16.04 31.85
O5 NAG Z . 12.55 14.97 32.24
O6 NAG Z . 13.66 12.47 31.94
O7 NAG Z . 10.63 19.23 32.85
C1 NAG Z . 16.97 15.93 32.89
C2 NAG Z . 18.29 15.48 32.30
C3 NAG Z . 19.28 15.35 33.44
C4 NAG Z . 19.43 16.67 34.18
C5 NAG Z . 18.04 17.06 34.68
C6 NAG Z . 18.00 18.40 35.41
C7 NAG Z . 17.84 13.99 30.41
C8 NAG Z . 17.32 12.64 30.03
N2 NAG Z . 18.14 14.17 31.68
O3 NAG Z . 20.52 14.95 32.88
O4 NAG Z . 20.25 16.46 35.32
O5 NAG Z . 17.15 17.15 33.58
O6 NAG Z . 18.22 19.44 34.46
O7 NAG Z . 17.97 14.87 29.57
C1 BMA Z . 21.53 17.11 35.26
C2 BMA Z . 21.91 17.34 36.72
C3 BMA Z . 23.31 17.89 36.87
C4 BMA Z . 24.26 16.94 36.16
C5 BMA Z . 23.84 16.73 34.71
C6 BMA Z . 24.72 15.75 33.95
O2 BMA Z . 21.79 16.11 37.42
O3 BMA Z . 23.45 17.89 38.30
O4 BMA Z . 25.59 17.47 36.16
O5 BMA Z . 22.49 16.26 34.66
O6 BMA Z . 24.34 15.70 32.57
C1 MAN Z . 24.17 14.32 32.20
C2 MAN Z . 25.34 13.71 31.48
C3 MAN Z . 25.19 13.99 29.99
C4 MAN Z . 23.86 13.55 29.47
C5 MAN Z . 22.73 14.18 30.25
C6 MAN Z . 21.43 13.56 29.76
O2 MAN Z . 25.30 12.31 31.77
O3 MAN Z . 26.11 13.27 29.18
O4 MAN Z . 23.80 13.92 28.08
O5 MAN Z . 22.92 13.91 31.65
O6 MAN Z . 21.15 13.97 28.41
C1 NAG Z . 26.62 11.81 32.04
C2 NAG Z . 26.57 10.97 33.30
C3 NAG Z . 27.85 10.19 33.46
C4 NAG Z . 28.20 9.40 32.21
C5 NAG Z . 28.20 10.29 30.98
C6 NAG Z . 28.32 9.49 29.70
C7 NAG Z . 25.39 12.03 35.20
C8 NAG Z . 24.30 11.01 35.06
N2 NAG Z . 26.48 11.85 34.45
O3 NAG Z . 27.67 9.27 34.54
O4 NAG Z . 29.44 8.71 32.36
O5 NAG Z . 26.98 11.02 30.91
O6 NAG Z . 28.58 10.38 28.61
O7 NAG Z . 25.31 12.96 35.96
C1 GAL Z . 30.59 9.52 32.71
C2 GAL Z . 31.37 8.72 33.74
C3 GAL Z . 32.71 9.36 34.04
C4 GAL Z . 33.49 9.52 32.75
C5 GAL Z . 32.67 10.30 31.75
C6 GAL Z . 33.41 10.34 30.42
O2 GAL Z . 30.62 8.65 34.96
O3 GAL Z . 33.44 8.53 34.95
O4 GAL Z . 33.79 8.24 32.21
O5 GAL Z . 31.41 9.67 31.54
O6 GAL Z . 34.76 10.75 30.65
C1 MAN Z . 24.34 18.86 38.90
C2 MAN Z . 24.31 18.61 40.39
C3 MAN Z . 23.03 19.13 41.01
C4 MAN Z . 22.91 20.60 40.67
C5 MAN Z . 22.96 20.82 39.18
C6 MAN Z . 23.09 22.32 39.04
O2 MAN Z . 25.32 19.44 40.96
O3 MAN Z . 23.05 18.95 42.43
O4 MAN Z . 21.67 21.09 41.18
O5 MAN Z . 24.16 20.26 38.66
O6 MAN Z . 24.27 22.75 39.74
C1 MAN Z . 26.38 18.71 41.60
C2 MAN Z . 27.01 19.64 42.62
C3 MAN Z . 27.62 20.85 41.92
C4 MAN Z . 28.63 20.38 40.88
C5 MAN Z . 27.93 19.42 39.92
C6 MAN Z . 28.87 18.82 38.92
O2 MAN Z . 28.01 18.94 43.39
O3 MAN Z . 28.30 21.65 42.89
O4 MAN Z . 29.10 21.50 40.13
O5 MAN Z . 27.35 18.33 40.63
O6 MAN Z . 28.12 18.10 37.95
C1 NAG AA . 13.64 1.20 29.06
C2 NAG AA . 12.67 1.42 30.22
C3 NAG AA . 13.33 1.03 31.55
C4 NAG AA . 13.95 -0.35 31.48
C5 NAG AA . 14.88 -0.43 30.27
C6 NAG AA . 15.48 -1.80 30.05
C7 NAG AA . 10.96 3.16 30.02
C8 NAG AA . 10.00 2.06 29.69
N2 NAG AA . 12.21 2.79 30.27
O3 NAG AA . 12.36 1.07 32.59
O4 NAG AA . 14.69 -0.60 32.67
O5 NAG AA . 14.15 -0.11 29.08
O6 NAG AA . 16.12 -1.88 28.79
O7 NAG AA . 10.61 4.33 30.06
C1 NAG AA . 14.25 -1.80 33.32
C2 NAG AA . 15.40 -2.29 34.20
C3 NAG AA . 15.00 -3.56 34.94
C4 NAG AA . 13.71 -3.32 35.72
C5 NAG AA . 12.62 -2.77 34.80
C6 NAG AA . 11.36 -2.39 35.55
C7 NAG AA . 17.64 -1.69 33.37
C8 NAG AA . 17.53 -0.49 34.24
N2 NAG AA . 16.59 -2.53 33.39
O3 NAG AA . 16.04 -3.95 35.82
O4 NAG AA . 13.26 -4.54 36.30
O5 NAG AA . 13.09 -1.58 34.15
O6 NAG AA . 10.24 -2.32 34.69
O7 NAG AA . 18.63 -1.92 32.68
C1 NAG BA . -9.18 2.64 24.80
C2 NAG BA . -10.64 2.20 24.81
C3 NAG BA . -11.53 3.32 25.36
C4 NAG BA . -11.02 3.81 26.71
C5 NAG BA . -9.53 4.19 26.59
C6 NAG BA . -8.90 4.57 27.91
C7 NAG BA . -11.26 0.57 23.09
C8 NAG BA . -11.70 0.35 21.67
N2 NAG BA . -11.08 1.83 23.47
O3 NAG BA . -12.86 2.84 25.51
O4 NAG BA . -11.77 4.94 27.11
O5 NAG BA . -8.80 3.06 26.09
O6 NAG BA . -8.96 3.50 28.84
O7 NAG BA . -11.07 -0.38 23.86
C1 NAG BA . -12.23 4.81 28.48
C2 NAG BA . -12.49 6.20 29.04
C3 NAG BA . -12.96 6.11 30.49
C4 NAG BA . -14.15 5.16 30.61
C5 NAG BA . -13.82 3.81 29.97
C6 NAG BA . -15.00 2.87 29.95
C7 NAG BA . -11.24 8.06 28.05
C8 NAG BA . -9.95 8.84 28.07
N2 NAG BA . -11.33 7.06 28.92
O3 NAG BA . -13.32 7.40 30.96
O4 NAG BA . -14.47 4.97 31.98
O5 NAG BA . -13.40 4.00 28.61
O6 NAG BA . -16.13 3.48 29.35
O7 NAG BA . -12.16 8.34 27.28
C1 NAG CA . -8.24 32.71 8.69
C2 NAG CA . -7.34 31.60 9.24
C3 NAG CA . -6.03 32.17 9.75
C4 NAG CA . -5.37 33.05 8.69
C5 NAG CA . -6.34 34.11 8.23
C6 NAG CA . -5.82 34.98 7.11
C7 NAG CA . -8.11 29.53 10.32
C8 NAG CA . -7.47 28.80 9.18
N2 NAG CA . -8.01 30.85 10.30
O3 NAG CA . -5.15 31.11 10.11
O4 NAG CA . -4.20 33.66 9.24
O5 NAG CA . -7.54 33.47 7.72
O6 NAG CA . -5.46 34.21 5.98
O7 NAG CA . -8.67 28.94 11.24
C1 NAG CA . -3.05 33.46 8.39
C2 NAG CA . -2.05 34.57 8.69
C3 NAG CA . -0.80 34.40 7.83
C4 NAG CA . -0.21 33.01 8.05
C5 NAG CA . -1.28 31.94 7.78
C6 NAG CA . -0.79 30.54 8.08
C7 NAG CA . -2.88 36.73 9.50
C8 NAG CA . -3.49 38.04 9.12
N2 NAG CA . -2.63 35.88 8.49
O3 NAG CA . 0.16 35.39 8.18
O4 NAG CA . 0.91 32.81 7.19
O5 NAG CA . -2.43 32.18 8.60
O6 NAG CA . -0.77 30.29 9.48
O7 NAG CA . -2.64 36.43 10.66
C1 NAG DA . -15.23 26.30 30.60
C2 NAG DA . -14.31 25.48 31.48
C3 NAG DA . -15.10 24.90 32.66
C4 NAG DA . -15.95 25.95 33.37
C5 NAG DA . -16.68 26.87 32.38
C6 NAG DA . -17.21 28.14 33.01
C7 NAG DA . -14.30 23.34 30.24
C8 NAG DA . -13.42 22.36 29.50
N2 NAG DA . -13.66 24.42 30.74
O3 NAG DA . -14.19 24.32 33.59
O4 NAG DA . -16.89 25.20 34.12
O5 NAG DA . -15.80 27.32 31.35
O6 NAG DA . -16.15 29.02 33.34
O7 NAG DA . -15.50 23.17 30.36
C1 NAG DA . -17.65 25.77 35.24
C2 NAG DA . -17.83 24.65 36.28
C3 NAG DA . -18.70 25.16 37.42
C4 NAG DA . -18.10 26.43 38.01
C5 NAG DA . -17.83 27.47 36.92
C6 NAG DA . -17.11 28.69 37.43
C7 NAG DA . -17.69 22.33 35.49
C8 NAG DA . -16.27 22.36 35.94
N2 NAG DA . -18.39 23.46 35.68
O3 NAG DA . -18.80 24.15 38.42
O4 NAG DA . -19.01 26.98 38.96
O5 NAG DA . -17.02 26.91 35.87
O6 NAG DA . -16.15 29.15 36.49
O7 NAG DA . -18.19 21.34 34.98
C1 NAG EA . -38.48 -16.73 -38.46
C2 NAG EA . -38.91 -15.28 -38.33
C3 NAG EA . -40.42 -15.15 -38.49
C4 NAG EA . -40.88 -15.82 -39.77
C5 NAG EA . -40.36 -17.25 -39.84
C6 NAG EA . -40.68 -17.94 -41.14
C7 NAG EA . -38.30 -13.41 -36.87
C8 NAG EA . -37.84 -13.00 -35.50
N2 NAG EA . -38.47 -14.72 -37.07
O3 NAG EA . -40.80 -13.78 -38.48
O4 NAG EA . -42.31 -15.83 -39.82
O5 NAG EA . -38.94 -17.25 -39.70
O6 NAG EA . -39.65 -18.86 -41.49
O7 NAG EA . -38.50 -12.59 -37.75
C1 NAG FA . -1.17 -36.61 21.81
C2 NAG FA . -0.46 -37.75 22.55
C3 NAG FA . 0.30 -38.63 21.57
C4 NAG FA . -0.60 -39.11 20.44
C5 NAG FA . -1.27 -37.89 19.78
C6 NAG FA . -2.27 -38.29 18.71
C7 NAG FA . 0.31 -37.57 24.87
C8 NAG FA . -0.79 -38.54 25.22
N2 NAG FA . 0.42 -37.23 23.58
O3 NAG FA . 0.83 -39.75 22.26
O4 NAG FA . 0.16 -39.81 19.47
O5 NAG FA . -1.99 -37.15 20.77
O6 NAG FA . -3.58 -38.39 19.25
O7 NAG FA . 1.06 -37.13 25.73
C1 NAG GA . -22.17 -31.79 -27.85
C2 NAG GA . -21.15 -32.80 -28.38
C3 NAG GA . -20.83 -32.53 -29.85
C4 NAG GA . -22.10 -32.43 -30.68
C5 NAG GA . -23.02 -31.40 -30.07
C6 NAG GA . -24.35 -31.30 -30.78
C7 NAG GA . -19.06 -33.79 -27.58
C8 NAG GA . -17.86 -33.60 -26.70
N2 NAG GA . -19.94 -32.79 -27.59
O3 NAG GA . -20.01 -33.57 -30.36
O4 NAG GA . -21.80 -32.08 -32.02
O5 NAG GA . -23.31 -31.76 -28.71
O6 NAG GA . -25.15 -32.45 -30.48
O7 NAG GA . -19.22 -34.81 -28.24
C1 NAG HA . -31.42 -31.75 6.26
C2 NAG HA . -32.18 -33.09 6.23
C3 NAG HA . -33.68 -32.86 6.02
C4 NAG HA . -34.21 -31.85 7.02
C5 NAG HA . -33.39 -30.57 6.94
C6 NAG HA . -33.82 -29.53 7.95
C7 NAG HA . -30.56 -34.70 5.32
C8 NAG HA . -30.17 -35.52 4.13
N2 NAG HA . -31.65 -33.95 5.18
O3 NAG HA . -34.36 -34.09 6.15
O4 NAG HA . -35.58 -31.55 6.74
O5 NAG HA . -32.02 -30.88 7.22
O6 NAG HA . -32.84 -28.50 8.08
O7 NAG HA . -29.90 -34.71 6.36
C1 NAG IA . -26.42 -36.86 10.49
C2 NAG IA . -26.95 -35.80 11.45
C3 NAG IA . -26.66 -36.21 12.89
C4 NAG IA . -27.20 -37.60 13.16
C5 NAG IA . -26.66 -38.59 12.13
C6 NAG IA . -27.25 -39.97 12.26
C7 NAG IA . -26.92 -33.64 10.30
C8 NAG IA . -26.19 -32.35 10.11
N2 NAG IA . -26.37 -34.50 11.16
O3 NAG IA . -27.27 -35.27 13.77
O4 NAG IA . -26.81 -38.02 14.47
O5 NAG IA . -26.99 -38.12 10.81
O6 NAG IA . -27.11 -40.71 11.06
O7 NAG IA . -27.97 -33.88 9.71
C1 NAG JA . -9.82 -43.24 -1.09
C2 NAG JA . -8.96 -42.38 -0.16
C3 NAG JA . -7.77 -43.19 0.36
C4 NAG JA . -8.23 -44.50 0.99
C5 NAG JA . -9.13 -45.26 0.01
C6 NAG JA . -9.73 -46.51 0.61
C7 NAG JA . -9.00 -39.96 -0.57
C8 NAG JA . -10.08 -39.90 0.46
N2 NAG JA . -8.51 -41.18 -0.82
O3 NAG JA . -7.05 -42.42 1.31
O4 NAG JA . -7.11 -45.30 1.33
O5 NAG JA . -10.22 -44.43 -0.42
O6 NAG JA . -10.96 -46.84 -0.02
O7 NAG JA . -8.59 -38.97 -1.15
C1 NAG KA . -32.41 -26.43 -2.63
C2 NAG KA . -32.60 -25.19 -1.76
C3 NAG KA . -34.08 -25.01 -1.39
C4 NAG KA . -34.94 -25.02 -2.64
C5 NAG KA . -34.66 -26.27 -3.46
C6 NAG KA . -35.41 -26.30 -4.78
C7 NAG KA . -30.76 -24.47 -0.31
C8 NAG KA . -30.46 -23.46 -1.37
N2 NAG KA . -31.79 -25.28 -0.55
O3 NAG KA . -34.25 -23.79 -0.69
O4 NAG KA . -36.32 -24.99 -2.29
O5 NAG KA . -33.27 -26.34 -3.78
O6 NAG KA . -34.81 -27.22 -5.69
O7 NAG KA . -30.11 -24.55 0.72
C1 NAG LA . -14.94 -7.12 -60.51
C2 NAG LA . -14.59 -6.02 -61.51
C3 NAG LA . -13.45 -6.46 -62.42
C4 NAG LA . -12.26 -6.94 -61.59
C5 NAG LA . -12.70 -8.02 -60.61
C6 NAG LA . -11.60 -8.47 -59.69
C7 NAG LA . -16.01 -4.40 -62.71
C8 NAG LA . -17.26 -4.22 -63.51
N2 NAG LA . -15.76 -5.65 -62.31
O3 NAG LA . -13.05 -5.38 -63.25
O4 NAG LA . -11.26 -7.48 -62.45
O5 NAG LA . -13.76 -7.50 -59.78
O6 NAG LA . -12.10 -9.33 -58.67
O7 NAG LA . -15.27 -3.47 -62.42
C1 NAG MA . 22.72 23.10 -35.21
C2 NAG MA . 23.34 24.39 -34.67
C3 NAG MA . 22.52 25.61 -35.10
C4 NAG MA . 22.31 25.62 -36.61
C5 NAG MA . 21.68 24.30 -37.04
C6 NAG MA . 21.53 24.18 -38.53
C7 NAG MA . 24.25 25.14 -32.53
C8 NAG MA . 24.22 24.96 -31.04
N2 NAG MA . 23.43 24.34 -33.23
O3 NAG MA . 23.20 26.80 -34.72
O4 NAG MA . 21.46 26.69 -37.00
O5 NAG MA . 22.52 23.21 -36.63
O6 NAG MA . 22.79 23.98 -39.14
O7 NAG MA . 24.98 25.96 -33.07
C1 NAG NA . 35.89 -8.42 -26.19
C2 NAG NA . 37.21 -8.28 -26.94
C3 NAG NA . 37.13 -8.93 -28.33
C4 NAG NA . 36.62 -10.35 -28.23
C5 NAG NA . 35.29 -10.37 -27.47
C6 NAG NA . 34.74 -11.75 -27.27
C7 NAG NA . 38.17 -6.17 -26.09
C8 NAG NA . 38.46 -4.74 -26.41
N2 NAG NA . 37.58 -6.87 -27.07
O3 NAG NA . 38.41 -8.90 -28.94
O4 NAG NA . 36.42 -10.89 -29.53
O5 NAG NA . 35.50 -9.80 -26.17
O6 NAG NA . 33.71 -11.76 -26.29
O7 NAG NA . 38.47 -6.67 -25.02
C1 NAG OA . 41.45 -7.46 -20.09
C2 NAG OA . 40.87 -8.87 -20.00
C3 NAG OA . 41.72 -9.71 -19.05
C4 NAG OA . 43.18 -9.68 -19.48
C5 NAG OA . 43.65 -8.24 -19.60
C6 NAG OA . 45.06 -8.12 -20.13
C7 NAG OA . 38.46 -8.75 -20.40
C8 NAG OA . 37.11 -8.72 -19.78
N2 NAG OA . 39.48 -8.83 -19.56
O3 NAG OA . 41.23 -11.06 -19.09
O4 NAG OA . 43.98 -10.36 -18.52
O5 NAG OA . 42.80 -7.52 -20.51
O6 NAG OA . 45.31 -6.82 -20.64
O7 NAG OA . 38.61 -8.70 -21.62
C1 NAG PA . 41.10 12.13 -11.94
C2 NAG PA . 40.52 11.50 -10.69
C3 NAG PA . 41.29 11.97 -9.45
C4 NAG PA . 42.78 11.72 -9.63
C5 NAG PA . 43.26 12.35 -10.93
C6 NAG PA . 44.70 12.04 -11.23
C7 NAG PA . 38.13 10.91 -10.76
C8 NAG PA . 38.58 9.54 -11.18
N2 NAG PA . 39.10 11.80 -10.54
O3 NAG PA . 40.81 11.26 -8.30
O4 NAG PA . 43.50 12.30 -8.54
O5 NAG PA . 42.49 11.84 -12.03
O6 NAG PA . 44.95 12.07 -12.63
O7 NAG PA . 36.95 11.19 -10.63
C1 NAG QA . 27.96 -3.83 -31.13
C2 NAG QA . 27.15 -5.08 -30.78
C3 NAG QA . 27.31 -6.14 -31.86
C4 NAG QA . 26.99 -5.57 -33.24
C5 NAG QA . 27.83 -4.33 -33.48
C6 NAG QA . 27.50 -3.63 -34.78
C7 NAG QA . 26.75 -5.60 -28.41
C8 NAG QA . 25.39 -4.99 -28.62
N2 NAG QA . 27.55 -5.61 -29.49
O3 NAG QA . 26.45 -7.24 -31.58
O4 NAG QA . 27.27 -6.54 -34.24
O5 NAG QA . 27.59 -3.37 -32.44
O6 NAG QA . 27.94 -2.28 -34.77
O7 NAG QA . 27.10 -6.07 -27.34
C1 NAG RA . 7.20 18.01 -53.62
C2 NAG RA . 5.94 17.17 -53.83
C3 NAG RA . 5.98 16.50 -55.20
C4 NAG RA . 6.20 17.55 -56.29
C5 NAG RA . 7.44 18.39 -55.97
C6 NAG RA . 7.66 19.52 -56.93
C7 NAG RA . 4.64 15.61 -52.44
C8 NAG RA . 4.69 14.60 -51.33
N2 NAG RA . 5.81 16.17 -52.78
O3 NAG RA . 4.75 15.82 -55.43
O4 NAG RA . 6.38 16.91 -57.55
O5 NAG RA . 7.30 18.97 -54.66
O6 NAG RA . 8.24 20.63 -56.29
O7 NAG RA . 3.60 15.91 -53.01
C1 NAG SA . 41.85 -4.25 7.39
C2 NAG SA . 43.07 -4.07 8.29
C3 NAG SA . 43.44 -2.60 8.41
C4 NAG SA . 43.60 -1.97 7.04
C5 NAG SA . 42.35 -2.22 6.22
C6 NAG SA . 42.47 -1.72 4.79
C7 NAG SA . 43.63 -5.61 10.13
C8 NAG SA . 44.79 -6.05 9.29
N2 NAG SA . 42.84 -4.66 9.60
O3 NAG SA . 44.66 -2.48 9.15
O4 NAG SA . 43.82 -0.58 7.16
O5 NAG SA . 42.09 -3.62 6.13
O6 NAG SA . 42.92 -2.74 3.92
O7 NAG SA . 43.40 -6.09 11.24
C1 NAG TA . -12.41 43.13 -43.98
C2 NAG TA . -13.72 43.93 -43.96
C3 NAG TA . -13.45 45.37 -43.52
C4 NAG TA . -12.71 45.39 -42.20
C5 NAG TA . -11.44 44.54 -42.29
C6 NAG TA . -10.69 44.44 -40.98
C7 NAG TA . -15.67 43.63 -45.41
C8 NAG TA . -16.46 43.36 -44.17
N2 NAG TA . -14.37 43.89 -45.25
O3 NAG TA . -14.69 46.06 -43.39
O4 NAG TA . -12.35 46.72 -41.86
O5 NAG TA . -11.77 43.21 -42.69
O6 NAG TA . -9.32 44.12 -41.18
O7 NAG TA . -16.20 43.62 -46.53
C1 NAG UA . -36.79 39.24 -19.37
C2 NAG UA . -35.92 39.11 -20.62
C3 NAG UA . -35.80 40.46 -21.32
C4 NAG UA . -37.17 41.04 -21.58
C5 NAG UA . -37.99 41.08 -20.30
C6 NAG UA . -39.42 41.53 -20.51
C7 NAG UA . -33.82 37.95 -21.16
C8 NAG UA . -32.51 37.47 -20.64
N2 NAG UA . -34.61 38.58 -20.28
O3 NAG UA . -35.08 40.30 -22.53
O4 NAG UA . -37.05 42.36 -22.10
O5 NAG UA . -38.06 39.76 -19.73
O6 NAG UA . -40.30 40.88 -19.60
O7 NAG UA . -34.17 37.78 -22.32
C1 NAG VA . 0.99 15.90 39.34
C2 NAG VA . 0.99 15.72 40.86
C3 NAG VA . -0.37 15.24 41.34
C4 NAG VA . -1.47 16.18 40.84
C5 NAG VA . -1.37 16.32 39.32
C6 NAG VA . -2.35 17.32 38.76
C7 NAG VA . 3.00 15.08 42.14
C8 NAG VA . 2.96 16.48 42.70
N2 NAG VA . 2.03 14.78 41.27
O3 NAG VA . -0.39 15.20 42.77
O4 NAG VA . -2.75 15.67 41.19
O5 NAG VA . -0.06 16.78 38.96
O6 NAG VA . -1.77 18.61 38.64
O7 NAG VA . 3.85 14.27 42.47
C1 NAG WA . -36.98 30.29 3.56
C2 NAG WA . -38.06 29.68 4.45
C3 NAG WA . -39.24 29.18 3.61
C4 NAG WA . -39.75 30.27 2.69
C5 NAG WA . -38.60 30.79 1.84
C6 NAG WA . -39.00 31.94 0.95
C7 NAG WA . -38.11 28.15 6.36
C8 NAG WA . -37.41 27.02 7.06
N2 NAG WA . -37.52 28.60 5.25
O3 NAG WA . -40.30 28.77 4.48
O4 NAG WA . -40.78 29.77 1.85
O5 NAG WA . -37.56 31.28 2.70
O6 NAG WA . -39.19 33.11 1.73
O7 NAG WA . -39.16 28.63 6.78
C1 NAG XA . -6.26 41.17 17.22
C2 NAG XA . -6.84 42.35 18.00
C3 NAG XA . -6.72 43.65 17.20
C4 NAG XA . -5.28 43.85 16.70
C5 NAG XA . -4.84 42.62 15.94
C6 NAG XA . -3.41 42.69 15.45
C7 NAG XA . -8.60 41.37 19.39
C8 NAG XA . -10.09 41.24 19.60
N2 NAG XA . -8.22 42.11 18.35
O3 NAG XA . -7.11 44.75 18.01
O4 NAG XA . -5.22 44.98 15.85
O5 NAG XA . -4.93 41.48 16.80
O6 NAG XA . -2.92 41.43 15.05
O7 NAG XA . -7.79 40.85 20.16
C1 NAG YA . -5.71 38.67 25.12
C2 NAG YA . -4.30 38.85 24.57
C3 NAG YA . -3.28 38.82 25.71
C4 NAG YA . -3.65 39.85 26.77
C5 NAG YA . -5.09 39.64 27.23
C6 NAG YA . -5.57 40.71 28.18
C7 NAG YA . -4.24 37.95 22.29
C8 NAG YA . -3.87 36.79 21.43
N2 NAG YA . -4.00 37.81 23.60
O3 NAG YA . -1.99 39.11 25.19
O4 NAG YA . -2.78 39.73 27.89
O5 NAG YA . -5.97 39.67 26.09
O6 NAG YA . -6.99 40.74 28.24
O7 NAG YA . -4.74 38.96 21.83
C1 NAG ZA . -20.93 24.79 30.25
C2 NAG ZA . -19.82 23.75 30.33
C3 NAG ZA . -19.92 22.98 31.64
C4 NAG ZA . -19.94 23.93 32.82
C5 NAG ZA . -21.05 24.96 32.64
C6 NAG ZA . -21.06 26.03 33.71
C7 NAG ZA . -19.00 22.88 28.18
C8 NAG ZA . -17.95 23.93 28.26
N2 NAG ZA . -19.87 22.85 29.19
O3 NAG ZA . -18.80 22.10 31.74
O4 NAG ZA . -20.18 23.21 34.02
O5 NAG ZA . -20.87 25.65 31.39
O6 NAG ZA . -21.60 27.25 33.23
O7 NAG ZA . -19.06 22.10 27.24
C1 NAG AB . -11.26 39.55 8.23
C2 NAG AB . -9.87 39.33 7.61
C3 NAG AB . -9.28 40.66 7.15
C4 NAG AB . -10.25 41.38 6.22
C5 NAG AB . -11.61 41.52 6.91
C6 NAG AB . -12.66 42.14 6.02
C7 NAG AB . -8.50 37.46 8.41
C8 NAG AB . -8.96 36.73 7.18
N2 NAG AB . -8.97 38.70 8.57
O3 NAG AB . -8.06 40.42 6.46
O4 NAG AB . -9.75 42.68 5.90
O5 NAG AB . -12.09 40.23 7.29
O6 NAG AB . -13.97 41.85 6.51
O7 NAG AB . -7.72 36.95 9.21
C1 NAG BB . -53.25 12.48 -29.49
C2 NAG BB . -53.35 11.17 -30.28
C3 NAG BB . -54.43 10.27 -29.68
C4 NAG BB . -54.18 10.06 -28.19
C5 NAG BB . -54.08 11.41 -27.49
C6 NAG BB . -53.73 11.29 -26.03
C7 NAG BB . -52.76 11.14 -32.66
C8 NAG BB . -53.20 11.48 -34.06
N2 NAG BB . -53.63 11.43 -31.68
O3 NAG BB . -54.42 9.01 -30.35
O4 NAG BB . -55.25 9.31 -27.62
O5 NAG BB . -53.04 12.19 -28.11
O6 NAG BB . -53.33 12.54 -25.48
O7 NAG BB . -51.66 10.65 -32.43
#